data_9D82
#
_entry.id   9D82
#
_cell.length_a   1.00
_cell.length_b   1.00
_cell.length_c   1.00
_cell.angle_alpha   90.00
_cell.angle_beta   90.00
_cell.angle_gamma   90.00
#
_symmetry.space_group_name_H-M   'P 1'
#
loop_
_entity.id
_entity.type
_entity.pdbx_description
1 polymer 'B2 Capsid'
2 polymer 'B2 Dec Gp45'
#
loop_
_entity_poly.entity_id
_entity_poly.type
_entity_poly.pdbx_seq_one_letter_code
_entity_poly.pdbx_strand_id
1 'polypeptide(L)'
;MKYNAPNTTPSSIGPQIRLDYYYKKALVDAAKEMYFGQLAEVTNMPKNMGKQIKLYHYVPLLDDRNVNDQGIDAAGATIA
NGNLYGSSKDIGTIPSKLPALTENGGRVNRVGFTRIQLIGSIKKFGFFYEWTQEAMDFDTDEELDSHLIQEAVKGANEIT
EDQLQIDLLNGAGVVRYPGAATSNADMTGEGTATVVTYEGLVKMGITLNDNLCPMQTKLIAGSLMTDTRTIQGARALYIG
SELELQLRKMKDPFDNAAFIPVQQYADAGNLLKGEIGSIASFRVIVVPKMLKWAGAGATVTTNPGYYATSGKYDVFPMLC
VGSGSFTTIGFQTDGKTVKFTTYTKKPGIETVSYADPYGEMGLTSIKWYYGSLILRPEWIALFKTVAAM
;
A,B,C,D,E,F,G,H,I
2 'polypeptide(L)'
;MAYSDVDAILADGKQAVAVKHGGGLVVVGELGAQVLAAKDVSELPDGVGGTAPGAATTTTAGVVKQSTTQAASVATDVAG
VVTDLNALITKLKAAGIMA
;
J,K,L,M,N,O,P,Q,R
#
# COMPACT_ATOMS: atom_id res chain seq x y z
N ILE A 17 -24.21 103.56 -44.67
CA ILE A 17 -24.01 103.76 -46.14
C ILE A 17 -22.93 102.81 -46.62
N ARG A 18 -22.83 102.61 -47.93
CA ARG A 18 -21.75 101.75 -48.49
C ARG A 18 -20.60 102.68 -48.93
N LEU A 19 -19.59 102.10 -49.58
CA LEU A 19 -18.44 102.91 -50.06
C LEU A 19 -17.62 102.09 -51.06
N ASP A 20 -17.83 100.77 -51.08
CA ASP A 20 -17.11 99.92 -52.01
C ASP A 20 -18.09 98.95 -52.66
N TYR A 21 -17.63 98.30 -53.72
CA TYR A 21 -18.39 97.27 -54.40
C TYR A 21 -17.72 95.93 -54.12
N TYR A 22 -18.48 94.98 -53.58
CA TYR A 22 -17.93 93.70 -53.16
C TYR A 22 -17.93 92.75 -54.34
N TYR A 23 -16.81 92.68 -55.06
CA TYR A 23 -16.65 91.70 -56.12
C TYR A 23 -16.52 90.32 -55.50
N LYS A 24 -17.55 89.48 -55.67
CA LYS A 24 -17.63 88.19 -54.98
C LYS A 24 -16.97 87.12 -55.83
N LYS A 25 -15.66 87.28 -56.06
CA LYS A 25 -14.86 86.26 -56.71
C LYS A 25 -13.42 86.35 -56.21
N ALA A 26 -13.08 85.56 -55.20
CA ALA A 26 -11.78 85.67 -54.56
C ALA A 26 -10.68 85.09 -55.46
N LEU A 27 -9.46 85.56 -55.24
CA LEU A 27 -8.28 85.05 -55.95
C LEU A 27 -7.76 83.86 -55.16
N VAL A 28 -7.64 82.72 -55.82
CA VAL A 28 -7.19 81.51 -55.16
C VAL A 28 -5.82 81.12 -55.70
N ASP A 29 -4.86 80.92 -54.81
CA ASP A 29 -3.54 80.51 -55.22
C ASP A 29 -3.57 79.09 -55.77
N ALA A 30 -2.91 78.88 -56.90
CA ALA A 30 -2.90 77.58 -57.54
C ALA A 30 -2.10 76.57 -56.72
N ALA A 31 -2.45 75.30 -56.86
CA ALA A 31 -1.78 74.24 -56.14
C ALA A 31 -0.38 74.02 -56.71
N LYS A 32 0.57 73.70 -55.83
CA LYS A 32 1.92 73.42 -56.26
C LYS A 32 1.97 72.05 -56.93
N GLU A 33 2.38 72.02 -58.20
CA GLU A 33 2.42 70.77 -58.94
C GLU A 33 3.44 69.83 -58.31
N MET A 34 3.10 68.54 -58.30
CA MET A 34 3.91 67.53 -57.63
C MET A 34 4.75 66.77 -58.64
N TYR A 35 6.04 66.61 -58.32
CA TYR A 35 6.95 65.82 -59.13
C TYR A 35 7.37 64.53 -58.42
N PHE A 36 7.81 64.62 -57.17
CA PHE A 36 8.03 63.42 -56.39
C PHE A 36 6.70 62.82 -55.96
N GLY A 37 6.74 61.56 -55.56
CA GLY A 37 5.53 60.84 -55.21
C GLY A 37 4.97 60.08 -56.38
N GLN A 38 5.00 60.69 -57.57
CA GLN A 38 4.57 60.01 -58.78
C GLN A 38 5.52 58.89 -59.18
N LEU A 39 6.70 58.83 -58.59
CA LEU A 39 7.71 57.82 -58.91
C LEU A 39 7.99 56.90 -57.74
N ALA A 40 7.12 56.89 -56.74
CA ALA A 40 7.31 56.11 -55.53
C ALA A 40 6.54 54.80 -55.61
N GLU A 41 7.13 53.76 -55.02
CA GLU A 41 6.52 52.44 -54.93
C GLU A 41 5.90 52.26 -53.55
N VAL A 42 5.07 51.22 -53.43
CA VAL A 42 4.36 50.91 -52.20
C VAL A 42 4.66 49.48 -51.80
N THR A 43 4.97 49.28 -50.53
CA THR A 43 5.19 47.95 -49.95
C THR A 43 4.26 47.84 -48.76
N ASN A 44 3.07 47.25 -48.99
CA ASN A 44 2.03 47.19 -47.98
C ASN A 44 2.53 46.51 -46.70
N MET A 45 2.23 47.13 -45.57
CA MET A 45 2.62 46.56 -44.29
C MET A 45 1.40 46.07 -43.55
N PRO A 46 1.40 44.83 -43.06
CA PRO A 46 0.22 44.28 -42.39
C PRO A 46 -0.07 45.02 -41.10
N LYS A 47 -1.26 44.75 -40.55
CA LYS A 47 -1.69 45.42 -39.34
C LYS A 47 -0.76 45.10 -38.17
N ASN A 48 -0.38 43.83 -38.03
CA ASN A 48 0.46 43.39 -36.92
C ASN A 48 1.93 43.72 -37.17
N MET A 49 2.80 43.16 -36.33
CA MET A 49 4.24 43.21 -36.51
C MET A 49 4.81 44.62 -36.31
N GLY A 50 4.36 45.30 -35.26
CA GLY A 50 4.99 46.55 -34.88
C GLY A 50 4.84 47.63 -35.93
N LYS A 51 5.86 48.48 -36.04
CA LYS A 51 5.88 49.58 -37.00
C LYS A 51 7.25 49.62 -37.70
N GLN A 52 7.73 48.46 -38.14
CA GLN A 52 9.02 48.39 -38.79
C GLN A 52 8.99 47.37 -39.90
N ILE A 53 9.87 47.55 -40.89
CA ILE A 53 9.98 46.66 -42.04
C ILE A 53 11.45 46.24 -42.17
N LYS A 54 11.70 44.94 -42.27
CA LYS A 54 13.04 44.41 -42.39
C LYS A 54 13.21 43.69 -43.72
N LEU A 55 14.38 43.86 -44.33
CA LEU A 55 14.65 43.29 -45.65
C LEU A 55 15.92 42.44 -45.64
N TYR A 56 16.35 42.01 -46.82
CA TYR A 56 17.57 41.24 -46.97
C TYR A 56 18.14 41.49 -48.36
N HIS A 57 19.42 41.87 -48.40
CA HIS A 57 20.11 42.18 -49.66
C HIS A 57 21.41 41.40 -49.69
N TYR A 58 21.48 40.39 -50.56
CA TYR A 58 22.61 39.47 -50.57
C TYR A 58 23.76 40.07 -51.37
N VAL A 59 24.86 40.35 -50.69
CA VAL A 59 26.05 40.91 -51.34
C VAL A 59 26.67 39.84 -52.24
N PRO A 60 27.16 40.20 -53.43
CA PRO A 60 27.76 39.19 -54.32
C PRO A 60 29.08 38.68 -53.77
N LEU A 61 29.72 37.83 -54.58
CA LEU A 61 30.95 37.17 -54.16
C LEU A 61 32.10 38.16 -54.01
N LEU A 62 32.47 38.80 -55.12
CA LEU A 62 33.70 39.57 -55.16
C LEU A 62 33.56 40.97 -54.58
N ASP A 63 32.35 41.40 -54.26
CA ASP A 63 32.16 42.72 -53.65
C ASP A 63 32.90 42.78 -52.32
N ASP A 64 33.49 43.94 -52.04
CA ASP A 64 34.30 44.11 -50.84
C ASP A 64 33.45 44.08 -49.58
N ARG A 65 32.13 44.11 -49.76
CA ARG A 65 31.18 44.01 -48.65
C ARG A 65 30.99 42.57 -48.19
N ASN A 66 31.58 41.60 -48.88
CA ASN A 66 31.52 40.20 -48.47
C ASN A 66 32.64 39.87 -47.48
N VAL A 67 32.63 40.57 -46.35
CA VAL A 67 33.60 40.32 -45.30
C VAL A 67 33.22 39.02 -44.60
N ASN A 68 34.09 38.02 -44.67
CA ASN A 68 33.79 36.70 -44.14
C ASN A 68 34.96 36.18 -43.33
N ASP A 69 34.63 35.41 -42.29
CA ASP A 69 35.66 34.68 -41.56
C ASP A 69 36.16 33.48 -42.35
N GLN A 70 35.32 32.95 -43.24
CA GLN A 70 35.70 31.78 -44.04
C GLN A 70 36.73 32.18 -45.09
N GLY A 71 38.01 32.00 -44.77
CA GLY A 71 39.06 32.35 -45.70
C GLY A 71 40.28 31.46 -45.55
N ILE A 72 40.71 30.85 -46.65
CA ILE A 72 41.88 29.98 -46.68
C ILE A 72 42.50 30.08 -48.07
N ASP A 73 43.80 30.37 -48.11
CA ASP A 73 44.51 30.52 -49.37
C ASP A 73 44.94 29.14 -49.89
N ALA A 74 45.53 29.13 -51.08
CA ALA A 74 45.94 27.88 -51.70
C ALA A 74 46.94 27.12 -50.83
N ALA A 75 47.74 27.85 -50.04
CA ALA A 75 48.66 27.22 -49.11
C ALA A 75 47.95 26.60 -47.91
N GLY A 76 46.65 26.85 -47.75
CA GLY A 76 45.89 26.29 -46.65
C GLY A 76 45.81 27.15 -45.41
N ALA A 77 46.59 28.23 -45.34
CA ALA A 77 46.52 29.11 -44.19
C ALA A 77 45.20 29.85 -44.16
N THR A 78 44.66 30.07 -42.96
CA THR A 78 43.37 30.73 -42.79
C THR A 78 43.54 32.22 -42.97
N ILE A 79 43.25 32.72 -44.18
CA ILE A 79 43.33 34.15 -44.46
C ILE A 79 42.06 34.82 -43.95
N ALA A 80 42.09 36.16 -43.88
CA ALA A 80 40.94 36.91 -43.41
C ALA A 80 40.03 37.41 -44.51
N ASN A 81 40.52 37.49 -45.76
CA ASN A 81 39.72 37.98 -46.87
C ASN A 81 39.00 36.81 -47.52
N GLY A 82 37.76 36.58 -47.09
CA GLY A 82 36.98 35.47 -47.57
C GLY A 82 36.34 35.66 -48.93
N ASN A 83 36.51 36.83 -49.55
CA ASN A 83 35.93 37.14 -50.85
C ASN A 83 36.96 37.06 -51.97
N LEU A 84 37.88 36.10 -51.88
CA LEU A 84 38.97 35.92 -52.85
C LEU A 84 39.77 37.23 -52.90
N TYR A 85 39.98 37.82 -54.07
CA TYR A 85 40.76 39.06 -54.12
C TYR A 85 39.95 40.24 -53.64
N GLY A 86 38.63 40.21 -53.84
CA GLY A 86 37.74 41.25 -53.34
C GLY A 86 37.45 42.36 -54.32
N SER A 87 37.55 42.10 -55.63
CA SER A 87 37.29 43.11 -56.65
C SER A 87 38.15 44.34 -56.46
N SER A 88 39.40 44.14 -56.03
CA SER A 88 40.33 45.25 -55.92
C SER A 88 40.70 45.85 -57.27
N LYS A 89 40.39 45.15 -58.37
CA LYS A 89 40.61 45.65 -59.72
C LYS A 89 42.08 45.99 -59.96
N ASP A 90 42.98 45.19 -59.41
CA ASP A 90 44.41 45.40 -59.57
C ASP A 90 45.07 44.08 -59.98
N ILE A 91 45.69 44.08 -61.16
CA ILE A 91 46.40 42.89 -61.64
C ILE A 91 47.73 42.73 -60.94
N GLY A 92 48.03 43.64 -60.02
CA GLY A 92 49.17 43.44 -59.15
C GLY A 92 48.92 42.48 -58.01
N THR A 93 47.65 42.15 -57.75
CA THR A 93 47.30 41.29 -56.63
C THR A 93 46.58 40.02 -57.08
N ILE A 94 45.57 40.16 -57.94
CA ILE A 94 44.68 39.07 -58.33
C ILE A 94 45.42 37.86 -58.88
N PRO A 95 46.46 38.00 -59.72
CA PRO A 95 47.21 36.81 -60.14
C PRO A 95 47.71 36.00 -58.95
N SER A 96 48.13 36.69 -57.90
CA SER A 96 48.50 35.99 -56.67
C SER A 96 47.27 35.44 -55.97
N LYS A 97 46.18 36.19 -55.96
CA LYS A 97 44.97 35.81 -55.23
C LYS A 97 43.98 35.01 -56.08
N LEU A 98 44.34 34.68 -57.32
CA LEU A 98 43.50 33.83 -58.13
C LEU A 98 43.40 32.45 -57.48
N PRO A 99 42.22 31.85 -57.42
CA PRO A 99 42.09 30.56 -56.74
C PRO A 99 42.70 29.42 -57.53
N ALA A 100 44.03 29.33 -57.50
CA ALA A 100 44.77 28.32 -58.25
C ALA A 100 44.84 27.04 -57.44
N LEU A 101 44.51 25.92 -58.08
CA LEU A 101 44.58 24.62 -57.43
C LEU A 101 45.73 23.81 -58.01
N THR A 102 46.41 23.08 -57.13
CA THR A 102 47.48 22.19 -57.54
C THR A 102 46.86 20.87 -58.01
N GLU A 103 47.73 19.89 -58.34
CA GLU A 103 47.23 18.59 -58.78
C GLU A 103 46.60 17.82 -57.62
N ASN A 104 47.16 17.97 -56.42
CA ASN A 104 46.69 17.23 -55.25
C ASN A 104 45.26 17.58 -54.88
N GLY A 105 45.02 18.83 -54.48
CA GLY A 105 43.71 19.27 -54.04
C GLY A 105 43.68 19.55 -52.55
N GLY A 106 42.53 19.30 -51.95
CA GLY A 106 42.35 19.49 -50.51
C GLY A 106 41.77 20.83 -50.15
N ARG A 107 41.96 21.20 -48.88
CA ARG A 107 41.49 22.47 -48.35
C ARG A 107 42.39 23.58 -48.88
N VAL A 108 41.96 24.27 -49.92
CA VAL A 108 42.83 25.23 -50.60
C VAL A 108 42.14 26.57 -50.80
N ASN A 109 40.81 26.57 -50.84
CA ASN A 109 40.14 27.86 -51.21
C ASN A 109 38.73 27.90 -50.64
N ARG A 110 38.60 28.35 -49.39
CA ARG A 110 37.25 28.51 -48.79
C ARG A 110 36.79 29.95 -49.01
N VAL A 111 35.54 30.14 -49.42
CA VAL A 111 34.99 31.51 -49.64
C VAL A 111 33.81 31.72 -48.67
N GLY A 112 33.24 32.93 -48.65
CA GLY A 112 32.11 33.19 -47.78
C GLY A 112 31.10 34.08 -48.47
N PHE A 113 29.88 34.02 -47.96
CA PHE A 113 28.77 34.80 -48.47
C PHE A 113 28.12 35.56 -47.31
N THR A 114 27.77 36.81 -47.57
CA THR A 114 27.11 37.63 -46.56
C THR A 114 25.88 38.29 -47.15
N ARG A 115 24.95 38.64 -46.27
CA ARG A 115 23.76 39.39 -46.63
C ARG A 115 23.69 40.62 -45.73
N ILE A 116 22.67 41.45 -45.97
CA ILE A 116 22.51 42.68 -45.21
C ILE A 116 21.03 42.92 -44.96
N GLN A 117 20.72 43.67 -43.91
CA GLN A 117 19.36 43.94 -43.51
C GLN A 117 19.05 45.42 -43.68
N LEU A 118 17.86 45.71 -44.21
CA LEU A 118 17.40 47.08 -44.42
C LEU A 118 16.20 47.33 -43.51
N ILE A 119 16.21 48.48 -42.84
CA ILE A 119 15.22 48.79 -41.81
C ILE A 119 14.49 50.08 -42.19
N GLY A 120 13.16 50.03 -42.13
CA GLY A 120 12.35 51.22 -42.34
C GLY A 120 11.30 51.32 -41.25
N SER A 121 10.86 52.56 -41.02
CA SER A 121 9.93 52.87 -39.94
C SER A 121 8.76 53.67 -40.47
N ILE A 122 7.65 53.61 -39.76
CA ILE A 122 6.44 54.34 -40.12
C ILE A 122 6.07 55.25 -38.95
N LYS A 123 5.83 56.53 -39.25
CA LYS A 123 5.46 57.51 -38.24
C LYS A 123 4.04 58.01 -38.49
N LYS A 124 3.53 58.74 -37.50
CA LYS A 124 2.18 59.31 -37.56
C LYS A 124 2.27 60.82 -37.59
N PHE A 125 1.36 61.43 -38.35
CA PHE A 125 1.30 62.87 -38.47
C PHE A 125 -0.16 63.30 -38.61
N GLY A 126 -0.42 64.56 -38.31
CA GLY A 126 -1.76 65.08 -38.45
C GLY A 126 -1.83 66.54 -38.02
N PHE A 127 -2.96 67.16 -38.37
CA PHE A 127 -3.25 68.52 -37.96
C PHE A 127 -4.76 68.72 -37.99
N PHE A 128 -5.22 69.80 -37.38
CA PHE A 128 -6.64 70.06 -37.23
C PHE A 128 -6.90 71.56 -37.25
N TYR A 129 -8.15 71.91 -37.49
CA TYR A 129 -8.60 73.29 -37.44
C TYR A 129 -10.03 73.34 -36.93
N GLU A 130 -10.33 74.34 -36.11
CA GLU A 130 -11.64 74.52 -35.52
C GLU A 130 -12.24 75.85 -35.94
N TRP A 131 -13.56 75.94 -35.84
CA TRP A 131 -14.25 77.17 -36.18
C TRP A 131 -15.58 77.22 -35.45
N THR A 132 -16.15 78.42 -35.37
CA THR A 132 -17.42 78.65 -34.70
C THR A 132 -18.51 78.96 -35.72
N GLN A 133 -19.76 78.74 -35.31
CA GLN A 133 -20.89 78.97 -36.21
C GLN A 133 -21.02 80.44 -36.56
N GLU A 134 -20.78 81.34 -35.60
CA GLU A 134 -20.91 82.77 -35.86
C GLU A 134 -19.91 83.21 -36.93
N ALA A 135 -18.70 82.65 -36.90
CA ALA A 135 -17.69 82.96 -37.89
C ALA A 135 -18.06 82.51 -39.29
N MET A 136 -18.99 81.58 -39.42
CA MET A 136 -19.51 81.18 -40.72
C MET A 136 -20.77 81.90 -41.12
N ASP A 137 -21.57 82.36 -40.14
CA ASP A 137 -22.81 83.07 -40.45
C ASP A 137 -22.53 84.54 -40.76
N PHE A 138 -21.95 85.26 -39.80
CA PHE A 138 -21.71 86.69 -40.01
C PHE A 138 -20.32 86.93 -40.56
N ASP A 139 -20.00 86.27 -41.67
CA ASP A 139 -18.75 86.50 -42.39
C ASP A 139 -19.03 87.31 -43.65
N THR A 140 -18.01 88.06 -44.09
CA THR A 140 -18.18 88.89 -45.28
C THR A 140 -18.43 88.06 -46.52
N ASP A 141 -17.92 86.83 -46.55
CA ASP A 141 -18.06 85.95 -47.70
C ASP A 141 -19.18 84.96 -47.47
N GLU A 142 -19.34 84.01 -48.39
CA GLU A 142 -20.34 82.96 -48.26
C GLU A 142 -19.82 81.56 -48.50
N GLU A 143 -18.64 81.39 -49.12
CA GLU A 143 -18.04 80.09 -49.33
C GLU A 143 -16.74 79.93 -48.53
N LEU A 144 -16.72 80.45 -47.30
CA LEU A 144 -15.52 80.41 -46.49
C LEU A 144 -15.11 78.97 -46.19
N ASP A 145 -16.08 78.12 -45.86
CA ASP A 145 -15.80 76.72 -45.58
C ASP A 145 -15.20 76.04 -46.80
N SER A 146 -15.77 76.31 -47.97
CA SER A 146 -15.28 75.73 -49.21
C SER A 146 -13.83 76.13 -49.49
N HIS A 147 -13.45 77.36 -49.12
CA HIS A 147 -12.07 77.79 -49.28
C HIS A 147 -11.16 77.10 -48.26
N LEU A 148 -11.60 77.02 -47.00
CA LEU A 148 -10.75 76.46 -45.97
C LEU A 148 -10.47 74.98 -46.19
N ILE A 149 -11.49 74.21 -46.58
CA ILE A 149 -11.28 72.78 -46.77
C ILE A 149 -10.30 72.54 -47.92
N GLN A 150 -10.46 73.30 -49.01
CA GLN A 150 -9.58 73.15 -50.15
C GLN A 150 -8.15 73.54 -49.79
N GLU A 151 -7.99 74.63 -49.03
CA GLU A 151 -6.67 75.05 -48.60
C GLU A 151 -6.01 74.00 -47.73
N ALA A 152 -6.78 73.41 -46.81
CA ALA A 152 -6.24 72.37 -45.94
C ALA A 152 -5.82 71.15 -46.74
N VAL A 153 -6.63 70.74 -47.71
CA VAL A 153 -6.29 69.59 -48.54
C VAL A 153 -5.02 69.85 -49.33
N LYS A 154 -4.92 71.03 -49.92
CA LYS A 154 -3.73 71.39 -50.68
C LYS A 154 -2.49 71.37 -49.79
N GLY A 155 -2.60 71.95 -48.60
CA GLY A 155 -1.48 71.94 -47.67
C GLY A 155 -1.08 70.53 -47.27
N ALA A 156 -2.06 69.65 -47.08
CA ALA A 156 -1.74 68.27 -46.74
C ALA A 156 -0.97 67.59 -47.86
N ASN A 157 -1.40 67.82 -49.11
CA ASN A 157 -0.66 67.24 -50.24
C ASN A 157 0.77 67.77 -50.30
N GLU A 158 0.93 69.09 -50.09
CA GLU A 158 2.27 69.67 -50.09
C GLU A 158 3.13 69.06 -49.00
N ILE A 159 2.56 68.89 -47.80
CA ILE A 159 3.33 68.35 -46.68
C ILE A 159 3.74 66.91 -46.95
N THR A 160 2.85 66.13 -47.56
CA THR A 160 3.21 64.77 -47.96
C THR A 160 4.41 64.77 -48.90
N GLU A 161 4.36 65.65 -49.91
CA GLU A 161 5.46 65.67 -50.87
C GLU A 161 6.75 66.16 -50.21
N ASP A 162 6.66 67.10 -49.27
CA ASP A 162 7.85 67.56 -48.58
C ASP A 162 8.45 66.46 -47.71
N GLN A 163 7.60 65.65 -47.07
CA GLN A 163 8.12 64.52 -46.30
C GLN A 163 8.86 63.56 -47.22
N LEU A 164 8.28 63.25 -48.37
CA LEU A 164 8.95 62.37 -49.32
C LEU A 164 10.28 62.97 -49.77
N GLN A 165 10.28 64.27 -50.05
CA GLN A 165 11.50 64.94 -50.50
C GLN A 165 12.58 64.89 -49.44
N ILE A 166 12.21 65.16 -48.19
CA ILE A 166 13.22 65.19 -47.13
C ILE A 166 13.79 63.79 -46.92
N ASP A 167 12.96 62.77 -47.05
CA ASP A 167 13.45 61.40 -46.94
C ASP A 167 14.42 61.07 -48.07
N LEU A 168 14.07 61.45 -49.30
CA LEU A 168 14.92 61.15 -50.44
C LEU A 168 16.26 61.89 -50.35
N LEU A 169 16.23 63.18 -49.99
CA LEU A 169 17.47 63.93 -49.85
C LEU A 169 18.32 63.40 -48.70
N ASN A 170 17.69 62.90 -47.65
CA ASN A 170 18.45 62.42 -46.51
C ASN A 170 18.96 61.00 -46.67
N GLY A 171 18.67 60.34 -47.79
CA GLY A 171 19.06 58.95 -47.95
C GLY A 171 19.87 58.66 -49.20
N ALA A 172 20.31 59.70 -49.90
CA ALA A 172 21.11 59.50 -51.11
C ALA A 172 22.48 58.93 -50.76
N GLY A 173 22.91 57.94 -51.55
CA GLY A 173 24.18 57.29 -51.30
C GLY A 173 25.35 57.96 -51.98
N VAL A 174 25.20 58.27 -53.27
CA VAL A 174 26.28 58.89 -54.03
C VAL A 174 26.22 60.40 -53.87
N VAL A 175 26.82 60.90 -52.79
CA VAL A 175 26.89 62.34 -52.55
C VAL A 175 28.30 62.78 -52.92
N ARG A 176 28.41 63.45 -54.06
CA ARG A 176 29.68 64.00 -54.52
C ARG A 176 29.68 65.50 -54.34
N TYR A 177 30.55 65.98 -53.45
CA TYR A 177 30.70 67.40 -53.20
C TYR A 177 31.52 68.04 -54.32
N PRO A 178 31.47 69.37 -54.44
CA PRO A 178 32.33 70.03 -55.43
C PRO A 178 33.81 69.89 -55.08
N GLY A 179 34.68 70.47 -55.90
CA GLY A 179 36.11 70.31 -55.76
C GLY A 179 36.67 70.51 -54.37
N ALA A 180 37.30 69.47 -53.83
CA ALA A 180 37.94 69.51 -52.52
C ALA A 180 36.96 69.95 -51.43
N ALA A 181 35.79 69.33 -51.44
CA ALA A 181 34.77 69.60 -50.43
C ALA A 181 34.32 68.28 -49.82
N THR A 182 33.95 68.33 -48.56
CA THR A 182 33.57 67.12 -47.84
C THR A 182 32.21 67.24 -47.15
N SER A 183 31.86 68.41 -46.64
CA SER A 183 30.60 68.59 -45.93
C SER A 183 29.99 69.94 -46.31
N ASN A 184 28.82 70.21 -45.76
CA ASN A 184 28.15 71.48 -46.02
C ASN A 184 28.91 72.63 -45.38
N ALA A 185 29.58 72.36 -44.25
CA ALA A 185 30.30 73.42 -43.54
C ALA A 185 31.41 74.01 -44.39
N ASP A 186 32.22 73.16 -45.01
CA ASP A 186 33.31 73.62 -45.87
C ASP A 186 32.85 73.83 -47.30
N MET A 187 31.83 74.68 -47.48
CA MET A 187 31.26 74.97 -48.79
C MET A 187 30.83 76.43 -48.81
N THR A 188 31.42 77.20 -49.71
CA THR A 188 31.11 78.62 -49.81
C THR A 188 31.52 79.16 -51.18
N GLY A 189 30.90 80.27 -51.56
CA GLY A 189 31.32 81.07 -52.69
C GLY A 189 32.23 82.21 -52.30
N GLU A 190 32.66 82.27 -51.04
CA GLU A 190 33.51 83.35 -50.54
C GLU A 190 34.80 83.46 -51.34
N GLY A 191 35.61 82.41 -51.32
CA GLY A 191 36.82 82.38 -52.10
C GLY A 191 36.55 81.79 -53.46
N THR A 192 37.19 80.67 -53.78
CA THR A 192 36.81 79.92 -54.98
C THR A 192 35.42 79.36 -54.80
N ALA A 193 34.53 79.61 -55.76
CA ALA A 193 33.13 79.22 -55.62
C ALA A 193 32.99 77.70 -55.66
N THR A 194 32.35 77.15 -54.63
CA THR A 194 32.06 75.72 -54.59
C THR A 194 30.78 75.49 -55.39
N VAL A 195 30.94 75.17 -56.67
CA VAL A 195 29.80 75.05 -57.57
C VAL A 195 29.88 73.74 -58.34
N VAL A 196 28.94 73.53 -59.23
CA VAL A 196 28.91 72.33 -60.07
C VAL A 196 29.86 72.52 -61.24
N THR A 197 30.57 71.46 -61.59
CA THR A 197 31.50 71.46 -62.70
C THR A 197 31.12 70.35 -63.67
N TYR A 198 31.41 70.58 -64.94
CA TYR A 198 31.04 69.61 -65.97
C TYR A 198 31.72 68.26 -65.72
N GLU A 199 33.00 68.29 -65.36
CA GLU A 199 33.68 67.05 -65.02
C GLU A 199 33.07 66.40 -63.79
N GLY A 200 32.57 67.21 -62.86
CA GLY A 200 31.84 66.66 -61.72
C GLY A 200 30.55 65.97 -62.13
N LEU A 201 29.81 66.59 -63.05
CA LEU A 201 28.58 65.98 -63.53
C LEU A 201 28.85 64.68 -64.25
N VAL A 202 29.88 64.64 -65.09
CA VAL A 202 30.19 63.38 -65.77
C VAL A 202 30.79 62.37 -64.81
N LYS A 203 31.38 62.84 -63.71
CA LYS A 203 31.87 61.92 -62.68
C LYS A 203 30.70 61.21 -62.00
N MET A 204 29.65 61.95 -61.65
CA MET A 204 28.41 61.28 -61.28
C MET A 204 27.90 60.40 -62.40
N GLY A 205 28.06 60.84 -63.66
CA GLY A 205 27.62 60.02 -64.76
C GLY A 205 28.23 58.64 -64.74
N ILE A 206 29.54 58.55 -64.64
CA ILE A 206 30.21 57.24 -64.61
C ILE A 206 29.89 56.50 -63.33
N THR A 207 30.06 57.16 -62.17
CA THR A 207 29.84 56.48 -60.90
C THR A 207 28.43 55.94 -60.79
N LEU A 208 27.48 56.58 -61.49
CA LEU A 208 26.09 56.18 -61.39
C LEU A 208 25.75 55.19 -62.49
N ASN A 209 26.44 55.27 -63.63
CA ASN A 209 26.39 54.23 -64.65
C ASN A 209 26.92 52.92 -64.13
N ASP A 210 27.66 52.96 -63.02
CA ASP A 210 28.18 51.71 -62.40
C ASP A 210 27.06 51.14 -61.53
N ASN A 211 26.53 51.97 -60.62
CA ASN A 211 25.39 51.51 -59.78
C ASN A 211 24.21 51.20 -60.70
N LEU A 212 24.02 52.00 -61.75
CA LEU A 212 22.91 51.78 -62.71
C LEU A 212 21.60 51.62 -61.94
N CYS A 213 21.18 52.67 -61.24
CA CYS A 213 19.94 53.39 -61.61
C CYS A 213 19.64 53.12 -63.08
N PRO A 214 18.65 52.25 -63.39
CA PRO A 214 18.37 51.88 -64.77
C PRO A 214 18.36 53.07 -65.72
N MET A 215 19.07 52.95 -66.85
CA MET A 215 19.06 54.03 -67.87
C MET A 215 17.62 54.53 -68.01
N GLN A 216 17.39 55.82 -67.75
CA GLN A 216 16.02 56.33 -67.76
C GLN A 216 15.50 56.58 -69.17
N THR A 217 16.15 57.47 -69.91
CA THR A 217 15.72 57.75 -71.27
C THR A 217 16.72 57.20 -72.28
N LYS A 218 16.26 57.06 -73.52
CA LYS A 218 17.08 56.53 -74.58
C LYS A 218 17.86 57.66 -75.25
N LEU A 219 18.83 57.26 -76.08
CA LEU A 219 19.60 58.23 -76.84
C LEU A 219 18.72 58.89 -77.90
N ILE A 220 18.90 60.19 -78.08
CA ILE A 220 18.12 60.95 -79.05
C ILE A 220 18.96 61.17 -80.30
N ALA A 221 18.45 60.74 -81.45
CA ALA A 221 19.14 60.90 -82.71
C ALA A 221 18.94 62.31 -83.26
N GLY A 222 19.32 62.54 -84.51
CA GLY A 222 19.24 63.88 -85.07
C GLY A 222 18.02 64.12 -85.93
N SER A 223 17.34 65.24 -85.71
CA SER A 223 16.23 65.64 -86.55
C SER A 223 16.73 66.35 -87.79
N LEU A 224 15.82 66.56 -88.74
CA LEU A 224 16.17 67.17 -90.02
C LEU A 224 15.90 68.67 -90.03
N MET A 225 15.63 69.28 -88.88
CA MET A 225 15.52 70.73 -88.82
C MET A 225 16.92 71.33 -88.69
N THR A 226 17.01 72.63 -88.40
CA THR A 226 18.30 73.32 -88.50
C THR A 226 19.06 73.36 -87.18
N ASP A 227 18.43 73.86 -86.11
CA ASP A 227 19.15 74.10 -84.87
C ASP A 227 19.19 72.87 -83.96
N THR A 228 18.60 71.76 -84.37
CA THR A 228 18.52 70.58 -83.51
C THR A 228 19.90 70.00 -83.23
N ARG A 229 20.03 69.37 -82.07
CA ARG A 229 21.24 68.70 -81.64
C ARG A 229 20.90 67.28 -81.21
N THR A 230 21.93 66.55 -80.79
CA THR A 230 21.79 65.15 -80.37
C THR A 230 22.31 65.00 -78.95
N ILE A 231 21.68 64.13 -78.18
CA ILE A 231 22.03 63.93 -76.79
C ILE A 231 22.07 62.44 -76.48
N GLN A 232 23.01 62.05 -75.63
CA GLN A 232 23.14 60.68 -75.17
C GLN A 232 22.03 60.34 -74.18
N GLY A 233 21.89 59.04 -73.90
CA GLY A 233 20.94 58.60 -72.90
C GLY A 233 21.21 59.22 -71.56
N ALA A 234 20.18 59.78 -70.93
CA ALA A 234 20.36 60.56 -69.71
C ALA A 234 19.27 60.19 -68.71
N ARG A 235 19.58 60.38 -67.44
CA ARG A 235 18.61 60.17 -66.38
C ARG A 235 17.94 61.50 -66.02
N ALA A 236 17.12 61.48 -64.98
CA ALA A 236 16.46 62.68 -64.50
C ALA A 236 17.25 63.27 -63.34
N LEU A 237 17.53 64.57 -63.44
CA LEU A 237 18.29 65.29 -62.42
C LEU A 237 17.43 66.46 -61.97
N TYR A 238 16.76 66.31 -60.82
CA TYR A 238 15.87 67.35 -60.33
C TYR A 238 16.68 68.50 -59.74
N ILE A 239 16.34 69.72 -60.16
CA ILE A 239 17.14 70.91 -59.89
C ILE A 239 16.27 72.00 -59.29
N GLY A 240 16.81 72.65 -58.26
CA GLY A 240 16.17 73.85 -57.74
C GLY A 240 16.28 74.99 -58.73
N SER A 241 15.24 75.84 -58.77
CA SER A 241 15.13 76.86 -59.81
C SER A 241 16.30 77.83 -59.78
N GLU A 242 16.91 78.03 -58.60
CA GLU A 242 17.99 79.01 -58.49
C GLU A 242 19.21 78.60 -59.30
N LEU A 243 19.40 77.31 -59.54
CA LEU A 243 20.61 76.83 -60.19
C LEU A 243 20.55 76.94 -61.71
N GLU A 244 19.41 77.37 -62.26
CA GLU A 244 19.22 77.37 -63.70
C GLU A 244 20.21 78.32 -64.37
N LEU A 245 20.46 79.47 -63.75
CA LEU A 245 21.40 80.43 -64.33
C LEU A 245 22.80 79.84 -64.40
N GLN A 246 23.24 79.18 -63.32
CA GLN A 246 24.55 78.56 -63.32
C GLN A 246 24.64 77.46 -64.38
N LEU A 247 23.56 76.68 -64.53
CA LEU A 247 23.56 75.65 -65.56
C LEU A 247 23.61 76.25 -66.96
N ARG A 248 22.97 77.41 -67.15
CA ARG A 248 22.90 78.00 -68.48
C ARG A 248 24.22 78.62 -68.91
N LYS A 249 25.08 79.00 -67.96
CA LYS A 249 26.40 79.53 -68.27
C LYS A 249 27.45 78.45 -68.03
N MET A 250 27.11 77.22 -68.38
CA MET A 250 27.99 76.08 -68.19
C MET A 250 28.83 75.88 -69.44
N LYS A 251 30.14 75.74 -69.26
CA LYS A 251 31.07 75.67 -70.38
C LYS A 251 31.53 74.24 -70.59
N ASP A 252 31.44 73.78 -71.84
CA ASP A 252 31.89 72.44 -72.20
C ASP A 252 33.38 72.26 -71.92
N PRO A 253 33.86 71.01 -71.97
CA PRO A 253 35.31 70.80 -71.93
C PRO A 253 36.04 71.50 -73.05
N PHE A 254 35.35 71.82 -74.14
CA PHE A 254 35.96 72.41 -75.33
C PHE A 254 35.62 73.89 -75.47
N ASP A 255 35.41 74.59 -74.35
CA ASP A 255 35.20 76.04 -74.30
C ASP A 255 33.88 76.47 -74.92
N ASN A 256 33.10 75.52 -75.44
CA ASN A 256 31.77 75.84 -75.91
C ASN A 256 30.81 75.93 -74.72
N ALA A 257 29.54 76.12 -75.00
CA ALA A 257 28.54 76.30 -73.96
C ALA A 257 27.79 75.00 -73.73
N ALA A 258 27.84 74.50 -72.50
CA ALA A 258 27.15 73.27 -72.15
C ALA A 258 25.67 73.55 -71.90
N PHE A 259 24.92 72.50 -71.52
CA PHE A 259 23.50 72.62 -71.20
C PHE A 259 22.73 73.24 -72.37
N ILE A 260 22.71 72.49 -73.46
CA ILE A 260 21.93 72.94 -74.62
C ILE A 260 20.45 72.93 -74.26
N PRO A 261 19.66 73.88 -74.75
CA PRO A 261 18.27 73.99 -74.28
C PRO A 261 17.41 72.84 -74.77
N VAL A 262 16.31 72.60 -74.03
CA VAL A 262 15.39 71.53 -74.36
C VAL A 262 14.66 71.82 -75.66
N GLN A 263 14.61 73.10 -76.07
CA GLN A 263 13.95 73.43 -77.33
C GLN A 263 14.66 72.81 -78.52
N GLN A 264 15.91 72.39 -78.36
CA GLN A 264 16.68 71.80 -79.44
C GLN A 264 16.40 70.31 -79.62
N TYR A 265 15.56 69.72 -78.78
CA TYR A 265 15.15 68.33 -78.97
C TYR A 265 13.70 68.19 -79.43
N ALA A 266 12.91 69.26 -79.37
CA ALA A 266 11.46 69.16 -79.46
C ALA A 266 11.00 68.41 -80.71
N ASP A 267 11.68 68.65 -81.83
CA ASP A 267 11.32 67.91 -83.04
C ASP A 267 11.83 66.48 -83.01
N ALA A 268 12.94 66.23 -82.31
CA ALA A 268 13.59 64.93 -82.38
C ALA A 268 12.91 63.89 -81.49
N GLY A 269 12.88 64.14 -80.17
CA GLY A 269 12.39 63.16 -79.22
C GLY A 269 11.26 63.70 -78.36
N ASN A 270 10.93 62.93 -77.33
CA ASN A 270 9.91 63.30 -76.36
C ASN A 270 10.54 64.01 -75.17
N LEU A 271 9.76 64.88 -74.55
CA LEU A 271 10.23 65.71 -73.46
C LEU A 271 9.54 65.30 -72.15
N LEU A 272 10.30 65.35 -71.06
CA LEU A 272 9.76 65.13 -69.73
C LEU A 272 9.15 66.42 -69.21
N LYS A 273 8.12 66.28 -68.39
CA LYS A 273 7.38 67.45 -67.94
C LYS A 273 8.23 68.25 -66.96
N GLY A 274 8.27 69.56 -67.16
CA GLY A 274 9.17 70.41 -66.42
C GLY A 274 10.64 70.22 -66.75
N GLU A 275 10.96 70.04 -68.03
CA GLU A 275 12.34 69.88 -68.47
C GLU A 275 12.88 71.19 -69.03
N ILE A 276 14.18 71.42 -68.81
CA ILE A 276 14.82 72.64 -69.26
C ILE A 276 15.89 72.31 -70.30
N GLY A 277 16.43 71.10 -70.24
CA GLY A 277 17.46 70.71 -71.17
C GLY A 277 18.13 69.41 -70.75
N SER A 278 19.38 69.26 -71.15
CA SER A 278 20.15 68.06 -70.81
C SER A 278 21.63 68.41 -70.76
N ILE A 279 22.30 68.02 -69.68
CA ILE A 279 23.72 68.22 -69.51
C ILE A 279 24.38 66.85 -69.40
N ALA A 280 25.23 66.53 -70.37
CA ALA A 280 25.98 65.26 -70.40
C ALA A 280 24.98 64.12 -70.29
N SER A 281 25.12 63.20 -69.34
CA SER A 281 24.19 62.09 -69.18
C SER A 281 23.09 62.41 -68.17
N PHE A 282 22.72 63.68 -68.03
CA PHE A 282 21.65 64.06 -67.12
C PHE A 282 20.70 65.00 -67.84
N ARG A 283 19.40 64.78 -67.65
CA ARG A 283 18.36 65.69 -68.12
C ARG A 283 17.79 66.44 -66.92
N VAL A 284 17.77 67.76 -67.03
CA VAL A 284 17.44 68.62 -65.89
C VAL A 284 15.93 68.79 -65.80
N ILE A 285 15.38 68.50 -64.62
CA ILE A 285 13.97 68.74 -64.31
C ILE A 285 13.95 69.76 -63.18
N VAL A 286 13.16 70.82 -63.33
CA VAL A 286 13.08 71.84 -62.30
C VAL A 286 11.85 71.59 -61.44
N VAL A 287 12.03 71.59 -60.12
CA VAL A 287 10.92 71.49 -59.19
C VAL A 287 10.84 72.79 -58.39
N PRO A 288 9.69 73.44 -58.37
CA PRO A 288 9.52 74.62 -57.53
C PRO A 288 9.68 74.32 -56.04
N LYS A 289 9.29 73.11 -55.65
CA LYS A 289 9.12 72.80 -54.24
C LYS A 289 10.41 72.35 -53.57
N MET A 290 11.52 72.27 -54.30
CA MET A 290 12.78 71.86 -53.69
C MET A 290 13.16 72.75 -52.52
N LEU A 291 13.43 72.14 -51.37
CA LEU A 291 14.00 72.86 -50.25
C LEU A 291 15.51 72.66 -50.22
N LYS A 292 16.20 73.64 -49.67
CA LYS A 292 17.66 73.68 -49.69
C LYS A 292 18.18 73.72 -48.26
N TRP A 293 19.46 73.42 -48.11
CA TRP A 293 20.13 73.54 -46.81
C TRP A 293 20.49 75.01 -46.55
N ALA A 294 19.44 75.82 -46.47
CA ALA A 294 19.61 77.25 -46.27
C ALA A 294 20.26 77.52 -44.91
N GLY A 295 21.15 78.52 -44.89
CA GLY A 295 21.85 78.84 -43.67
C GLY A 295 22.79 77.76 -43.19
N ALA A 296 23.28 76.91 -44.08
CA ALA A 296 24.22 75.85 -43.73
C ALA A 296 25.46 76.03 -44.60
N GLY A 297 26.57 76.40 -43.97
CA GLY A 297 27.81 76.58 -44.69
C GLY A 297 28.73 77.54 -43.95
N ALA A 298 29.65 78.12 -44.71
CA ALA A 298 30.57 79.10 -44.15
C ALA A 298 29.88 80.44 -43.94
N THR A 299 30.38 81.20 -42.98
CA THR A 299 29.80 82.51 -42.68
C THR A 299 30.19 83.51 -43.74
N VAL A 300 29.26 84.41 -44.08
CA VAL A 300 29.56 85.46 -45.04
C VAL A 300 30.53 86.46 -44.40
N THR A 301 31.54 86.83 -45.15
CA THR A 301 32.40 87.96 -44.80
C THR A 301 32.43 89.00 -45.89
N THR A 302 32.41 88.59 -47.15
CA THR A 302 32.23 89.50 -48.27
C THR A 302 30.99 89.20 -49.09
N ASN A 303 30.61 87.92 -49.22
CA ASN A 303 29.43 87.46 -49.96
C ASN A 303 29.41 88.05 -51.37
N PRO A 304 30.28 87.58 -52.26
CA PRO A 304 30.28 88.13 -53.63
C PRO A 304 29.07 87.71 -54.43
N GLY A 305 27.88 88.07 -53.95
CA GLY A 305 26.65 87.79 -54.68
C GLY A 305 26.26 86.33 -54.75
N TYR A 306 26.27 85.65 -53.60
CA TYR A 306 25.84 84.26 -53.51
C TYR A 306 24.72 84.14 -52.49
N TYR A 307 23.76 83.26 -52.77
CA TYR A 307 22.63 83.04 -51.88
C TYR A 307 23.09 82.61 -50.49
N ALA A 308 22.67 83.35 -49.47
CA ALA A 308 23.10 83.08 -48.11
C ALA A 308 22.08 83.62 -47.14
N THR A 309 21.61 82.77 -46.24
CA THR A 309 20.65 83.17 -45.20
C THR A 309 21.29 82.99 -43.83
N SER A 310 21.02 83.95 -42.94
CA SER A 310 21.51 83.90 -41.56
C SER A 310 23.03 83.75 -41.50
N GLY A 311 23.73 84.47 -42.39
CA GLY A 311 25.18 84.44 -42.40
C GLY A 311 25.75 83.29 -43.20
N LYS A 312 25.41 82.06 -42.84
CA LYS A 312 25.93 80.90 -43.54
C LYS A 312 25.39 80.85 -44.96
N TYR A 313 26.21 80.39 -45.89
CA TYR A 313 25.81 80.30 -47.29
C TYR A 313 24.71 79.27 -47.47
N ASP A 314 24.03 79.34 -48.61
CA ASP A 314 22.94 78.45 -48.94
C ASP A 314 23.46 77.32 -49.83
N VAL A 315 23.19 76.08 -49.43
CA VAL A 315 23.62 74.90 -50.16
C VAL A 315 22.41 74.32 -50.90
N PHE A 316 22.59 74.02 -52.18
CA PHE A 316 21.48 73.57 -53.01
C PHE A 316 21.70 72.13 -53.44
N PRO A 317 20.62 71.36 -53.64
CA PRO A 317 20.76 69.95 -53.97
C PRO A 317 20.75 69.66 -55.46
N MET A 318 21.18 68.44 -55.84
CA MET A 318 21.17 67.95 -57.22
C MET A 318 20.70 66.50 -57.18
N LEU A 319 19.39 66.31 -57.26
CA LEU A 319 18.81 64.99 -57.02
C LEU A 319 18.66 64.24 -58.34
N CYS A 320 19.19 63.01 -58.36
CA CYS A 320 19.02 62.08 -59.48
C CYS A 320 18.64 60.72 -58.88
N VAL A 321 17.35 60.44 -58.86
CA VAL A 321 16.84 59.20 -58.26
C VAL A 321 16.36 58.28 -59.37
N GLY A 322 16.81 57.02 -59.32
CA GLY A 322 16.41 56.03 -60.30
C GLY A 322 15.34 55.10 -59.76
N SER A 323 14.71 54.39 -60.69
CA SER A 323 13.65 53.46 -60.34
C SER A 323 14.24 52.27 -59.58
N GLY A 324 13.53 51.85 -58.54
CA GLY A 324 13.98 50.74 -57.72
C GLY A 324 14.95 51.11 -56.61
N SER A 325 15.10 52.39 -56.29
CA SER A 325 16.02 52.82 -55.25
C SER A 325 15.34 53.05 -53.91
N PHE A 326 14.05 53.34 -53.90
CA PHE A 326 13.35 53.66 -52.67
C PHE A 326 11.90 53.21 -52.79
N THR A 327 11.24 53.10 -51.63
CA THR A 327 9.84 52.75 -51.60
C THR A 327 9.21 53.28 -50.32
N THR A 328 7.91 53.55 -50.38
CA THR A 328 7.17 53.92 -49.19
C THR A 328 6.36 52.71 -48.71
N ILE A 329 6.37 52.49 -47.40
CA ILE A 329 5.74 51.29 -46.86
C ILE A 329 4.23 51.47 -46.85
N GLY A 330 3.72 52.39 -46.04
CA GLY A 330 2.30 52.63 -46.02
C GLY A 330 1.60 51.68 -45.07
N PHE A 331 0.96 52.19 -44.02
CA PHE A 331 0.37 51.31 -43.03
C PHE A 331 -0.91 50.67 -43.55
N GLN A 332 -1.94 51.47 -43.80
CA GLN A 332 -3.24 50.97 -44.22
C GLN A 332 -3.69 51.53 -45.56
N THR A 333 -2.82 52.26 -46.26
CA THR A 333 -3.16 52.76 -47.58
C THR A 333 -3.45 51.61 -48.52
N ASP A 334 -4.48 51.77 -49.36
CA ASP A 334 -4.86 50.70 -50.27
C ASP A 334 -3.71 50.38 -51.21
N GLY A 335 -3.30 51.34 -52.03
CA GLY A 335 -2.17 51.16 -52.91
C GLY A 335 -1.35 52.42 -53.06
N LYS A 336 -1.69 53.44 -52.28
CA LYS A 336 -1.04 54.73 -52.36
C LYS A 336 0.05 54.83 -51.30
N THR A 337 0.86 55.88 -51.38
CA THR A 337 1.89 56.13 -50.38
C THR A 337 1.32 56.77 -49.12
N VAL A 338 0.10 57.29 -49.19
CA VAL A 338 -0.53 57.96 -48.06
C VAL A 338 -2.04 57.87 -48.24
N LYS A 339 -2.76 57.91 -47.12
CA LYS A 339 -4.22 57.84 -47.12
C LYS A 339 -4.74 58.80 -46.06
N PHE A 340 -5.05 60.03 -46.47
CA PHE A 340 -5.65 61.00 -45.56
C PHE A 340 -7.02 60.50 -45.12
N THR A 341 -7.30 60.63 -43.82
CA THR A 341 -8.57 60.26 -43.24
C THR A 341 -9.13 61.47 -42.50
N THR A 342 -10.06 62.18 -43.14
CA THR A 342 -10.63 63.38 -42.58
C THR A 342 -11.75 63.05 -41.60
N TYR A 343 -11.98 63.96 -40.65
CA TYR A 343 -13.05 63.84 -39.66
C TYR A 343 -13.62 65.23 -39.45
N THR A 344 -14.87 65.43 -39.88
CA THR A 344 -15.51 66.74 -39.86
C THR A 344 -16.74 66.70 -38.96
N LYS A 345 -16.90 67.72 -38.14
CA LYS A 345 -18.11 67.92 -37.35
C LYS A 345 -18.65 69.32 -37.58
N LYS A 346 -19.74 69.40 -38.35
CA LYS A 346 -20.44 70.64 -38.55
C LYS A 346 -21.09 71.04 -37.21
N PRO A 347 -20.86 72.27 -36.74
CA PRO A 347 -21.46 72.69 -35.48
C PRO A 347 -22.97 72.54 -35.50
N GLY A 348 -23.52 72.12 -34.36
CA GLY A 348 -24.93 71.80 -34.24
C GLY A 348 -25.18 70.87 -33.07
N ILE A 349 -25.91 69.78 -33.30
CA ILE A 349 -26.18 68.80 -32.27
C ILE A 349 -25.06 67.77 -32.13
N GLU A 350 -24.39 67.40 -33.23
CA GLU A 350 -23.33 66.39 -33.16
C GLU A 350 -22.15 66.84 -32.32
N THR A 351 -22.02 68.13 -32.04
CA THR A 351 -20.99 68.64 -31.14
C THR A 351 -21.54 69.07 -29.79
N VAL A 352 -22.79 68.76 -29.50
CA VAL A 352 -23.41 69.14 -28.23
C VAL A 352 -22.93 68.19 -27.15
N SER A 353 -22.44 68.75 -26.05
CA SER A 353 -21.96 67.95 -24.91
C SER A 353 -21.95 68.84 -23.69
N TYR A 354 -21.54 68.26 -22.56
CA TYR A 354 -21.45 69.02 -21.32
C TYR A 354 -20.47 70.18 -21.45
N ALA A 355 -19.48 70.06 -22.32
CA ALA A 355 -18.54 71.15 -22.56
C ALA A 355 -19.26 72.35 -23.15
N ASP A 356 -20.00 72.14 -24.23
CA ASP A 356 -20.75 73.18 -24.92
C ASP A 356 -22.19 72.69 -25.13
N PRO A 357 -23.08 72.91 -24.17
CA PRO A 357 -24.45 72.42 -24.33
C PRO A 357 -25.26 73.25 -25.30
N TYR A 358 -24.61 74.16 -26.01
CA TYR A 358 -25.24 74.92 -27.08
C TYR A 358 -24.72 74.56 -28.46
N GLY A 359 -23.63 73.80 -28.54
CA GLY A 359 -23.13 73.28 -29.81
C GLY A 359 -22.68 74.33 -30.80
N GLU A 360 -22.13 75.44 -30.29
CA GLU A 360 -21.67 76.50 -31.17
C GLU A 360 -20.18 76.40 -31.43
N MET A 361 -19.70 75.25 -31.89
CA MET A 361 -18.31 75.02 -32.27
C MET A 361 -18.23 73.78 -33.14
N GLY A 362 -17.23 73.77 -34.03
CA GLY A 362 -16.99 72.62 -34.88
C GLY A 362 -15.55 72.55 -35.33
N LEU A 363 -15.07 71.37 -35.70
CA LEU A 363 -13.66 71.15 -36.01
C LEU A 363 -13.52 70.10 -37.10
N THR A 364 -12.31 70.05 -37.68
CA THR A 364 -11.99 69.11 -38.73
C THR A 364 -10.50 68.81 -38.67
N SER A 365 -10.15 67.53 -38.79
CA SER A 365 -8.77 67.09 -38.64
C SER A 365 -8.38 66.15 -39.77
N ILE A 366 -7.09 66.19 -40.13
CA ILE A 366 -6.51 65.33 -41.13
C ILE A 366 -5.41 64.52 -40.44
N LYS A 367 -5.43 63.20 -40.61
CA LYS A 367 -4.40 62.32 -40.10
C LYS A 367 -3.99 61.32 -41.17
N TRP A 368 -2.74 60.85 -41.08
CA TRP A 368 -2.22 59.87 -42.02
C TRP A 368 -1.00 59.21 -41.42
N TYR A 369 -0.52 58.17 -42.11
CA TYR A 369 0.70 57.46 -41.73
C TYR A 369 1.66 57.49 -42.90
N TYR A 370 2.93 57.81 -42.63
CA TYR A 370 3.93 57.95 -43.65
C TYR A 370 5.22 57.25 -43.25
N GLY A 371 5.97 56.78 -44.25
CA GLY A 371 7.25 56.15 -44.04
C GLY A 371 7.90 55.76 -45.34
N SER A 372 9.22 55.82 -45.41
CA SER A 372 9.96 55.51 -46.63
C SER A 372 11.10 54.55 -46.32
N LEU A 373 11.44 53.73 -47.32
CA LEU A 373 12.55 52.79 -47.23
C LEU A 373 13.43 52.95 -48.47
N ILE A 374 14.72 53.23 -48.26
CA ILE A 374 15.68 53.34 -49.35
C ILE A 374 16.31 51.97 -49.58
N LEU A 375 15.81 51.23 -50.55
CA LEU A 375 16.36 49.91 -50.86
C LEU A 375 17.79 50.00 -51.35
N ARG A 376 18.03 50.83 -52.36
CA ARG A 376 19.34 50.93 -52.99
C ARG A 376 19.87 52.35 -52.87
N PRO A 377 20.55 52.69 -51.78
CA PRO A 377 21.06 54.07 -51.62
C PRO A 377 22.03 54.49 -52.70
N GLU A 378 22.77 53.56 -53.30
CA GLU A 378 23.73 53.88 -54.34
C GLU A 378 23.07 54.33 -55.64
N TRP A 379 21.75 54.20 -55.75
CA TRP A 379 21.04 54.61 -56.96
C TRP A 379 20.50 56.04 -56.87
N ILE A 380 20.91 56.80 -55.87
CA ILE A 380 20.52 58.20 -55.72
C ILE A 380 21.78 59.04 -55.60
N ALA A 381 21.81 60.16 -56.31
CA ALA A 381 22.98 61.02 -56.38
C ALA A 381 22.64 62.43 -55.92
N LEU A 382 23.66 63.15 -55.47
CA LEU A 382 23.44 64.49 -54.91
C LEU A 382 24.70 65.32 -55.08
N PHE A 383 24.58 66.48 -55.71
CA PHE A 383 25.67 67.45 -55.83
C PHE A 383 25.26 68.71 -55.07
N LYS A 384 25.91 68.94 -53.94
CA LYS A 384 25.73 70.20 -53.22
C LYS A 384 26.42 71.33 -53.96
N THR A 385 25.77 72.49 -54.01
CA THR A 385 26.27 73.60 -54.80
C THR A 385 25.83 74.91 -54.17
N VAL A 386 26.47 75.99 -54.62
CA VAL A 386 26.18 77.34 -54.17
C VAL A 386 25.73 78.17 -55.37
N ALA A 387 24.62 78.88 -55.23
CA ALA A 387 24.09 79.67 -56.32
C ALA A 387 24.27 81.16 -56.05
N ALA A 388 23.77 82.00 -56.96
CA ALA A 388 23.91 83.44 -56.82
C ALA A 388 22.94 83.97 -55.76
N LYS B 2 -4.39 49.73 -23.14
CA LYS B 2 -4.32 51.18 -23.17
C LYS B 2 -3.44 51.66 -24.32
N TYR B 3 -2.19 51.97 -24.01
CA TYR B 3 -1.23 52.46 -24.99
C TYR B 3 -0.30 51.33 -25.43
N ASN B 4 0.43 51.58 -26.51
CA ASN B 4 1.36 50.59 -27.05
C ASN B 4 2.71 51.20 -27.34
N ALA B 5 3.27 51.92 -26.37
CA ALA B 5 4.60 52.53 -26.47
C ALA B 5 5.61 51.54 -27.02
N PRO B 6 6.59 51.98 -27.80
CA PRO B 6 7.51 51.05 -28.45
C PRO B 6 8.25 50.19 -27.42
N ASN B 7 8.47 48.92 -27.78
CA ASN B 7 8.89 47.86 -26.87
C ASN B 7 9.89 48.29 -25.81
N THR B 8 10.88 49.10 -26.19
CA THR B 8 11.84 49.64 -25.23
C THR B 8 11.11 50.32 -24.08
N THR B 9 10.06 51.07 -24.39
CA THR B 9 9.11 51.53 -23.38
C THR B 9 7.92 50.59 -23.40
N PRO B 10 7.82 49.68 -22.43
CA PRO B 10 6.90 48.54 -22.57
C PRO B 10 5.45 48.93 -22.82
N SER B 11 4.78 48.15 -23.66
CA SER B 11 3.38 48.39 -23.94
C SER B 11 2.54 48.16 -22.69
N SER B 12 1.37 48.81 -22.65
CA SER B 12 0.51 48.72 -21.48
C SER B 12 0.02 47.30 -21.28
N ILE B 13 -0.33 46.60 -22.36
CA ILE B 13 -0.87 45.26 -22.24
C ILE B 13 0.19 44.28 -21.73
N GLY B 14 1.43 44.46 -22.16
CA GLY B 14 2.51 43.59 -21.74
C GLY B 14 3.61 43.48 -22.77
N PRO B 15 4.42 42.42 -22.65
CA PRO B 15 5.54 42.24 -23.59
C PRO B 15 5.06 42.06 -25.02
N GLN B 16 5.87 42.53 -25.96
CA GLN B 16 5.59 42.42 -27.39
C GLN B 16 6.62 41.53 -28.02
N ILE B 17 6.18 40.59 -28.85
CA ILE B 17 7.10 39.60 -29.42
C ILE B 17 7.58 40.05 -30.80
N ARG B 18 6.67 40.21 -31.75
CA ARG B 18 7.03 40.55 -33.12
C ARG B 18 6.91 42.06 -33.30
N LEU B 19 8.06 42.73 -33.42
CA LEU B 19 8.10 44.17 -33.63
C LEU B 19 8.35 44.53 -35.09
N ASP B 20 8.71 43.57 -35.92
CA ASP B 20 9.07 43.83 -37.31
C ASP B 20 8.23 42.96 -38.22
N TYR B 21 7.97 43.46 -39.42
CA TYR B 21 7.36 42.67 -40.48
C TYR B 21 8.46 42.32 -41.49
N TYR B 22 8.58 41.03 -41.80
CA TYR B 22 9.68 40.56 -42.63
C TYR B 22 9.20 40.44 -44.08
N TYR B 23 9.79 41.26 -44.95
CA TYR B 23 9.50 41.19 -46.38
C TYR B 23 10.24 40.00 -46.98
N LYS B 24 9.50 39.02 -47.49
CA LYS B 24 10.09 37.78 -47.96
C LYS B 24 11.07 38.02 -49.10
N LYS B 25 10.66 38.78 -50.10
CA LYS B 25 11.50 38.98 -51.28
C LYS B 25 12.78 39.71 -50.91
N ALA B 26 13.90 39.18 -51.39
CA ALA B 26 15.22 39.71 -51.09
C ALA B 26 15.77 40.49 -52.28
N LEU B 27 16.86 41.22 -52.03
CA LEU B 27 17.54 41.99 -53.05
C LEU B 27 18.80 41.27 -53.49
N VAL B 28 18.98 41.11 -54.79
CA VAL B 28 20.17 40.49 -55.34
C VAL B 28 20.91 41.51 -56.20
N ASP B 29 22.07 41.13 -56.73
CA ASP B 29 22.83 42.02 -57.60
C ASP B 29 22.93 41.38 -58.96
N ALA B 30 22.60 42.15 -60.01
CA ALA B 30 22.69 41.63 -61.37
C ALA B 30 24.14 41.29 -61.71
N ALA B 31 24.33 40.16 -62.38
CA ALA B 31 25.67 39.74 -62.78
C ALA B 31 26.27 40.74 -63.75
N LYS B 32 27.55 41.04 -63.57
CA LYS B 32 28.24 41.96 -64.46
C LYS B 32 28.23 41.43 -65.88
N GLU B 33 27.91 42.29 -66.85
CA GLU B 33 27.79 41.84 -68.23
C GLU B 33 29.14 41.38 -68.75
N MET B 34 29.11 40.41 -69.67
CA MET B 34 30.30 39.69 -70.06
C MET B 34 30.85 40.26 -71.37
N TYR B 35 32.17 40.52 -71.38
CA TYR B 35 32.76 41.13 -72.57
C TYR B 35 33.83 40.30 -73.27
N PHE B 36 34.91 39.96 -72.55
CA PHE B 36 36.06 39.36 -73.23
C PHE B 36 35.82 37.89 -73.57
N GLY B 37 34.99 37.22 -72.76
CA GLY B 37 34.76 35.81 -72.95
C GLY B 37 34.15 35.45 -74.29
N GLN B 38 33.28 36.33 -74.81
CA GLN B 38 32.63 36.07 -76.09
C GLN B 38 33.65 35.94 -77.21
N LEU B 39 34.57 36.90 -77.29
CA LEU B 39 35.62 36.84 -78.31
C LEU B 39 36.68 35.84 -77.88
N ALA B 40 36.71 34.67 -78.54
CA ALA B 40 37.66 33.62 -78.20
C ALA B 40 37.60 32.49 -79.20
N GLU B 41 38.74 31.84 -79.43
CA GLU B 41 38.81 30.60 -80.18
C GLU B 41 39.16 29.47 -79.22
N VAL B 42 38.61 28.29 -79.49
CA VAL B 42 38.77 27.13 -78.61
C VAL B 42 39.52 26.05 -79.37
N THR B 43 40.61 25.57 -78.77
CA THR B 43 41.38 24.45 -79.29
C THR B 43 41.32 23.31 -78.28
N ASN B 44 40.89 22.14 -78.74
CA ASN B 44 40.69 20.99 -77.85
C ASN B 44 42.06 20.38 -77.59
N MET B 45 42.38 20.17 -76.31
CA MET B 45 43.61 19.49 -75.93
C MET B 45 43.26 18.07 -75.51
N PRO B 46 43.66 17.05 -76.27
CA PRO B 46 43.26 15.68 -75.93
C PRO B 46 43.91 15.19 -74.65
N LYS B 47 43.29 14.18 -74.04
CA LYS B 47 43.80 13.59 -72.83
C LYS B 47 44.98 12.67 -73.14
N ASN B 48 45.73 12.33 -72.10
CA ASN B 48 46.89 11.44 -72.19
C ASN B 48 47.91 11.99 -73.19
N MET B 49 48.05 13.31 -73.20
CA MET B 49 49.02 13.94 -74.10
C MET B 49 49.79 15.08 -73.45
N GLY B 50 49.93 15.11 -72.13
CA GLY B 50 50.64 16.18 -71.46
C GLY B 50 49.82 17.46 -71.38
N LYS B 51 50.36 18.43 -70.67
CA LYS B 51 49.72 19.75 -70.54
C LYS B 51 50.58 20.77 -71.27
N GLN B 52 50.39 20.83 -72.59
CA GLN B 52 51.08 21.78 -73.45
C GLN B 52 50.55 21.69 -74.88
N ILE B 53 50.58 22.81 -75.60
CA ILE B 53 50.17 22.80 -77.04
C ILE B 53 51.30 23.44 -77.85
N LYS B 54 51.84 22.73 -78.84
CA LYS B 54 52.97 23.26 -79.65
C LYS B 54 52.51 23.43 -81.10
N LEU B 55 52.75 24.60 -81.68
CA LEU B 55 52.26 24.85 -83.06
C LEU B 55 53.39 25.39 -83.93
N TYR B 56 53.41 25.01 -85.21
CA TYR B 56 54.42 25.51 -86.13
C TYR B 56 53.81 26.64 -86.96
N HIS B 57 54.45 27.81 -86.94
CA HIS B 57 54.03 28.94 -87.75
C HIS B 57 55.17 29.31 -88.70
N TYR B 58 54.86 29.31 -90.00
CA TYR B 58 55.88 29.53 -91.00
C TYR B 58 56.07 31.02 -91.27
N VAL B 59 57.23 31.35 -91.84
CA VAL B 59 57.63 32.74 -92.01
C VAL B 59 57.90 33.01 -93.49
N PRO B 60 57.51 34.18 -94.02
CA PRO B 60 57.81 34.49 -95.42
C PRO B 60 59.31 34.55 -95.68
N LEU B 61 59.69 34.24 -96.92
CA LEU B 61 61.11 34.20 -97.27
C LEU B 61 61.77 35.56 -97.08
N LEU B 62 61.11 36.62 -97.51
CA LEU B 62 61.71 37.94 -97.47
C LEU B 62 61.79 38.52 -96.06
N ASP B 63 61.09 37.93 -95.10
CA ASP B 63 61.11 38.42 -93.73
C ASP B 63 62.50 38.25 -93.13
N ASP B 64 62.84 39.15 -92.20
CA ASP B 64 64.13 39.10 -91.52
C ASP B 64 64.18 38.01 -90.45
N ARG B 65 63.09 37.27 -90.26
CA ARG B 65 63.06 36.14 -89.34
C ARG B 65 63.39 34.83 -90.04
N ASN B 66 63.98 34.89 -91.23
CA ASN B 66 64.29 33.71 -92.04
C ASN B 66 65.77 33.36 -91.99
N VAL B 67 66.39 33.47 -90.81
CA VAL B 67 67.79 33.13 -90.63
C VAL B 67 68.03 31.69 -91.06
N ASN B 68 68.83 31.50 -92.10
CA ASN B 68 69.09 30.17 -92.66
C ASN B 68 70.56 30.04 -93.02
N ASP B 69 71.13 28.87 -92.73
CA ASP B 69 72.48 28.57 -93.16
C ASP B 69 72.56 28.22 -94.65
N GLN B 70 71.42 27.94 -95.27
CA GLN B 70 71.38 27.64 -96.70
C GLN B 70 71.44 28.94 -97.48
N GLY B 71 72.49 29.73 -97.25
CA GLY B 71 72.58 31.07 -97.79
C GLY B 71 73.51 31.16 -98.98
N ILE B 72 73.42 30.19 -99.90
CA ILE B 72 74.22 30.23 -101.11
C ILE B 72 73.88 31.48 -101.91
N ASP B 73 74.85 32.37 -102.07
CA ASP B 73 74.66 33.51 -102.95
C ASP B 73 74.54 32.99 -104.37
N ALA B 74 73.40 33.24 -105.01
CA ALA B 74 73.18 32.75 -106.37
C ALA B 74 74.22 33.28 -107.34
N ALA B 75 74.88 34.38 -107.01
CA ALA B 75 75.90 34.96 -107.88
C ALA B 75 77.32 34.61 -107.46
N GLY B 76 77.54 34.25 -106.20
CA GLY B 76 78.89 33.98 -105.74
C GLY B 76 79.05 32.81 -104.79
N ALA B 77 79.75 33.03 -103.69
CA ALA B 77 80.08 32.00 -102.72
C ALA B 77 78.93 31.90 -101.71
N THR B 78 79.11 31.26 -100.55
CA THR B 78 78.05 31.10 -99.57
C THR B 78 78.08 32.28 -98.61
N ILE B 79 77.08 33.15 -98.71
CA ILE B 79 76.94 34.28 -97.79
C ILE B 79 76.14 33.82 -96.57
N ALA B 80 76.19 34.61 -95.49
CA ALA B 80 75.49 34.25 -94.27
C ALA B 80 73.98 34.42 -94.41
N ASN B 81 73.54 35.57 -94.93
CA ASN B 81 72.13 35.91 -94.98
C ASN B 81 71.35 34.99 -95.91
N GLY B 82 70.42 34.21 -95.35
CA GLY B 82 69.59 33.35 -96.18
C GLY B 82 68.60 34.15 -97.02
N ASN B 83 67.87 35.06 -96.39
CA ASN B 83 66.97 35.93 -97.15
C ASN B 83 67.76 36.97 -97.92
N LEU B 84 67.22 37.39 -99.06
CA LEU B 84 67.94 38.31 -99.93
C LEU B 84 68.03 39.69 -99.30
N TYR B 85 66.89 40.34 -99.09
CA TYR B 85 66.84 41.60 -98.36
C TYR B 85 65.82 41.46 -97.24
N GLY B 86 66.29 40.93 -96.12
CA GLY B 86 65.39 40.64 -95.02
C GLY B 86 64.71 41.87 -94.44
N SER B 87 63.42 42.02 -94.76
CA SER B 87 62.57 43.09 -94.22
C SER B 87 63.26 44.45 -94.31
N SER B 88 63.94 44.66 -95.43
CA SER B 88 64.67 45.94 -95.62
C SER B 88 64.00 46.73 -96.75
N LYS B 89 63.57 47.95 -96.47
CA LYS B 89 62.92 48.77 -97.50
C LYS B 89 63.91 49.84 -97.98
N ASP B 90 65.18 49.72 -97.57
CA ASP B 90 66.21 50.72 -97.95
C ASP B 90 66.44 50.66 -99.46
N ILE B 91 66.17 51.76 -100.16
CA ILE B 91 66.29 51.77 -101.64
C ILE B 91 67.74 51.57 -102.06
N GLY B 92 68.67 51.47 -101.10
CA GLY B 92 70.04 51.20 -101.48
C GLY B 92 70.41 49.74 -101.32
N THR B 93 69.92 49.11 -100.25
CA THR B 93 70.25 47.71 -99.98
C THR B 93 69.58 46.78 -100.98
N ILE B 94 68.31 47.05 -101.30
CA ILE B 94 67.51 46.17 -102.14
C ILE B 94 68.16 45.91 -103.49
N PRO B 95 68.69 46.93 -104.21
CA PRO B 95 69.33 46.64 -105.50
C PRO B 95 70.48 45.64 -105.41
N SER B 96 71.36 45.83 -104.43
CA SER B 96 72.54 44.97 -104.33
C SER B 96 72.16 43.53 -103.99
N LYS B 97 71.11 43.33 -103.22
CA LYS B 97 70.69 42.01 -102.79
C LYS B 97 69.82 41.30 -103.81
N LEU B 98 69.48 41.95 -104.92
CA LEU B 98 68.61 41.34 -105.91
C LEU B 98 69.33 40.18 -106.60
N PRO B 99 68.62 39.09 -106.92
CA PRO B 99 69.26 37.97 -107.60
C PRO B 99 69.48 38.24 -109.08
N ALA B 100 70.73 38.44 -109.47
CA ALA B 100 71.09 38.73 -110.86
C ALA B 100 71.73 37.49 -111.46
N LEU B 101 71.01 36.83 -112.36
CA LEU B 101 71.52 35.66 -113.05
C LEU B 101 72.13 36.06 -114.39
N THR B 102 73.34 35.58 -114.64
CA THR B 102 74.06 35.90 -115.85
C THR B 102 73.57 35.03 -117.02
N GLU B 103 74.33 35.04 -118.11
CA GLU B 103 74.02 34.15 -119.24
C GLU B 103 74.04 32.70 -118.79
N ASN B 104 75.04 32.33 -118.01
CA ASN B 104 75.15 30.99 -117.45
C ASN B 104 74.47 30.94 -116.09
N GLY B 105 74.03 29.75 -115.69
CA GLY B 105 73.35 29.61 -114.39
C GLY B 105 74.33 29.18 -113.32
N GLY B 106 74.25 27.91 -112.90
CA GLY B 106 75.18 27.37 -111.89
C GLY B 106 74.78 27.76 -110.49
N ARG B 107 75.29 27.06 -109.48
CA ARG B 107 74.99 27.42 -108.07
C ARG B 107 75.33 28.90 -107.85
N VAL B 111 68.84 30.30 -101.15
CA VAL B 111 67.88 30.82 -100.19
C VAL B 111 67.53 29.75 -99.16
N GLY B 112 66.74 30.12 -98.16
CA GLY B 112 66.32 29.21 -97.12
C GLY B 112 64.88 29.42 -96.72
N PHE B 113 64.43 28.59 -95.78
CA PHE B 113 63.08 28.69 -95.25
C PHE B 113 63.11 28.27 -93.79
N THR B 114 62.27 28.91 -92.98
CA THR B 114 62.28 28.70 -91.54
C THR B 114 60.86 28.64 -91.01
N ARG B 115 60.72 27.94 -89.88
CA ARG B 115 59.45 27.85 -89.18
C ARG B 115 59.68 28.16 -87.71
N ILE B 116 58.63 28.58 -87.03
CA ILE B 116 58.70 28.99 -85.63
C ILE B 116 57.73 28.15 -84.82
N GLN B 117 58.00 28.02 -83.53
CA GLN B 117 57.27 27.12 -82.65
C GLN B 117 56.59 27.93 -81.54
N LEU B 118 55.29 27.74 -81.39
CA LEU B 118 54.50 28.46 -80.39
C LEU B 118 54.02 27.46 -79.35
N ILE B 119 54.20 27.81 -78.08
CA ILE B 119 53.90 26.91 -76.96
C ILE B 119 52.87 27.56 -76.06
N GLY B 120 51.84 26.78 -75.71
CA GLY B 120 50.84 27.21 -74.75
C GLY B 120 50.80 26.27 -73.57
N SER B 121 49.98 26.65 -72.58
CA SER B 121 49.89 25.89 -71.34
C SER B 121 48.47 25.91 -70.82
N ILE B 122 48.17 24.95 -69.95
CA ILE B 122 46.86 24.83 -69.31
C ILE B 122 47.10 24.76 -67.81
N LYS B 123 46.27 25.47 -67.05
CA LYS B 123 46.41 25.52 -65.60
C LYS B 123 45.11 25.09 -64.93
N LYS B 124 45.20 24.88 -63.62
CA LYS B 124 44.09 24.40 -62.81
C LYS B 124 43.65 25.48 -61.83
N PHE B 125 42.34 25.59 -61.64
CA PHE B 125 41.77 26.55 -60.70
C PHE B 125 40.50 25.96 -60.10
N GLY B 126 40.14 26.47 -58.93
CA GLY B 126 38.92 26.03 -58.28
C GLY B 126 38.76 26.68 -56.93
N PHE B 127 37.60 26.41 -56.33
CA PHE B 127 37.30 26.86 -54.97
C PHE B 127 36.08 26.10 -54.48
N PHE B 128 35.85 26.15 -53.17
CA PHE B 128 34.75 25.39 -52.59
C PHE B 128 34.46 25.90 -51.19
N TYR B 129 33.23 25.67 -50.74
CA TYR B 129 32.73 26.25 -49.51
C TYR B 129 31.93 25.21 -48.73
N GLU B 130 31.82 25.46 -47.42
CA GLU B 130 31.18 24.52 -46.50
C GLU B 130 30.01 25.21 -45.80
N TRP B 131 29.10 24.39 -45.27
CA TRP B 131 27.99 24.87 -44.46
C TRP B 131 27.47 23.72 -43.62
N THR B 132 26.69 24.05 -42.61
CA THR B 132 26.17 23.04 -41.70
C THR B 132 24.64 23.02 -41.73
N GLN B 133 24.08 21.89 -41.30
CA GLN B 133 22.64 21.72 -41.32
C GLN B 133 21.95 22.73 -40.41
N GLU B 134 22.51 22.95 -39.22
CA GLU B 134 21.92 23.88 -38.27
C GLU B 134 21.83 25.29 -38.86
N ALA B 135 22.85 25.68 -39.62
CA ALA B 135 22.85 26.97 -40.28
C ALA B 135 21.67 27.09 -41.24
N MET B 136 21.44 26.04 -42.04
CA MET B 136 20.30 26.07 -42.95
C MET B 136 18.98 25.91 -42.21
N ASP B 137 18.95 25.07 -41.18
CA ASP B 137 17.72 24.76 -40.48
C ASP B 137 17.12 25.98 -39.81
N PHE B 138 17.83 26.57 -38.85
CA PHE B 138 17.32 27.71 -38.09
C PHE B 138 17.73 29.03 -38.71
N ASP B 139 17.47 29.21 -40.00
CA ASP B 139 17.78 30.45 -40.68
C ASP B 139 16.51 31.10 -41.20
N THR B 140 16.46 32.42 -41.15
CA THR B 140 15.24 33.15 -41.47
C THR B 140 14.80 32.94 -42.91
N ASP B 141 15.75 32.66 -43.80
CA ASP B 141 15.46 32.59 -45.22
C ASP B 141 15.54 31.15 -45.71
N GLU B 142 14.59 30.78 -46.58
CA GLU B 142 14.49 29.39 -47.04
C GLU B 142 15.38 29.08 -48.22
N GLU B 143 15.40 29.93 -49.24
CA GLU B 143 16.19 29.71 -50.44
C GLU B 143 17.65 30.12 -50.26
N LEU B 144 18.12 30.19 -49.02
CA LEU B 144 19.53 30.46 -48.76
C LEU B 144 20.43 29.49 -49.53
N ASP B 145 20.01 28.22 -49.62
CA ASP B 145 20.75 27.26 -50.44
C ASP B 145 20.80 27.72 -51.88
N SER B 146 19.66 28.14 -52.42
CA SER B 146 19.63 28.69 -53.77
C SER B 146 20.42 29.98 -53.84
N HIS B 147 20.33 30.80 -52.80
CA HIS B 147 21.05 32.07 -52.78
C HIS B 147 22.56 31.86 -52.84
N LEU B 148 23.06 30.88 -52.09
CA LEU B 148 24.50 30.64 -52.06
C LEU B 148 24.99 30.12 -53.40
N ILE B 149 24.29 29.13 -53.96
CA ILE B 149 24.76 28.53 -55.21
C ILE B 149 24.62 29.51 -56.37
N GLN B 150 23.52 30.29 -56.39
CA GLN B 150 23.35 31.28 -57.45
C GLN B 150 24.42 32.35 -57.37
N GLU B 151 24.75 32.80 -56.16
CA GLU B 151 25.82 33.77 -56.00
C GLU B 151 27.17 33.17 -56.40
N ALA B 152 27.41 31.92 -55.99
CA ALA B 152 28.71 31.30 -56.25
C ALA B 152 28.96 31.14 -57.75
N VAL B 153 27.95 30.68 -58.49
CA VAL B 153 28.15 30.44 -59.92
C VAL B 153 28.34 31.76 -60.65
N LYS B 154 27.62 32.81 -60.24
CA LYS B 154 27.82 34.12 -60.85
C LYS B 154 29.24 34.61 -60.64
N GLY B 155 29.74 34.45 -59.41
CA GLY B 155 31.14 34.77 -59.16
C GLY B 155 32.09 33.89 -59.94
N ALA B 156 31.75 32.61 -60.09
CA ALA B 156 32.61 31.69 -60.83
C ALA B 156 32.79 32.15 -62.27
N ASN B 157 31.71 32.62 -62.90
CA ASN B 157 31.82 33.20 -64.22
C ASN B 157 32.71 34.44 -64.19
N GLU B 158 32.66 35.21 -63.11
CA GLU B 158 33.49 36.39 -62.98
C GLU B 158 34.97 36.01 -62.96
N ILE B 159 35.32 34.95 -62.22
CA ILE B 159 36.71 34.52 -62.14
C ILE B 159 37.21 34.06 -63.50
N THR B 160 36.31 33.56 -64.34
CA THR B 160 36.70 33.10 -65.67
C THR B 160 37.22 34.27 -66.51
N GLU B 161 36.51 35.40 -66.48
CA GLU B 161 36.81 36.50 -67.38
C GLU B 161 38.17 37.14 -67.08
N ASP B 162 38.41 37.50 -65.82
CA ASP B 162 39.64 38.23 -65.51
C ASP B 162 40.88 37.38 -65.75
N GLN B 163 40.73 36.05 -65.70
CA GLN B 163 41.82 35.19 -66.14
C GLN B 163 42.12 35.41 -67.61
N LEU B 164 41.08 35.46 -68.43
CA LEU B 164 41.27 35.74 -69.85
C LEU B 164 41.84 37.15 -70.05
N GLN B 165 41.34 38.11 -69.29
CA GLN B 165 41.80 39.48 -69.41
C GLN B 165 43.27 39.61 -69.00
N ILE B 166 43.65 38.94 -67.91
CA ILE B 166 45.03 39.04 -67.42
C ILE B 166 46.00 38.54 -68.47
N ASP B 167 45.66 37.41 -69.09
CA ASP B 167 46.51 36.87 -70.15
C ASP B 167 46.59 37.84 -71.33
N LEU B 168 45.45 38.44 -71.70
CA LEU B 168 45.44 39.37 -72.82
C LEU B 168 46.28 40.61 -72.53
N LEU B 169 46.11 41.18 -71.34
CA LEU B 169 46.88 42.39 -70.98
C LEU B 169 48.37 42.09 -70.91
N ASN B 170 48.73 40.95 -70.30
CA ASN B 170 50.14 40.62 -70.18
C ASN B 170 50.77 40.33 -71.53
N GLY B 171 50.05 39.68 -72.43
CA GLY B 171 50.59 39.38 -73.74
C GLY B 171 50.11 40.32 -74.81
N ALA B 172 50.96 41.27 -75.19
CA ALA B 172 50.63 42.25 -76.21
C ALA B 172 51.88 42.63 -76.98
N GLY B 173 51.83 42.48 -78.30
CA GLY B 173 52.95 42.86 -79.13
C GLY B 173 53.15 44.36 -79.20
N VAL B 174 52.06 45.10 -79.37
CA VAL B 174 52.13 46.55 -79.49
C VAL B 174 51.83 47.18 -78.13
N VAL B 175 52.87 47.40 -77.34
CA VAL B 175 52.72 48.09 -76.06
C VAL B 175 53.31 49.49 -76.22
N ARG B 176 52.47 50.51 -76.05
CA ARG B 176 52.86 51.89 -76.29
C ARG B 176 52.54 52.73 -75.06
N TYR B 177 53.52 53.51 -74.62
CA TYR B 177 53.35 54.48 -73.57
C TYR B 177 53.38 55.90 -74.14
N PRO B 178 52.59 56.81 -73.57
CA PRO B 178 52.65 58.20 -74.03
C PRO B 178 53.91 58.89 -73.54
N GLY B 179 54.43 59.80 -74.35
CA GLY B 179 55.64 60.50 -73.99
C GLY B 179 56.86 59.59 -74.05
N ALA B 180 57.85 59.90 -73.23
CA ALA B 180 59.10 59.15 -73.20
C ALA B 180 59.06 57.96 -72.25
N ALA B 181 57.93 57.70 -71.60
CA ALA B 181 57.82 56.59 -70.67
C ALA B 181 58.04 55.27 -71.38
N THR B 182 58.78 54.36 -70.72
CA THR B 182 59.04 53.04 -71.25
C THR B 182 58.57 51.92 -70.32
N SER B 183 58.00 52.26 -69.17
CA SER B 183 57.55 51.26 -68.20
C SER B 183 56.38 51.85 -67.45
N ASN B 184 56.04 51.25 -66.31
CA ASN B 184 55.01 51.79 -65.44
C ASN B 184 55.56 52.68 -64.34
N ALA B 185 56.84 52.54 -63.99
CA ALA B 185 57.43 53.35 -62.93
C ALA B 185 57.51 54.82 -63.34
N ASP B 186 58.01 55.08 -64.56
CA ASP B 186 58.12 56.46 -65.03
C ASP B 186 56.74 57.07 -65.26
N MET B 187 55.72 56.23 -65.39
CA MET B 187 54.36 56.66 -65.67
C MET B 187 53.84 57.50 -64.50
N THR B 188 53.61 58.79 -64.71
CA THR B 188 53.33 59.69 -63.59
C THR B 188 52.41 60.83 -64.02
N GLY B 189 51.81 61.47 -63.02
CA GLY B 189 51.00 62.66 -63.22
C GLY B 189 51.56 63.88 -62.51
N GLU B 190 52.73 63.72 -61.87
CA GLU B 190 53.36 64.81 -61.13
C GLU B 190 53.71 66.00 -62.01
N GLY B 191 54.37 65.73 -63.14
CA GLY B 191 54.83 66.78 -64.03
C GLY B 191 53.81 67.06 -65.11
N THR B 192 54.12 66.66 -66.33
CA THR B 192 53.09 66.63 -67.36
C THR B 192 52.48 65.24 -67.36
N ALA B 193 51.25 65.07 -66.89
CA ALA B 193 50.58 63.79 -66.93
C ALA B 193 50.80 63.04 -68.24
N THR B 194 51.44 61.88 -68.14
CA THR B 194 51.62 61.03 -69.32
C THR B 194 50.27 60.41 -69.65
N VAL B 195 49.51 61.10 -70.50
CA VAL B 195 48.12 60.74 -70.76
C VAL B 195 47.98 60.43 -72.25
N VAL B 196 46.83 59.83 -72.59
CA VAL B 196 46.54 59.52 -73.97
C VAL B 196 46.46 60.81 -74.77
N THR B 197 47.02 60.78 -75.98
CA THR B 197 46.95 61.88 -76.92
C THR B 197 46.34 61.39 -78.22
N TYR B 198 45.83 62.32 -79.02
CA TYR B 198 45.27 61.97 -80.31
C TYR B 198 46.31 61.30 -81.20
N GLU B 199 47.52 61.87 -81.26
CA GLU B 199 48.58 61.25 -82.04
C GLU B 199 48.96 59.90 -81.46
N GLY B 200 49.01 59.80 -80.13
CA GLY B 200 49.34 58.55 -79.48
C GLY B 200 48.37 57.44 -79.83
N LEU B 201 47.07 57.75 -79.79
CA LEU B 201 46.08 56.77 -80.24
C LEU B 201 46.24 56.49 -81.73
N VAL B 202 46.47 57.54 -82.52
CA VAL B 202 46.64 57.36 -83.96
C VAL B 202 47.90 56.54 -84.25
N LYS B 203 48.99 56.84 -83.54
CA LYS B 203 50.25 56.15 -83.76
C LYS B 203 50.09 54.64 -83.55
N MET B 204 49.21 54.25 -82.63
CA MET B 204 48.91 52.83 -82.47
C MET B 204 48.24 52.28 -83.73
N GLY B 205 47.24 52.99 -84.26
CA GLY B 205 46.47 52.46 -85.37
C GLY B 205 47.29 52.22 -86.61
N ILE B 206 48.18 53.16 -86.95
CA ILE B 206 49.06 52.94 -88.10
C ILE B 206 49.99 51.77 -87.85
N THR B 207 50.56 51.66 -86.64
CA THR B 207 51.32 50.47 -86.30
C THR B 207 50.44 49.24 -86.23
N LEU B 208 49.18 49.41 -85.85
CA LEU B 208 48.23 48.32 -85.75
C LEU B 208 47.81 47.80 -87.12
N ASN B 209 48.32 48.41 -88.20
CA ASN B 209 48.04 47.98 -89.55
C ASN B 209 48.92 46.82 -89.99
N ASP B 210 49.45 46.08 -89.01
CA ASP B 210 50.24 44.86 -89.34
C ASP B 210 49.26 43.71 -89.52
N ASN B 211 48.28 43.87 -90.43
CA ASN B 211 47.24 42.83 -90.68
C ASN B 211 46.44 42.57 -89.39
N LEU B 212 46.56 43.46 -88.41
CA LEU B 212 45.85 43.29 -87.12
C LEU B 212 44.56 44.12 -87.14
N CYS B 213 43.44 43.49 -86.80
CA CYS B 213 42.81 42.51 -87.71
C CYS B 213 41.86 43.24 -88.67
N PRO B 214 41.45 42.63 -89.81
CA PRO B 214 40.48 43.24 -90.71
C PRO B 214 39.53 44.22 -90.03
N MET B 215 39.57 45.49 -90.45
CA MET B 215 38.70 46.54 -89.85
C MET B 215 37.36 45.96 -89.38
N GLN B 216 37.26 45.56 -88.12
CA GLN B 216 35.99 45.12 -87.56
C GLN B 216 34.82 45.89 -88.13
N THR B 217 34.82 47.21 -87.96
CA THR B 217 33.71 48.03 -88.43
C THR B 217 34.11 48.80 -89.69
N LYS B 218 33.10 49.20 -90.44
CA LYS B 218 33.29 49.86 -91.72
C LYS B 218 33.09 51.37 -91.57
N LEU B 219 33.13 52.07 -92.70
CA LEU B 219 32.88 53.50 -92.71
C LEU B 219 31.42 53.81 -92.39
N ILE B 220 31.18 54.99 -91.84
CA ILE B 220 29.84 55.48 -91.56
C ILE B 220 29.73 56.86 -92.19
N ALA B 221 28.96 56.96 -93.28
CA ALA B 221 28.82 58.23 -93.99
C ALA B 221 27.77 59.11 -93.32
N GLY B 222 26.53 58.65 -93.30
CA GLY B 222 25.44 59.35 -92.62
C GLY B 222 25.30 60.82 -92.97
N SER B 223 24.91 61.10 -94.22
CA SER B 223 24.79 62.49 -94.70
C SER B 223 23.44 63.09 -94.36
N LEU B 224 22.77 62.62 -93.31
CA LEU B 224 21.46 63.14 -92.93
C LEU B 224 21.43 63.60 -91.48
N MET B 225 20.24 63.90 -90.98
CA MET B 225 20.04 64.52 -89.68
C MET B 225 20.82 65.82 -89.58
N THR B 226 20.99 66.34 -88.36
CA THR B 226 21.63 67.65 -88.23
C THR B 226 22.95 67.60 -87.47
N ASP B 227 22.94 67.10 -86.23
CA ASP B 227 24.12 67.10 -85.39
C ASP B 227 24.79 65.73 -85.42
N THR B 228 25.30 65.38 -86.60
CA THR B 228 25.93 64.09 -86.82
C THR B 228 27.31 64.29 -87.41
N ARG B 229 28.20 63.33 -87.15
CA ARG B 229 29.55 63.34 -87.68
C ARG B 229 29.88 61.96 -88.23
N THR B 230 30.74 61.94 -89.24
CA THR B 230 31.15 60.69 -89.87
C THR B 230 32.35 60.10 -89.14
N ILE B 231 32.32 58.79 -88.94
CA ILE B 231 33.39 58.09 -88.23
C ILE B 231 34.03 57.08 -89.17
N GLN B 232 35.36 57.10 -89.20
CA GLN B 232 36.14 56.25 -90.10
C GLN B 232 36.16 54.81 -89.60
N GLY B 233 36.52 53.89 -90.50
CA GLY B 233 36.61 52.48 -90.16
C GLY B 233 37.54 52.25 -88.99
N ALA B 234 37.08 51.47 -88.00
CA ALA B 234 37.75 51.42 -86.71
C ALA B 234 37.83 49.98 -86.23
N ARG B 235 38.60 49.80 -85.16
CA ARG B 235 38.71 48.54 -84.44
C ARG B 235 38.29 48.78 -82.99
N ALA B 236 37.45 47.90 -82.46
CA ALA B 236 36.94 48.07 -81.11
C ALA B 236 38.06 48.09 -80.09
N LEU B 237 38.05 49.12 -79.23
CA LEU B 237 39.05 49.28 -78.19
C LEU B 237 38.33 49.24 -76.85
N TYR B 238 38.81 48.37 -75.96
CA TYR B 238 38.20 48.24 -74.65
C TYR B 238 38.92 49.12 -73.65
N ILE B 239 38.17 50.04 -73.04
CA ILE B 239 38.75 51.04 -72.15
C ILE B 239 37.87 51.16 -70.91
N GLY B 240 38.53 51.23 -69.75
CA GLY B 240 37.83 51.24 -68.48
C GLY B 240 36.95 52.45 -68.28
N SER B 241 35.94 52.28 -67.40
CA SER B 241 34.95 53.31 -67.18
C SER B 241 35.52 54.58 -66.57
N GLU B 242 36.62 54.48 -65.83
CA GLU B 242 37.19 55.66 -65.17
C GLU B 242 37.81 56.63 -66.18
N LEU B 243 38.15 56.16 -67.38
CA LEU B 243 38.84 57.00 -68.35
C LEU B 243 37.90 57.87 -69.18
N GLU B 244 36.59 57.72 -69.05
CA GLU B 244 35.65 58.46 -69.88
C GLU B 244 35.92 59.96 -69.83
N LEU B 245 36.18 60.48 -68.63
CA LEU B 245 36.48 61.89 -68.49
C LEU B 245 37.72 62.28 -69.28
N GLN B 246 38.76 61.45 -69.19
CA GLN B 246 40.02 61.76 -69.89
C GLN B 246 39.82 61.77 -71.39
N LEU B 247 39.07 60.80 -71.92
CA LEU B 247 38.81 60.78 -73.35
C LEU B 247 37.96 61.97 -73.77
N ARG B 248 37.05 62.41 -72.91
CA ARG B 248 36.28 63.62 -73.22
C ARG B 248 37.17 64.86 -73.15
N LYS B 249 38.32 64.74 -72.45
CA LYS B 249 39.36 65.76 -72.37
C LYS B 249 40.33 65.72 -73.55
N MET B 250 40.02 64.97 -74.60
CA MET B 250 40.99 64.76 -75.66
C MET B 250 40.85 65.82 -76.75
N LYS B 251 41.99 66.39 -77.14
CA LYS B 251 42.06 67.47 -78.11
C LYS B 251 42.66 66.93 -79.40
N ASP B 252 41.98 67.18 -80.52
CA ASP B 252 42.53 66.83 -81.81
C ASP B 252 43.62 67.82 -82.19
N PRO B 253 44.47 67.48 -83.17
CA PRO B 253 45.52 68.42 -83.59
C PRO B 253 44.98 69.76 -84.06
N PHE B 254 43.79 69.78 -84.66
CA PHE B 254 43.20 71.03 -85.12
C PHE B 254 42.45 71.73 -83.99
N ASP B 255 42.71 71.30 -82.76
CA ASP B 255 42.24 71.97 -81.55
C ASP B 255 40.73 71.86 -81.36
N ASN B 256 40.06 71.06 -82.19
CA ASN B 256 38.64 70.83 -82.00
C ASN B 256 38.40 69.59 -81.17
N ALA B 257 37.14 69.14 -81.15
CA ALA B 257 36.79 67.93 -80.44
C ALA B 257 37.43 66.71 -81.09
N ALA B 258 37.93 65.80 -80.25
CA ALA B 258 38.49 64.55 -80.76
C ALA B 258 37.55 63.39 -80.48
N PHE B 259 37.15 63.21 -79.22
CA PHE B 259 36.17 62.20 -78.88
C PHE B 259 34.79 62.58 -79.39
N ILE B 260 34.20 61.73 -80.20
CA ILE B 260 32.87 61.97 -80.75
C ILE B 260 31.88 61.10 -79.99
N PRO B 261 30.88 61.68 -79.32
CA PRO B 261 29.88 60.87 -78.63
C PRO B 261 29.15 59.95 -79.60
N VAL B 262 28.75 58.78 -79.09
CA VAL B 262 28.15 57.75 -79.93
C VAL B 262 26.86 58.23 -80.58
N GLN B 263 26.17 59.21 -79.99
CA GLN B 263 24.91 59.67 -80.54
C GLN B 263 25.07 60.17 -81.98
N GLN B 264 26.24 60.71 -82.33
CA GLN B 264 26.45 61.22 -83.67
C GLN B 264 26.49 60.12 -84.72
N TYR B 265 26.65 58.86 -84.32
CA TYR B 265 26.60 57.75 -85.27
C TYR B 265 25.28 57.02 -85.28
N ALA B 266 24.45 57.20 -84.24
CA ALA B 266 23.31 56.34 -83.98
C ALA B 266 22.36 56.23 -85.17
N ASP B 267 22.02 57.37 -85.79
CA ASP B 267 21.09 57.34 -86.90
C ASP B 267 21.65 56.57 -88.09
N ALA B 268 22.94 56.76 -88.38
CA ALA B 268 23.53 56.18 -89.58
C ALA B 268 23.97 54.74 -89.40
N GLY B 269 24.91 54.50 -88.49
CA GLY B 269 25.52 53.19 -88.38
C GLY B 269 24.98 52.36 -87.24
N ASN B 270 25.34 51.09 -87.26
CA ASN B 270 24.97 50.18 -86.19
C ASN B 270 25.97 50.27 -85.05
N LEU B 271 25.47 50.20 -83.82
CA LEU B 271 26.30 50.38 -82.65
C LEU B 271 26.73 49.04 -82.06
N LEU B 272 27.84 49.07 -81.34
CA LEU B 272 28.31 47.91 -80.60
C LEU B 272 27.84 47.98 -79.16
N LYS B 273 27.87 46.84 -78.49
CA LYS B 273 27.32 46.76 -77.15
C LYS B 273 28.22 47.51 -76.17
N GLY B 274 27.63 48.44 -75.43
CA GLY B 274 28.39 49.29 -74.55
C GLY B 274 29.34 50.24 -75.25
N GLU B 275 28.90 50.85 -76.35
CA GLU B 275 29.75 51.78 -77.11
C GLU B 275 29.57 53.20 -76.59
N ILE B 276 30.68 53.86 -76.30
CA ILE B 276 30.65 55.23 -75.80
C ILE B 276 30.87 56.24 -76.92
N GLY B 277 31.84 55.96 -77.79
CA GLY B 277 32.15 56.87 -78.89
C GLY B 277 33.20 56.29 -79.80
N SER B 278 34.06 57.14 -80.36
CA SER B 278 35.12 56.66 -81.23
C SER B 278 36.12 57.78 -81.46
N ILE B 279 37.40 57.44 -81.39
CA ILE B 279 38.48 58.35 -81.76
C ILE B 279 39.30 57.66 -82.85
N ALA B 280 39.43 58.34 -83.99
CA ALA B 280 40.24 57.87 -85.13
C ALA B 280 39.79 56.45 -85.48
N SER B 281 40.66 55.46 -85.46
CA SER B 281 40.33 54.09 -85.83
C SER B 281 40.00 53.21 -84.64
N PHE B 282 39.39 53.76 -83.60
CA PHE B 282 39.03 52.99 -82.42
C PHE B 282 37.60 53.34 -82.02
N ARG B 283 36.79 52.33 -81.71
CA ARG B 283 35.47 52.54 -81.16
C ARG B 283 35.53 52.30 -79.66
N VAL B 284 34.98 53.24 -78.88
CA VAL B 284 35.14 53.20 -77.43
C VAL B 284 34.13 52.22 -76.84
N ILE B 285 34.65 51.14 -76.26
CA ILE B 285 33.83 50.13 -75.58
C ILE B 285 34.21 50.17 -74.11
N VAL B 286 33.21 50.28 -73.24
CA VAL B 286 33.46 50.36 -71.81
C VAL B 286 33.21 49.00 -71.18
N VAL B 287 34.16 48.55 -70.36
CA VAL B 287 34.06 47.30 -69.63
C VAL B 287 34.02 47.63 -68.14
N PRO B 288 32.96 47.28 -67.41
CA PRO B 288 32.92 47.58 -65.98
C PRO B 288 33.98 46.86 -65.17
N LYS B 289 34.55 45.78 -65.67
CA LYS B 289 35.48 44.94 -64.93
C LYS B 289 36.82 44.82 -65.64
N MET B 290 37.32 45.91 -66.22
CA MET B 290 38.64 45.85 -66.82
C MET B 290 39.67 46.34 -65.81
N LEU B 291 40.77 45.62 -65.72
CA LEU B 291 41.72 45.75 -64.63
C LEU B 291 42.59 46.98 -64.81
N LYS B 292 43.33 47.34 -63.75
CA LYS B 292 44.26 48.45 -63.81
C LYS B 292 45.46 48.19 -62.91
N TRP B 293 46.61 48.74 -63.32
CA TRP B 293 47.76 48.80 -62.42
C TRP B 293 47.57 49.94 -61.42
N ALA B 294 47.31 49.59 -60.16
CA ALA B 294 46.95 50.60 -59.18
C ALA B 294 48.17 51.31 -58.62
N GLY B 295 49.03 50.57 -57.91
CA GLY B 295 50.18 51.19 -57.28
C GLY B 295 51.45 51.04 -58.09
N ALA B 296 51.34 51.18 -59.41
CA ALA B 296 52.46 50.96 -60.30
C ALA B 296 53.05 52.25 -60.88
N GLY B 297 52.43 53.39 -60.61
CA GLY B 297 52.92 54.64 -61.16
C GLY B 297 54.11 55.20 -60.39
N ALA B 298 54.15 56.52 -60.23
CA ALA B 298 55.18 57.18 -59.46
C ALA B 298 54.59 57.70 -58.16
N THR B 299 55.44 57.84 -57.15
CA THR B 299 54.99 58.33 -55.85
C THR B 299 54.36 59.71 -55.99
N VAL B 300 53.18 59.87 -55.37
CA VAL B 300 52.47 61.13 -55.50
C VAL B 300 53.07 62.16 -54.54
N THR B 301 53.10 63.41 -54.99
CA THR B 301 53.56 64.52 -54.16
C THR B 301 52.52 65.61 -53.98
N THR B 302 51.69 65.90 -54.98
CA THR B 302 50.66 66.92 -54.84
C THR B 302 49.32 66.42 -55.39
N ASN B 303 49.35 65.34 -56.17
CA ASN B 303 48.16 64.76 -56.78
C ASN B 303 47.31 65.81 -57.48
N PRO B 304 47.72 66.27 -58.67
CA PRO B 304 46.95 67.30 -59.39
C PRO B 304 45.49 66.94 -59.62
N GLY B 305 45.09 65.73 -59.27
CA GLY B 305 43.71 65.31 -59.44
C GLY B 305 43.57 64.04 -60.24
N TYR B 306 44.62 63.22 -60.27
CA TYR B 306 44.64 61.99 -61.03
C TYR B 306 44.49 60.80 -60.07
N TYR B 307 44.02 59.68 -60.61
CA TYR B 307 43.80 58.49 -59.80
C TYR B 307 45.11 57.97 -59.21
N ALA B 308 45.08 57.63 -57.93
CA ALA B 308 46.24 57.10 -57.23
C ALA B 308 45.77 56.40 -55.97
N THR B 309 46.15 55.13 -55.81
CA THR B 309 45.61 54.35 -54.70
C THR B 309 46.52 54.35 -53.47
N SER B 310 47.72 53.78 -53.59
CA SER B 310 48.63 53.71 -52.45
C SER B 310 49.73 54.77 -52.62
N GLY B 311 49.29 56.03 -52.67
CA GLY B 311 50.22 57.12 -52.87
C GLY B 311 50.99 57.00 -54.17
N LYS B 312 50.47 56.20 -55.10
CA LYS B 312 51.12 55.94 -56.37
C LYS B 312 50.06 56.01 -57.46
N TYR B 313 50.38 56.68 -58.56
CA TYR B 313 49.39 56.90 -59.60
C TYR B 313 48.98 55.58 -60.24
N ASP B 314 47.71 55.52 -60.67
CA ASP B 314 47.14 54.32 -61.25
C ASP B 314 47.32 54.36 -62.75
N VAL B 315 47.95 53.31 -63.29
CA VAL B 315 48.16 53.19 -64.73
C VAL B 315 46.97 52.44 -65.31
N PHE B 316 46.37 53.00 -66.36
CA PHE B 316 45.18 52.34 -66.86
C PHE B 316 45.43 51.77 -68.25
N PRO B 317 44.83 50.63 -68.57
CA PRO B 317 45.07 50.02 -69.88
C PRO B 317 44.05 50.42 -70.93
N MET B 318 44.43 50.32 -72.21
CA MET B 318 43.51 50.50 -73.33
C MET B 318 43.83 49.38 -74.32
N LEU B 319 43.01 48.33 -74.29
CA LEU B 319 43.27 47.12 -75.07
C LEU B 319 42.32 47.02 -76.25
N CYS B 320 42.85 46.60 -77.39
CA CYS B 320 42.06 46.32 -78.60
C CYS B 320 42.49 44.94 -79.11
N VAL B 321 41.53 44.00 -79.09
CA VAL B 321 41.81 42.65 -79.55
C VAL B 321 41.32 42.50 -80.98
N GLY B 322 42.20 42.03 -81.85
CA GLY B 322 41.84 41.84 -83.24
C GLY B 322 41.63 40.39 -83.63
N SER B 323 40.37 39.98 -83.74
CA SER B 323 39.93 38.67 -84.22
C SER B 323 40.87 37.53 -83.84
N GLY B 324 41.38 36.82 -84.85
CA GLY B 324 42.17 35.62 -84.63
C GLY B 324 43.59 35.91 -84.16
N SER B 325 43.73 36.39 -82.94
CA SER B 325 45.03 36.64 -82.34
C SER B 325 45.34 35.70 -81.17
N PHE B 326 44.35 35.03 -80.60
CA PHE B 326 44.55 34.18 -79.44
C PHE B 326 43.48 33.10 -79.42
N THR B 327 43.77 32.01 -78.74
CA THR B 327 42.83 30.91 -78.59
C THR B 327 42.83 30.43 -77.14
N THR B 328 41.72 29.83 -76.73
CA THR B 328 41.55 29.31 -75.39
C THR B 328 41.72 27.79 -75.44
N ILE B 329 42.64 27.28 -74.63
CA ILE B 329 42.88 25.84 -74.61
C ILE B 329 41.93 25.19 -73.61
N GLY B 330 41.23 24.16 -74.06
CA GLY B 330 40.31 23.44 -73.20
C GLY B 330 40.68 21.97 -73.06
N PHE B 331 40.76 21.48 -71.84
CA PHE B 331 41.17 20.10 -71.60
C PHE B 331 40.04 19.15 -71.93
N GLN B 332 38.95 19.24 -71.17
CA GLN B 332 37.77 18.41 -71.41
C GLN B 332 36.53 19.22 -71.72
N THR B 333 36.64 20.55 -71.77
CA THR B 333 35.50 21.40 -72.07
C THR B 333 34.96 21.07 -73.46
N ASP B 334 33.63 20.91 -73.54
CA ASP B 334 32.97 20.52 -74.79
C ASP B 334 32.83 21.73 -75.71
N GLY B 335 33.98 22.24 -76.15
CA GLY B 335 34.04 23.37 -77.04
C GLY B 335 34.00 24.72 -76.36
N LYS B 336 33.75 24.76 -75.06
CA LYS B 336 33.74 26.02 -74.33
C LYS B 336 35.14 26.35 -73.83
N THR B 337 35.33 27.61 -73.43
CA THR B 337 36.61 28.01 -72.86
C THR B 337 36.86 27.31 -71.53
N VAL B 338 35.85 27.27 -70.67
CA VAL B 338 35.97 26.66 -69.34
C VAL B 338 34.68 25.90 -69.06
N LYS B 339 34.81 24.66 -68.60
CA LYS B 339 33.68 23.88 -68.10
C LYS B 339 33.90 23.70 -66.60
N PHE B 340 32.94 24.18 -65.81
CA PHE B 340 33.03 24.01 -64.37
C PHE B 340 32.59 22.62 -63.97
N THR B 341 33.32 22.01 -63.04
CA THR B 341 32.97 20.71 -62.48
C THR B 341 32.55 20.93 -61.04
N THR B 342 31.35 20.48 -60.70
CA THR B 342 30.77 20.75 -59.39
C THR B 342 30.41 19.45 -58.67
N TYR B 343 30.73 19.41 -57.38
CA TYR B 343 30.32 18.34 -56.49
C TYR B 343 29.58 18.95 -55.30
N THR B 344 28.74 18.14 -54.66
CA THR B 344 27.96 18.61 -53.52
C THR B 344 27.62 17.42 -52.63
N LYS B 345 28.11 17.45 -51.40
CA LYS B 345 27.76 16.46 -50.38
C LYS B 345 26.87 17.16 -49.35
N LYS B 346 25.56 17.00 -49.50
CA LYS B 346 24.64 17.59 -48.54
C LYS B 346 24.78 16.90 -47.19
N PRO B 347 24.56 17.63 -46.08
CA PRO B 347 24.68 17.01 -44.76
C PRO B 347 23.71 15.85 -44.61
N GLY B 348 24.15 14.83 -43.87
CA GLY B 348 23.37 13.62 -43.74
C GLY B 348 24.24 12.39 -43.54
N ILE B 349 24.06 11.39 -44.40
CA ILE B 349 24.84 10.16 -44.33
C ILE B 349 26.33 10.40 -44.61
N GLU B 350 26.62 11.55 -45.22
CA GLU B 350 28.01 11.86 -45.62
C GLU B 350 28.63 12.80 -44.59
N THR B 351 29.95 13.02 -44.65
CA THR B 351 30.66 13.85 -43.65
C THR B 351 30.65 13.17 -42.28
N VAL B 352 29.53 12.54 -41.90
CA VAL B 352 29.52 11.15 -41.36
C VAL B 352 30.82 10.46 -41.74
N SER B 353 31.87 10.66 -40.95
CA SER B 353 33.19 10.05 -41.20
C SER B 353 33.93 10.03 -39.86
N TYR B 354 35.06 9.35 -39.76
CA TYR B 354 35.71 9.36 -38.46
C TYR B 354 35.97 10.78 -37.97
N ALA B 355 36.04 11.73 -38.90
CA ALA B 355 36.14 13.14 -38.51
C ALA B 355 34.84 13.63 -37.89
N ASP B 356 33.70 13.32 -38.53
CA ASP B 356 32.40 13.79 -38.08
C ASP B 356 31.41 12.62 -38.05
N PRO B 357 31.36 11.87 -36.96
CA PRO B 357 30.38 10.77 -36.88
C PRO B 357 28.94 11.24 -37.01
N TYR B 358 28.61 12.41 -36.44
CA TYR B 358 27.23 12.86 -36.47
C TYR B 358 26.84 13.35 -37.87
N GLY B 359 27.82 13.74 -38.67
CA GLY B 359 27.56 14.17 -40.04
C GLY B 359 26.71 15.42 -40.14
N GLU B 360 27.22 16.54 -39.64
CA GLU B 360 26.46 17.78 -39.63
C GLU B 360 27.00 18.83 -40.59
N MET B 361 27.92 18.47 -41.48
CA MET B 361 28.54 19.43 -42.38
C MET B 361 28.08 19.20 -43.82
N GLY B 362 28.09 20.29 -44.58
CA GLY B 362 27.78 20.22 -45.99
C GLY B 362 28.93 20.76 -46.81
N LEU B 363 28.93 20.40 -48.09
CA LEU B 363 30.07 20.68 -48.93
C LEU B 363 29.63 20.86 -50.37
N THR B 364 30.22 21.85 -51.05
CA THR B 364 30.00 22.10 -52.47
C THR B 364 31.28 22.63 -53.08
N SER B 365 31.68 22.05 -54.22
CA SER B 365 32.96 22.37 -54.84
C SER B 365 32.78 22.75 -56.30
N ILE B 366 33.61 23.70 -56.76
CA ILE B 366 33.66 24.10 -58.16
C ILE B 366 35.11 23.98 -58.60
N LYS B 367 35.37 23.15 -59.61
CA LYS B 367 36.69 23.05 -60.23
C LYS B 367 36.56 23.21 -61.75
N TRP B 368 37.63 23.72 -62.36
CA TRP B 368 37.64 23.92 -63.80
C TRP B 368 39.09 24.03 -64.28
N TYR B 369 39.26 23.97 -65.59
CA TYR B 369 40.56 24.05 -66.24
C TYR B 369 40.56 25.22 -67.21
N TYR B 370 41.59 26.06 -67.12
CA TYR B 370 41.70 27.24 -67.97
C TYR B 370 43.11 27.35 -68.55
N GLY B 371 43.19 27.75 -69.81
CA GLY B 371 44.47 27.94 -70.46
C GLY B 371 44.27 28.55 -71.82
N SER B 372 45.20 29.41 -72.22
CA SER B 372 45.06 30.13 -73.48
C SER B 372 46.45 30.32 -74.11
N LEU B 373 46.43 30.51 -75.42
CA LEU B 373 47.64 30.76 -76.20
C LEU B 373 47.40 31.94 -77.11
N ILE B 374 48.38 32.84 -77.19
CA ILE B 374 48.29 34.00 -78.06
C ILE B 374 48.97 33.71 -79.38
N LEU B 375 48.18 33.48 -80.43
CA LEU B 375 48.74 33.15 -81.74
C LEU B 375 49.59 34.30 -82.28
N ARG B 376 49.07 35.51 -82.22
CA ARG B 376 49.74 36.68 -82.80
C ARG B 376 49.76 37.80 -81.76
N PRO B 377 50.80 37.86 -80.92
CA PRO B 377 50.89 38.98 -79.97
C PRO B 377 50.92 40.34 -80.64
N GLU B 378 51.53 40.44 -81.82
CA GLU B 378 51.55 41.69 -82.57
C GLU B 378 50.16 42.14 -82.99
N TRP B 379 49.16 41.26 -82.95
CA TRP B 379 47.78 41.62 -83.21
C TRP B 379 47.08 42.17 -81.98
N ILE B 380 47.77 42.24 -80.85
CA ILE B 380 47.20 42.74 -79.60
C ILE B 380 47.93 44.02 -79.24
N ALA B 381 47.18 45.10 -79.08
CA ALA B 381 47.74 46.41 -78.79
C ALA B 381 47.23 46.91 -77.44
N LEU B 382 48.13 47.53 -76.69
CA LEU B 382 47.81 48.01 -75.35
C LEU B 382 48.40 49.40 -75.16
N PHE B 383 47.58 50.34 -74.70
CA PHE B 383 48.02 51.68 -74.35
C PHE B 383 47.78 51.94 -72.88
N LYS B 384 48.71 52.64 -72.24
CA LYS B 384 48.64 52.94 -70.82
C LYS B 384 48.51 54.44 -70.60
N THR B 385 47.73 54.81 -69.59
CA THR B 385 47.51 56.21 -69.28
C THR B 385 47.04 56.35 -67.83
N VAL B 386 47.12 57.58 -67.32
CA VAL B 386 46.59 57.93 -66.01
C VAL B 386 45.41 58.87 -66.21
N ALA B 387 44.27 58.53 -65.61
CA ALA B 387 43.10 59.38 -65.68
C ALA B 387 42.95 60.21 -64.41
N ALA B 388 41.97 61.10 -64.42
CA ALA B 388 41.67 61.95 -63.27
C ALA B 388 41.20 61.12 -62.09
N LYS C 2 45.65 -38.92 -14.05
CA LYS C 2 44.92 -38.06 -13.13
C LYS C 2 44.74 -36.69 -13.75
N TYR C 3 43.51 -36.19 -13.76
CA TYR C 3 43.23 -34.83 -14.23
C TYR C 3 43.31 -33.89 -13.04
N ASN C 4 44.55 -33.58 -12.65
CA ASN C 4 44.78 -32.75 -11.47
C ASN C 4 44.23 -31.33 -11.69
N ALA C 5 44.94 -30.54 -12.49
CA ALA C 5 44.52 -29.14 -12.67
C ALA C 5 45.32 -28.55 -13.82
N PRO C 6 44.77 -28.55 -15.05
CA PRO C 6 45.51 -28.08 -16.20
C PRO C 6 46.26 -26.86 -15.77
N ASN C 7 45.53 -25.90 -15.20
CA ASN C 7 46.21 -24.71 -14.65
C ASN C 7 47.25 -25.21 -13.65
N THR C 8 48.52 -25.16 -14.05
CA THR C 8 49.68 -25.16 -13.14
C THR C 8 50.07 -26.60 -12.84
N THR C 9 49.13 -27.43 -12.37
CA THR C 9 49.45 -28.86 -12.16
C THR C 9 49.04 -29.61 -13.41
N PRO C 10 49.93 -29.80 -14.40
CA PRO C 10 49.51 -30.39 -15.68
C PRO C 10 48.88 -31.76 -15.50
N SER C 11 47.95 -32.08 -16.39
CA SER C 11 47.36 -33.41 -16.41
C SER C 11 48.40 -34.44 -16.84
N SER C 12 48.09 -35.71 -16.56
CA SER C 12 49.03 -36.78 -16.85
C SER C 12 49.35 -36.87 -18.35
N ILE C 13 48.32 -36.78 -19.19
CA ILE C 13 48.54 -36.90 -20.63
C ILE C 13 49.31 -35.69 -21.17
N GLY C 14 48.91 -34.49 -20.75
CA GLY C 14 49.57 -33.29 -21.21
C GLY C 14 48.65 -32.08 -21.23
N PRO C 15 48.94 -31.13 -22.10
CA PRO C 15 48.15 -29.90 -22.15
C PRO C 15 46.69 -30.18 -22.47
N GLN C 16 45.80 -29.42 -21.84
CA GLN C 16 44.36 -29.50 -22.08
C GLN C 16 43.94 -28.25 -22.85
N ILE C 17 43.38 -28.46 -24.04
CA ILE C 17 43.02 -27.34 -24.90
C ILE C 17 41.89 -26.53 -24.27
N ARG C 18 40.88 -27.21 -23.76
CA ARG C 18 39.68 -26.56 -23.24
C ARG C 18 39.63 -26.66 -21.72
N LEU C 19 39.38 -25.51 -21.08
CA LEU C 19 39.27 -25.44 -19.63
C LEU C 19 38.07 -24.65 -19.14
N ASP C 20 37.45 -23.81 -19.96
CA ASP C 20 36.29 -23.03 -19.57
C ASP C 20 35.19 -23.25 -20.58
N TYR C 21 34.00 -23.63 -20.09
CA TYR C 21 32.87 -23.94 -20.95
C TYR C 21 32.03 -22.69 -21.12
N TYR C 22 31.96 -22.18 -22.35
CA TYR C 22 31.26 -20.94 -22.65
C TYR C 22 29.78 -21.24 -22.81
N TYR C 23 28.98 -20.78 -21.86
CA TYR C 23 27.53 -20.90 -21.95
C TYR C 23 27.01 -19.71 -22.75
N LYS C 24 26.41 -19.99 -23.90
CA LYS C 24 26.12 -18.96 -24.89
C LYS C 24 25.16 -17.89 -24.36
N LYS C 25 24.11 -18.32 -23.66
CA LYS C 25 23.11 -17.39 -23.15
C LYS C 25 23.73 -16.36 -22.22
N ALA C 26 23.47 -15.09 -22.48
CA ALA C 26 24.08 -14.00 -21.74
C ALA C 26 23.10 -13.40 -20.75
N LEU C 27 23.65 -12.75 -19.73
CA LEU C 27 22.85 -12.11 -18.69
C LEU C 27 22.85 -10.60 -18.93
N VAL C 28 21.66 -10.05 -19.18
CA VAL C 28 21.51 -8.64 -19.51
C VAL C 28 20.44 -8.04 -18.60
N ASP C 29 20.60 -6.76 -18.28
CA ASP C 29 19.61 -6.07 -17.46
C ASP C 29 18.46 -5.57 -18.33
N ALA C 30 17.26 -5.61 -17.76
CA ALA C 30 16.09 -5.08 -18.46
C ALA C 30 16.14 -3.55 -18.44
N ALA C 31 15.48 -2.95 -19.45
CA ALA C 31 15.41 -1.51 -19.53
C ALA C 31 14.55 -0.96 -18.40
N LYS C 32 15.04 0.08 -17.74
CA LYS C 32 14.27 0.71 -16.68
C LYS C 32 12.97 1.28 -17.23
N GLU C 33 11.87 1.01 -16.55
CA GLU C 33 10.58 1.52 -16.99
C GLU C 33 10.54 3.04 -16.86
N MET C 34 9.96 3.67 -17.87
CA MET C 34 9.89 5.12 -17.95
C MET C 34 8.56 5.62 -17.41
N TYR C 35 8.59 6.80 -16.79
CA TYR C 35 7.39 7.39 -16.20
C TYR C 35 7.14 8.83 -16.61
N PHE C 36 8.14 9.56 -17.08
CA PHE C 36 7.98 10.99 -17.37
C PHE C 36 7.70 11.27 -18.84
N GLY C 37 8.28 10.48 -19.74
CA GLY C 37 8.18 10.77 -21.16
C GLY C 37 6.88 10.33 -21.81
N GLN C 38 5.78 10.35 -21.05
CA GLN C 38 4.48 10.02 -21.59
C GLN C 38 3.40 11.04 -21.23
N LEU C 39 3.70 12.02 -20.39
CA LEU C 39 2.75 13.06 -20.01
C LEU C 39 3.02 14.38 -20.71
N ALA C 40 3.56 14.34 -21.92
CA ALA C 40 3.94 15.53 -22.66
C ALA C 40 3.22 15.59 -23.99
N GLU C 41 2.88 16.82 -24.37
CA GLU C 41 2.40 17.10 -25.72
C GLU C 41 3.48 17.90 -26.46
N VAL C 42 3.42 17.88 -27.78
CA VAL C 42 4.52 18.31 -28.62
C VAL C 42 4.11 19.56 -29.38
N THR C 43 5.00 20.55 -29.39
CA THR C 43 4.87 21.72 -30.25
C THR C 43 5.75 21.50 -31.48
N ASN C 44 5.21 21.87 -32.64
CA ASN C 44 5.83 21.48 -33.90
C ASN C 44 7.20 22.14 -34.09
N MET C 45 7.36 23.39 -33.64
CA MET C 45 8.62 24.12 -33.74
C MET C 45 9.14 24.10 -35.17
N PRO C 46 8.53 24.87 -36.08
CA PRO C 46 8.86 24.77 -37.50
C PRO C 46 10.32 25.10 -37.77
N LYS C 47 10.77 24.71 -38.95
CA LYS C 47 12.09 25.07 -39.41
C LYS C 47 12.15 26.57 -39.69
N ASN C 48 13.36 27.07 -39.94
CA ASN C 48 13.57 28.50 -40.21
C ASN C 48 13.19 29.37 -39.02
N MET C 49 13.10 28.76 -37.85
CA MET C 49 12.79 29.47 -36.61
C MET C 49 14.11 29.84 -35.93
N GLY C 50 14.11 30.32 -34.69
CA GLY C 50 15.35 30.69 -34.04
C GLY C 50 15.64 29.87 -32.81
N LYS C 51 15.35 28.57 -32.86
CA LYS C 51 15.58 27.60 -31.79
C LYS C 51 14.80 27.91 -30.53
N GLN C 52 13.83 28.83 -30.59
CA GLN C 52 13.05 29.22 -29.42
C GLN C 52 11.61 29.43 -29.84
N ILE C 53 10.70 29.27 -28.88
CA ILE C 53 9.27 29.43 -29.10
C ILE C 53 8.71 30.30 -27.98
N LYS C 54 7.88 31.27 -28.35
CA LYS C 54 7.28 32.20 -27.41
C LYS C 54 5.78 32.02 -27.34
N LEU C 55 5.17 32.57 -26.29
CA LEU C 55 3.77 32.34 -25.98
C LEU C 55 3.20 33.57 -25.30
N TYR C 56 1.87 33.61 -25.20
CA TYR C 56 1.17 34.61 -24.41
C TYR C 56 0.17 33.91 -23.50
N HIS C 57 0.24 34.22 -22.20
CA HIS C 57 -0.66 33.65 -21.20
C HIS C 57 -1.43 34.80 -20.56
N TYR C 58 -2.64 35.05 -21.07
CA TYR C 58 -3.43 36.18 -20.62
C TYR C 58 -3.95 35.94 -19.22
N VAL C 59 -3.40 36.68 -18.26
CA VAL C 59 -3.79 36.59 -16.86
C VAL C 59 -5.19 37.17 -16.71
N PRO C 60 -6.06 36.60 -15.88
CA PRO C 60 -7.38 37.18 -15.66
C PRO C 60 -7.28 38.51 -14.93
N LEU C 61 -8.42 39.19 -14.83
CA LEU C 61 -8.47 40.51 -14.23
C LEU C 61 -8.24 40.47 -12.73
N LEU C 62 -9.02 39.66 -12.02
CA LEU C 62 -8.99 39.69 -10.56
C LEU C 62 -7.76 39.02 -9.97
N ASP C 63 -6.97 38.31 -10.79
CA ASP C 63 -5.75 37.72 -10.28
C ASP C 63 -4.75 38.81 -9.93
N ASP C 64 -4.01 38.59 -8.83
CA ASP C 64 -3.02 39.56 -8.38
C ASP C 64 -1.79 39.63 -9.28
N ARG C 65 -1.79 38.87 -10.37
CA ARG C 65 -0.75 38.97 -11.38
C ARG C 65 -1.05 40.05 -12.41
N ASN C 66 -2.20 40.71 -12.32
CA ASN C 66 -2.58 41.79 -13.22
C ASN C 66 -1.93 43.11 -12.80
N VAL C 67 -0.61 43.12 -12.71
CA VAL C 67 0.11 44.35 -12.38
C VAL C 67 -0.13 45.34 -13.51
N ASN C 68 -0.59 46.54 -13.15
CA ASN C 68 -1.09 47.48 -14.15
C ASN C 68 -0.98 48.89 -13.60
N ASP C 69 -0.79 49.85 -14.51
CA ASP C 69 -0.78 51.26 -14.15
C ASP C 69 -2.10 51.96 -14.45
N GLN C 70 -2.98 51.34 -15.25
CA GLN C 70 -4.28 51.91 -15.57
C GLN C 70 -5.20 51.73 -14.36
N GLY C 71 -4.89 52.45 -13.29
CA GLY C 71 -5.64 52.33 -12.06
C GLY C 71 -6.26 53.62 -11.60
N ILE C 72 -7.59 53.69 -11.65
CA ILE C 72 -8.36 54.85 -11.21
C ILE C 72 -9.40 54.39 -10.22
N ASP C 73 -9.45 55.04 -9.06
CA ASP C 73 -10.49 54.73 -8.08
C ASP C 73 -11.71 55.61 -8.35
N ALA C 74 -12.66 55.64 -7.41
CA ALA C 74 -13.82 56.50 -7.56
C ALA C 74 -13.43 57.97 -7.60
N ALA C 75 -12.52 58.39 -6.72
CA ALA C 75 -12.14 59.79 -6.66
C ALA C 75 -10.90 60.09 -7.47
N GLY C 76 -9.77 59.47 -7.13
CA GLY C 76 -8.52 59.77 -7.76
C GLY C 76 -8.19 58.80 -8.89
N ALA C 77 -7.02 59.03 -9.49
CA ALA C 77 -6.56 58.23 -10.62
C ALA C 77 -5.14 57.73 -10.45
N THR C 78 -4.56 57.87 -9.26
CA THR C 78 -3.18 57.45 -9.02
C THR C 78 -3.07 56.05 -8.46
N ILE C 79 -4.15 55.27 -8.46
CA ILE C 79 -4.15 53.93 -7.88
C ILE C 79 -3.17 53.04 -8.62
N ALA C 80 -2.22 52.47 -7.88
CA ALA C 80 -1.29 51.50 -8.47
C ALA C 80 -1.95 50.15 -8.66
N ASN C 81 -2.89 49.78 -7.79
CA ASN C 81 -3.60 48.50 -7.88
C ASN C 81 -4.61 48.59 -9.03
N GLY C 82 -4.13 48.23 -10.22
CA GLY C 82 -4.97 48.25 -11.40
C GLY C 82 -6.19 47.35 -11.27
N ASN C 83 -5.97 46.13 -10.78
CA ASN C 83 -7.07 45.24 -10.43
C ASN C 83 -7.85 45.83 -9.27
N LEU C 84 -9.17 45.59 -9.23
CA LEU C 84 -10.03 46.17 -8.20
C LEU C 84 -9.47 45.94 -6.81
N TYR C 85 -9.34 44.66 -6.43
CA TYR C 85 -8.80 44.30 -5.14
C TYR C 85 -7.88 43.09 -5.23
N GLY C 86 -7.56 42.63 -6.44
CA GLY C 86 -6.82 41.40 -6.56
C GLY C 86 -7.63 40.24 -6.01
N SER C 87 -6.94 39.28 -5.42
CA SER C 87 -7.57 38.18 -4.70
C SER C 87 -7.19 38.21 -3.22
N SER C 88 -7.17 39.41 -2.63
CA SER C 88 -6.84 39.54 -1.22
C SER C 88 -7.81 38.75 -0.35
N LYS C 89 -9.08 38.70 -0.74
CA LYS C 89 -10.08 37.84 -0.11
C LYS C 89 -10.25 38.17 1.37
N ASP C 90 -10.36 39.46 1.67
CA ASP C 90 -10.49 39.93 3.05
C ASP C 90 -11.65 40.90 3.15
N ILE C 91 -12.68 40.51 3.91
CA ILE C 91 -13.87 41.33 4.11
C ILE C 91 -13.55 42.78 4.44
N GLY C 92 -12.44 43.05 5.10
CA GLY C 92 -12.09 44.43 5.38
C GLY C 92 -11.55 45.19 4.20
N THR C 93 -11.46 44.58 3.02
CA THR C 93 -10.87 45.23 1.85
C THR C 93 -11.86 45.42 0.71
N ILE C 94 -12.54 44.36 0.26
CA ILE C 94 -13.36 44.41 -0.95
C ILE C 94 -14.42 45.51 -0.91
N PRO C 95 -15.17 45.70 0.20
CA PRO C 95 -16.17 46.78 0.21
C PRO C 95 -15.54 48.14 -0.10
N SER C 96 -14.35 48.38 0.41
CA SER C 96 -13.64 49.61 0.10
C SER C 96 -13.27 49.66 -1.38
N LYS C 97 -12.81 48.54 -1.94
CA LYS C 97 -12.32 48.49 -3.31
C LYS C 97 -13.38 48.04 -4.30
N LEU C 98 -14.62 47.82 -3.86
CA LEU C 98 -15.69 47.50 -4.80
C LEU C 98 -15.94 48.69 -5.72
N PRO C 99 -16.25 48.45 -6.99
CA PRO C 99 -16.51 49.57 -7.91
C PRO C 99 -17.84 50.24 -7.63
N ALA C 100 -17.90 51.03 -6.56
CA ALA C 100 -19.15 51.67 -6.14
C ALA C 100 -19.33 52.96 -6.95
N LEU C 101 -20.04 52.84 -8.07
CA LEU C 101 -20.38 54.01 -8.87
C LEU C 101 -21.56 54.74 -8.26
N THR C 102 -21.64 56.04 -8.52
CA THR C 102 -22.64 56.90 -7.92
C THR C 102 -23.68 57.32 -8.97
N GLU C 103 -24.56 58.24 -8.55
CA GLU C 103 -25.55 58.81 -9.46
C GLU C 103 -24.88 59.44 -10.67
N ASN C 104 -23.95 60.36 -10.41
CA ASN C 104 -23.11 60.90 -11.47
C ASN C 104 -22.04 59.88 -11.82
N GLY C 105 -21.87 59.61 -13.11
CA GLY C 105 -20.92 58.59 -13.54
C GLY C 105 -19.53 59.15 -13.77
N GLY C 106 -19.07 59.10 -15.00
CA GLY C 106 -17.81 59.73 -15.36
C GLY C 106 -16.62 58.81 -15.23
N ARG C 107 -15.45 59.44 -15.10
CA ARG C 107 -14.17 58.74 -15.18
C ARG C 107 -13.84 58.17 -13.80
N VAL C 108 -14.49 57.06 -13.49
CA VAL C 108 -14.38 56.43 -12.18
C VAL C 108 -14.15 54.94 -12.37
N ASN C 109 -13.27 54.36 -11.53
CA ASN C 109 -13.01 52.93 -11.53
C ASN C 109 -12.51 52.43 -12.88
N ARG C 110 -11.34 52.88 -13.31
CA ARG C 110 -10.72 52.40 -14.53
C ARG C 110 -9.82 51.22 -14.20
N VAL C 111 -9.71 50.28 -15.13
CA VAL C 111 -8.91 49.07 -14.95
C VAL C 111 -8.16 48.76 -16.24
N GLY C 112 -7.04 48.06 -16.11
CA GLY C 112 -6.28 47.56 -17.23
C GLY C 112 -5.99 46.07 -17.07
N PHE C 113 -5.40 45.51 -18.13
CA PHE C 113 -5.18 44.07 -18.21
C PHE C 113 -3.77 43.79 -18.69
N THR C 114 -3.30 42.59 -18.39
CA THR C 114 -1.91 42.21 -18.60
C THR C 114 -1.81 40.90 -19.36
N ARG C 115 -0.69 40.71 -20.04
CA ARG C 115 -0.37 39.45 -20.71
C ARG C 115 1.00 38.99 -20.25
N ILE C 116 1.22 37.68 -20.32
CA ILE C 116 2.45 37.05 -19.85
C ILE C 116 3.10 36.32 -21.01
N GLN C 117 4.39 36.56 -21.22
CA GLN C 117 5.15 35.95 -22.30
C GLN C 117 5.94 34.76 -21.75
N LEU C 118 5.80 33.62 -22.40
CA LEU C 118 6.58 32.43 -22.05
C LEU C 118 7.68 32.22 -23.08
N ILE C 119 8.70 31.46 -22.68
CA ILE C 119 9.86 31.24 -23.54
C ILE C 119 10.39 29.83 -23.31
N GLY C 120 10.75 29.16 -24.40
CA GLY C 120 11.36 27.85 -24.33
C GLY C 120 12.33 27.63 -25.48
N SER C 121 13.43 26.93 -25.22
CA SER C 121 14.52 26.81 -26.17
C SER C 121 14.79 25.35 -26.48
N ILE C 122 15.41 25.11 -27.64
CA ILE C 122 15.77 23.77 -28.08
C ILE C 122 17.29 23.62 -27.96
N LYS C 123 17.74 22.41 -27.66
CA LYS C 123 19.16 22.11 -27.53
C LYS C 123 19.49 20.83 -28.28
N LYS C 124 20.76 20.69 -28.64
CA LYS C 124 21.24 19.53 -29.38
C LYS C 124 22.07 18.63 -28.49
N PHE C 125 21.93 17.32 -28.71
CA PHE C 125 22.66 16.32 -27.94
C PHE C 125 22.98 15.14 -28.85
N GLY C 126 23.99 14.36 -28.44
CA GLY C 126 24.34 13.18 -29.19
C GLY C 126 25.61 12.56 -28.68
N PHE C 127 25.85 11.34 -29.13
CA PHE C 127 27.06 10.59 -28.80
C PHE C 127 27.31 9.57 -29.88
N PHE C 128 28.39 8.81 -29.73
CA PHE C 128 28.79 7.85 -30.75
C PHE C 128 29.75 6.84 -30.16
N TYR C 129 29.85 5.68 -30.82
CA TYR C 129 30.86 4.68 -30.51
C TYR C 129 31.34 4.05 -31.81
N GLU C 130 32.58 3.55 -31.78
CA GLU C 130 33.22 3.00 -32.97
C GLU C 130 33.83 1.65 -32.62
N TRP C 131 33.86 0.75 -33.61
CA TRP C 131 34.43 -0.57 -33.43
C TRP C 131 35.22 -0.97 -34.67
N THR C 132 36.19 -1.85 -34.49
CA THR C 132 36.96 -2.38 -35.60
C THR C 132 36.41 -3.73 -36.03
N GLN C 133 36.77 -4.12 -37.26
CA GLN C 133 36.25 -5.36 -37.82
C GLN C 133 36.72 -6.57 -37.00
N GLU C 134 37.98 -6.56 -36.58
CA GLU C 134 38.52 -7.68 -35.81
C GLU C 134 37.78 -7.85 -34.50
N ALA C 135 37.39 -6.75 -33.86
CA ALA C 135 36.70 -6.85 -32.57
C ALA C 135 35.40 -7.63 -32.71
N MET C 136 34.77 -7.58 -33.87
CA MET C 136 33.57 -8.38 -34.10
C MET C 136 33.94 -9.80 -34.52
N ASP C 137 34.92 -9.94 -35.40
CA ASP C 137 35.28 -11.25 -35.95
C ASP C 137 35.81 -12.20 -34.88
N PHE C 138 36.94 -11.87 -34.28
CA PHE C 138 37.58 -12.75 -33.30
C PHE C 138 37.21 -12.34 -31.88
N ASP C 139 35.93 -12.50 -31.57
CA ASP C 139 35.42 -12.27 -30.22
C ASP C 139 34.82 -13.57 -29.69
N THR C 140 34.89 -13.74 -28.37
CA THR C 140 34.39 -14.96 -27.76
C THR C 140 32.90 -15.18 -28.05
N ASP C 141 32.11 -14.11 -27.96
CA ASP C 141 30.69 -14.17 -28.25
C ASP C 141 30.44 -13.64 -29.65
N GLU C 142 29.84 -14.45 -30.51
CA GLU C 142 29.50 -14.01 -31.85
C GLU C 142 28.10 -13.41 -31.90
N GLU C 143 27.81 -12.54 -30.93
CA GLU C 143 26.58 -11.76 -30.94
C GLU C 143 26.81 -10.33 -30.47
N LEU C 144 28.06 -9.85 -30.44
CA LEU C 144 28.37 -8.58 -29.82
C LEU C 144 27.66 -7.42 -30.50
N ASP C 145 27.37 -7.57 -31.80
CA ASP C 145 26.70 -6.50 -32.55
C ASP C 145 25.36 -6.13 -31.91
N SER C 146 24.53 -7.14 -31.64
CA SER C 146 23.24 -6.88 -31.01
C SER C 146 23.41 -6.30 -29.61
N HIS C 147 24.33 -6.88 -28.83
CA HIS C 147 24.51 -6.47 -27.44
C HIS C 147 25.12 -5.07 -27.30
N LEU C 148 25.40 -4.37 -28.39
CA LEU C 148 25.88 -3.00 -28.33
C LEU C 148 24.84 -1.99 -28.78
N ILE C 149 24.25 -2.19 -29.97
CA ILE C 149 23.22 -1.27 -30.45
C ILE C 149 22.01 -1.32 -29.53
N GLN C 150 21.60 -2.52 -29.13
CA GLN C 150 20.48 -2.64 -28.20
C GLN C 150 20.81 -2.01 -26.86
N GLU C 151 22.05 -2.16 -26.39
CA GLU C 151 22.48 -1.53 -25.15
C GLU C 151 22.59 -0.02 -25.31
N ALA C 152 23.12 0.43 -26.46
CA ALA C 152 23.26 1.86 -26.70
C ALA C 152 21.90 2.54 -26.82
N VAL C 153 20.96 1.88 -27.50
CA VAL C 153 19.63 2.46 -27.69
C VAL C 153 18.95 2.68 -26.35
N LYS C 154 19.12 1.74 -25.42
CA LYS C 154 18.47 1.84 -24.13
C LYS C 154 18.91 3.11 -23.39
N GLY C 155 20.21 3.41 -23.45
CA GLY C 155 20.69 4.63 -22.82
C GLY C 155 20.08 5.88 -23.43
N ALA C 156 19.89 5.88 -24.75
CA ALA C 156 19.24 7.01 -25.41
C ALA C 156 17.83 7.20 -24.87
N ASN C 157 17.09 6.10 -24.72
CA ASN C 157 15.79 6.18 -24.07
C ASN C 157 15.92 6.63 -22.63
N GLU C 158 16.93 6.11 -21.93
CA GLU C 158 17.17 6.52 -20.55
C GLU C 158 17.49 8.00 -20.45
N ILE C 159 18.44 8.45 -21.27
CA ILE C 159 18.95 9.82 -21.13
C ILE C 159 17.86 10.83 -21.49
N THR C 160 16.97 10.46 -22.41
CA THR C 160 15.89 11.36 -22.77
C THR C 160 14.98 11.62 -21.58
N GLU C 161 14.68 10.56 -20.80
CA GLU C 161 13.76 10.69 -19.67
C GLU C 161 14.33 11.61 -18.60
N ASP C 162 15.63 11.47 -18.30
CA ASP C 162 16.22 12.32 -17.27
C ASP C 162 16.20 13.78 -17.69
N GLN C 163 16.45 14.06 -18.98
CA GLN C 163 16.42 15.43 -19.46
C GLN C 163 15.06 16.07 -19.22
N LEU C 164 13.99 15.31 -19.47
CA LEU C 164 12.65 15.80 -19.17
C LEU C 164 12.48 16.01 -17.67
N GLN C 165 13.00 15.08 -16.87
CA GLN C 165 12.78 15.14 -15.42
C GLN C 165 13.45 16.36 -14.81
N ILE C 166 14.72 16.62 -15.17
CA ILE C 166 15.45 17.73 -14.56
C ILE C 166 14.78 19.06 -14.92
N ASP C 167 14.29 19.18 -16.15
CA ASP C 167 13.58 20.39 -16.55
C ASP C 167 12.29 20.56 -15.73
N LEU C 168 11.54 19.48 -15.57
CA LEU C 168 10.34 19.54 -14.73
C LEU C 168 10.70 19.82 -13.28
N LEU C 169 11.78 19.21 -12.80
CA LEU C 169 12.18 19.40 -11.42
C LEU C 169 12.52 20.87 -11.14
N ASN C 170 13.22 21.51 -12.07
CA ASN C 170 13.56 22.92 -11.90
C ASN C 170 12.31 23.79 -11.98
N GLY C 171 11.40 23.47 -12.91
CA GLY C 171 10.22 24.28 -13.09
C GLY C 171 9.02 23.81 -12.29
N ALA C 172 8.77 24.45 -11.16
CA ALA C 172 7.65 24.11 -10.30
C ALA C 172 7.17 25.35 -9.57
N GLY C 173 5.87 25.62 -9.66
CA GLY C 173 5.31 26.77 -8.99
C GLY C 173 5.05 26.53 -7.53
N VAL C 174 4.47 25.36 -7.21
CA VAL C 174 4.15 25.02 -5.83
C VAL C 174 5.34 24.31 -5.19
N VAL C 175 6.28 25.08 -4.66
CA VAL C 175 7.44 24.54 -3.97
C VAL C 175 7.21 24.76 -2.48
N ARG C 176 6.86 23.70 -1.76
CA ARG C 176 6.62 23.77 -0.33
C ARG C 176 7.75 23.06 0.43
N TYR C 177 8.10 23.62 1.57
CA TYR C 177 9.18 23.11 2.38
C TYR C 177 8.66 22.65 3.74
N PRO C 178 9.19 21.56 4.28
CA PRO C 178 8.78 21.13 5.62
C PRO C 178 9.28 22.09 6.69
N GLY C 179 8.52 22.15 7.79
CA GLY C 179 8.87 23.04 8.87
C GLY C 179 8.87 24.49 8.42
N ALA C 180 9.92 25.22 8.78
CA ALA C 180 10.07 26.62 8.41
C ALA C 180 11.20 26.83 7.40
N ALA C 181 11.65 25.75 6.75
CA ALA C 181 12.74 25.86 5.79
C ALA C 181 12.29 26.62 4.55
N THR C 182 13.27 27.15 3.82
CA THR C 182 13.00 27.86 2.58
C THR C 182 13.92 27.47 1.43
N SER C 183 14.97 26.71 1.67
CA SER C 183 15.91 26.35 0.61
C SER C 183 16.55 25.02 0.95
N ASN C 184 17.20 24.42 -0.06
CA ASN C 184 17.88 23.15 0.14
C ASN C 184 18.97 23.24 1.19
N ALA C 185 19.58 24.43 1.34
CA ALA C 185 20.59 24.62 2.37
C ALA C 185 19.98 24.50 3.76
N ASP C 186 18.77 25.02 3.94
CA ASP C 186 18.11 24.96 5.24
C ASP C 186 17.80 23.51 5.63
N MET C 187 17.65 22.63 4.65
CA MET C 187 17.26 21.26 4.91
C MET C 187 18.33 20.53 5.70
N THR C 188 17.92 19.84 6.75
CA THR C 188 18.85 19.11 7.61
C THR C 188 18.11 18.02 8.36
N GLY C 189 18.88 17.06 8.86
CA GLY C 189 18.36 16.01 9.71
C GLY C 189 19.03 15.99 11.05
N GLU C 190 19.88 16.99 11.32
CA GLU C 190 20.63 17.07 12.56
C GLU C 190 19.71 17.19 13.76
N GLY C 191 18.96 18.30 13.83
CA GLY C 191 18.00 18.48 14.90
C GLY C 191 16.65 17.89 14.54
N THR C 192 15.59 18.67 14.70
CA THR C 192 14.29 18.25 14.19
C THR C 192 14.36 18.13 12.68
N ALA C 193 14.27 16.90 12.17
CA ALA C 193 14.51 16.65 10.77
C ALA C 193 13.43 17.27 9.90
N THR C 194 13.84 18.01 8.88
CA THR C 194 12.89 18.58 7.92
C THR C 194 12.35 17.43 7.07
N VAL C 195 11.18 16.93 7.45
CA VAL C 195 10.62 15.73 6.83
C VAL C 195 9.15 15.95 6.54
N VAL C 196 8.60 15.11 5.66
CA VAL C 196 7.22 15.27 5.23
C VAL C 196 6.28 14.93 6.37
N THR C 197 5.18 15.67 6.45
CA THR C 197 4.12 15.41 7.40
C THR C 197 2.82 15.24 6.66
N TYR C 198 1.88 14.53 7.30
CA TYR C 198 0.57 14.30 6.69
C TYR C 198 -0.13 15.62 6.37
N GLU C 199 -0.15 16.53 7.35
CA GLU C 199 -0.73 17.84 7.11
C GLU C 199 0.06 18.59 6.04
N GLY C 200 1.36 18.31 5.94
CA GLY C 200 2.15 18.91 4.88
C GLY C 200 1.69 18.52 3.49
N LEU C 201 1.39 17.22 3.32
CA LEU C 201 0.95 16.76 2.01
C LEU C 201 -0.42 17.31 1.66
N VAL C 202 -1.35 17.33 2.62
CA VAL C 202 -2.68 17.85 2.33
C VAL C 202 -2.64 19.35 2.09
N LYS C 203 -1.62 20.03 2.62
CA LYS C 203 -1.47 21.46 2.33
C LYS C 203 -1.21 21.69 0.85
N MET C 204 -0.38 20.84 0.23
CA MET C 204 -0.19 20.93 -1.21
C MET C 204 -1.46 20.55 -1.95
N GLY C 205 -2.16 19.53 -1.47
CA GLY C 205 -3.38 19.08 -2.13
C GLY C 205 -4.43 20.17 -2.20
N ILE C 206 -4.67 20.84 -1.06
CA ILE C 206 -5.61 21.96 -1.07
C ILE C 206 -5.06 23.12 -1.87
N THR C 207 -3.74 23.35 -1.82
CA THR C 207 -3.13 24.36 -2.67
C THR C 207 -3.29 23.98 -4.14
N LEU C 208 -3.08 22.70 -4.46
CA LEU C 208 -3.31 22.25 -5.83
C LEU C 208 -4.79 22.23 -6.17
N ASN C 209 -5.66 22.18 -5.15
CA ASN C 209 -7.09 22.01 -5.41
C ASN C 209 -7.66 23.16 -6.21
N ASP C 210 -6.95 24.28 -6.27
CA ASP C 210 -7.34 25.36 -7.18
C ASP C 210 -6.56 25.20 -8.49
N ASN C 211 -7.08 25.85 -9.52
CA ASN C 211 -6.32 25.92 -10.81
C ASN C 211 -6.34 24.55 -11.47
N LEU C 212 -7.54 24.06 -11.77
CA LEU C 212 -7.67 22.78 -12.48
C LEU C 212 -6.77 21.70 -11.87
N CYS C 213 -5.46 21.74 -12.12
CA CYS C 213 -4.62 20.63 -11.66
C CYS C 213 -5.49 19.39 -11.84
N PRO C 214 -5.98 19.13 -13.07
CA PRO C 214 -6.94 18.05 -13.30
C PRO C 214 -6.95 16.88 -12.34
N MET C 215 -8.07 16.67 -11.66
CA MET C 215 -8.20 15.48 -10.77
C MET C 215 -8.09 14.24 -11.66
N GLN C 216 -6.87 13.82 -11.98
CA GLN C 216 -6.63 12.65 -12.83
C GLN C 216 -7.56 11.50 -12.50
N THR C 217 -7.47 10.98 -11.28
CA THR C 217 -8.28 9.82 -10.91
C THR C 217 -9.61 10.28 -10.32
N LYS C 218 -10.56 9.34 -10.30
CA LYS C 218 -11.89 9.57 -9.79
C LYS C 218 -12.01 9.00 -8.37
N LEU C 219 -13.24 9.01 -7.86
CA LEU C 219 -13.50 8.55 -6.51
C LEU C 219 -13.67 7.04 -6.50
N ILE C 220 -12.93 6.35 -5.64
CA ILE C 220 -13.08 4.91 -5.47
C ILE C 220 -14.18 4.66 -4.46
N ALA C 221 -15.34 4.24 -4.95
CA ALA C 221 -16.52 4.08 -4.09
C ALA C 221 -16.30 3.02 -3.02
N GLY C 222 -15.70 1.90 -3.41
CA GLY C 222 -15.45 0.79 -2.49
C GLY C 222 -16.00 -0.50 -3.05
N SER C 223 -15.49 -1.61 -2.53
CA SER C 223 -15.89 -2.94 -2.97
C SER C 223 -16.45 -3.74 -1.80
N LEU C 224 -17.14 -4.82 -2.13
CA LEU C 224 -17.76 -5.67 -1.12
C LEU C 224 -16.75 -6.53 -0.37
N MET C 225 -15.57 -6.76 -0.94
CA MET C 225 -14.55 -7.56 -0.27
C MET C 225 -14.11 -6.88 1.02
N THR C 226 -13.82 -7.68 2.04
CA THR C 226 -13.45 -7.14 3.32
C THR C 226 -11.99 -6.70 3.34
N ASP C 227 -11.65 -5.95 4.39
CA ASP C 227 -10.33 -5.35 4.58
C ASP C 227 -10.07 -4.28 3.53
N THR C 228 -11.03 -4.10 2.62
CA THR C 228 -10.91 -3.07 1.60
C THR C 228 -11.32 -1.72 2.17
N ARG C 229 -10.63 -0.68 1.72
CA ARG C 229 -10.90 0.69 2.11
C ARG C 229 -11.14 1.52 0.85
N THR C 230 -11.65 2.73 1.05
CA THR C 230 -11.90 3.64 -0.05
C THR C 230 -10.86 4.74 -0.05
N ILE C 231 -10.68 5.39 -1.20
CA ILE C 231 -9.73 6.48 -1.34
C ILE C 231 -10.38 7.59 -2.16
N GLN C 232 -10.09 8.83 -1.77
CA GLN C 232 -10.66 9.99 -2.44
C GLN C 232 -10.00 10.20 -3.80
N GLY C 233 -10.59 11.10 -4.59
CA GLY C 233 -10.01 11.47 -5.86
C GLY C 233 -8.63 12.06 -5.68
N ALA C 234 -7.63 11.45 -6.30
CA ALA C 234 -6.24 11.82 -6.09
C ALA C 234 -5.53 11.90 -7.45
N ARG C 235 -4.66 12.89 -7.58
CA ARG C 235 -4.06 13.15 -8.88
C ARG C 235 -2.88 12.21 -9.17
N ALA C 236 -1.78 12.42 -8.43
CA ALA C 236 -0.55 11.67 -8.61
C ALA C 236 0.49 12.17 -7.62
N LEU C 237 1.48 11.34 -7.28
CA LEU C 237 2.65 11.77 -6.52
C LEU C 237 3.80 10.86 -6.91
N TYR C 238 4.66 11.34 -7.80
CA TYR C 238 5.83 10.57 -8.20
C TYR C 238 6.89 10.68 -7.11
N ILE C 239 7.37 9.54 -6.64
CA ILE C 239 8.06 9.47 -5.36
C ILE C 239 9.36 8.70 -5.57
N GLY C 240 10.41 9.11 -4.88
CA GLY C 240 11.66 8.37 -4.85
C GLY C 240 11.48 7.08 -4.06
N SER C 241 12.12 6.01 -4.54
CA SER C 241 11.95 4.70 -3.91
C SER C 241 12.43 4.69 -2.46
N GLU C 242 13.44 5.50 -2.15
CA GLU C 242 13.98 5.56 -0.80
C GLU C 242 13.01 6.18 0.19
N LEU C 243 12.05 6.97 -0.28
CA LEU C 243 11.11 7.68 0.58
C LEU C 243 9.84 6.89 0.86
N GLU C 244 9.72 5.67 0.34
CA GLU C 244 8.51 4.88 0.56
C GLU C 244 8.30 4.61 2.04
N LEU C 245 9.37 4.29 2.77
CA LEU C 245 9.26 3.96 4.19
C LEU C 245 8.73 5.14 4.98
N GLN C 246 9.22 6.35 4.68
CA GLN C 246 8.77 7.54 5.38
C GLN C 246 7.27 7.75 5.20
N LEU C 247 6.77 7.49 4.00
CA LEU C 247 5.34 7.60 3.77
C LEU C 247 4.57 6.54 4.53
N ARG C 248 5.17 5.36 4.70
CA ARG C 248 4.56 4.32 5.53
C ARG C 248 4.53 4.76 6.99
N LYS C 249 5.66 5.28 7.46
CA LYS C 249 5.77 5.95 8.78
C LYS C 249 5.12 7.33 8.72
N MET C 250 3.79 7.32 8.72
CA MET C 250 3.01 8.56 8.65
C MET C 250 1.72 8.37 9.44
N LYS C 251 1.68 8.93 10.65
CA LYS C 251 0.50 8.86 11.47
C LYS C 251 -0.53 9.89 11.01
N ASP C 252 -1.77 9.45 10.87
CA ASP C 252 -2.85 10.38 10.59
C ASP C 252 -3.16 11.21 11.84
N PRO C 253 -4.05 12.21 11.74
CA PRO C 253 -4.41 12.97 12.94
C PRO C 253 -4.95 12.10 14.06
N PHE C 254 -5.60 10.99 13.71
CA PHE C 254 -6.22 10.09 14.68
C PHE C 254 -5.30 8.95 15.09
N ASP C 255 -3.98 9.13 14.97
CA ASP C 255 -2.98 8.15 15.39
C ASP C 255 -3.07 6.83 14.61
N ASN C 256 -3.89 6.78 13.56
CA ASN C 256 -3.97 5.58 12.73
C ASN C 256 -3.02 5.68 11.56
N ALA C 257 -3.17 4.78 10.60
CA ALA C 257 -2.36 4.77 9.39
C ALA C 257 -2.82 5.87 8.43
N ALA C 258 -1.87 6.43 7.71
CA ALA C 258 -2.15 7.38 6.64
C ALA C 258 -1.84 6.80 5.27
N PHE C 259 -0.78 6.01 5.16
CA PHE C 259 -0.46 5.32 3.93
C PHE C 259 -1.40 4.15 3.71
N ILE C 260 -2.48 4.35 2.96
CA ILE C 260 -3.34 3.24 2.59
C ILE C 260 -2.63 2.44 1.50
N PRO C 261 -2.37 1.16 1.71
CA PRO C 261 -1.70 0.36 0.69
C PRO C 261 -2.59 0.12 -0.52
N VAL C 262 -1.97 -0.33 -1.60
CA VAL C 262 -2.69 -0.60 -2.83
C VAL C 262 -3.74 -1.68 -2.62
N GLN C 263 -3.38 -2.76 -1.92
CA GLN C 263 -4.26 -3.93 -1.84
C GLN C 263 -5.60 -3.59 -1.21
N GLN C 264 -5.66 -2.52 -0.42
CA GLN C 264 -6.92 -2.11 0.19
C GLN C 264 -7.93 -1.70 -0.88
N TYR C 265 -7.49 -0.92 -1.87
CA TYR C 265 -8.37 -0.48 -2.95
C TYR C 265 -7.99 -1.10 -4.29
N ALA C 266 -7.30 -2.24 -4.27
CA ALA C 266 -6.85 -2.88 -5.50
C ALA C 266 -8.03 -3.43 -6.29
N ASP C 267 -8.86 -4.27 -5.65
CA ASP C 267 -10.00 -4.85 -6.34
C ASP C 267 -11.09 -3.83 -6.60
N ALA C 268 -11.18 -2.80 -5.76
CA ALA C 268 -12.28 -1.84 -5.84
C ALA C 268 -12.27 -1.10 -7.18
N GLY C 269 -11.10 -0.64 -7.60
CA GLY C 269 -11.00 0.16 -8.80
C GLY C 269 -9.69 -0.11 -9.54
N ASN C 270 -9.56 0.53 -10.70
CA ASN C 270 -8.39 0.36 -11.53
C ASN C 270 -7.16 1.00 -10.90
N LEU C 271 -5.99 0.70 -11.46
CA LEU C 271 -4.73 1.12 -10.89
C LEU C 271 -3.85 1.82 -11.92
N LEU C 272 -2.74 2.35 -11.44
CA LEU C 272 -1.72 2.98 -12.28
C LEU C 272 -0.43 2.19 -12.18
N LYS C 273 0.36 2.26 -13.26
CA LYS C 273 1.63 1.55 -13.31
C LYS C 273 2.58 2.11 -12.26
N GLY C 274 3.17 1.23 -11.44
CA GLY C 274 4.07 1.65 -10.40
C GLY C 274 3.40 2.13 -9.13
N GLU C 275 2.08 2.02 -9.02
CA GLU C 275 1.37 2.51 -7.84
C GLU C 275 1.75 1.69 -6.61
N ILE C 276 1.97 2.38 -5.49
CA ILE C 276 2.33 1.72 -4.25
C ILE C 276 1.29 1.94 -3.15
N GLY C 277 0.58 3.07 -3.15
CA GLY C 277 -0.44 3.30 -2.14
C GLY C 277 -1.12 4.65 -2.36
N SER C 278 -1.52 5.26 -1.26
CA SER C 278 -2.12 6.60 -1.29
C SER C 278 -2.02 7.24 0.08
N ILE C 279 -1.86 8.56 0.09
CA ILE C 279 -1.88 9.37 1.31
C ILE C 279 -3.12 10.25 1.35
N ALA C 280 -3.35 11.00 0.28
CA ALA C 280 -4.23 12.17 0.24
C ALA C 280 -4.75 12.29 -1.18
N SER C 281 -5.04 13.52 -1.59
CA SER C 281 -5.45 13.75 -2.98
C SER C 281 -4.27 13.55 -3.93
N PHE C 282 -3.22 12.88 -3.46
CA PHE C 282 -2.13 12.40 -4.30
C PHE C 282 -2.14 10.87 -4.31
N ARG C 283 -1.82 10.27 -5.46
CA ARG C 283 -1.52 8.85 -5.54
C ARG C 283 -0.01 8.69 -5.67
N VAL C 284 0.58 7.96 -4.72
CA VAL C 284 2.03 7.85 -4.67
C VAL C 284 2.51 6.82 -5.69
N ILE C 285 3.44 7.23 -6.55
CA ILE C 285 3.94 6.42 -7.66
C ILE C 285 5.47 6.41 -7.62
N VAL C 286 6.06 5.22 -7.70
CA VAL C 286 7.49 5.04 -7.47
C VAL C 286 8.21 4.99 -8.82
N VAL C 287 9.14 5.93 -9.02
CA VAL C 287 9.96 5.97 -10.23
C VAL C 287 11.31 5.34 -9.89
N PRO C 288 11.72 4.28 -10.57
CA PRO C 288 13.02 3.66 -10.23
C PRO C 288 14.21 4.59 -10.39
N LYS C 289 14.20 5.46 -11.39
CA LYS C 289 15.33 6.34 -11.68
C LYS C 289 15.04 7.79 -11.32
N MET C 290 14.30 8.05 -10.24
CA MET C 290 14.05 9.43 -9.85
C MET C 290 15.32 10.06 -9.30
N LEU C 291 15.53 11.34 -9.65
CA LEU C 291 16.72 12.05 -9.28
C LEU C 291 16.63 12.57 -7.85
N LYS C 292 17.68 13.26 -7.42
CA LYS C 292 17.72 13.82 -6.05
C LYS C 292 18.77 14.94 -6.00
N TRP C 293 18.60 15.88 -5.07
CA TRP C 293 19.61 16.96 -4.91
C TRP C 293 20.63 16.51 -3.87
N ALA C 294 21.00 15.23 -3.91
CA ALA C 294 22.36 14.85 -4.32
C ALA C 294 23.30 15.06 -3.14
N GLY C 295 23.40 16.29 -2.65
CA GLY C 295 24.28 16.62 -1.51
C GLY C 295 24.14 18.12 -1.25
N ALA C 296 22.92 18.63 -1.39
CA ALA C 296 22.71 20.09 -1.23
C ALA C 296 21.95 20.35 0.07
N GLY C 297 22.02 19.40 1.01
CA GLY C 297 21.34 19.57 2.31
C GLY C 297 22.13 20.48 3.21
N ALA C 298 22.38 20.05 4.44
CA ALA C 298 23.20 20.86 5.37
C ALA C 298 24.40 20.03 5.83
N THR C 299 25.48 20.69 6.23
CA THR C 299 26.65 19.99 6.70
C THR C 299 26.27 19.02 7.82
N VAL C 300 26.70 17.77 7.68
CA VAL C 300 26.34 16.72 8.62
C VAL C 300 27.42 16.65 9.70
N THR C 301 27.10 17.16 10.89
CA THR C 301 28.02 17.06 12.01
C THR C 301 27.91 15.74 12.76
N THR C 302 26.69 15.24 12.96
CA THR C 302 26.47 13.97 13.63
C THR C 302 25.07 13.48 13.28
N ASN C 303 24.67 12.35 13.88
CA ASN C 303 23.41 11.67 13.63
C ASN C 303 23.13 11.57 12.13
N PRO C 304 23.94 10.83 11.38
CA PRO C 304 23.64 10.64 9.96
C PRO C 304 22.67 9.50 9.74
N GLY C 305 21.62 9.43 10.55
CA GLY C 305 20.59 8.44 10.32
C GLY C 305 19.90 8.62 8.99
N TYR C 306 19.83 9.86 8.51
CA TYR C 306 19.26 10.14 7.21
C TYR C 306 20.33 10.08 6.13
N TYR C 307 19.89 9.88 4.88
CA TYR C 307 20.81 9.83 3.76
C TYR C 307 21.60 11.13 3.65
N ALA C 308 22.92 11.00 3.49
CA ALA C 308 23.78 12.16 3.40
C ALA C 308 24.98 11.81 2.51
N THR C 309 24.87 12.16 1.23
CA THR C 309 26.00 12.03 0.33
C THR C 309 26.94 13.21 0.52
N SER C 310 28.25 12.92 0.55
CA SER C 310 29.27 13.93 0.81
C SER C 310 29.06 14.56 2.18
N GLY C 311 29.70 15.72 2.41
CA GLY C 311 29.56 16.39 3.68
C GLY C 311 28.14 16.88 3.97
N LYS C 312 27.38 17.21 2.95
CA LYS C 312 26.03 17.71 3.11
C LYS C 312 25.04 16.56 3.22
N TYR C 313 23.78 16.90 3.52
CA TYR C 313 22.72 15.92 3.61
C TYR C 313 22.20 15.58 2.21
N ASP C 314 21.09 14.86 2.14
CA ASP C 314 20.50 14.44 0.87
C ASP C 314 19.06 14.92 0.82
N VAL C 315 18.74 15.74 -0.17
CA VAL C 315 17.39 16.28 -0.32
C VAL C 315 16.68 15.53 -1.45
N PHE C 316 15.45 15.11 -1.20
CA PHE C 316 14.75 14.27 -2.15
C PHE C 316 13.45 14.95 -2.59
N PRO C 317 13.03 14.73 -3.84
CA PRO C 317 11.83 15.42 -4.34
C PRO C 317 10.57 14.60 -4.24
N MET C 318 9.42 15.29 -4.21
CA MET C 318 8.10 14.69 -4.38
C MET C 318 7.33 15.56 -5.36
N LEU C 319 7.02 15.01 -6.53
CA LEU C 319 6.50 15.79 -7.63
C LEU C 319 5.11 15.31 -8.03
N CYS C 320 4.21 16.26 -8.26
CA CYS C 320 2.90 16.03 -8.87
C CYS C 320 2.83 16.93 -10.09
N VAL C 321 3.01 16.34 -11.27
CA VAL C 321 3.23 17.13 -12.47
C VAL C 321 1.94 17.69 -13.05
N GLY C 322 0.78 17.20 -12.62
CA GLY C 322 -0.46 17.67 -13.21
C GLY C 322 -0.65 17.10 -14.61
N SER C 323 -1.55 17.72 -15.38
CA SER C 323 -1.82 17.22 -16.72
C SER C 323 -1.41 18.21 -17.79
N GLY C 324 -2.02 19.40 -17.79
CA GLY C 324 -1.70 20.40 -18.78
C GLY C 324 -0.67 21.39 -18.29
N SER C 325 0.53 20.91 -17.98
CA SER C 325 1.53 21.75 -17.32
C SER C 325 2.69 22.09 -18.24
N PHE C 326 3.22 21.09 -18.93
CA PHE C 326 4.46 21.23 -19.67
C PHE C 326 4.33 20.57 -21.03
N THR C 327 4.98 21.17 -22.03
CA THR C 327 5.04 20.60 -23.37
C THR C 327 6.50 20.48 -23.80
N THR C 328 6.79 19.44 -24.57
CA THR C 328 8.13 19.19 -25.09
C THR C 328 8.24 19.77 -26.49
N ILE C 329 9.26 20.56 -26.73
CA ILE C 329 9.50 21.13 -28.04
C ILE C 329 10.29 20.14 -28.88
N GLY C 330 9.79 19.83 -30.06
CA GLY C 330 10.50 18.96 -30.98
C GLY C 330 10.71 19.64 -32.32
N PHE C 331 11.94 19.64 -32.81
CA PHE C 331 12.26 20.38 -34.03
C PHE C 331 11.65 19.72 -35.26
N GLN C 332 12.11 18.52 -35.59
CA GLN C 332 11.62 17.79 -36.74
C GLN C 332 10.81 16.56 -36.38
N THR C 333 10.57 16.31 -35.09
CA THR C 333 9.80 15.15 -34.67
C THR C 333 8.38 15.23 -35.19
N ASP C 334 7.90 14.11 -35.72
CA ASP C 334 6.55 14.03 -36.30
C ASP C 334 5.52 13.73 -35.21
N GLY C 335 5.59 14.54 -34.15
CA GLY C 335 4.69 14.40 -33.03
C GLY C 335 5.23 13.64 -31.84
N LYS C 336 6.51 13.28 -31.86
CA LYS C 336 7.14 12.60 -30.74
C LYS C 336 7.92 13.60 -29.89
N THR C 337 8.13 13.24 -28.64
CA THR C 337 8.87 14.11 -27.73
C THR C 337 10.32 14.27 -28.20
N VAL C 338 10.83 13.28 -28.93
CA VAL C 338 12.20 13.33 -29.45
C VAL C 338 12.35 12.27 -30.53
N LYS C 339 13.23 12.53 -31.48
CA LYS C 339 13.60 11.56 -32.51
C LYS C 339 15.10 11.28 -32.40
N PHE C 340 15.45 10.00 -32.39
CA PHE C 340 16.85 9.63 -32.39
C PHE C 340 17.32 9.42 -33.83
N THR C 341 18.13 10.34 -34.33
CA THR C 341 18.70 10.25 -35.67
C THR C 341 19.99 9.45 -35.57
N THR C 342 19.96 8.22 -36.07
CA THR C 342 21.08 7.30 -35.96
C THR C 342 21.79 7.15 -37.29
N TYR C 343 23.09 6.86 -37.22
CA TYR C 343 23.91 6.63 -38.39
C TYR C 343 24.83 5.45 -38.14
N THR C 344 25.17 4.75 -39.22
CA THR C 344 25.98 3.54 -39.12
C THR C 344 26.78 3.36 -40.40
N LYS C 345 28.04 3.00 -40.26
CA LYS C 345 28.92 2.73 -41.40
C LYS C 345 29.67 1.43 -41.13
N LYS C 346 29.11 0.32 -41.57
CA LYS C 346 29.70 -0.98 -41.32
C LYS C 346 31.09 -1.05 -41.93
N PRO C 347 32.09 -1.57 -41.21
CA PRO C 347 33.44 -1.66 -41.77
C PRO C 347 33.48 -2.33 -43.13
N GLY C 348 33.87 -1.57 -44.15
CA GLY C 348 33.91 -2.08 -45.50
C GLY C 348 34.34 -1.02 -46.50
N ILE C 349 33.78 -1.08 -47.70
CA ILE C 349 34.12 -0.09 -48.72
C ILE C 349 33.61 1.29 -48.33
N GLU C 350 32.46 1.37 -47.68
CA GLU C 350 31.87 2.65 -47.30
C GLU C 350 32.68 3.37 -46.23
N THR C 351 33.65 2.71 -45.60
CA THR C 351 34.56 3.36 -44.66
C THR C 351 35.97 3.46 -45.22
N VAL C 352 36.12 3.36 -46.54
CA VAL C 352 37.42 3.46 -47.19
C VAL C 352 37.63 4.89 -47.66
N SER C 353 38.75 5.49 -47.28
CA SER C 353 39.01 6.89 -47.60
C SER C 353 40.51 7.13 -47.56
N TYR C 354 40.89 8.41 -47.57
CA TYR C 354 42.30 8.78 -47.45
C TYR C 354 42.90 8.22 -46.17
N ALA C 355 42.10 8.14 -45.12
CA ALA C 355 42.53 7.52 -43.87
C ALA C 355 42.04 6.08 -43.84
N ASP C 356 42.95 5.17 -43.52
CA ASP C 356 42.68 3.73 -43.45
C ASP C 356 42.02 3.23 -44.72
N PRO C 357 42.77 3.11 -45.82
CA PRO C 357 42.18 2.57 -47.06
C PRO C 357 41.66 1.17 -46.91
N TYR C 358 42.19 0.39 -45.95
CA TYR C 358 41.68 -0.96 -45.73
C TYR C 358 40.26 -0.94 -45.21
N GLY C 359 39.96 -0.01 -44.30
CA GLY C 359 38.59 0.24 -43.92
C GLY C 359 38.00 -0.64 -42.84
N GLU C 360 38.58 -0.62 -41.63
CA GLU C 360 38.06 -1.38 -40.49
C GLU C 360 37.68 -0.42 -39.36
N MET C 361 36.49 0.17 -39.47
CA MET C 361 35.92 1.06 -38.45
C MET C 361 34.40 1.03 -38.53
N GLY C 362 33.72 0.96 -37.38
CA GLY C 362 32.27 0.88 -37.39
C GLY C 362 31.54 2.21 -37.27
N LEU C 363 31.84 2.97 -36.21
CA LEU C 363 31.42 4.37 -36.09
C LEU C 363 29.90 4.54 -36.23
N THR C 364 29.19 4.01 -35.24
CA THR C 364 27.78 4.35 -35.10
C THR C 364 27.63 5.67 -34.33
N SER C 365 26.46 6.28 -34.45
CA SER C 365 26.20 7.55 -33.79
C SER C 365 24.70 7.75 -33.65
N ILE C 366 24.30 8.45 -32.58
CA ILE C 366 22.91 8.77 -32.31
C ILE C 366 22.84 10.22 -31.86
N LYS C 367 21.92 10.99 -32.45
CA LYS C 367 21.70 12.37 -32.08
C LYS C 367 20.21 12.65 -31.97
N TRP C 368 19.86 13.69 -31.22
CA TRP C 368 18.46 14.04 -31.02
C TRP C 368 18.36 15.51 -30.61
N TYR C 369 17.15 16.04 -30.72
CA TYR C 369 16.85 17.43 -30.38
C TYR C 369 15.84 17.44 -29.24
N TYR C 370 16.17 18.11 -28.14
CA TYR C 370 15.34 18.13 -26.95
C TYR C 370 15.05 19.57 -26.53
N GLY C 371 13.86 19.80 -26.03
CA GLY C 371 13.46 21.11 -25.53
C GLY C 371 12.12 21.07 -24.81
N SER C 372 12.05 21.70 -23.64
CA SER C 372 10.86 21.67 -22.83
C SER C 372 10.26 23.07 -22.71
N LEU C 373 8.99 23.11 -22.32
CA LEU C 373 8.28 24.38 -22.13
C LEU C 373 7.23 24.18 -21.05
N ILE C 374 7.35 24.93 -19.96
CA ILE C 374 6.43 24.83 -18.84
C ILE C 374 5.34 25.89 -19.05
N LEU C 375 4.18 25.44 -19.54
CA LEU C 375 3.08 26.38 -19.77
C LEU C 375 2.56 26.94 -18.45
N ARG C 376 2.30 26.07 -17.48
CA ARG C 376 1.68 26.44 -16.22
C ARG C 376 2.54 25.92 -15.08
N PRO C 377 3.56 26.69 -14.65
CA PRO C 377 4.38 26.25 -13.51
C PRO C 377 3.60 26.08 -12.24
N GLU C 378 2.52 26.84 -12.05
CA GLU C 378 1.68 26.71 -10.87
C GLU C 378 0.98 25.36 -10.79
N TRP C 379 0.93 24.61 -11.89
CA TRP C 379 0.33 23.29 -11.89
C TRP C 379 1.30 22.20 -11.50
N ILE C 380 2.55 22.54 -11.21
CA ILE C 380 3.57 21.56 -10.85
C ILE C 380 3.96 21.82 -9.40
N ALA C 381 3.78 20.82 -8.55
CA ALA C 381 4.08 20.92 -7.14
C ALA C 381 5.34 20.11 -6.82
N LEU C 382 6.10 20.59 -5.84
CA LEU C 382 7.32 19.94 -5.44
C LEU C 382 7.53 20.13 -3.95
N PHE C 383 7.80 19.03 -3.25
CA PHE C 383 8.04 19.05 -1.80
C PHE C 383 9.32 18.28 -1.53
N LYS C 384 10.31 18.95 -0.94
CA LYS C 384 11.59 18.34 -0.63
C LYS C 384 11.54 17.69 0.75
N THR C 385 12.48 16.77 0.98
CA THR C 385 12.53 16.06 2.24
C THR C 385 13.90 15.41 2.42
N VAL C 386 14.14 14.94 3.64
CA VAL C 386 15.36 14.23 4.01
C VAL C 386 14.95 12.87 4.56
N ALA C 387 15.47 11.81 3.97
CA ALA C 387 15.08 10.46 4.35
C ALA C 387 16.22 9.68 5.00
N ALA C 388 15.83 8.68 5.79
CA ALA C 388 16.78 7.77 6.42
C ALA C 388 17.64 7.06 5.38
N LYS D 2 28.29 28.90 -39.98
CA LYS D 2 27.81 28.48 -38.67
C LYS D 2 26.67 29.38 -38.22
N TYR D 3 25.59 28.75 -37.75
CA TYR D 3 24.50 29.52 -37.16
C TYR D 3 24.91 30.19 -35.86
N ASN D 4 25.80 29.56 -35.09
CA ASN D 4 26.29 30.11 -33.84
C ASN D 4 25.14 30.46 -32.89
N ALA D 5 25.29 31.57 -32.16
CA ALA D 5 24.26 32.08 -31.26
C ALA D 5 23.92 33.49 -31.72
N PRO D 6 22.97 33.64 -32.64
CA PRO D 6 22.74 34.95 -33.30
C PRO D 6 22.50 36.11 -32.34
N ASN D 7 22.64 37.33 -32.86
CA ASN D 7 22.71 38.56 -32.09
C ASN D 7 23.98 38.57 -31.26
N THR D 8 24.01 37.75 -30.21
CA THR D 8 25.20 37.66 -29.36
C THR D 8 26.42 37.22 -30.17
N THR D 9 26.27 36.15 -30.94
CA THR D 9 27.31 35.63 -31.82
C THR D 9 26.70 35.52 -33.21
N PRO D 10 26.84 36.55 -34.04
CA PRO D 10 26.15 36.55 -35.34
C PRO D 10 26.57 35.38 -36.20
N SER D 11 25.59 34.85 -36.95
CA SER D 11 25.86 33.72 -37.83
C SER D 11 26.77 34.15 -38.99
N SER D 12 27.33 33.14 -39.65
CA SER D 12 28.29 33.41 -40.72
C SER D 12 27.63 34.16 -41.87
N ILE D 13 26.40 33.78 -42.23
CA ILE D 13 25.71 34.43 -43.33
C ILE D 13 25.42 35.90 -43.01
N GLY D 14 25.13 36.20 -41.76
CA GLY D 14 24.83 37.56 -41.37
C GLY D 14 23.74 37.63 -40.32
N PRO D 15 23.05 38.77 -40.26
CA PRO D 15 22.00 38.95 -39.24
C PRO D 15 20.82 38.02 -39.47
N GLN D 16 20.20 37.64 -38.36
CA GLN D 16 18.96 36.87 -38.34
C GLN D 16 17.90 37.79 -37.74
N ILE D 17 16.91 38.18 -38.55
CA ILE D 17 15.90 39.11 -38.07
C ILE D 17 14.82 38.39 -37.29
N ARG D 18 14.60 37.12 -37.57
CA ARG D 18 13.60 36.33 -36.88
C ARG D 18 14.28 35.25 -36.04
N LEU D 19 13.96 35.24 -34.74
CA LEU D 19 14.59 34.25 -33.87
C LEU D 19 13.60 33.60 -32.90
N ASP D 20 12.30 33.59 -33.20
CA ASP D 20 11.31 33.08 -32.28
C ASP D 20 10.03 32.74 -33.02
N TYR D 21 9.59 31.47 -32.92
CA TYR D 21 8.32 31.07 -33.50
C TYR D 21 7.20 31.45 -32.54
N TYR D 22 6.19 32.14 -33.07
CA TYR D 22 5.06 32.59 -32.27
C TYR D 22 3.94 31.57 -32.40
N TYR D 23 3.79 30.73 -31.38
CA TYR D 23 2.64 29.85 -31.29
C TYR D 23 1.40 30.69 -31.00
N LYS D 24 0.42 30.65 -31.91
CA LYS D 24 -0.71 31.57 -31.85
C LYS D 24 -1.62 31.29 -30.67
N LYS D 25 -1.96 30.02 -30.44
CA LYS D 25 -2.91 29.64 -29.41
C LYS D 25 -2.43 30.09 -28.03
N ALA D 26 -3.16 30.99 -27.41
CA ALA D 26 -2.79 31.58 -26.14
C ALA D 26 -3.40 30.80 -24.97
N LEU D 27 -2.85 31.04 -23.79
CA LEU D 27 -3.33 30.41 -22.57
C LEU D 27 -4.29 31.34 -21.86
N VAL D 28 -5.50 30.85 -21.59
CA VAL D 28 -6.54 31.63 -20.93
C VAL D 28 -6.93 30.90 -19.66
N ASP D 29 -6.89 31.62 -18.53
CA ASP D 29 -7.31 31.03 -17.26
C ASP D 29 -8.81 30.77 -17.27
N ALA D 30 -9.21 29.63 -16.72
CA ALA D 30 -10.62 29.29 -16.66
C ALA D 30 -11.33 30.16 -15.64
N ALA D 31 -12.64 30.32 -15.85
CA ALA D 31 -13.45 31.12 -14.94
C ALA D 31 -13.76 30.33 -13.66
N LYS D 32 -13.75 31.03 -12.54
CA LYS D 32 -14.12 30.39 -11.28
C LYS D 32 -15.59 30.00 -11.29
N GLU D 33 -15.92 28.96 -10.55
CA GLU D 33 -17.28 28.48 -10.46
C GLU D 33 -18.03 29.25 -9.38
N MET D 34 -19.25 29.67 -9.70
CA MET D 34 -20.08 30.40 -8.76
C MET D 34 -20.92 29.45 -7.92
N TYR D 35 -21.04 29.77 -6.64
CA TYR D 35 -21.79 28.91 -5.73
C TYR D 35 -22.92 29.68 -5.06
N PHE D 36 -22.65 30.92 -4.63
CA PHE D 36 -23.66 31.66 -3.89
C PHE D 36 -24.65 32.35 -4.80
N GLY D 37 -24.45 32.29 -6.11
CA GLY D 37 -25.51 32.61 -7.04
C GLY D 37 -26.50 31.46 -7.08
N GLN D 38 -27.41 31.46 -8.06
CA GLN D 38 -28.42 30.42 -8.24
C GLN D 38 -29.04 30.00 -6.92
N LEU D 39 -29.17 30.93 -5.98
CA LEU D 39 -29.71 30.61 -4.67
C LEU D 39 -30.66 31.66 -4.13
N ALA D 40 -30.89 32.76 -4.84
CA ALA D 40 -31.70 33.86 -4.36
C ALA D 40 -32.93 34.06 -5.25
N GLU D 41 -34.00 34.54 -4.66
CA GLU D 41 -35.17 34.94 -5.41
C GLU D 41 -35.03 36.39 -5.85
N VAL D 42 -35.93 36.84 -6.72
CA VAL D 42 -35.86 38.17 -7.29
C VAL D 42 -37.21 38.85 -7.13
N THR D 43 -37.20 40.08 -6.63
CA THR D 43 -38.38 40.93 -6.56
C THR D 43 -38.09 42.18 -7.38
N ASN D 44 -38.95 42.47 -8.34
CA ASN D 44 -38.71 43.58 -9.26
C ASN D 44 -38.91 44.90 -8.53
N MET D 45 -38.04 45.87 -8.83
CA MET D 45 -38.17 47.21 -8.28
C MET D 45 -38.60 48.16 -9.39
N PRO D 46 -39.82 48.69 -9.37
CA PRO D 46 -40.27 49.57 -10.46
C PRO D 46 -39.58 50.92 -10.44
N LYS D 47 -39.49 51.52 -11.63
CA LYS D 47 -38.95 52.86 -11.79
C LYS D 47 -40.00 53.87 -11.37
N ASN D 48 -39.62 55.16 -11.37
CA ASN D 48 -40.45 56.27 -10.91
C ASN D 48 -40.75 56.14 -9.42
N MET D 49 -40.01 55.26 -8.76
CA MET D 49 -40.26 55.00 -7.35
C MET D 49 -38.89 55.08 -6.64
N GLY D 50 -38.88 54.97 -5.31
CA GLY D 50 -37.66 55.16 -4.54
C GLY D 50 -36.70 53.99 -4.60
N LYS D 51 -35.69 53.99 -3.71
CA LYS D 51 -34.61 53.03 -3.74
C LYS D 51 -34.67 52.03 -2.59
N GLN D 52 -35.77 51.99 -1.84
CA GLN D 52 -35.89 51.11 -0.69
C GLN D 52 -37.11 50.21 -0.84
N ILE D 53 -36.99 48.99 -0.35
CA ILE D 53 -38.06 47.99 -0.39
C ILE D 53 -38.47 47.67 1.04
N LYS D 54 -39.77 47.77 1.32
CA LYS D 54 -40.29 47.52 2.65
C LYS D 54 -41.24 46.33 2.64
N LEU D 55 -41.35 45.67 3.79
CA LEU D 55 -42.11 44.44 3.92
C LEU D 55 -42.83 44.41 5.26
N TYR D 56 -43.90 43.62 5.29
CA TYR D 56 -44.61 43.28 6.52
C TYR D 56 -44.54 41.77 6.72
N HIS D 57 -44.10 41.36 7.91
CA HIS D 57 -44.01 39.95 8.27
C HIS D 57 -44.76 39.75 9.58
N TYR D 58 -45.85 38.99 9.54
CA TYR D 58 -46.66 38.80 10.72
C TYR D 58 -46.02 37.78 11.65
N VAL D 59 -46.51 37.76 12.89
CA VAL D 59 -45.82 37.10 14.00
C VAL D 59 -46.74 36.02 14.57
N PRO D 60 -46.20 34.92 15.10
CA PRO D 60 -47.04 33.95 15.80
C PRO D 60 -47.79 34.62 16.95
N LEU D 61 -49.04 34.19 17.14
CA LEU D 61 -49.84 34.76 18.22
C LEU D 61 -49.24 34.46 19.58
N LEU D 62 -48.76 33.23 19.78
CA LEU D 62 -48.19 32.81 21.05
C LEU D 62 -46.67 32.99 21.11
N ASP D 63 -46.14 33.99 20.42
CA ASP D 63 -44.71 34.29 20.49
C ASP D 63 -44.46 35.48 21.43
N ASP D 64 -43.24 35.52 21.96
CA ASP D 64 -42.80 36.65 22.77
C ASP D 64 -42.64 37.92 21.97
N ARG D 65 -42.59 37.83 20.65
CA ARG D 65 -42.48 39.01 19.81
C ARG D 65 -43.78 39.81 19.85
N ASN D 66 -44.91 39.15 20.09
CA ASN D 66 -46.18 39.83 20.27
C ASN D 66 -46.13 40.71 21.50
N VAL D 67 -46.19 42.03 21.32
CA VAL D 67 -46.26 42.96 22.44
C VAL D 67 -47.53 43.78 22.31
N ASN D 68 -48.60 43.33 22.95
CA ASN D 68 -49.89 43.97 22.83
C ASN D 68 -50.30 44.61 24.17
N ASP D 69 -51.13 45.65 24.05
CA ASP D 69 -51.88 46.15 25.20
C ASP D 69 -53.30 45.63 25.24
N GLN D 70 -53.77 45.00 24.17
CA GLN D 70 -55.11 44.42 24.11
C GLN D 70 -55.07 43.03 24.74
N GLY D 71 -55.08 43.02 26.07
CA GLY D 71 -55.09 41.77 26.82
C GLY D 71 -55.78 41.89 28.16
N ILE D 72 -56.75 41.03 28.41
CA ILE D 72 -57.52 41.05 29.65
C ILE D 72 -57.40 39.70 30.33
N ASP D 73 -57.08 39.71 31.62
CA ASP D 73 -57.08 38.48 32.40
C ASP D 73 -58.47 37.88 32.47
N ALA D 74 -58.52 36.57 32.70
CA ALA D 74 -59.78 35.84 32.78
C ALA D 74 -60.72 36.48 33.79
N ALA D 75 -60.16 37.04 34.86
CA ALA D 75 -60.96 37.77 35.84
C ALA D 75 -61.15 39.22 35.41
N GLY D 76 -61.59 39.44 34.17
CA GLY D 76 -61.92 40.74 33.64
C GLY D 76 -61.01 41.89 34.00
N ALA D 77 -59.70 41.65 34.04
CA ALA D 77 -58.73 42.67 34.42
C ALA D 77 -57.70 42.81 33.31
N THR D 78 -57.40 44.06 32.94
CA THR D 78 -56.43 44.32 31.89
C THR D 78 -55.03 43.98 32.37
N ILE D 79 -54.36 43.08 31.65
CA ILE D 79 -53.00 42.65 31.99
C ILE D 79 -52.05 43.20 30.94
N ALA D 80 -50.85 43.58 31.37
CA ALA D 80 -49.86 44.15 30.46
C ALA D 80 -49.19 43.02 29.70
N ASN D 81 -49.96 42.29 28.89
CA ASN D 81 -49.44 41.23 28.04
C ASN D 81 -50.52 40.82 27.05
N GLY D 82 -50.18 40.71 25.77
CA GLY D 82 -51.14 40.33 24.77
C GLY D 82 -51.16 38.85 24.49
N ASN D 83 -50.00 38.30 24.18
CA ASN D 83 -49.85 36.86 24.04
C ASN D 83 -50.19 36.19 25.37
N LEU D 84 -50.90 35.06 25.30
CA LEU D 84 -51.33 34.37 26.52
C LEU D 84 -50.13 33.99 27.36
N TYR D 85 -49.15 33.32 26.77
CA TYR D 85 -47.88 33.03 27.43
C TYR D 85 -46.71 33.62 26.65
N GLY D 86 -46.70 33.44 25.35
CA GLY D 86 -45.53 33.70 24.53
C GLY D 86 -44.67 32.45 24.42
N SER D 87 -43.37 32.69 24.26
CA SER D 87 -42.44 31.57 24.15
C SER D 87 -42.26 30.85 25.48
N SER D 88 -42.78 31.42 26.56
CA SER D 88 -42.60 30.85 27.89
C SER D 88 -43.14 29.43 27.95
N LYS D 89 -42.26 28.45 28.04
CA LYS D 89 -42.61 27.04 28.09
C LYS D 89 -42.57 26.50 29.52
N ASP D 90 -43.36 27.08 30.42
CA ASP D 90 -43.31 26.70 31.84
C ASP D 90 -44.64 26.09 32.25
N ILE D 91 -44.58 24.89 32.83
CA ILE D 91 -45.77 24.23 33.35
C ILE D 91 -46.18 24.89 34.65
N GLY D 92 -45.27 25.70 35.20
CA GLY D 92 -45.56 26.41 36.43
C GLY D 92 -46.46 27.61 36.22
N THR D 93 -46.53 28.12 35.00
CA THR D 93 -47.26 29.35 34.73
C THR D 93 -48.47 29.13 33.83
N ILE D 94 -48.30 28.37 32.76
CA ILE D 94 -49.33 28.20 31.71
C ILE D 94 -50.67 27.76 32.28
N PRO D 95 -50.75 26.79 33.21
CA PRO D 95 -52.05 26.48 33.81
C PRO D 95 -52.75 27.68 34.42
N SER D 96 -51.99 28.57 35.09
CA SER D 96 -52.57 29.80 35.59
C SER D 96 -52.97 30.73 34.45
N LYS D 97 -52.14 30.82 33.42
CA LYS D 97 -52.42 31.68 32.28
C LYS D 97 -53.25 30.99 31.21
N LEU D 98 -53.66 29.75 31.43
CA LEU D 98 -54.54 29.04 30.51
C LEU D 98 -55.83 29.83 30.33
N PRO D 99 -56.32 29.99 29.11
CA PRO D 99 -57.54 30.78 28.92
C PRO D 99 -58.76 30.06 29.44
N ALA D 100 -59.24 30.48 30.61
CA ALA D 100 -60.33 29.77 31.27
C ALA D 100 -61.68 30.31 30.85
N LEU D 101 -62.74 29.76 31.44
CA LEU D 101 -64.10 30.24 31.19
C LEU D 101 -65.01 29.84 32.35
N THR D 102 -66.28 30.21 32.25
CA THR D 102 -67.26 29.89 33.27
C THR D 102 -68.62 29.99 32.61
N GLU D 103 -69.62 29.36 33.23
CA GLU D 103 -70.97 29.34 32.67
C GLU D 103 -71.48 30.75 32.37
N ASN D 104 -71.09 31.74 33.17
CA ASN D 104 -71.57 33.10 32.95
C ASN D 104 -70.92 33.73 31.72
N GLY D 105 -69.67 33.38 31.43
CA GLY D 105 -69.01 33.98 30.28
C GLY D 105 -68.60 35.41 30.54
N GLY D 106 -68.72 36.25 29.51
CA GLY D 106 -68.38 37.66 29.60
C GLY D 106 -67.01 37.96 29.05
N ARG D 107 -66.62 39.22 29.19
CA ARG D 107 -65.31 39.67 28.75
C ARG D 107 -64.23 39.03 29.60
N VAL D 108 -63.55 38.01 29.06
CA VAL D 108 -62.68 37.18 29.88
C VAL D 108 -61.27 37.12 29.30
N ASN D 109 -61.16 36.73 28.03
CA ASN D 109 -59.85 36.47 27.42
C ASN D 109 -59.72 37.26 26.11
N ARG D 110 -59.22 38.48 26.22
CA ARG D 110 -58.93 39.31 25.05
C ARG D 110 -57.46 39.14 24.67
N VAL D 111 -57.20 39.07 23.36
CA VAL D 111 -55.86 38.86 22.84
C VAL D 111 -55.61 39.84 21.71
N GLY D 112 -54.33 40.03 21.38
CA GLY D 112 -53.93 40.96 20.36
C GLY D 112 -52.93 40.36 19.39
N PHE D 113 -52.60 41.15 18.37
CA PHE D 113 -51.67 40.73 17.32
C PHE D 113 -50.82 41.92 16.89
N THR D 114 -49.64 41.62 16.34
CA THR D 114 -48.74 42.67 15.84
C THR D 114 -48.25 42.29 14.44
N ARG D 115 -47.33 43.06 13.89
CA ARG D 115 -46.77 42.79 12.53
C ARG D 115 -45.38 43.43 12.46
N ILE D 116 -44.43 42.78 11.77
CA ILE D 116 -43.04 43.31 11.80
C ILE D 116 -42.70 43.96 10.44
N GLN D 117 -41.60 44.72 10.39
CA GLN D 117 -41.21 45.41 9.17
C GLN D 117 -39.84 44.95 8.70
N LEU D 118 -39.60 45.06 7.40
CA LEU D 118 -38.31 44.75 6.79
C LEU D 118 -37.94 45.86 5.83
N ILE D 119 -36.63 46.01 5.59
CA ILE D 119 -36.13 47.11 4.76
C ILE D 119 -34.91 46.62 3.98
N GLY D 120 -34.80 47.07 2.73
CA GLY D 120 -33.66 46.73 1.90
C GLY D 120 -33.13 47.93 1.14
N SER D 121 -32.20 47.71 0.22
CA SER D 121 -31.62 48.80 -0.54
C SER D 121 -31.02 48.28 -1.84
N ILE D 122 -30.80 49.19 -2.78
CA ILE D 122 -30.18 48.88 -4.06
C ILE D 122 -29.09 49.90 -4.33
N LYS D 123 -27.85 49.43 -4.47
CA LYS D 123 -26.71 50.31 -4.69
C LYS D 123 -26.04 49.92 -6.01
N LYS D 124 -24.90 50.55 -6.29
CA LYS D 124 -24.11 50.23 -7.47
C LYS D 124 -22.75 49.68 -7.09
N PHE D 127 -16.55 51.29 -13.40
CA PHE D 127 -15.94 50.11 -14.01
C PHE D 127 -15.87 50.27 -15.53
N PHE D 128 -14.71 50.65 -16.03
CA PHE D 128 -14.51 50.87 -17.45
C PHE D 128 -13.03 50.70 -17.79
N TYR D 129 -12.75 50.57 -19.08
CA TYR D 129 -11.38 50.51 -19.57
C TYR D 129 -11.31 51.16 -20.94
N GLU D 130 -10.18 51.78 -21.23
CA GLU D 130 -9.96 52.48 -22.49
C GLU D 130 -8.77 51.88 -23.22
N TRP D 131 -8.70 52.18 -24.52
CA TRP D 131 -7.62 51.66 -25.35
C TRP D 131 -7.46 52.56 -26.56
N THR D 132 -6.29 52.50 -27.18
CA THR D 132 -5.98 53.32 -28.34
C THR D 132 -5.98 52.47 -29.60
N GLN D 133 -6.28 53.11 -30.73
CA GLN D 133 -6.27 52.42 -32.01
C GLN D 133 -4.87 51.89 -32.33
N GLU D 134 -3.84 52.67 -31.99
CA GLU D 134 -2.48 52.22 -32.22
C GLU D 134 -2.18 50.95 -31.43
N ALA D 135 -2.79 50.82 -30.25
CA ALA D 135 -2.58 49.63 -29.43
C ALA D 135 -3.11 48.39 -30.12
N MET D 136 -4.36 48.45 -30.60
CA MET D 136 -4.96 47.29 -31.24
C MET D 136 -4.27 46.96 -32.55
N ASP D 137 -3.90 47.98 -33.32
CA ASP D 137 -3.33 47.76 -34.64
C ASP D 137 -1.94 47.12 -34.56
N PHE D 138 -1.00 47.80 -33.92
CA PHE D 138 0.39 47.37 -33.95
C PHE D 138 0.68 46.30 -32.90
N ASP D 139 -0.36 45.60 -32.45
CA ASP D 139 -0.17 44.50 -31.54
C ASP D 139 0.07 43.20 -32.31
N THR D 140 0.77 42.27 -31.65
CA THR D 140 1.05 40.98 -32.27
C THR D 140 -0.18 40.09 -32.27
N ASP D 141 -0.97 40.13 -31.21
CA ASP D 141 -2.17 39.30 -31.10
C ASP D 141 -3.36 40.06 -31.69
N GLU D 142 -3.84 39.59 -32.84
CA GLU D 142 -4.95 40.25 -33.52
C GLU D 142 -6.30 39.92 -32.89
N GLU D 143 -6.35 39.01 -31.93
CA GLU D 143 -7.56 38.73 -31.17
C GLU D 143 -7.54 39.41 -29.81
N LEU D 144 -6.72 40.46 -29.66
CA LEU D 144 -6.57 41.12 -28.37
C LEU D 144 -7.89 41.74 -27.92
N ASP D 145 -8.64 42.32 -28.85
CA ASP D 145 -9.93 42.91 -28.51
C ASP D 145 -10.87 41.87 -27.93
N SER D 146 -10.92 40.68 -28.54
CA SER D 146 -11.76 39.61 -28.03
C SER D 146 -11.28 39.17 -26.65
N HIS D 147 -9.97 39.10 -26.45
CA HIS D 147 -9.43 38.69 -25.16
C HIS D 147 -9.82 39.67 -24.07
N LEU D 148 -9.73 40.96 -24.35
CA LEU D 148 -9.99 41.97 -23.33
C LEU D 148 -11.45 41.95 -22.90
N ILE D 149 -12.37 41.91 -23.87
CA ILE D 149 -13.79 41.96 -23.53
C ILE D 149 -14.21 40.67 -22.83
N GLN D 150 -13.63 39.53 -23.24
CA GLN D 150 -14.04 38.24 -22.69
C GLN D 150 -13.72 38.16 -21.21
N GLU D 151 -12.52 38.59 -20.81
CA GLU D 151 -12.16 38.56 -19.40
C GLU D 151 -12.89 39.66 -18.63
N ALA D 152 -13.16 40.79 -19.29
CA ALA D 152 -13.93 41.85 -18.65
C ALA D 152 -15.34 41.37 -18.32
N VAL D 153 -15.97 40.66 -19.26
CA VAL D 153 -17.28 40.10 -19.00
C VAL D 153 -17.21 39.05 -17.90
N LYS D 154 -16.20 38.19 -17.95
CA LYS D 154 -16.04 37.18 -16.91
C LYS D 154 -15.76 37.85 -15.57
N GLY D 155 -15.05 38.98 -15.60
CA GLY D 155 -14.72 39.72 -14.40
C GLY D 155 -15.95 40.15 -13.64
N ALA D 156 -16.88 40.83 -14.31
CA ALA D 156 -18.06 41.35 -13.63
C ALA D 156 -18.89 40.24 -13.00
N ASN D 157 -18.77 39.02 -13.54
CA ASN D 157 -19.54 37.89 -13.01
C ASN D 157 -19.16 37.60 -11.57
N GLU D 158 -17.86 37.60 -11.27
CA GLU D 158 -17.45 37.27 -9.91
C GLU D 158 -17.69 38.43 -8.95
N ILE D 159 -17.51 39.67 -9.40
CA ILE D 159 -17.73 40.82 -8.53
C ILE D 159 -19.15 40.81 -7.99
N THR D 160 -20.12 40.47 -8.85
CA THR D 160 -21.49 40.31 -8.38
C THR D 160 -21.59 39.21 -7.33
N GLU D 161 -20.85 38.11 -7.53
CA GLU D 161 -20.92 36.99 -6.61
C GLU D 161 -20.37 37.36 -5.23
N ASP D 162 -19.25 38.07 -5.18
CA ASP D 162 -18.67 38.45 -3.89
C ASP D 162 -19.59 39.40 -3.14
N GLN D 163 -20.23 40.32 -3.86
CA GLN D 163 -21.16 41.23 -3.21
C GLN D 163 -22.28 40.48 -2.51
N LEU D 164 -22.82 39.45 -3.17
CA LEU D 164 -23.86 38.63 -2.56
C LEU D 164 -23.33 37.94 -1.31
N GLN D 165 -22.09 37.43 -1.37
CA GLN D 165 -21.50 36.78 -0.22
C GLN D 165 -21.27 37.76 0.92
N ILE D 166 -20.77 38.97 0.61
CA ILE D 166 -20.47 39.94 1.65
C ILE D 166 -21.73 40.27 2.45
N ASP D 167 -22.84 40.46 1.75
CA ASP D 167 -24.11 40.69 2.44
C ASP D 167 -24.51 39.47 3.26
N LEU D 168 -24.32 38.27 2.71
CA LEU D 168 -24.76 37.05 3.39
C LEU D 168 -24.00 36.83 4.69
N LEU D 169 -22.68 36.98 4.65
CA LEU D 169 -21.90 36.83 5.88
C LEU D 169 -22.23 37.93 6.89
N ASN D 170 -22.40 39.16 6.41
CA ASN D 170 -22.73 40.26 7.30
C ASN D 170 -24.11 40.14 7.92
N GLY D 171 -25.05 39.48 7.24
CA GLY D 171 -26.37 39.28 7.81
C GLY D 171 -26.65 37.83 8.14
N ALA D 172 -26.67 37.50 9.43
CA ALA D 172 -26.89 36.14 9.89
C ALA D 172 -27.50 36.16 11.28
N GLY D 173 -28.71 35.62 11.39
CA GLY D 173 -29.39 35.55 12.68
C GLY D 173 -28.65 34.66 13.66
N VAL D 174 -28.19 33.51 13.19
CA VAL D 174 -27.49 32.55 14.04
C VAL D 174 -25.99 32.72 13.86
N VAL D 175 -25.37 33.56 14.69
CA VAL D 175 -23.93 33.75 14.68
C VAL D 175 -23.38 33.10 15.94
N ARG D 176 -22.52 32.11 15.78
CA ARG D 176 -21.99 31.34 16.90
C ARG D 176 -20.47 31.33 16.83
N TYR D 177 -19.84 31.81 17.89
CA TYR D 177 -18.39 31.76 18.08
C TYR D 177 -18.01 30.53 18.88
N PRO D 178 -16.73 30.15 18.86
CA PRO D 178 -16.27 29.08 19.75
C PRO D 178 -16.44 29.46 21.22
N GLY D 179 -16.14 28.51 22.09
CA GLY D 179 -16.32 28.67 23.52
C GLY D 179 -15.82 29.98 24.11
N ALA D 180 -16.72 30.70 24.76
CA ALA D 180 -16.42 31.93 25.49
C ALA D 180 -16.05 33.08 24.56
N ALA D 181 -15.99 32.82 23.25
CA ALA D 181 -15.70 33.90 22.30
C ALA D 181 -16.98 34.64 21.95
N THR D 182 -16.85 35.96 21.75
CA THR D 182 -18.00 36.81 21.47
C THR D 182 -17.82 37.75 20.29
N SER D 183 -16.59 38.04 19.87
CA SER D 183 -16.35 38.98 18.79
C SER D 183 -15.27 38.41 17.89
N ASN D 184 -14.83 39.23 16.93
CA ASN D 184 -13.74 38.83 16.04
C ASN D 184 -12.36 39.04 16.68
N ALA D 185 -12.28 39.82 17.76
CA ALA D 185 -10.98 40.15 18.34
C ALA D 185 -10.54 39.10 19.35
N ASP D 186 -11.42 38.73 20.28
CA ASP D 186 -11.06 37.74 21.29
C ASP D 186 -10.71 36.40 20.68
N MET D 187 -11.21 36.12 19.49
CA MET D 187 -10.94 34.86 18.81
C MET D 187 -9.47 34.74 18.43
N THR D 188 -8.79 33.72 18.95
CA THR D 188 -7.39 33.50 18.63
C THR D 188 -7.01 32.06 18.93
N GLY D 189 -5.95 31.60 18.29
CA GLY D 189 -5.32 30.33 18.58
C GLY D 189 -4.03 30.43 19.36
N GLU D 190 -3.72 31.59 19.95
CA GLU D 190 -2.47 31.76 20.66
C GLU D 190 -2.38 30.80 21.85
N GLY D 191 -3.46 30.72 22.63
CA GLY D 191 -3.51 29.78 23.74
C GLY D 191 -4.41 28.62 23.43
N THR D 192 -5.54 28.51 24.14
CA THR D 192 -6.56 27.54 23.77
C THR D 192 -7.15 27.93 22.44
N ALA D 193 -6.87 27.14 21.39
CA ALA D 193 -7.27 27.49 20.05
C ALA D 193 -8.78 27.63 19.93
N THR D 194 -9.24 28.82 19.59
CA THR D 194 -10.66 29.08 19.39
C THR D 194 -11.04 28.50 18.04
N VAL D 195 -11.31 27.19 18.04
CA VAL D 195 -11.61 26.44 16.83
C VAL D 195 -13.00 25.83 16.97
N VAL D 196 -13.41 25.08 15.94
CA VAL D 196 -14.74 24.52 15.92
C VAL D 196 -14.75 23.12 16.54
N THR D 197 -15.75 22.87 17.37
CA THR D 197 -15.91 21.57 18.00
C THR D 197 -17.11 20.87 17.39
N TYR D 198 -17.11 19.54 17.45
CA TYR D 198 -18.28 18.77 17.04
C TYR D 198 -19.51 19.23 17.80
N GLU D 199 -19.34 19.51 19.10
CA GLU D 199 -20.43 20.06 19.90
C GLU D 199 -20.86 21.41 19.37
N GLY D 200 -19.89 22.23 18.97
CA GLY D 200 -20.21 23.55 18.43
C GLY D 200 -21.06 23.47 17.18
N LEU D 201 -20.73 22.55 16.28
CA LEU D 201 -21.47 22.45 15.03
C LEU D 201 -22.88 21.93 15.24
N VAL D 202 -23.05 20.95 16.13
CA VAL D 202 -24.38 20.38 16.33
C VAL D 202 -25.29 21.39 17.02
N LYS D 203 -24.74 22.26 17.88
CA LYS D 203 -25.56 23.26 18.54
C LYS D 203 -26.20 24.20 17.52
N MET D 204 -25.50 24.48 16.42
CA MET D 204 -26.11 25.19 15.31
C MET D 204 -27.25 24.37 14.71
N GLY D 205 -27.03 23.05 14.58
CA GLY D 205 -28.06 22.19 14.00
C GLY D 205 -29.34 22.21 14.80
N ILE D 206 -29.22 22.21 16.12
CA ILE D 206 -30.41 22.29 16.98
C ILE D 206 -31.13 23.62 16.76
N THR D 207 -30.36 24.72 16.74
CA THR D 207 -30.96 26.03 16.55
C THR D 207 -31.64 26.14 15.20
N LEU D 208 -30.98 25.63 14.15
CA LEU D 208 -31.54 25.75 12.81
C LEU D 208 -32.68 24.77 12.58
N ASN D 209 -32.67 23.63 13.27
CA ASN D 209 -33.75 22.67 13.14
C ASN D 209 -35.07 23.20 13.66
N ASP D 210 -34.98 24.18 14.55
CA ASP D 210 -36.19 24.76 15.19
C ASP D 210 -36.68 25.92 14.34
N ASN D 211 -35.80 26.89 14.09
CA ASN D 211 -36.18 28.00 13.18
C ASN D 211 -36.29 27.42 11.77
N LEU D 212 -37.22 26.48 11.55
CA LEU D 212 -37.36 25.82 10.22
C LEU D 212 -36.01 25.76 9.52
N CYS D 213 -35.65 26.81 8.76
CA CYS D 213 -34.33 26.88 8.09
C CYS D 213 -34.30 26.00 6.84
N PRO D 214 -35.42 25.35 6.44
CA PRO D 214 -35.62 23.94 6.69
C PRO D 214 -34.41 23.04 6.51
N MET D 215 -34.61 21.92 5.82
CA MET D 215 -33.49 20.97 5.57
C MET D 215 -33.25 20.91 4.07
N GLN D 216 -32.28 20.11 3.63
CA GLN D 216 -31.95 20.07 2.21
C GLN D 216 -32.02 18.67 1.62
N THR D 217 -31.20 17.74 2.12
CA THR D 217 -31.15 16.41 1.54
C THR D 217 -31.48 15.36 2.60
N LYS D 218 -31.83 14.16 2.14
CA LYS D 218 -32.41 13.13 2.99
C LYS D 218 -31.35 12.33 3.72
N LEU D 219 -31.76 11.22 4.32
CA LEU D 219 -30.90 10.37 5.15
C LEU D 219 -30.19 9.37 4.23
N ILE D 220 -28.87 9.30 4.34
CA ILE D 220 -28.11 8.32 3.56
C ILE D 220 -28.19 6.98 4.27
N ALA D 221 -28.65 5.95 3.54
CA ALA D 221 -28.81 4.62 4.11
C ALA D 221 -27.52 3.79 4.05
N GLY D 222 -26.64 4.09 3.10
CA GLY D 222 -25.38 3.38 2.97
C GLY D 222 -25.35 2.50 1.74
N SER D 223 -24.19 1.91 1.53
CA SER D 223 -23.96 1.00 0.40
C SER D 223 -23.35 -0.29 0.92
N LEU D 224 -23.58 -1.37 0.16
CA LEU D 224 -23.08 -2.69 0.53
C LEU D 224 -21.56 -2.79 0.50
N MET D 225 -20.88 -1.86 -0.16
CA MET D 225 -19.42 -1.88 -0.20
C MET D 225 -18.85 -1.52 1.16
N THR D 226 -17.74 -2.16 1.51
CA THR D 226 -17.11 -1.93 2.80
C THR D 226 -16.56 -0.52 2.90
N ASP D 227 -16.18 -0.14 4.11
CA ASP D 227 -15.70 1.21 4.41
C ASP D 227 -16.70 2.26 3.93
N THR D 228 -17.90 2.20 4.52
CA THR D 228 -18.98 3.09 4.15
C THR D 228 -19.78 3.44 5.40
N ARG D 229 -19.98 4.73 5.63
CA ARG D 229 -20.77 5.20 6.74
C ARG D 229 -22.09 5.80 6.23
N THR D 230 -22.88 6.34 7.14
CA THR D 230 -24.19 6.90 6.82
C THR D 230 -24.29 8.32 7.36
N ILE D 231 -24.92 9.20 6.61
CA ILE D 231 -25.06 10.59 7.00
C ILE D 231 -26.42 10.79 7.65
N GLN D 232 -26.52 11.80 8.51
CA GLN D 232 -27.76 12.20 9.14
C GLN D 232 -28.15 13.60 8.67
N GLY D 233 -29.35 13.73 8.13
CA GLY D 233 -29.85 14.99 7.59
C GLY D 233 -28.90 15.56 6.54
N ALA D 234 -29.14 16.82 6.19
CA ALA D 234 -28.24 17.55 5.30
C ALA D 234 -28.54 19.03 5.26
N ARG D 235 -27.52 19.85 5.48
CA ARG D 235 -27.64 21.31 5.35
C ARG D 235 -26.30 21.81 4.83
N ALA D 236 -26.31 22.33 3.60
CA ALA D 236 -25.08 22.79 2.97
C ALA D 236 -24.39 23.85 3.83
N LEU D 237 -23.23 23.48 4.36
CA LEU D 237 -22.41 24.38 5.16
C LEU D 237 -21.21 24.76 4.31
N TYR D 238 -21.29 25.93 3.66
CA TYR D 238 -20.24 26.36 2.76
C TYR D 238 -18.98 26.69 3.56
N ILE D 239 -17.83 26.24 3.05
CA ILE D 239 -16.57 26.33 3.77
C ILE D 239 -15.52 27.00 2.91
N GLY D 240 -14.68 27.81 3.55
CA GLY D 240 -13.50 28.31 2.89
C GLY D 240 -12.53 27.18 2.55
N SER D 241 -11.81 27.37 1.44
CA SER D 241 -10.97 26.30 0.92
C SER D 241 -9.84 25.93 1.87
N GLU D 242 -9.24 26.91 2.55
CA GLU D 242 -8.10 26.66 3.41
C GLU D 242 -8.46 25.98 4.73
N LEU D 243 -9.72 26.05 5.15
CA LEU D 243 -10.16 25.50 6.42
C LEU D 243 -10.44 24.00 6.36
N GLU D 244 -9.88 23.31 5.36
CA GLU D 244 -10.13 21.87 5.22
C GLU D 244 -9.36 21.09 6.27
N LEU D 245 -8.11 21.48 6.54
CA LEU D 245 -7.26 20.72 7.45
C LEU D 245 -7.83 20.68 8.86
N GLN D 246 -8.30 21.83 9.34
CA GLN D 246 -8.88 21.88 10.69
C GLN D 246 -10.08 20.95 10.81
N LEU D 247 -10.89 20.87 9.75
CA LEU D 247 -12.03 19.97 9.76
C LEU D 247 -11.59 18.52 9.88
N ARG D 248 -10.52 18.15 9.19
CA ARG D 248 -10.08 16.76 9.18
C ARG D 248 -9.48 16.33 10.51
N LYS D 249 -9.14 17.28 11.39
CA LYS D 249 -8.63 16.96 12.73
C LYS D 249 -9.70 17.16 13.79
N MET D 250 -10.96 16.92 13.45
CA MET D 250 -12.07 17.12 14.36
C MET D 250 -12.44 15.79 15.03
N LYS D 251 -12.61 15.83 16.34
CA LYS D 251 -12.85 14.63 17.14
C LYS D 251 -14.29 14.63 17.62
N ASP D 252 -14.97 13.49 17.43
CA ASP D 252 -16.31 13.32 17.97
C ASP D 252 -16.23 13.14 19.48
N PRO D 253 -17.36 13.27 20.19
CA PRO D 253 -17.33 13.07 21.64
C PRO D 253 -16.84 11.69 22.07
N PHE D 254 -16.99 10.69 21.20
CA PHE D 254 -16.52 9.34 21.50
C PHE D 254 -15.11 9.09 20.97
N ASP D 255 -14.33 10.15 20.76
CA ASP D 255 -12.93 10.05 20.36
C ASP D 255 -12.78 9.27 19.04
N ASN D 256 -13.36 9.83 17.99
CA ASN D 256 -13.29 9.23 16.66
C ASN D 256 -13.10 10.31 15.61
N ALA D 257 -13.28 9.95 14.34
CA ALA D 257 -13.17 10.91 13.25
C ALA D 257 -14.54 11.50 13.00
N ALA D 258 -14.77 12.73 13.49
CA ALA D 258 -16.05 13.38 13.28
C ALA D 258 -16.25 13.72 11.80
N PHE D 259 -15.25 14.32 11.17
CA PHE D 259 -15.30 14.56 9.74
C PHE D 259 -15.14 13.24 8.99
N ILE D 260 -15.88 13.09 7.91
CA ILE D 260 -15.87 11.85 7.13
C ILE D 260 -16.10 12.18 5.66
N PRO D 261 -15.12 11.92 4.79
CA PRO D 261 -15.20 12.42 3.40
C PRO D 261 -16.34 11.82 2.58
N VAL D 262 -16.72 12.51 1.51
CA VAL D 262 -17.74 12.01 0.59
C VAL D 262 -17.30 10.74 -0.11
N GLN D 263 -16.00 10.41 -0.05
CA GLN D 263 -15.51 9.16 -0.62
C GLN D 263 -16.22 7.95 -0.02
N GLN D 264 -16.72 8.09 1.21
CA GLN D 264 -17.46 7.01 1.85
C GLN D 264 -18.97 7.11 1.62
N TYR D 265 -19.45 8.14 0.93
CA TYR D 265 -20.85 8.26 0.58
C TYR D 265 -21.12 7.98 -0.89
N ALA D 266 -20.07 7.93 -1.71
CA ALA D 266 -20.20 7.97 -3.16
C ALA D 266 -21.11 6.87 -3.69
N ASP D 267 -20.92 5.65 -3.20
CA ASP D 267 -21.75 4.54 -3.67
C ASP D 267 -23.16 4.62 -3.07
N ALA D 268 -23.27 5.17 -1.86
CA ALA D 268 -24.54 5.19 -1.14
C ALA D 268 -25.60 6.02 -1.85
N GLY D 269 -25.38 7.32 -1.99
CA GLY D 269 -26.37 8.21 -2.55
C GLY D 269 -25.75 9.17 -3.55
N ASN D 270 -26.30 10.38 -3.58
CA ASN D 270 -25.87 11.42 -4.51
C ASN D 270 -25.08 12.48 -3.78
N LEU D 271 -24.23 13.19 -4.53
CA LEU D 271 -23.36 14.22 -3.99
C LEU D 271 -23.72 15.58 -4.57
N LEU D 272 -23.46 16.62 -3.78
CA LEU D 272 -23.61 17.99 -4.22
C LEU D 272 -22.32 18.49 -4.84
N LYS D 273 -22.44 19.51 -5.68
CA LYS D 273 -21.29 20.03 -6.41
C LYS D 273 -20.25 20.57 -5.45
N GLY D 274 -19.03 20.03 -5.53
CA GLY D 274 -17.96 20.48 -4.67
C GLY D 274 -18.07 20.04 -3.23
N GLU D 275 -18.61 18.85 -2.98
CA GLU D 275 -18.78 18.35 -1.61
C GLU D 275 -17.49 17.65 -1.18
N ILE D 276 -17.00 18.03 0.00
CA ILE D 276 -15.78 17.43 0.51
C ILE D 276 -16.09 16.30 1.49
N GLY D 277 -16.95 16.57 2.45
CA GLY D 277 -17.36 15.58 3.42
C GLY D 277 -18.66 15.94 4.10
N SER D 278 -18.87 15.45 5.33
CA SER D 278 -20.05 15.81 6.08
C SER D 278 -19.74 15.71 7.58
N ILE D 279 -20.26 16.67 8.33
CA ILE D 279 -20.12 16.69 9.78
C ILE D 279 -21.51 16.85 10.38
N ALA D 280 -21.88 15.93 11.27
CA ALA D 280 -23.20 15.94 11.91
C ALA D 280 -24.31 16.04 10.89
N SER D 281 -25.07 17.13 10.93
CA SER D 281 -26.18 17.35 10.01
C SER D 281 -25.79 18.24 8.82
N PHE D 282 -24.53 18.63 8.72
CA PHE D 282 -24.07 19.53 7.67
C PHE D 282 -23.21 18.77 6.67
N ARG D 283 -23.58 18.85 5.39
CA ARG D 283 -22.69 18.43 4.33
C ARG D 283 -21.85 19.62 3.88
N VAL D 284 -20.54 19.50 4.02
CA VAL D 284 -19.65 20.64 3.82
C VAL D 284 -19.46 20.87 2.32
N ILE D 285 -19.39 22.13 1.91
CA ILE D 285 -19.24 22.51 0.51
C ILE D 285 -18.10 23.52 0.43
N VAL D 286 -17.09 23.20 -0.39
CA VAL D 286 -15.94 24.08 -0.56
C VAL D 286 -16.26 25.11 -1.62
N VAL D 287 -15.81 26.34 -1.41
CA VAL D 287 -16.01 27.44 -2.34
C VAL D 287 -14.64 28.02 -2.69
N PRO D 288 -14.24 28.01 -3.97
CA PRO D 288 -12.91 28.55 -4.30
C PRO D 288 -12.73 30.02 -3.93
N LYS D 289 -13.79 30.82 -4.05
CA LYS D 289 -13.71 32.26 -3.81
C LYS D 289 -14.41 32.64 -2.50
N MET D 290 -14.28 31.82 -1.46
CA MET D 290 -14.84 32.18 -0.17
C MET D 290 -13.98 33.22 0.52
N LEU D 291 -14.63 34.19 1.15
CA LEU D 291 -13.93 35.28 1.80
C LEU D 291 -13.54 34.89 3.22
N LYS D 292 -12.91 35.83 3.92
CA LYS D 292 -12.42 35.60 5.28
C LYS D 292 -11.99 36.94 5.88
N TRP D 293 -12.22 37.10 7.18
CA TRP D 293 -11.79 38.31 7.89
C TRP D 293 -10.32 38.16 8.27
N ALA D 294 -9.46 38.47 7.30
CA ALA D 294 -8.02 38.36 7.50
C ALA D 294 -7.53 39.43 8.49
N GLY D 295 -6.54 39.05 9.29
CA GLY D 295 -5.90 39.96 10.21
C GLY D 295 -6.84 40.59 11.20
N ALA D 296 -7.75 39.79 11.76
CA ALA D 296 -8.74 40.30 12.71
C ALA D 296 -8.67 39.64 14.07
N GLY D 297 -7.74 38.72 14.32
CA GLY D 297 -7.69 38.03 15.58
C GLY D 297 -6.89 38.76 16.64
N ALA D 298 -5.92 38.08 17.24
CA ALA D 298 -5.09 38.66 18.28
C ALA D 298 -3.67 38.80 17.77
N THR D 299 -2.88 39.60 18.49
CA THR D 299 -1.50 39.86 18.10
C THR D 299 -0.68 38.58 18.08
N VAL D 300 -0.12 38.24 16.92
CA VAL D 300 0.68 37.03 16.78
C VAL D 300 1.95 37.18 17.60
N THR D 301 2.10 36.35 18.62
CA THR D 301 3.34 36.29 19.40
C THR D 301 4.15 35.04 19.09
N THR D 302 3.56 33.85 19.27
CA THR D 302 4.16 32.57 18.87
C THR D 302 3.07 31.78 18.15
N ASN D 303 3.06 31.87 16.83
CA ASN D 303 2.04 31.20 16.04
C ASN D 303 2.24 29.69 16.09
N PRO D 304 1.26 28.93 16.58
CA PRO D 304 1.41 27.47 16.57
C PRO D 304 1.30 26.86 15.19
N GLY D 305 0.82 27.61 14.20
CA GLY D 305 0.66 27.08 12.86
C GLY D 305 -0.62 27.56 12.21
N TYR D 306 -1.43 28.31 12.97
CA TYR D 306 -2.68 28.85 12.46
C TYR D 306 -2.40 30.03 11.54
N TYR D 307 -3.25 30.20 10.54
CA TYR D 307 -2.99 31.19 9.50
C TYR D 307 -3.33 32.59 9.99
N ALA D 308 -2.48 33.55 9.63
CA ALA D 308 -2.65 34.93 10.06
C ALA D 308 -1.94 35.84 9.07
N THR D 309 -2.70 36.63 8.32
CA THR D 309 -2.12 37.51 7.30
C THR D 309 -1.20 38.54 7.92
N SER D 310 -1.77 39.46 8.70
CA SER D 310 -0.99 40.50 9.37
C SER D 310 -0.60 40.05 10.77
N GLY D 311 -0.12 40.98 11.59
CA GLY D 311 0.15 40.69 12.98
C GLY D 311 -1.03 40.24 13.80
N LYS D 312 -2.22 40.14 13.19
CA LYS D 312 -3.40 39.60 13.84
C LYS D 312 -3.82 38.31 13.14
N TYR D 313 -4.57 37.48 13.87
CA TYR D 313 -4.98 36.18 13.35
C TYR D 313 -6.07 36.34 12.29
N ASP D 314 -6.34 35.26 11.58
CA ASP D 314 -7.37 35.22 10.55
C ASP D 314 -8.50 34.30 10.99
N VAL D 315 -9.73 34.76 10.78
CA VAL D 315 -10.91 33.99 11.17
C VAL D 315 -11.70 33.62 9.92
N PHE D 316 -12.04 32.34 9.80
CA PHE D 316 -12.69 31.88 8.59
C PHE D 316 -14.15 31.52 8.88
N PRO D 317 -15.06 31.76 7.93
CA PRO D 317 -16.48 31.54 8.21
C PRO D 317 -16.98 30.16 7.80
N MET D 318 -18.20 29.84 8.24
CA MET D 318 -18.93 28.66 7.77
C MET D 318 -20.40 29.05 7.65
N LEU D 319 -20.87 29.22 6.42
CA LEU D 319 -22.18 29.79 6.15
C LEU D 319 -23.11 28.70 5.65
N CYS D 320 -24.31 28.63 6.24
CA CYS D 320 -25.37 27.74 5.80
C CYS D 320 -26.58 28.60 5.47
N VAL D 321 -26.80 28.82 4.17
CA VAL D 321 -27.87 29.71 3.73
C VAL D 321 -29.21 28.99 3.84
N GLY D 322 -29.36 27.89 3.11
CA GLY D 322 -30.57 27.08 3.15
C GLY D 322 -31.58 27.54 2.09
N SER D 323 -32.85 27.58 2.50
CA SER D 323 -33.94 27.91 1.58
C SER D 323 -34.09 29.41 1.42
N GLY D 324 -35.22 29.85 0.87
CA GLY D 324 -35.39 31.23 0.49
C GLY D 324 -35.55 32.18 1.65
N SER D 325 -34.48 32.37 2.41
CA SER D 325 -34.45 33.36 3.48
C SER D 325 -33.83 34.69 3.07
N PHE D 326 -33.19 34.77 1.91
CA PHE D 326 -32.62 36.01 1.41
C PHE D 326 -33.04 36.18 -0.04
N THR D 327 -33.17 37.44 -0.47
CA THR D 327 -33.66 37.73 -1.81
C THR D 327 -32.90 38.92 -2.39
N THR D 328 -32.42 38.77 -3.62
CA THR D 328 -31.78 39.87 -4.32
C THR D 328 -32.83 40.77 -4.95
N ILE D 329 -32.49 42.06 -5.08
CA ILE D 329 -33.42 43.08 -5.55
C ILE D 329 -32.94 43.57 -6.91
N GLY D 330 -33.81 43.49 -7.91
CA GLY D 330 -33.45 43.87 -9.26
C GLY D 330 -34.07 45.16 -9.73
N PHE D 331 -33.23 46.15 -10.05
CA PHE D 331 -33.71 47.43 -10.56
C PHE D 331 -33.77 47.38 -12.08
N GLN D 332 -34.98 47.29 -12.62
CA GLN D 332 -35.24 47.19 -14.05
C GLN D 332 -34.58 45.97 -14.69
N THR D 333 -34.09 45.04 -13.89
CA THR D 333 -33.55 43.81 -14.45
C THR D 333 -34.69 42.95 -14.99
N ASP D 334 -34.38 42.17 -16.03
CA ASP D 334 -35.38 41.33 -16.66
C ASP D 334 -35.94 40.26 -15.73
N GLY D 335 -35.26 39.97 -14.61
CA GLY D 335 -35.70 38.94 -13.71
C GLY D 335 -34.54 38.16 -13.12
N LYS D 336 -33.33 38.48 -13.55
CA LYS D 336 -32.12 37.88 -13.01
C LYS D 336 -31.63 38.68 -11.82
N THR D 337 -30.53 38.18 -11.22
CA THR D 337 -29.95 38.85 -10.06
C THR D 337 -29.44 40.23 -10.43
N VAL D 338 -28.81 40.35 -11.59
CA VAL D 338 -28.23 41.61 -12.05
C VAL D 338 -28.23 41.64 -13.57
N LYS D 339 -28.24 42.83 -14.15
CA LYS D 339 -28.17 43.02 -15.59
C LYS D 339 -27.06 44.03 -15.88
N PHE D 340 -25.97 43.55 -16.45
CA PHE D 340 -24.89 44.45 -16.85
C PHE D 340 -25.30 45.28 -18.05
N THR D 341 -24.94 46.56 -18.02
CA THR D 341 -25.17 47.46 -19.14
C THR D 341 -23.83 47.81 -19.74
N THR D 342 -23.64 47.47 -21.02
CA THR D 342 -22.36 47.66 -21.70
C THR D 342 -22.46 48.81 -22.69
N TYR D 343 -21.50 49.73 -22.61
CA TYR D 343 -21.39 50.85 -23.53
C TYR D 343 -20.00 50.85 -24.12
N THR D 344 -19.91 50.61 -25.42
CA THR D 344 -18.63 50.54 -26.12
C THR D 344 -18.62 51.57 -27.24
N LYS D 345 -17.58 52.40 -27.26
CA LYS D 345 -17.38 53.43 -28.28
C LYS D 345 -16.00 53.21 -28.89
N LYS D 346 -15.96 52.56 -30.04
CA LYS D 346 -14.70 52.26 -30.69
C LYS D 346 -14.10 53.53 -31.28
N PRO D 347 -12.78 53.60 -31.41
CA PRO D 347 -12.15 54.75 -32.07
C PRO D 347 -12.62 54.86 -33.51
N GLY D 348 -12.78 56.10 -33.97
CA GLY D 348 -13.25 56.33 -35.32
C GLY D 348 -14.04 57.61 -35.45
N ILE D 349 -15.17 57.54 -36.16
CA ILE D 349 -16.00 58.73 -36.34
C ILE D 349 -16.58 59.17 -35.00
N GLU D 350 -16.90 58.21 -34.14
CA GLU D 350 -17.28 58.55 -32.78
C GLU D 350 -16.03 58.84 -31.96
N THR D 351 -16.24 59.36 -30.75
CA THR D 351 -15.18 59.68 -29.81
C THR D 351 -14.17 60.68 -30.38
N VAL D 352 -14.63 61.55 -31.29
CA VAL D 352 -13.85 62.69 -31.75
C VAL D 352 -14.53 63.92 -31.16
N SER D 353 -13.73 64.86 -30.65
CA SER D 353 -14.26 66.07 -30.06
C SER D 353 -13.13 67.07 -29.91
N TYR D 354 -13.43 68.18 -29.23
CA TYR D 354 -12.40 69.15 -28.88
C TYR D 354 -11.32 68.52 -28.02
N ALA D 355 -11.64 67.43 -27.31
CA ALA D 355 -10.62 66.72 -26.55
C ALA D 355 -9.56 66.12 -27.47
N ASP D 356 -10.00 65.43 -28.51
CA ASP D 356 -9.09 64.84 -29.49
C ASP D 356 -9.79 64.79 -30.85
N PRO D 357 -9.47 65.70 -31.75
CA PRO D 357 -10.04 65.65 -33.11
C PRO D 357 -9.75 64.33 -33.79
N TYR D 358 -8.55 63.81 -33.58
CA TYR D 358 -8.16 62.52 -34.14
C TYR D 358 -8.67 61.41 -33.23
N GLY D 359 -9.68 60.67 -33.68
CA GLY D 359 -10.20 59.59 -32.88
C GLY D 359 -9.23 58.43 -32.75
N GLU D 360 -8.60 58.32 -31.59
CA GLU D 360 -7.61 57.28 -31.35
C GLU D 360 -7.80 56.69 -29.96
N MET D 361 -9.02 56.75 -29.44
CA MET D 361 -9.30 56.21 -28.12
C MET D 361 -10.58 55.39 -28.18
N GLY D 362 -10.61 54.32 -27.37
CA GLY D 362 -11.78 53.50 -27.22
C GLY D 362 -12.31 53.56 -25.79
N LEU D 363 -13.41 52.86 -25.58
CA LEU D 363 -14.06 52.90 -24.27
C LEU D 363 -15.05 51.74 -24.17
N THR D 364 -15.11 51.14 -22.98
CA THR D 364 -16.08 50.09 -22.70
C THR D 364 -16.38 50.13 -21.21
N SER D 365 -17.62 50.47 -20.87
CA SER D 365 -18.04 50.63 -19.48
C SER D 365 -19.11 49.61 -19.13
N ILE D 366 -18.93 48.94 -18.00
CA ILE D 366 -19.89 47.96 -17.49
C ILE D 366 -20.54 48.57 -16.25
N LYS D 367 -21.86 48.72 -16.28
CA LYS D 367 -22.62 49.25 -15.16
C LYS D 367 -23.76 48.30 -14.83
N TRP D 368 -24.10 48.20 -13.55
CA TRP D 368 -25.13 47.28 -13.08
C TRP D 368 -25.76 47.84 -11.80
N TYR D 369 -26.76 47.12 -11.29
CA TYR D 369 -27.48 47.51 -10.08
C TYR D 369 -27.67 46.28 -9.21
N TYR D 370 -27.17 46.34 -7.98
CA TYR D 370 -27.23 45.20 -7.07
C TYR D 370 -27.85 45.60 -5.74
N GLY D 371 -28.65 44.70 -5.19
CA GLY D 371 -29.25 44.89 -3.88
C GLY D 371 -29.83 43.59 -3.39
N SER D 372 -29.85 43.43 -2.07
CA SER D 372 -30.27 42.18 -1.47
C SER D 372 -31.14 42.45 -0.25
N LEU D 373 -32.07 41.53 0.00
CA LEU D 373 -32.95 41.58 1.16
C LEU D 373 -32.88 40.24 1.88
N ILE D 374 -32.61 40.29 3.18
CA ILE D 374 -32.61 39.07 4.00
C ILE D 374 -33.96 38.96 4.70
N LEU D 375 -34.83 38.09 4.20
CA LEU D 375 -36.16 37.94 4.77
C LEU D 375 -36.10 37.31 6.15
N ARG D 376 -35.35 36.21 6.28
CA ARG D 376 -35.31 35.42 7.50
C ARG D 376 -33.86 35.26 7.94
N PRO D 377 -33.31 36.22 8.67
CA PRO D 377 -31.93 36.08 9.14
C PRO D 377 -31.71 34.88 10.05
N GLU D 378 -32.74 34.46 10.79
CA GLU D 378 -32.60 33.29 11.65
C GLU D 378 -32.38 32.01 10.84
N TRP D 379 -32.66 32.02 9.55
CA TRP D 379 -32.34 30.89 8.68
C TRP D 379 -30.92 30.95 8.14
N ILE D 380 -30.18 32.00 8.46
CA ILE D 380 -28.79 32.14 8.04
C ILE D 380 -27.90 31.87 9.24
N ALA D 381 -27.00 30.89 9.10
CA ALA D 381 -26.13 30.45 10.17
C ALA D 381 -24.67 30.63 9.77
N LEU D 382 -23.87 31.16 10.69
CA LEU D 382 -22.46 31.42 10.42
C LEU D 382 -21.65 31.09 11.66
N PHE D 383 -20.57 30.35 11.48
CA PHE D 383 -19.64 30.02 12.55
C PHE D 383 -18.25 30.51 12.15
N LYS D 384 -17.58 31.22 13.05
CA LYS D 384 -16.23 31.71 12.81
C LYS D 384 -15.22 30.86 13.56
N THR D 385 -14.04 30.69 12.99
CA THR D 385 -12.99 29.91 13.63
C THR D 385 -11.64 30.25 13.01
N VAL D 386 -10.58 29.77 13.65
CA VAL D 386 -9.22 30.03 13.21
C VAL D 386 -8.61 28.72 12.69
N ALA D 387 -8.03 28.78 11.49
CA ALA D 387 -7.38 27.61 10.90
C ALA D 387 -5.92 27.54 11.32
N ARG E 18 -42.92 59.37 -1.54
CA ARG E 18 -42.71 57.95 -1.72
C ARG E 18 -41.21 57.63 -1.66
N LEU E 19 -40.82 56.77 -0.73
CA LEU E 19 -39.40 56.51 -0.50
C LEU E 19 -39.11 55.02 -0.36
N ASP E 20 -40.14 54.21 -0.15
CA ASP E 20 -39.97 52.79 0.07
C ASP E 20 -41.10 52.03 -0.60
N TYR E 21 -40.74 51.15 -1.54
CA TYR E 21 -41.72 50.39 -2.30
C TYR E 21 -42.34 49.33 -1.40
N TYR E 22 -43.67 49.26 -1.40
CA TYR E 22 -44.38 48.33 -0.54
C TYR E 22 -44.67 47.06 -1.31
N TYR E 23 -43.95 45.99 -1.00
CA TYR E 23 -44.24 44.68 -1.57
C TYR E 23 -45.44 44.07 -0.86
N LYS E 24 -46.31 43.43 -1.64
CA LYS E 24 -47.61 42.99 -1.13
C LYS E 24 -47.49 41.73 -0.28
N LYS E 25 -46.91 40.66 -0.84
CA LYS E 25 -46.84 39.37 -0.16
C LYS E 25 -46.15 39.48 1.18
N ALA E 26 -46.76 38.90 2.20
CA ALA E 26 -46.31 39.04 3.58
C ALA E 26 -45.80 37.71 4.11
N LEU E 27 -44.71 37.76 4.88
CA LEU E 27 -44.15 36.56 5.46
C LEU E 27 -44.93 36.15 6.71
N VAL E 28 -45.39 34.90 6.72
CA VAL E 28 -46.02 34.30 7.90
C VAL E 28 -45.35 32.96 8.13
N ASP E 29 -45.14 32.61 9.40
CA ASP E 29 -44.51 31.32 9.69
C ASP E 29 -45.55 30.21 9.62
N ALA E 30 -45.06 29.00 9.36
CA ALA E 30 -45.93 27.83 9.37
C ALA E 30 -46.31 27.49 10.82
N ALA E 31 -47.25 26.56 10.97
CA ALA E 31 -47.67 26.11 12.28
C ALA E 31 -46.71 25.06 12.82
N LYS E 32 -46.56 25.03 14.14
CA LYS E 32 -45.72 24.05 14.79
C LYS E 32 -46.30 22.66 14.56
N GLU E 33 -45.44 21.67 14.36
CA GLU E 33 -45.89 20.35 13.92
C GLU E 33 -46.74 19.71 15.00
N MET E 34 -47.83 19.08 14.58
CA MET E 34 -48.86 18.59 15.48
C MET E 34 -48.53 17.18 15.95
N TYR E 35 -48.26 17.03 17.25
CA TYR E 35 -47.76 15.74 17.72
C TYR E 35 -48.68 14.96 18.67
N PHE E 36 -49.04 15.56 19.80
CA PHE E 36 -49.72 14.79 20.85
C PHE E 36 -51.16 14.47 20.49
N GLY E 37 -51.83 15.39 19.80
CA GLY E 37 -53.23 15.22 19.48
C GLY E 37 -53.55 13.96 18.70
N GLN E 38 -52.57 13.45 17.94
CA GLN E 38 -52.76 12.24 17.15
C GLN E 38 -53.12 11.06 18.04
N LEU E 39 -52.31 10.82 19.08
CA LEU E 39 -52.58 9.74 20.00
C LEU E 39 -53.61 10.19 21.03
N ALA E 40 -54.89 9.89 20.76
CA ALA E 40 -55.96 10.31 21.65
C ALA E 40 -57.25 9.55 21.33
N GLU E 41 -57.83 8.92 22.34
CA GLU E 41 -59.13 8.29 22.21
C GLU E 41 -60.18 9.15 22.90
N VAL E 42 -61.29 9.37 22.21
CA VAL E 42 -62.33 10.28 22.68
C VAL E 42 -63.48 9.46 23.22
N THR E 43 -64.17 10.03 24.21
CA THR E 43 -65.38 9.44 24.76
C THR E 43 -66.50 10.47 24.69
N ASN E 44 -67.64 10.06 24.14
CA ASN E 44 -68.74 10.97 23.89
C ASN E 44 -69.45 11.19 25.23
N MET E 45 -69.68 12.46 25.57
CA MET E 45 -70.42 12.79 26.78
C MET E 45 -71.83 13.25 26.42
N PRO E 46 -72.87 12.60 26.94
CA PRO E 46 -74.24 13.04 26.63
C PRO E 46 -74.53 14.41 27.22
N LYS E 47 -75.48 15.09 26.59
CA LYS E 47 -75.79 16.47 26.96
C LYS E 47 -76.42 16.56 28.35
N ASN E 48 -77.36 15.66 28.66
CA ASN E 48 -78.07 15.75 29.91
C ASN E 48 -77.28 15.23 31.10
N MET E 49 -76.02 14.87 30.90
CA MET E 49 -75.17 14.39 32.03
C MET E 49 -74.72 15.57 32.88
N GLY E 50 -73.79 15.34 33.80
CA GLY E 50 -73.40 16.42 34.73
C GLY E 50 -71.91 16.72 34.71
N LYS E 51 -71.30 16.78 33.52
CA LYS E 51 -69.88 17.18 33.40
C LYS E 51 -68.96 16.24 34.20
N GLN E 52 -69.42 15.03 34.49
CA GLN E 52 -68.54 14.04 35.20
C GLN E 52 -68.76 12.66 34.57
N ILE E 53 -67.66 11.96 34.24
CA ILE E 53 -67.75 10.60 33.65
C ILE E 53 -67.17 9.62 34.67
N LYS E 54 -67.96 8.63 35.09
CA LYS E 54 -67.50 7.70 36.15
C LYS E 54 -67.26 6.32 35.56
N LEU E 55 -66.13 5.71 35.91
CA LEU E 55 -65.76 4.40 35.31
C LEU E 55 -65.62 3.34 36.42
N TYR E 56 -65.48 2.07 36.02
CA TYR E 56 -65.37 0.97 36.97
C TYR E 56 -64.21 0.09 36.54
N HIS E 57 -63.16 0.03 37.36
CA HIS E 57 -61.99 -0.78 37.07
C HIS E 57 -61.96 -1.96 38.05
N TYR E 58 -61.91 -3.18 37.50
CA TYR E 58 -61.94 -4.38 38.31
C TYR E 58 -60.52 -4.87 38.52
N VAL E 59 -60.08 -4.89 39.78
CA VAL E 59 -58.73 -5.32 40.14
C VAL E 59 -58.65 -6.83 40.03
N PRO E 60 -57.46 -7.41 39.88
CA PRO E 60 -57.34 -8.86 39.95
C PRO E 60 -57.62 -9.38 41.35
N LEU E 61 -57.96 -10.68 41.41
CA LEU E 61 -58.29 -11.30 42.68
C LEU E 61 -57.11 -11.27 43.64
N LEU E 62 -55.92 -11.56 43.14
CA LEU E 62 -54.74 -11.81 43.96
C LEU E 62 -53.94 -10.54 44.23
N ASP E 63 -54.54 -9.38 44.01
CA ASP E 63 -53.89 -8.10 44.27
C ASP E 63 -54.20 -7.62 45.67
N ASP E 64 -53.24 -6.93 46.27
CA ASP E 64 -53.43 -6.38 47.61
C ASP E 64 -54.51 -5.31 47.65
N ARG E 65 -54.89 -4.75 46.50
CA ARG E 65 -56.01 -3.83 46.44
C ARG E 65 -57.36 -4.54 46.61
N ASN E 66 -57.38 -5.86 46.52
CA ASN E 66 -58.62 -6.64 46.65
C ASN E 66 -58.94 -6.91 48.12
N VAL E 67 -59.09 -5.84 48.87
CA VAL E 67 -59.41 -5.95 50.30
C VAL E 67 -60.92 -6.14 50.43
N ASN E 68 -61.32 -7.27 51.00
CA ASN E 68 -62.72 -7.59 51.20
C ASN E 68 -62.87 -8.43 52.47
N ASP E 69 -64.06 -8.32 53.08
CA ASP E 69 -64.32 -9.03 54.33
C ASP E 69 -64.71 -10.48 54.11
N GLN E 70 -65.03 -10.88 52.88
CA GLN E 70 -65.42 -12.26 52.60
C GLN E 70 -64.20 -13.17 52.62
N GLY E 71 -63.66 -13.42 53.81
CA GLY E 71 -62.47 -14.24 53.93
C GLY E 71 -62.59 -15.34 54.95
N ILE E 72 -62.46 -16.58 54.50
CA ILE E 72 -62.46 -17.75 55.37
C ILE E 72 -61.21 -18.57 55.06
N ASP E 73 -60.53 -19.03 56.10
CA ASP E 73 -59.30 -19.79 55.92
C ASP E 73 -59.64 -21.28 55.82
N ALA E 74 -58.60 -22.12 55.81
CA ALA E 74 -58.79 -23.56 55.73
C ALA E 74 -59.26 -24.17 57.05
N ALA E 75 -59.26 -23.41 58.13
CA ALA E 75 -59.73 -23.89 59.42
C ALA E 75 -61.20 -23.54 59.67
N GLY E 76 -61.87 -22.93 58.70
CA GLY E 76 -63.26 -22.56 58.85
C GLY E 76 -63.50 -21.26 59.58
N ALA E 77 -62.45 -20.60 60.06
CA ALA E 77 -62.60 -19.32 60.73
C ALA E 77 -62.63 -18.18 59.73
N THR E 78 -63.09 -17.02 60.18
CA THR E 78 -63.15 -15.83 59.33
C THR E 78 -61.83 -15.07 59.47
N ILE E 79 -61.15 -14.88 58.36
CA ILE E 79 -59.87 -14.18 58.36
C ILE E 79 -60.06 -12.77 57.83
N ALA E 80 -59.05 -11.93 58.05
CA ALA E 80 -59.13 -10.54 57.61
C ALA E 80 -58.82 -10.41 56.12
N ASN E 81 -57.65 -10.91 55.70
CA ASN E 81 -57.23 -10.78 54.31
C ASN E 81 -58.10 -11.62 53.38
N GLY E 82 -59.01 -10.97 52.66
CA GLY E 82 -59.85 -11.68 51.72
C GLY E 82 -59.13 -12.06 50.44
N ASN E 83 -58.22 -11.21 49.97
CA ASN E 83 -57.38 -11.57 48.84
C ASN E 83 -56.30 -12.54 49.32
N LEU E 84 -56.61 -13.83 49.26
CA LEU E 84 -55.74 -14.83 49.85
C LEU E 84 -54.37 -14.79 49.20
N TYR E 85 -53.34 -15.07 50.00
CA TYR E 85 -51.98 -15.25 49.52
C TYR E 85 -51.39 -13.90 49.10
N GLY E 86 -52.22 -12.87 49.08
CA GLY E 86 -51.79 -11.51 48.81
C GLY E 86 -51.10 -11.34 47.48
N SER E 87 -50.58 -10.13 47.27
CA SER E 87 -49.71 -9.86 46.14
C SER E 87 -48.25 -10.13 46.46
N SER E 88 -47.92 -10.37 47.72
CA SER E 88 -46.55 -10.59 48.15
C SER E 88 -45.93 -11.77 47.43
N LYS E 89 -44.91 -11.49 46.62
CA LYS E 89 -44.22 -12.53 45.88
C LYS E 89 -43.04 -13.06 46.68
N ASP E 90 -43.33 -13.47 47.92
CA ASP E 90 -42.32 -13.97 48.84
C ASP E 90 -42.68 -15.39 49.23
N ILE E 91 -41.77 -16.33 49.01
CA ILE E 91 -42.04 -17.74 49.24
C ILE E 91 -41.80 -18.10 50.70
N GLY E 92 -41.57 -17.09 51.53
CA GLY E 92 -41.44 -17.33 52.95
C GLY E 92 -42.78 -17.37 53.65
N THR E 93 -43.82 -16.84 52.99
CA THR E 93 -45.16 -16.77 53.56
C THR E 93 -46.20 -17.47 52.69
N ILE E 94 -46.10 -17.34 51.37
CA ILE E 94 -47.15 -17.81 50.48
C ILE E 94 -47.37 -19.33 50.50
N PRO E 95 -46.39 -20.18 50.85
CA PRO E 95 -46.75 -21.59 51.07
C PRO E 95 -47.78 -21.79 52.15
N SER E 96 -47.72 -20.98 53.22
CA SER E 96 -48.66 -21.13 54.32
C SER E 96 -50.07 -20.77 53.89
N LYS E 97 -50.23 -19.70 53.12
CA LYS E 97 -51.55 -19.19 52.76
C LYS E 97 -52.08 -19.79 51.46
N LEU E 98 -51.64 -20.98 51.09
CA LEU E 98 -52.20 -21.63 49.92
C LEU E 98 -53.57 -22.23 50.26
N PRO E 99 -54.45 -22.40 49.27
CA PRO E 99 -55.82 -22.87 49.57
C PRO E 99 -55.90 -24.37 49.82
N ALA E 100 -55.23 -24.82 50.89
CA ALA E 100 -55.10 -26.24 51.17
C ALA E 100 -56.45 -26.80 51.62
N LEU E 101 -57.11 -27.56 50.74
CA LEU E 101 -58.30 -28.30 51.12
C LEU E 101 -57.93 -29.72 51.53
N THR E 102 -58.92 -30.45 52.04
CA THR E 102 -58.74 -31.82 52.47
C THR E 102 -59.86 -32.68 51.90
N GLU E 103 -59.85 -33.95 52.29
CA GLU E 103 -60.88 -34.88 51.84
C GLU E 103 -62.25 -34.47 52.37
N ASN E 104 -62.29 -33.84 53.53
CA ASN E 104 -63.57 -33.49 54.17
C ASN E 104 -64.32 -32.45 53.34
N GLY E 105 -63.65 -31.35 52.98
CA GLY E 105 -64.29 -30.26 52.30
C GLY E 105 -65.26 -29.52 53.19
N GLY E 106 -65.74 -28.39 52.69
CA GLY E 106 -66.71 -27.59 53.41
C GLY E 106 -66.43 -26.11 53.20
N ARG E 107 -66.96 -25.30 54.12
CA ARG E 107 -66.82 -23.85 54.05
C ARG E 107 -65.40 -23.48 54.50
N VAL E 108 -64.47 -23.58 53.56
CA VAL E 108 -63.07 -23.24 53.80
C VAL E 108 -62.53 -22.56 52.56
N ASN E 109 -61.59 -21.64 52.75
CA ASN E 109 -60.96 -20.89 51.66
C ASN E 109 -61.99 -20.09 50.87
N ARG E 110 -62.62 -19.11 51.51
CA ARG E 110 -63.52 -18.19 50.84
C ARG E 110 -62.76 -16.96 50.36
N VAL E 111 -63.16 -16.43 49.22
CA VAL E 111 -62.51 -15.27 48.62
C VAL E 111 -63.57 -14.27 48.19
N GLY E 112 -63.15 -13.01 48.06
CA GLY E 112 -64.01 -11.94 47.60
C GLY E 112 -63.45 -11.26 46.36
N PHE E 113 -64.19 -10.23 45.93
CA PHE E 113 -63.81 -9.45 44.77
C PHE E 113 -64.20 -8.00 44.99
N THR E 114 -63.34 -7.09 44.54
CA THR E 114 -63.58 -5.66 44.68
C THR E 114 -63.46 -4.99 43.33
N ARG E 115 -63.93 -3.74 43.27
CA ARG E 115 -63.87 -2.94 42.06
C ARG E 115 -63.62 -1.50 42.44
N ILE E 116 -63.01 -0.75 41.51
CA ILE E 116 -62.58 0.61 41.78
C ILE E 116 -63.24 1.55 40.78
N GLN E 117 -63.51 2.77 41.24
CA GLN E 117 -64.13 3.80 40.42
C GLN E 117 -63.07 4.73 39.85
N LEU E 118 -63.34 5.22 38.64
CA LEU E 118 -62.48 6.22 37.99
C LEU E 118 -63.39 7.35 37.53
N ILE E 119 -63.02 8.59 37.86
CA ILE E 119 -63.85 9.75 37.59
C ILE E 119 -63.05 10.76 36.76
N GLY E 120 -63.68 11.25 35.69
CA GLY E 120 -63.10 12.29 34.86
C GLY E 120 -63.75 13.63 35.08
N SER E 121 -63.33 14.60 34.28
CA SER E 121 -63.84 15.96 34.38
C SER E 121 -63.65 16.68 33.06
N ILE E 122 -64.47 17.70 32.83
CA ILE E 122 -64.42 18.48 31.59
C ILE E 122 -64.60 19.95 31.96
N LYS E 123 -63.75 20.81 31.39
CA LYS E 123 -63.74 22.22 31.68
C LYS E 123 -63.92 23.05 30.42
N LYS E 124 -64.32 24.30 30.60
CA LYS E 124 -64.56 25.23 29.50
C LYS E 124 -63.35 26.14 29.31
N PHE E 125 -63.09 26.51 28.06
CA PHE E 125 -61.95 27.36 27.72
C PHE E 125 -62.29 28.18 26.48
N GLY E 126 -61.90 29.45 26.50
CA GLY E 126 -62.16 30.31 25.35
C GLY E 126 -61.43 31.63 25.37
N PHE E 127 -61.47 32.35 24.24
CA PHE E 127 -60.82 33.64 24.11
C PHE E 127 -61.40 34.42 22.93
N PHE E 128 -61.05 35.70 22.81
CA PHE E 128 -61.61 36.54 21.77
C PHE E 128 -60.65 37.69 21.46
N TYR E 129 -60.98 38.42 20.40
CA TYR E 129 -60.30 39.66 20.06
C TYR E 129 -61.31 40.58 19.39
N GLU E 130 -61.04 41.88 19.44
CA GLU E 130 -61.94 42.87 18.89
C GLU E 130 -61.16 43.91 18.11
N TRP E 131 -61.75 44.42 17.03
CA TRP E 131 -61.13 45.42 16.18
C TRP E 131 -62.14 46.53 15.89
N THR E 132 -61.61 47.73 15.63
CA THR E 132 -62.42 48.87 15.26
C THR E 132 -62.43 49.06 13.75
N GLN E 133 -63.50 49.67 13.25
CA GLN E 133 -63.63 49.87 11.81
C GLN E 133 -62.50 50.73 11.28
N GLU E 134 -62.13 51.78 12.01
CA GLU E 134 -61.09 52.69 11.55
C GLU E 134 -59.74 51.99 11.39
N ALA E 135 -59.54 50.84 12.04
CA ALA E 135 -58.26 50.16 11.92
C ALA E 135 -58.11 49.47 10.57
N MET E 136 -59.17 48.79 10.11
CA MET E 136 -59.05 47.99 8.88
C MET E 136 -58.96 48.87 7.64
N ASP E 137 -59.83 49.87 7.53
CA ASP E 137 -59.91 50.64 6.29
C ASP E 137 -58.66 51.48 6.06
N PHE E 138 -58.11 52.07 7.11
CA PHE E 138 -56.97 52.95 6.98
C PHE E 138 -55.64 52.25 7.17
N ASP E 139 -55.64 50.92 7.33
CA ASP E 139 -54.38 50.20 7.45
C ASP E 139 -53.68 50.12 6.10
N THR E 140 -52.35 50.02 6.16
CA THR E 140 -51.57 49.91 4.93
C THR E 140 -51.91 48.63 4.17
N ASP E 141 -51.92 47.50 4.87
CA ASP E 141 -52.31 46.24 4.25
C ASP E 141 -53.83 46.16 4.12
N GLU E 142 -54.27 45.57 3.01
CA GLU E 142 -55.70 45.40 2.74
C GLU E 142 -56.18 43.99 2.98
N GLU E 143 -55.32 43.11 3.50
CA GLU E 143 -55.70 41.74 3.83
C GLU E 143 -55.54 41.45 5.32
N LEU E 144 -55.59 42.50 6.15
CA LEU E 144 -55.39 42.33 7.59
C LEU E 144 -56.43 41.39 8.20
N ASP E 145 -57.67 41.48 7.73
CA ASP E 145 -58.75 40.65 8.23
C ASP E 145 -58.42 39.17 8.08
N SER E 146 -57.90 38.79 6.91
CA SER E 146 -57.52 37.40 6.67
C SER E 146 -56.39 36.98 7.61
N HIS E 147 -55.42 37.87 7.82
CA HIS E 147 -54.26 37.53 8.64
C HIS E 147 -54.66 37.27 10.09
N LEU E 148 -55.54 38.12 10.63
CA LEU E 148 -55.91 38.00 12.04
C LEU E 148 -56.63 36.70 12.32
N ILE E 149 -57.62 36.35 11.49
CA ILE E 149 -58.39 35.13 11.73
C ILE E 149 -57.52 33.90 11.51
N GLN E 150 -56.65 33.94 10.50
CA GLN E 150 -55.76 32.80 10.25
C GLN E 150 -54.76 32.65 11.39
N GLU E 151 -54.24 33.76 11.90
CA GLU E 151 -53.34 33.70 13.04
C GLU E 151 -54.07 33.24 14.29
N ALA E 152 -55.31 33.68 14.47
CA ALA E 152 -56.07 33.28 15.65
C ALA E 152 -56.36 31.79 15.66
N VAL E 153 -56.69 31.23 14.50
CA VAL E 153 -57.07 29.81 14.43
C VAL E 153 -55.90 28.92 14.84
N LYS E 154 -54.71 29.22 14.34
CA LYS E 154 -53.55 28.37 14.64
C LYS E 154 -53.24 28.39 16.13
N GLY E 155 -53.43 29.54 16.77
CA GLY E 155 -53.23 29.61 18.21
C GLY E 155 -54.17 28.69 18.97
N ALA E 156 -55.42 28.62 18.54
CA ALA E 156 -56.35 27.68 19.14
C ALA E 156 -55.88 26.24 18.94
N ASN E 157 -55.39 25.93 17.74
CA ASN E 157 -54.79 24.62 17.52
C ASN E 157 -53.56 24.44 18.38
N GLU E 158 -52.72 25.48 18.48
CA GLU E 158 -51.53 25.40 19.31
C GLU E 158 -51.88 25.24 20.78
N ILE E 159 -52.92 25.96 21.23
CA ILE E 159 -53.27 25.95 22.66
C ILE E 159 -53.90 24.62 23.06
N THR E 160 -54.48 23.88 22.11
CA THR E 160 -55.10 22.61 22.44
C THR E 160 -54.07 21.61 22.94
N GLU E 161 -52.89 21.60 22.30
CA GLU E 161 -51.84 20.67 22.70
C GLU E 161 -51.33 20.95 24.10
N ASP E 162 -51.12 22.22 24.42
CA ASP E 162 -50.57 22.57 25.73
C ASP E 162 -51.48 22.09 26.85
N GLN E 163 -52.79 22.20 26.65
CA GLN E 163 -53.73 21.65 27.62
C GLN E 163 -53.54 20.14 27.76
N LEU E 164 -53.39 19.45 26.64
CA LEU E 164 -53.16 18.00 26.68
C LEU E 164 -51.87 17.68 27.39
N GLN E 165 -50.82 18.45 27.12
CA GLN E 165 -49.51 18.23 27.73
C GLN E 165 -49.57 18.33 29.26
N ILE E 166 -50.21 19.37 29.76
CA ILE E 166 -50.25 19.62 31.20
C ILE E 166 -50.86 18.42 31.92
N ASP E 167 -52.01 17.93 31.43
CA ASP E 167 -52.63 16.77 32.05
C ASP E 167 -51.78 15.53 31.89
N LEU E 168 -51.21 15.35 30.69
CA LEU E 168 -50.43 14.14 30.42
C LEU E 168 -49.18 14.09 31.30
N LEU E 169 -48.42 15.18 31.36
CA LEU E 169 -47.23 15.21 32.19
C LEU E 169 -47.57 15.11 33.67
N ASN E 170 -48.62 15.81 34.10
CA ASN E 170 -48.97 15.81 35.52
C ASN E 170 -49.39 14.43 36.00
N GLY E 171 -50.20 13.74 35.21
CA GLY E 171 -50.70 12.44 35.60
C GLY E 171 -49.85 11.28 35.12
N ALA E 172 -48.60 11.22 35.58
CA ALA E 172 -47.68 10.15 35.24
C ALA E 172 -47.41 9.30 36.46
N GLY E 173 -47.74 8.01 36.37
CA GLY E 173 -47.51 7.10 37.47
C GLY E 173 -46.04 6.85 37.73
N VAL E 174 -45.27 6.62 36.67
CA VAL E 174 -43.86 6.29 36.81
C VAL E 174 -43.03 7.56 36.71
N VAL E 175 -42.76 8.19 37.85
CA VAL E 175 -41.91 9.37 37.90
C VAL E 175 -40.56 8.96 38.44
N ARG E 176 -39.49 9.33 37.74
CA ARG E 176 -38.15 8.95 38.10
C ARG E 176 -37.23 10.17 38.09
N TYR E 177 -36.26 10.18 38.99
CA TYR E 177 -35.25 11.23 39.08
C TYR E 177 -33.86 10.63 38.98
N PRO E 178 -32.88 11.40 38.48
CA PRO E 178 -31.50 10.89 38.45
C PRO E 178 -30.89 10.95 39.84
N GLY E 179 -30.27 9.84 40.25
CA GLY E 179 -29.61 9.79 41.54
C GLY E 179 -30.57 9.86 42.71
N ALA E 180 -30.11 10.46 43.80
CA ALA E 180 -30.87 10.53 45.04
C ALA E 180 -32.00 11.55 44.99
N ALA E 181 -32.13 12.31 43.91
CA ALA E 181 -33.17 13.32 43.83
C ALA E 181 -34.54 12.67 43.91
N THR E 182 -35.49 13.39 44.53
CA THR E 182 -36.87 12.93 44.65
C THR E 182 -37.88 14.01 44.33
N SER E 183 -37.45 15.24 44.09
CA SER E 183 -38.36 16.34 43.80
C SER E 183 -37.63 17.37 42.95
N ASN E 184 -38.41 18.27 42.35
CA ASN E 184 -37.86 19.31 41.48
C ASN E 184 -36.90 20.21 42.25
N ALA E 185 -37.11 20.34 43.56
CA ALA E 185 -36.20 21.13 44.38
C ALA E 185 -34.81 20.51 44.42
N ASP E 186 -34.74 19.19 44.53
CA ASP E 186 -33.45 18.51 44.57
C ASP E 186 -32.76 18.59 43.22
N MET E 187 -33.52 18.81 42.15
CA MET E 187 -32.99 18.83 40.81
C MET E 187 -32.04 20.02 40.63
N THR E 188 -30.75 19.74 40.54
CA THR E 188 -29.74 20.78 40.49
C THR E 188 -28.66 20.38 39.49
N GLY E 189 -27.72 21.29 39.25
CA GLY E 189 -26.58 21.00 38.40
C GLY E 189 -25.31 21.66 38.91
N GLU E 190 -25.40 22.31 40.08
CA GLU E 190 -24.26 23.01 40.63
C GLU E 190 -23.11 22.06 40.95
N GLY E 191 -23.41 20.98 41.66
CA GLY E 191 -22.40 19.99 41.96
C GLY E 191 -22.32 18.94 40.87
N THR E 192 -22.48 17.67 41.25
CA THR E 192 -22.60 16.60 40.25
C THR E 192 -23.96 16.76 39.56
N ALA E 193 -23.93 17.34 38.37
CA ALA E 193 -25.16 17.69 37.68
C ALA E 193 -26.04 16.47 37.47
N THR E 194 -27.30 16.59 37.87
CA THR E 194 -28.27 15.52 37.73
C THR E 194 -28.76 15.42 36.29
N VAL E 195 -28.24 14.44 35.56
CA VAL E 195 -28.52 14.27 34.14
C VAL E 195 -29.02 12.84 33.93
N VAL E 196 -29.67 12.59 32.80
CA VAL E 196 -30.14 11.25 32.48
C VAL E 196 -28.96 10.30 32.46
N THR E 197 -29.18 9.08 32.91
CA THR E 197 -28.16 8.04 32.94
C THR E 197 -28.69 6.81 32.23
N TYR E 198 -27.77 6.03 31.65
CA TYR E 198 -28.18 4.89 30.85
C TYR E 198 -28.99 3.90 31.68
N GLU E 199 -28.50 3.55 32.86
CA GLU E 199 -29.29 2.68 33.73
C GLU E 199 -30.53 3.41 34.20
N GLY E 200 -30.43 4.72 34.40
CA GLY E 200 -31.60 5.50 34.75
C GLY E 200 -32.69 5.41 33.70
N LEU E 201 -32.29 5.44 32.43
CA LEU E 201 -33.28 5.32 31.36
C LEU E 201 -33.87 3.92 31.31
N VAL E 202 -33.04 2.90 31.46
CA VAL E 202 -33.57 1.53 31.38
C VAL E 202 -34.34 1.18 32.65
N LYS E 203 -34.02 1.81 33.78
CA LYS E 203 -34.81 1.59 34.99
C LYS E 203 -36.26 1.98 34.76
N MET E 204 -36.50 2.97 33.91
CA MET E 204 -37.85 3.22 33.43
C MET E 204 -38.37 2.03 32.65
N GLY E 205 -37.54 1.48 31.76
CA GLY E 205 -38.01 0.45 30.86
C GLY E 205 -38.45 -0.80 31.57
N ILE E 206 -37.64 -1.28 32.52
CA ILE E 206 -37.97 -2.51 33.23
C ILE E 206 -39.26 -2.35 34.01
N THR E 207 -39.37 -1.25 34.77
CA THR E 207 -40.59 -0.98 35.51
C THR E 207 -41.78 -0.81 34.56
N LEU E 208 -41.57 -0.07 33.48
CA LEU E 208 -42.67 0.22 32.57
C LEU E 208 -43.02 -1.02 31.76
N ASN E 209 -42.04 -1.90 31.53
CA ASN E 209 -42.31 -3.19 30.91
C ASN E 209 -43.22 -4.05 31.77
N ASP E 210 -43.14 -3.89 33.09
CA ASP E 210 -43.97 -4.65 34.00
C ASP E 210 -45.43 -4.23 33.98
N ASN E 211 -45.78 -3.22 33.17
CA ASN E 211 -47.21 -2.85 33.07
C ASN E 211 -47.65 -2.39 31.67
N LEU E 212 -47.03 -1.34 31.11
CA LEU E 212 -47.49 -0.72 29.84
C LEU E 212 -48.00 -1.73 28.81
N CYS E 213 -49.01 -1.29 28.06
CA CYS E 213 -49.08 -1.33 26.59
C CYS E 213 -47.75 -1.79 26.00
N PRO E 214 -47.79 -2.63 24.94
CA PRO E 214 -46.57 -3.20 24.39
C PRO E 214 -45.62 -2.24 23.69
N MET E 215 -44.58 -2.83 23.11
CA MET E 215 -43.59 -2.00 22.39
C MET E 215 -44.19 -1.55 21.06
N GLN E 216 -44.92 -0.45 21.06
CA GLN E 216 -45.40 0.16 19.82
C GLN E 216 -44.65 -0.37 18.61
N THR E 217 -43.35 -0.10 18.53
CA THR E 217 -42.57 -0.61 17.42
C THR E 217 -42.00 -1.98 17.77
N LYS E 218 -41.71 -2.75 16.73
CA LYS E 218 -41.17 -4.08 16.90
C LYS E 218 -39.65 -4.01 17.09
N LEU E 219 -39.02 -5.17 17.11
CA LEU E 219 -37.57 -5.24 17.26
C LEU E 219 -36.92 -5.20 15.88
N ILE E 220 -36.13 -4.18 15.62
CA ILE E 220 -35.47 -4.04 14.32
C ILE E 220 -34.34 -5.06 14.22
N ALA E 221 -34.38 -5.87 13.17
CA ALA E 221 -33.36 -6.90 12.96
C ALA E 221 -32.16 -6.31 12.23
N GLY E 222 -31.24 -7.17 11.81
CA GLY E 222 -30.03 -6.73 11.12
C GLY E 222 -30.25 -6.57 9.64
N SER E 223 -29.60 -5.57 9.07
CA SER E 223 -29.62 -5.31 7.64
C SER E 223 -28.28 -5.67 7.03
N LEU E 224 -28.28 -5.89 5.71
CA LEU E 224 -27.09 -6.24 4.97
C LEU E 224 -26.19 -5.04 4.70
N MET E 225 -26.40 -3.94 5.40
CA MET E 225 -25.70 -2.70 5.08
C MET E 225 -24.28 -2.76 5.64
N THR E 226 -23.59 -1.62 5.61
CA THR E 226 -22.20 -1.56 6.07
C THR E 226 -22.00 -0.58 7.23
N ASP E 227 -23.06 0.08 7.68
CA ASP E 227 -22.93 0.97 8.81
C ASP E 227 -24.09 0.84 9.79
N THR E 228 -25.07 -0.01 9.52
CA THR E 228 -26.27 -0.07 10.33
C THR E 228 -26.05 -0.79 11.65
N ARG E 229 -26.86 -0.45 12.64
CA ARG E 229 -26.91 -1.12 13.92
C ARG E 229 -28.30 -1.73 14.11
N THR E 230 -28.46 -2.46 15.21
CA THR E 230 -29.72 -3.12 15.53
C THR E 230 -30.27 -2.55 16.83
N ILE E 231 -31.55 -2.17 16.82
CA ILE E 231 -32.21 -1.63 17.99
C ILE E 231 -33.36 -2.54 18.38
N GLN E 232 -33.62 -2.61 19.68
CA GLN E 232 -34.68 -3.43 20.24
C GLN E 232 -36.03 -2.72 20.13
N GLY E 233 -37.09 -3.47 20.43
CA GLY E 233 -38.42 -2.91 20.48
C GLY E 233 -38.50 -1.77 21.45
N ALA E 234 -39.13 -0.67 21.06
CA ALA E 234 -39.09 0.55 21.84
C ALA E 234 -40.49 1.13 21.94
N ARG E 235 -40.63 2.14 22.80
CA ARG E 235 -41.85 2.92 22.93
C ARG E 235 -41.47 4.39 22.80
N ALA E 236 -42.20 5.12 21.94
CA ALA E 236 -41.80 6.46 21.55
C ALA E 236 -41.62 7.36 22.76
N LEU E 237 -40.40 7.87 22.92
CA LEU E 237 -40.07 8.77 24.02
C LEU E 237 -40.01 10.19 23.49
N TYR E 238 -40.68 11.10 24.16
CA TYR E 238 -40.83 12.48 23.72
C TYR E 238 -39.92 13.39 24.54
N ILE E 239 -39.18 14.26 23.85
CA ILE E 239 -38.11 15.02 24.46
C ILE E 239 -38.05 16.40 23.81
N GLY E 240 -37.70 17.40 24.61
CA GLY E 240 -37.47 18.74 24.12
C GLY E 240 -36.11 18.83 23.44
N SER E 241 -36.03 19.71 22.43
CA SER E 241 -34.83 19.77 21.60
C SER E 241 -33.60 20.21 22.39
N GLU E 242 -33.80 20.83 23.56
CA GLU E 242 -32.67 21.31 24.34
C GLU E 242 -31.80 20.16 24.84
N LEU E 243 -32.41 18.99 25.06
CA LEU E 243 -31.70 17.84 25.59
C LEU E 243 -31.09 16.97 24.50
N GLU E 244 -31.17 17.39 23.24
CA GLU E 244 -30.68 16.53 22.15
C GLU E 244 -29.18 16.31 22.27
N LEU E 245 -28.44 17.36 22.63
CA LEU E 245 -27.00 17.24 22.77
C LEU E 245 -26.64 16.26 23.89
N GLN E 246 -27.38 16.30 24.99
CA GLN E 246 -27.11 15.42 26.11
C GLN E 246 -27.21 13.96 25.71
N LEU E 247 -28.25 13.61 24.96
CA LEU E 247 -28.40 12.23 24.50
C LEU E 247 -27.34 11.88 23.48
N ARG E 248 -26.91 12.85 22.67
CA ARG E 248 -25.93 12.55 21.63
C ARG E 248 -24.60 12.11 22.22
N LYS E 249 -24.09 12.86 23.20
CA LYS E 249 -22.82 12.52 23.86
C LYS E 249 -23.08 11.70 25.12
N MET E 250 -23.87 10.64 24.94
CA MET E 250 -24.30 9.78 26.04
C MET E 250 -23.49 8.50 26.05
N LYS E 251 -23.01 8.11 27.23
CA LYS E 251 -22.11 6.98 27.37
C LYS E 251 -22.85 5.78 27.94
N ASP E 252 -22.73 4.64 27.26
CA ASP E 252 -23.25 3.40 27.80
C ASP E 252 -22.35 2.92 28.95
N PRO E 253 -22.82 1.95 29.75
CA PRO E 253 -22.01 1.47 30.87
C PRO E 253 -20.63 0.98 30.46
N PHE E 254 -20.48 0.53 29.22
CA PHE E 254 -19.22 0.02 28.71
C PHE E 254 -18.43 1.08 27.94
N ASP E 255 -18.65 2.35 28.27
CA ASP E 255 -17.91 3.48 27.71
C ASP E 255 -17.96 3.48 26.18
N ASN E 256 -19.11 3.22 25.60
CA ASN E 256 -19.32 3.35 24.17
C ASN E 256 -20.44 4.36 23.92
N ALA E 257 -20.78 4.56 22.65
CA ALA E 257 -21.91 5.40 22.32
C ALA E 257 -23.21 4.73 22.73
N ALA E 258 -24.12 5.52 23.31
CA ALA E 258 -25.43 5.03 23.74
C ALA E 258 -26.51 5.45 22.74
N PHE E 259 -26.55 6.72 22.36
CA PHE E 259 -27.48 7.16 21.34
C PHE E 259 -27.16 6.51 20.01
N ILE E 260 -28.20 6.08 19.30
CA ILE E 260 -28.08 5.49 17.98
C ILE E 260 -28.72 6.44 16.98
N PRO E 261 -27.94 7.13 16.15
CA PRO E 261 -28.54 7.99 15.12
C PRO E 261 -29.50 7.20 14.23
N VAL E 262 -30.62 7.82 13.89
CA VAL E 262 -31.73 7.08 13.27
C VAL E 262 -31.32 6.52 11.92
N GLN E 263 -30.41 7.20 11.22
CA GLN E 263 -29.99 6.71 9.91
C GLN E 263 -29.29 5.36 10.01
N GLN E 264 -28.77 5.02 11.19
CA GLN E 264 -28.13 3.73 11.37
C GLN E 264 -29.13 2.58 11.36
N TYR E 265 -30.43 2.87 11.37
CA TYR E 265 -31.42 1.83 11.15
C TYR E 265 -32.54 2.32 10.24
N ALA E 266 -32.22 3.26 9.35
CA ALA E 266 -33.19 3.81 8.42
C ALA E 266 -33.65 2.75 7.43
N ASP E 267 -32.69 2.07 6.79
CA ASP E 267 -33.04 1.03 5.83
C ASP E 267 -33.62 -0.19 6.52
N ALA E 268 -33.19 -0.45 7.75
CA ALA E 268 -33.58 -1.68 8.45
C ALA E 268 -35.08 -1.77 8.68
N GLY E 269 -35.68 -0.71 9.22
CA GLY E 269 -37.08 -0.72 9.58
C GLY E 269 -37.80 0.52 9.07
N ASN E 270 -38.75 0.99 9.88
CA ASN E 270 -39.56 2.15 9.55
C ASN E 270 -39.32 3.26 10.55
N LEU E 271 -39.30 4.50 10.06
CA LEU E 271 -38.97 5.66 10.87
C LEU E 271 -40.24 6.35 11.34
N LEU E 272 -40.28 6.68 12.64
CA LEU E 272 -41.39 7.43 13.19
C LEU E 272 -41.22 8.91 12.90
N LYS E 273 -42.34 9.64 12.93
CA LYS E 273 -42.33 11.05 12.62
C LYS E 273 -41.54 11.80 13.69
N GLY E 274 -40.53 12.56 13.26
CA GLY E 274 -39.72 13.33 14.18
C GLY E 274 -38.67 12.54 14.90
N GLU E 275 -38.45 11.27 14.55
CA GLU E 275 -37.46 10.45 15.22
C GLU E 275 -36.06 10.96 14.93
N ILE E 276 -35.23 10.99 15.96
CA ILE E 276 -33.85 11.45 15.82
C ILE E 276 -32.94 10.26 16.08
N GLY E 277 -33.40 9.31 16.89
CA GLY E 277 -32.61 8.15 17.21
C GLY E 277 -33.30 7.31 18.27
N SER E 278 -32.58 6.29 18.72
CA SER E 278 -33.09 5.34 19.70
C SER E 278 -32.07 5.11 20.79
N ILE E 279 -32.55 4.96 22.02
CA ILE E 279 -31.71 4.64 23.17
C ILE E 279 -32.38 3.53 23.96
N ALA E 280 -31.66 2.43 24.17
CA ALA E 280 -32.15 1.27 24.94
C ALA E 280 -33.49 0.85 24.34
N SER E 281 -34.56 0.78 25.13
CA SER E 281 -35.89 0.42 24.64
C SER E 281 -36.75 1.66 24.41
N PHE E 282 -36.15 2.74 23.93
CA PHE E 282 -36.90 3.97 23.68
C PHE E 282 -36.42 4.57 22.37
N ARG E 283 -37.36 4.88 21.47
CA ARG E 283 -37.06 5.63 20.25
C ARG E 283 -37.31 7.10 20.53
N VAL E 284 -36.27 7.92 20.37
CA VAL E 284 -36.32 9.30 20.81
C VAL E 284 -37.07 10.14 19.78
N ILE E 285 -38.13 10.81 20.23
CA ILE E 285 -38.95 11.66 19.39
C ILE E 285 -38.83 13.09 19.90
N VAL E 286 -38.43 14.01 19.02
CA VAL E 286 -38.27 15.41 19.37
C VAL E 286 -39.58 16.12 19.06
N VAL E 287 -39.97 17.07 19.92
CA VAL E 287 -41.20 17.82 19.79
C VAL E 287 -40.87 19.31 19.93
N PRO E 288 -41.22 20.15 18.96
CA PRO E 288 -40.90 21.57 19.08
C PRO E 288 -41.55 22.24 20.28
N LYS E 289 -42.73 21.77 20.69
CA LYS E 289 -43.54 22.47 21.69
C LYS E 289 -43.49 21.80 23.07
N MET E 290 -42.48 20.98 23.33
CA MET E 290 -42.41 20.32 24.64
C MET E 290 -42.13 21.33 25.74
N LEU E 291 -42.73 21.10 26.90
CA LEU E 291 -42.70 22.03 28.01
C LEU E 291 -41.43 21.82 28.85
N LYS E 292 -41.29 22.63 29.89
CA LYS E 292 -40.14 22.55 30.79
C LYS E 292 -40.48 23.31 32.06
N TRP E 293 -39.75 23.00 33.14
CA TRP E 293 -39.94 23.69 34.40
C TRP E 293 -38.96 24.86 34.53
N ALA E 294 -38.95 25.52 35.68
CA ALA E 294 -38.06 26.66 35.88
C ALA E 294 -37.31 26.56 37.19
N GLY E 295 -37.84 25.77 38.13
CA GLY E 295 -37.20 25.61 39.43
C GLY E 295 -36.79 24.18 39.70
N VAL E 315 -34.96 22.08 34.53
CA VAL E 315 -35.63 20.79 34.65
C VAL E 315 -36.44 20.50 33.40
N PHE E 316 -36.16 19.36 32.77
CA PHE E 316 -36.79 19.02 31.50
C PHE E 316 -37.40 17.64 31.56
N PRO E 317 -38.55 17.43 30.90
CA PRO E 317 -39.24 16.14 31.01
C PRO E 317 -38.89 15.17 29.89
N MET E 318 -39.26 13.91 30.07
CA MET E 318 -39.11 12.87 29.04
C MET E 318 -40.35 11.99 29.12
N LEU E 319 -41.20 12.08 28.10
CA LEU E 319 -42.51 11.43 28.15
C LEU E 319 -42.49 10.11 27.39
N CYS E 320 -43.27 9.14 27.89
CA CYS E 320 -43.36 7.82 27.27
C CYS E 320 -44.81 7.34 27.27
N VAL E 321 -45.74 8.18 26.82
CA VAL E 321 -47.16 7.85 26.85
C VAL E 321 -47.43 6.55 26.11
N GLY E 322 -48.19 5.65 26.74
CA GLY E 322 -48.49 4.36 26.16
C GLY E 322 -49.65 4.40 25.17
N SER E 323 -50.48 3.35 25.17
CA SER E 323 -51.60 3.30 24.24
C SER E 323 -52.93 3.36 24.96
N GLY E 324 -53.18 2.42 25.87
CA GLY E 324 -54.43 2.43 26.62
C GLY E 324 -54.30 3.11 27.96
N SER E 325 -53.72 4.31 27.97
CA SER E 325 -53.37 4.99 29.21
C SER E 325 -54.31 6.13 29.57
N PHE E 326 -54.78 6.89 28.58
CA PHE E 326 -55.61 8.05 28.84
C PHE E 326 -56.71 8.12 27.78
N THR E 327 -57.66 9.02 28.00
CA THR E 327 -58.74 9.25 27.05
C THR E 327 -59.24 10.68 27.23
N THR E 328 -59.93 11.18 26.21
CA THR E 328 -60.44 12.55 26.22
C THR E 328 -61.97 12.52 26.22
N ILE E 329 -62.57 13.44 26.96
CA ILE E 329 -64.02 13.60 27.01
C ILE E 329 -64.42 14.69 26.02
N GLY E 330 -65.39 14.37 25.17
CA GLY E 330 -65.68 15.24 24.03
C GLY E 330 -66.98 16.01 24.07
N PHE E 331 -67.83 15.75 25.06
CA PHE E 331 -69.08 16.50 25.23
C PHE E 331 -69.93 16.48 23.96
N GLN E 332 -69.90 17.57 23.20
CA GLN E 332 -70.69 17.67 21.97
C GLN E 332 -69.84 17.52 20.72
N THR E 333 -68.55 17.22 20.85
CA THR E 333 -67.71 17.01 19.68
C THR E 333 -68.18 15.77 18.91
N ASP E 334 -68.01 15.82 17.59
CA ASP E 334 -68.34 14.68 16.74
C ASP E 334 -67.20 13.68 16.70
N GLY E 335 -66.79 13.21 17.88
CA GLY E 335 -65.68 12.28 17.98
C GLY E 335 -64.31 12.91 17.97
N LYS E 336 -64.23 14.22 18.14
CA LYS E 336 -62.95 14.92 18.16
C LYS E 336 -62.58 15.30 19.59
N THR E 337 -61.28 15.56 19.79
CA THR E 337 -60.83 15.99 21.11
C THR E 337 -61.42 17.34 21.49
N VAL E 338 -61.39 18.30 20.57
CA VAL E 338 -61.93 19.64 20.79
C VAL E 338 -62.58 20.12 19.52
N LYS E 339 -63.78 20.68 19.63
CA LYS E 339 -64.48 21.33 18.53
C LYS E 339 -64.66 22.79 18.89
N PHE E 340 -63.89 23.66 18.23
CA PHE E 340 -64.01 25.09 18.48
C PHE E 340 -65.35 25.61 17.97
N THR E 341 -65.95 26.51 18.74
CA THR E 341 -67.18 27.19 18.34
C THR E 341 -66.86 28.67 18.20
N THR E 342 -66.89 29.17 16.97
CA THR E 342 -66.51 30.55 16.71
C THR E 342 -67.75 31.43 16.63
N TYR E 343 -67.53 32.73 16.81
CA TYR E 343 -68.60 33.71 16.76
C TYR E 343 -68.01 35.04 16.29
N THR E 344 -68.53 35.58 15.20
CA THR E 344 -68.02 36.80 14.60
C THR E 344 -69.15 37.79 14.42
N LYS E 345 -68.98 38.99 14.95
CA LYS E 345 -69.90 40.10 14.74
C LYS E 345 -69.10 41.27 14.20
N LYS E 346 -69.15 41.46 12.89
CA LYS E 346 -68.37 42.51 12.24
C LYS E 346 -68.95 43.89 12.56
N PRO E 347 -68.13 44.93 12.50
CA PRO E 347 -68.66 46.27 12.73
C PRO E 347 -69.67 46.66 11.65
N GLY E 348 -70.63 47.48 12.04
CA GLY E 348 -71.71 47.84 11.15
C GLY E 348 -72.98 48.14 11.92
N ILE E 349 -74.08 47.48 11.55
CA ILE E 349 -75.34 47.64 12.25
C ILE E 349 -75.51 46.48 13.23
N GLU E 350 -74.82 45.37 12.96
CA GLU E 350 -74.96 44.18 13.79
C GLU E 350 -74.42 44.40 15.20
N THR E 351 -73.64 45.46 15.41
CA THR E 351 -73.04 45.75 16.70
C THR E 351 -73.36 47.15 17.19
N VAL E 352 -74.59 47.63 16.96
CA VAL E 352 -75.04 48.91 17.47
C VAL E 352 -75.92 48.67 18.68
N SER E 353 -75.83 49.55 19.66
CA SER E 353 -76.59 49.45 20.91
C SER E 353 -76.38 50.75 21.67
N TYR E 354 -76.94 50.79 22.89
CA TYR E 354 -76.68 51.94 23.76
C TYR E 354 -75.21 52.03 24.13
N ALA E 355 -74.50 50.90 24.13
CA ALA E 355 -73.07 50.93 24.41
C ALA E 355 -72.32 51.69 23.31
N ASP E 356 -72.67 51.45 22.06
CA ASP E 356 -72.05 52.13 20.92
C ASP E 356 -73.10 52.36 19.86
N PRO E 357 -73.74 53.53 19.85
CA PRO E 357 -74.78 53.79 18.85
C PRO E 357 -74.22 54.06 17.47
N TYR E 358 -72.89 54.07 17.36
CA TYR E 358 -72.22 54.30 16.09
C TYR E 358 -71.64 53.04 15.49
N GLY E 359 -71.80 51.90 16.15
CA GLY E 359 -71.16 50.67 15.70
C GLY E 359 -69.65 50.79 15.81
N GLU E 360 -68.96 50.64 14.67
CA GLU E 360 -67.53 50.89 14.56
C GLU E 360 -66.73 50.01 15.51
N MET E 361 -67.26 48.80 15.74
CA MET E 361 -66.57 47.83 16.57
C MET E 361 -66.89 46.41 16.12
N GLY E 362 -65.86 45.56 16.03
CA GLY E 362 -66.02 44.17 15.66
C GLY E 362 -65.71 43.25 16.83
N LEU E 363 -65.95 41.97 16.60
CA LEU E 363 -65.73 40.97 17.65
C LEU E 363 -65.64 39.59 17.01
N THR E 364 -64.68 38.80 17.51
CA THR E 364 -64.52 37.41 17.08
C THR E 364 -64.03 36.62 18.28
N SER E 365 -64.74 35.54 18.60
CA SER E 365 -64.43 34.72 19.75
C SER E 365 -64.39 33.25 19.36
N ILE E 366 -63.51 32.50 20.04
CA ILE E 366 -63.40 31.06 19.85
C ILE E 366 -63.69 30.41 21.20
N LYS E 367 -64.70 29.55 21.23
CA LYS E 367 -65.11 28.89 22.46
C LYS E 367 -65.08 27.37 22.27
N TRP E 368 -64.64 26.67 23.31
CA TRP E 368 -64.52 25.22 23.27
C TRP E 368 -64.49 24.70 24.70
N TYR E 369 -64.43 23.38 24.82
CA TYR E 369 -64.35 22.69 26.10
C TYR E 369 -63.29 21.61 26.01
N TYR E 370 -62.73 21.25 27.16
CA TYR E 370 -61.66 20.27 27.21
C TYR E 370 -61.74 19.46 28.50
N GLY E 371 -61.31 18.21 28.41
CA GLY E 371 -61.23 17.33 29.57
C GLY E 371 -60.73 15.96 29.19
N SER E 372 -59.78 15.43 29.96
CA SER E 372 -59.18 14.15 29.67
C SER E 372 -59.11 13.32 30.95
N LEU E 373 -59.17 12.00 30.77
CA LEU E 373 -59.10 11.05 31.88
C LEU E 373 -57.96 10.09 31.62
N ILE E 374 -57.06 9.97 32.59
CA ILE E 374 -55.93 9.04 32.49
C ILE E 374 -56.38 7.70 33.03
N LEU E 375 -56.65 6.75 32.13
CA LEU E 375 -57.17 5.44 32.54
C LEU E 375 -56.15 4.69 33.38
N ARG E 376 -54.89 4.66 32.93
CA ARG E 376 -53.83 3.92 33.60
C ARG E 376 -52.64 4.83 33.86
N PRO E 377 -52.56 5.46 35.03
CA PRO E 377 -51.41 6.33 35.32
C PRO E 377 -50.08 5.61 35.29
N GLU E 378 -50.04 4.34 35.69
CA GLU E 378 -48.78 3.59 35.69
C GLU E 378 -48.28 3.29 34.28
N TRP E 379 -49.10 3.53 33.26
CA TRP E 379 -48.68 3.40 31.87
C TRP E 379 -48.09 4.69 31.32
N ILE E 380 -47.96 5.71 32.15
CA ILE E 380 -47.34 6.99 31.77
C ILE E 380 -46.08 7.16 32.61
N ALA E 381 -44.96 7.43 31.95
CA ALA E 381 -43.68 7.58 32.62
C ALA E 381 -43.05 8.92 32.24
N LEU E 382 -42.32 9.51 33.18
CA LEU E 382 -41.71 10.81 32.98
C LEU E 382 -40.37 10.86 33.69
N PHE E 383 -39.35 11.33 32.99
CA PHE E 383 -38.01 11.50 33.54
C PHE E 383 -37.65 12.98 33.53
N LYS E 384 -36.97 13.42 34.58
CA LYS E 384 -36.55 14.82 34.72
C LYS E 384 -35.04 14.93 34.69
N THR E 385 -34.55 15.96 34.01
CA THR E 385 -33.12 16.14 33.85
C THR E 385 -32.79 17.62 33.74
N VAL E 386 -31.53 17.94 34.00
CA VAL E 386 -30.99 19.29 33.85
C VAL E 386 -30.23 19.37 32.54
N ALA E 387 -30.53 20.38 31.73
CA ALA E 387 -29.91 20.56 30.43
C ALA E 387 -28.61 21.34 30.57
N ALA E 388 -28.04 21.76 29.44
CA ALA E 388 -26.80 22.52 29.44
C ALA E 388 -27.07 24.00 29.25
N LYS F 2 -63.92 -42.16 55.54
CA LYS F 2 -62.85 -41.22 55.28
C LYS F 2 -61.55 -41.98 55.02
N TYR F 3 -60.70 -41.40 54.17
CA TYR F 3 -59.42 -42.03 53.87
C TYR F 3 -58.36 -41.71 54.91
N ASN F 4 -58.37 -40.50 55.45
CA ASN F 4 -57.41 -40.05 56.47
C ASN F 4 -55.99 -40.26 55.95
N ALA F 5 -55.06 -40.59 56.83
CA ALA F 5 -53.68 -40.91 56.46
C ALA F 5 -53.42 -42.36 56.84
N PRO F 6 -53.52 -43.30 55.89
CA PRO F 6 -53.47 -44.73 56.23
C PRO F 6 -52.19 -45.16 56.92
N ASN F 7 -52.33 -46.10 57.86
CA ASN F 7 -51.24 -46.72 58.61
C ASN F 7 -50.63 -45.74 59.61
N THR F 8 -51.08 -44.49 59.58
CA THR F 8 -50.79 -43.57 60.68
C THR F 8 -52.10 -43.17 61.37
N THR F 9 -53.06 -42.70 60.59
CA THR F 9 -54.45 -42.59 61.03
C THR F 9 -55.27 -43.54 60.16
N PRO F 10 -55.61 -44.72 60.66
CA PRO F 10 -56.20 -45.76 59.79
C PRO F 10 -57.48 -45.31 59.11
N SER F 11 -57.69 -45.78 57.89
CA SER F 11 -58.89 -45.46 57.15
C SER F 11 -60.11 -46.06 57.85
N SER F 12 -61.28 -45.49 57.59
CA SER F 12 -62.50 -45.90 58.27
C SER F 12 -62.83 -47.36 58.03
N ILE F 13 -62.71 -47.80 56.77
CA ILE F 13 -63.04 -49.19 56.43
C ILE F 13 -62.03 -50.14 57.04
N GLY F 14 -60.75 -49.82 56.90
CA GLY F 14 -59.69 -50.68 57.38
C GLY F 14 -58.39 -50.48 56.65
N PRO F 15 -57.40 -51.33 56.93
CA PRO F 15 -56.08 -51.18 56.29
C PRO F 15 -56.14 -51.33 54.78
N GLN F 16 -55.35 -50.53 54.07
CA GLN F 16 -55.21 -50.64 52.62
C GLN F 16 -53.82 -51.17 52.30
N ILE F 17 -53.77 -52.18 51.43
CA ILE F 17 -52.52 -52.88 51.15
C ILE F 17 -51.59 -52.00 50.31
N ARG F 18 -52.02 -51.63 49.11
CA ARG F 18 -51.17 -50.85 48.23
C ARG F 18 -51.43 -49.37 48.42
N LEU F 19 -50.35 -48.62 48.63
CA LEU F 19 -50.46 -47.18 48.87
C LEU F 19 -49.57 -46.32 47.99
N ASP F 20 -48.42 -46.81 47.54
CA ASP F 20 -47.46 -46.01 46.79
C ASP F 20 -47.31 -46.58 45.39
N TYR F 21 -47.52 -45.74 44.39
CA TYR F 21 -47.53 -46.16 42.99
C TYR F 21 -46.10 -46.38 42.52
N TYR F 22 -45.77 -47.62 42.18
CA TYR F 22 -44.44 -47.97 41.68
C TYR F 22 -44.40 -47.73 40.18
N TYR F 23 -43.81 -46.62 39.76
CA TYR F 23 -43.64 -46.31 38.35
C TYR F 23 -42.44 -47.10 37.83
N LYS F 24 -42.67 -47.99 36.87
CA LYS F 24 -41.68 -48.96 36.45
C LYS F 24 -40.43 -48.34 35.83
N LYS F 25 -40.61 -47.39 34.91
CA LYS F 25 -39.49 -46.79 34.20
C LYS F 25 -38.54 -46.09 35.15
N ALA F 26 -37.33 -46.60 35.28
CA ALA F 26 -36.34 -46.09 36.24
C ALA F 26 -35.42 -45.08 35.57
N LEU F 27 -34.64 -44.39 36.40
CA LEU F 27 -33.70 -43.39 35.94
C LEU F 27 -32.27 -43.94 36.02
N VAL F 28 -31.54 -43.86 34.92
CA VAL F 28 -30.17 -44.34 34.84
C VAL F 28 -29.29 -43.22 34.32
N ASP F 29 -28.18 -42.96 35.01
CA ASP F 29 -27.23 -41.96 34.55
C ASP F 29 -26.62 -42.37 33.21
N ALA F 30 -26.54 -41.42 32.29
CA ALA F 30 -25.92 -41.69 31.00
C ALA F 30 -24.42 -41.92 31.16
N ALA F 31 -23.87 -42.75 30.28
CA ALA F 31 -22.45 -43.06 30.34
C ALA F 31 -21.63 -41.84 29.96
N LYS F 32 -20.53 -41.64 30.67
CA LYS F 32 -19.63 -40.55 30.36
C LYS F 32 -18.98 -40.76 29.00
N GLU F 33 -18.84 -39.69 28.23
CA GLU F 33 -18.27 -39.79 26.90
C GLU F 33 -16.78 -40.15 26.99
N MET F 34 -16.35 -41.06 26.12
CA MET F 34 -14.97 -41.51 26.08
C MET F 34 -14.18 -40.73 25.04
N TYR F 35 -13.00 -40.26 25.44
CA TYR F 35 -12.20 -39.38 24.61
C TYR F 35 -10.81 -39.96 24.33
N PHE F 36 -10.16 -40.49 25.35
CA PHE F 36 -8.78 -40.95 25.19
C PHE F 36 -8.71 -42.37 24.64
N GLY F 37 -9.78 -43.14 24.79
CA GLY F 37 -9.73 -44.54 24.39
C GLY F 37 -9.50 -44.73 22.90
N GLN F 38 -10.22 -43.98 22.07
CA GLN F 38 -10.13 -44.14 20.63
C GLN F 38 -9.09 -43.18 20.02
N LEU F 39 -7.88 -43.20 20.59
CA LEU F 39 -6.79 -42.37 20.11
C LEU F 39 -5.55 -43.16 19.76
N ALA F 40 -5.59 -44.48 19.83
CA ALA F 40 -4.42 -45.30 19.53
C ALA F 40 -4.89 -46.65 19.01
N GLU F 41 -3.93 -47.53 18.76
CA GLU F 41 -4.17 -48.88 18.29
C GLU F 41 -3.58 -49.87 19.29
N VAL F 42 -3.61 -51.15 18.93
CA VAL F 42 -3.08 -52.21 19.77
C VAL F 42 -1.88 -52.82 19.09
N THR F 43 -1.00 -53.41 19.90
CA THR F 43 0.19 -54.08 19.38
C THR F 43 0.19 -55.58 19.66
N ASN F 44 -0.72 -56.06 20.49
CA ASN F 44 -0.99 -57.50 20.61
C ASN F 44 0.22 -58.33 21.02
N MET F 45 0.70 -58.15 22.23
CA MET F 45 1.77 -59.01 22.74
C MET F 45 1.30 -60.45 22.76
N PRO F 46 2.01 -61.38 22.14
CA PRO F 46 1.54 -62.77 22.10
C PRO F 46 1.72 -63.49 23.42
N LYS F 47 1.43 -64.79 23.43
CA LYS F 47 1.59 -65.61 24.63
C LYS F 47 3.06 -65.97 24.82
N ASN F 48 3.33 -66.91 25.72
CA ASN F 48 4.68 -67.39 26.00
C ASN F 48 5.56 -66.28 26.54
N MET F 49 5.89 -65.30 25.70
CA MET F 49 6.73 -64.18 26.13
C MET F 49 6.05 -63.40 27.25
N GLY F 50 6.86 -62.88 28.17
CA GLY F 50 6.36 -62.21 29.33
C GLY F 50 5.77 -60.84 29.02
N LYS F 51 5.34 -60.17 30.08
CA LYS F 51 4.67 -58.87 29.95
C LYS F 51 5.73 -57.79 29.78
N GLN F 52 6.30 -57.72 28.58
CA GLN F 52 7.29 -56.71 28.24
C GLN F 52 7.43 -56.57 26.73
N ILE F 53 7.30 -55.36 26.23
CA ILE F 53 7.37 -55.07 24.80
C ILE F 53 8.61 -54.20 24.57
N LYS F 54 9.47 -54.64 23.67
CA LYS F 54 10.68 -53.90 23.34
C LYS F 54 10.71 -53.52 21.86
N LEU F 55 11.24 -52.34 21.60
CA LEU F 55 11.24 -51.75 20.27
C LEU F 55 12.67 -51.39 19.90
N TYR F 56 12.83 -50.83 18.70
CA TYR F 56 14.10 -50.23 18.29
C TYR F 56 13.79 -49.03 17.41
N HIS F 57 14.28 -47.87 17.82
CA HIS F 57 14.06 -46.62 17.09
C HIS F 57 15.39 -46.16 16.50
N TYR F 58 15.42 -45.96 15.19
CA TYR F 58 16.66 -45.64 14.49
C TYR F 58 16.81 -44.12 14.40
N VAL F 59 17.82 -43.60 15.08
CA VAL F 59 18.11 -42.17 15.10
C VAL F 59 18.58 -41.74 13.71
N PRO F 60 18.24 -40.54 13.25
CA PRO F 60 18.77 -40.06 11.98
C PRO F 60 20.29 -39.93 12.02
N LEU F 61 20.92 -40.12 10.86
CA LEU F 61 22.37 -40.11 10.77
C LEU F 61 22.94 -38.74 11.14
N LEU F 62 22.37 -37.68 10.57
CA LEU F 62 22.82 -36.32 10.85
C LEU F 62 22.20 -35.87 12.17
N ASP F 63 22.74 -36.42 13.26
CA ASP F 63 22.24 -36.13 14.59
C ASP F 63 23.36 -36.30 15.60
N ASP F 64 23.35 -35.46 16.63
CA ASP F 64 24.31 -35.59 17.71
C ASP F 64 24.05 -36.80 18.60
N ARG F 65 22.89 -37.44 18.47
CA ARG F 65 22.64 -38.70 19.14
C ARG F 65 23.41 -39.85 18.52
N ASN F 66 23.86 -39.70 17.29
CA ASN F 66 24.57 -40.76 16.58
C ASN F 66 26.05 -40.77 16.98
N VAL F 67 26.28 -41.19 18.22
CA VAL F 67 27.63 -41.37 18.73
C VAL F 67 28.13 -42.74 18.29
N ASN F 68 29.33 -42.77 17.72
CA ASN F 68 29.86 -43.98 17.10
C ASN F 68 31.37 -43.93 17.04
N ASP F 69 31.96 -45.04 16.59
CA ASP F 69 33.39 -45.14 16.37
C ASP F 69 33.75 -45.15 14.88
N GLN F 70 32.88 -45.70 14.05
CA GLN F 70 33.18 -45.84 12.62
C GLN F 70 33.09 -44.49 11.93
N GLY F 71 34.18 -43.73 11.94
CA GLY F 71 34.22 -42.43 11.29
C GLY F 71 35.63 -42.03 10.90
N ILE F 72 35.82 -41.64 9.64
CA ILE F 72 37.13 -41.32 9.11
C ILE F 72 37.07 -39.95 8.43
N ASP F 73 38.03 -39.09 8.75
CA ASP F 73 38.10 -37.79 8.12
C ASP F 73 38.64 -37.92 6.69
N ALA F 74 38.47 -36.84 5.91
CA ALA F 74 38.83 -36.85 4.51
C ALA F 74 40.30 -37.21 4.32
N ALA F 75 41.15 -36.78 5.25
CA ALA F 75 42.57 -37.11 5.16
C ALA F 75 42.79 -38.61 5.27
N GLY F 76 42.05 -39.27 6.15
CA GLY F 76 42.19 -40.70 6.32
C GLY F 76 42.34 -41.11 7.77
N ALA F 77 42.46 -40.13 8.65
CA ALA F 77 42.57 -40.38 10.08
C ALA F 77 41.21 -40.77 10.65
N THR F 78 41.21 -41.68 11.62
CA THR F 78 39.97 -42.11 12.26
C THR F 78 39.54 -41.05 13.27
N ILE F 79 38.61 -40.20 12.89
CA ILE F 79 38.12 -39.14 13.76
C ILE F 79 37.10 -39.71 14.73
N ALA F 80 36.77 -38.96 15.78
CA ALA F 80 35.80 -39.41 16.77
C ALA F 80 34.38 -39.32 16.23
N ASN F 81 33.96 -38.11 15.84
CA ASN F 81 32.61 -37.91 15.35
C ASN F 81 32.41 -38.58 14.01
N GLY F 82 31.61 -39.65 14.00
CA GLY F 82 31.26 -40.35 12.79
C GLY F 82 29.90 -39.99 12.22
N ASN F 83 29.22 -39.00 12.79
CA ASN F 83 27.95 -38.51 12.27
C ASN F 83 28.13 -37.31 11.34
N LEU F 84 29.29 -37.24 10.67
CA LEU F 84 29.67 -36.09 9.86
C LEU F 84 29.70 -34.88 10.80
N TYR F 85 29.03 -33.77 10.47
CA TYR F 85 28.96 -32.62 11.36
C TYR F 85 27.93 -32.80 12.47
N GLY F 86 27.41 -34.01 12.66
CA GLY F 86 26.37 -34.20 13.66
C GLY F 86 25.11 -33.49 13.24
N SER F 87 24.56 -32.69 14.16
CA SER F 87 23.37 -31.90 13.87
C SER F 87 23.55 -30.41 14.12
N SER F 88 24.77 -29.95 14.40
CA SER F 88 25.03 -28.53 14.61
C SER F 88 24.65 -27.73 13.37
N LYS F 89 23.81 -26.72 13.55
CA LYS F 89 23.32 -25.92 12.43
C LYS F 89 24.20 -24.70 12.21
N ASP F 90 25.48 -24.80 12.56
CA ASP F 90 26.40 -23.69 12.40
C ASP F 90 27.11 -23.78 11.05
N ILE F 91 27.00 -22.74 10.24
CA ILE F 91 27.68 -22.70 8.95
C ILE F 91 29.14 -22.35 9.16
N GLY F 92 29.53 -22.09 10.41
CA GLY F 92 30.92 -21.96 10.74
C GLY F 92 31.64 -23.27 10.92
N THR F 93 30.94 -24.39 10.86
CA THR F 93 31.55 -25.69 11.08
C THR F 93 31.27 -26.66 9.94
N ILE F 94 30.06 -26.61 9.39
CA ILE F 94 29.60 -27.56 8.38
C ILE F 94 30.50 -27.63 7.16
N PRO F 95 30.88 -26.50 6.51
CA PRO F 95 31.70 -26.61 5.29
C PRO F 95 33.01 -27.34 5.51
N SER F 96 33.58 -27.19 6.72
CA SER F 96 34.77 -27.97 7.06
C SER F 96 34.46 -29.46 7.12
N LYS F 97 33.29 -29.82 7.65
CA LYS F 97 32.90 -31.22 7.79
C LYS F 97 32.25 -31.78 6.54
N LEU F 98 32.12 -31.00 5.47
CA LEU F 98 31.53 -31.50 4.24
C LEU F 98 32.41 -32.60 3.65
N PRO F 99 31.87 -33.80 3.42
CA PRO F 99 32.69 -34.88 2.86
C PRO F 99 32.94 -34.72 1.38
N ALA F 100 34.18 -34.38 1.01
CA ALA F 100 34.54 -34.13 -0.38
C ALA F 100 35.70 -35.02 -0.77
N LEU F 101 35.52 -35.77 -1.86
CA LEU F 101 36.60 -36.59 -2.40
C LEU F 101 37.39 -35.78 -3.43
N THR F 102 38.36 -36.45 -4.05
CA THR F 102 39.10 -35.96 -5.19
C THR F 102 38.87 -36.89 -6.37
N GLU F 103 39.64 -36.66 -7.44
CA GLU F 103 39.58 -37.55 -8.60
C GLU F 103 39.88 -39.00 -8.19
N ASN F 104 40.82 -39.18 -7.26
CA ASN F 104 41.08 -40.49 -6.70
C ASN F 104 40.23 -40.71 -5.45
N GLY F 105 39.81 -41.95 -5.25
CA GLY F 105 38.92 -42.27 -4.15
C GLY F 105 39.62 -42.72 -2.89
N GLY F 106 39.42 -43.98 -2.50
CA GLY F 106 39.99 -44.49 -1.28
C GLY F 106 39.11 -44.25 -0.07
N ARG F 107 39.56 -44.78 1.06
CA ARG F 107 38.84 -44.63 2.31
C ARG F 107 38.92 -43.18 2.79
N VAL F 108 37.87 -42.40 2.55
CA VAL F 108 37.94 -40.96 2.73
C VAL F 108 36.93 -40.44 3.75
N ASN F 109 35.66 -40.84 3.63
CA ASN F 109 34.62 -40.32 4.51
C ASN F 109 33.74 -41.47 4.97
N ARG F 110 33.98 -41.96 6.18
CA ARG F 110 33.21 -43.04 6.77
C ARG F 110 32.25 -42.50 7.81
N VAL F 111 31.09 -43.15 7.91
CA VAL F 111 30.05 -42.79 8.87
C VAL F 111 29.53 -44.06 9.52
N GLY F 112 28.70 -43.86 10.55
CA GLY F 112 28.07 -44.98 11.23
C GLY F 112 26.66 -44.63 11.64
N PHE F 113 26.00 -45.59 12.28
CA PHE F 113 24.60 -45.44 12.64
C PHE F 113 24.34 -46.14 13.97
N THR F 114 23.26 -45.71 14.63
CA THR F 114 22.89 -46.25 15.93
C THR F 114 21.37 -46.37 16.00
N ARG F 115 20.90 -47.09 17.02
CA ARG F 115 19.48 -47.32 17.22
C ARG F 115 19.16 -47.24 18.70
N ILE F 116 17.89 -46.98 19.00
CA ILE F 116 17.44 -46.73 20.36
C ILE F 116 16.31 -47.69 20.71
N GLN F 117 16.39 -48.28 21.89
CA GLN F 117 15.41 -49.27 22.33
C GLN F 117 14.35 -48.61 23.20
N LEU F 118 13.13 -49.12 23.10
CA LEU F 118 11.98 -48.64 23.86
C LEU F 118 11.33 -49.81 24.60
N ILE F 119 10.66 -49.50 25.71
CA ILE F 119 10.20 -50.53 26.63
C ILE F 119 8.81 -50.18 27.12
N GLY F 120 7.95 -51.20 27.24
CA GLY F 120 6.64 -51.06 27.83
C GLY F 120 6.37 -52.15 28.84
N SER F 121 5.15 -52.12 29.41
CA SER F 121 4.77 -53.08 30.44
C SER F 121 3.26 -53.23 30.52
N ILE F 122 2.79 -54.42 30.91
CA ILE F 122 1.37 -54.72 31.04
C ILE F 122 1.09 -55.16 32.47
N LYS F 123 0.08 -54.56 33.09
CA LYS F 123 -0.36 -54.93 34.43
C LYS F 123 -1.77 -55.49 34.38
N LYS F 124 -2.05 -56.41 35.31
CA LYS F 124 -3.34 -57.09 35.37
C LYS F 124 -4.30 -56.34 36.28
N PHE F 125 -5.58 -56.33 35.90
CA PHE F 125 -6.61 -55.67 36.69
C PHE F 125 -7.91 -56.45 36.56
N GLY F 126 -8.76 -56.33 37.57
CA GLY F 126 -10.06 -56.99 37.51
C GLY F 126 -10.82 -56.81 38.82
N PHE F 127 -12.12 -57.09 38.73
CA PHE F 127 -13.01 -57.05 39.89
C PHE F 127 -14.16 -58.00 39.64
N PHE F 128 -15.10 -58.06 40.60
CA PHE F 128 -16.21 -58.98 40.50
C PHE F 128 -17.30 -58.57 41.50
N TYR F 129 -18.44 -59.23 41.38
CA TYR F 129 -19.55 -59.05 42.32
C TYR F 129 -20.43 -60.29 42.28
N GLU F 130 -21.13 -60.54 43.39
CA GLU F 130 -21.97 -61.72 43.55
C GLU F 130 -23.39 -61.29 43.93
N TRP F 131 -24.31 -62.26 43.86
CA TRP F 131 -25.68 -62.03 44.26
C TRP F 131 -26.32 -63.37 44.57
N THR F 132 -27.49 -63.31 45.20
CA THR F 132 -28.24 -64.51 45.55
C THR F 132 -29.54 -64.58 44.76
N GLN F 133 -30.04 -65.81 44.61
CA GLN F 133 -31.28 -66.02 43.86
C GLN F 133 -32.44 -65.32 44.55
N GLU F 134 -32.42 -65.27 45.89
CA GLU F 134 -33.48 -64.59 46.63
C GLU F 134 -33.56 -63.12 46.23
N ALA F 135 -32.41 -62.48 46.05
CA ALA F 135 -32.38 -61.08 45.67
C ALA F 135 -33.02 -60.87 44.29
N MET F 136 -32.70 -61.75 43.35
CA MET F 136 -33.23 -61.59 42.00
C MET F 136 -34.70 -61.94 41.91
N ASP F 137 -35.17 -62.90 42.70
CA ASP F 137 -36.54 -63.38 42.57
C ASP F 137 -37.52 -62.47 43.32
N PHE F 138 -37.36 -62.38 44.64
CA PHE F 138 -38.29 -61.62 45.47
C PHE F 138 -37.84 -60.17 45.60
N ASP F 139 -37.84 -59.47 44.47
CA ASP F 139 -37.47 -58.07 44.42
C ASP F 139 -38.57 -57.27 43.73
N THR F 140 -38.65 -56.00 44.09
CA THR F 140 -39.66 -55.11 43.52
C THR F 140 -39.44 -54.89 42.03
N ASP F 141 -38.20 -54.95 41.56
CA ASP F 141 -37.89 -54.70 40.17
C ASP F 141 -37.69 -56.01 39.42
N GLU F 142 -38.30 -56.11 38.24
CA GLU F 142 -38.15 -57.28 37.39
C GLU F 142 -36.93 -57.20 36.48
N GLU F 143 -36.25 -56.06 36.42
CA GLU F 143 -35.07 -55.89 35.57
C GLU F 143 -33.83 -55.56 36.38
N LEU F 144 -33.74 -56.06 37.62
CA LEU F 144 -32.59 -55.76 38.46
C LEU F 144 -31.31 -56.29 37.84
N ASP F 145 -31.37 -57.50 37.28
CA ASP F 145 -30.18 -58.10 36.66
C ASP F 145 -29.66 -57.24 35.51
N SER F 146 -30.57 -56.76 34.66
CA SER F 146 -30.16 -55.95 33.52
C SER F 146 -29.45 -54.67 33.96
N HIS F 147 -29.99 -54.03 35.00
CA HIS F 147 -29.39 -52.79 35.50
C HIS F 147 -27.98 -53.04 36.02
N LEU F 148 -27.79 -54.15 36.74
CA LEU F 148 -26.50 -54.42 37.38
C LEU F 148 -25.40 -54.64 36.35
N ILE F 149 -25.65 -55.53 35.38
CA ILE F 149 -24.60 -55.85 34.41
C ILE F 149 -24.36 -54.67 33.48
N GLN F 150 -25.42 -53.99 33.05
CA GLN F 150 -25.27 -52.84 32.18
C GLN F 150 -24.47 -51.74 32.86
N GLU F 151 -24.80 -51.44 34.11
CA GLU F 151 -24.07 -50.41 34.84
C GLU F 151 -22.62 -50.80 35.05
N ALA F 152 -22.38 -52.06 35.45
CA ALA F 152 -21.02 -52.52 35.72
C ALA F 152 -20.15 -52.44 34.47
N VAL F 153 -20.75 -52.69 33.31
CA VAL F 153 -20.00 -52.59 32.05
C VAL F 153 -19.56 -51.15 31.81
N LYS F 154 -20.47 -50.20 32.04
CA LYS F 154 -20.12 -48.78 31.87
C LYS F 154 -18.99 -48.39 32.80
N GLY F 155 -19.06 -48.82 34.06
CA GLY F 155 -17.99 -48.52 35.00
C GLY F 155 -16.65 -49.08 34.55
N ALA F 156 -16.66 -50.32 34.05
CA ALA F 156 -15.43 -50.96 33.60
C ALA F 156 -14.80 -50.16 32.46
N ASN F 157 -15.62 -49.65 31.55
CA ASN F 157 -15.11 -48.80 30.48
C ASN F 157 -14.48 -47.54 31.07
N GLU F 158 -15.06 -47.01 32.14
CA GLU F 158 -14.52 -45.82 32.77
C GLU F 158 -13.12 -46.08 33.34
N ILE F 159 -12.93 -47.24 33.98
CA ILE F 159 -11.64 -47.53 34.61
C ILE F 159 -10.52 -47.50 33.59
N THR F 160 -10.76 -48.09 32.42
CA THR F 160 -9.70 -48.20 31.41
C THR F 160 -9.23 -46.82 30.95
N GLU F 161 -10.16 -45.90 30.74
CA GLU F 161 -9.76 -44.57 30.26
C GLU F 161 -8.98 -43.81 31.32
N ASP F 162 -9.36 -43.96 32.59
CA ASP F 162 -8.55 -43.35 33.65
C ASP F 162 -7.16 -43.96 33.68
N GLN F 163 -7.07 -45.28 33.51
CA GLN F 163 -5.76 -45.93 33.44
C GLN F 163 -4.95 -45.39 32.27
N LEU F 164 -5.61 -45.23 31.11
CA LEU F 164 -4.92 -44.69 29.95
C LEU F 164 -4.47 -43.26 30.19
N GLN F 165 -5.34 -42.44 30.76
CA GLN F 165 -5.03 -41.02 30.94
C GLN F 165 -3.87 -40.84 31.92
N ILE F 166 -3.87 -41.60 33.01
CA ILE F 166 -2.82 -41.46 34.03
C ILE F 166 -1.45 -41.71 33.42
N ASP F 167 -1.34 -42.76 32.60
CA ASP F 167 -0.07 -43.06 31.96
C ASP F 167 0.34 -41.95 31.01
N LEU F 168 -0.61 -41.40 30.26
CA LEU F 168 -0.30 -40.34 29.31
C LEU F 168 0.22 -39.10 30.02
N LEU F 169 -0.43 -38.71 31.13
CA LEU F 169 0.04 -37.54 31.87
C LEU F 169 1.41 -37.79 32.48
N ASN F 170 1.71 -39.04 32.83
CA ASN F 170 3.01 -39.40 33.38
C ASN F 170 4.01 -39.79 32.31
N GLY F 171 3.62 -39.75 31.04
CA GLY F 171 4.52 -40.15 29.97
C GLY F 171 4.72 -39.08 28.92
N ALA F 172 4.45 -37.83 29.27
CA ALA F 172 4.64 -36.74 28.34
C ALA F 172 6.12 -36.43 28.17
N GLY F 173 6.47 -35.91 26.99
CA GLY F 173 7.83 -35.49 26.72
C GLY F 173 7.97 -33.98 26.82
N VAL F 174 6.98 -33.26 26.29
CA VAL F 174 6.98 -31.81 26.37
C VAL F 174 6.18 -31.38 27.59
N VAL F 175 6.84 -31.27 28.74
CA VAL F 175 6.20 -30.85 29.97
C VAL F 175 6.63 -29.42 30.24
N ARG F 176 5.67 -28.50 30.16
CA ARG F 176 5.95 -27.08 30.34
C ARG F 176 5.21 -26.57 31.57
N TYR F 177 5.95 -25.94 32.48
CA TYR F 177 5.37 -25.31 33.65
C TYR F 177 5.20 -23.82 33.42
N PRO F 178 4.19 -23.20 34.04
CA PRO F 178 4.02 -21.75 33.92
C PRO F 178 5.12 -21.00 34.68
N GLY F 179 5.45 -19.82 34.14
CA GLY F 179 6.43 -18.97 34.78
C GLY F 179 7.78 -19.66 34.92
N ALA F 180 8.37 -19.55 36.10
CA ALA F 180 9.66 -20.14 36.40
C ALA F 180 9.53 -21.41 37.23
N ALA F 181 8.31 -21.92 37.39
CA ALA F 181 8.10 -23.14 38.16
C ALA F 181 8.75 -24.34 37.47
N THR F 182 9.17 -25.32 38.27
CA THR F 182 9.80 -26.51 37.76
C THR F 182 9.14 -27.81 38.21
N SER F 183 8.31 -27.77 39.25
CA SER F 183 7.66 -28.96 39.76
C SER F 183 6.24 -28.59 40.16
N ASN F 184 5.59 -29.46 40.93
CA ASN F 184 4.25 -29.17 41.43
C ASN F 184 4.27 -28.46 42.78
N ALA F 185 5.27 -28.75 43.62
CA ALA F 185 5.31 -28.14 44.94
C ALA F 185 5.55 -26.64 44.87
N ASP F 186 6.47 -26.19 44.04
CA ASP F 186 6.80 -24.77 43.91
C ASP F 186 5.75 -23.99 43.14
N MET F 187 4.62 -24.61 42.79
CA MET F 187 3.63 -24.00 41.92
C MET F 187 2.40 -23.64 42.74
N THR F 188 2.02 -22.36 42.71
CA THR F 188 0.98 -21.86 43.58
C THR F 188 0.25 -20.69 42.94
N GLY F 189 -0.94 -20.41 43.45
CA GLY F 189 -1.70 -19.23 43.10
C GLY F 189 -1.71 -18.15 44.16
N GLU F 190 -0.91 -18.30 45.22
CA GLU F 190 -0.90 -17.30 46.29
C GLU F 190 -0.44 -15.94 45.77
N GLY F 191 0.79 -15.88 45.26
CA GLY F 191 1.31 -14.64 44.73
C GLY F 191 0.92 -14.47 43.27
N THR F 192 1.91 -14.29 42.40
CA THR F 192 1.63 -14.25 40.96
C THR F 192 1.04 -15.57 40.51
N ALA F 193 0.11 -15.51 39.56
CA ALA F 193 -0.62 -16.69 39.15
C ALA F 193 0.26 -17.57 38.25
N THR F 194 0.37 -18.85 38.61
CA THR F 194 1.07 -19.82 37.78
C THR F 194 0.06 -20.42 36.81
N VAL F 195 -0.32 -19.62 35.82
CA VAL F 195 -1.38 -19.99 34.89
C VAL F 195 -0.85 -19.97 33.46
N VAL F 196 -1.71 -20.29 32.51
CA VAL F 196 -1.34 -20.28 31.10
C VAL F 196 -1.19 -18.84 30.63
N THR F 197 -0.22 -18.61 29.76
CA THR F 197 -0.04 -17.34 29.10
C THR F 197 0.09 -17.59 27.60
N TYR F 198 -0.33 -16.61 26.80
CA TYR F 198 -0.48 -16.83 25.37
C TYR F 198 0.82 -17.25 24.71
N GLU F 199 1.89 -16.52 24.97
CA GLU F 199 3.19 -16.89 24.39
C GLU F 199 3.64 -18.24 24.94
N GLY F 200 3.19 -18.59 26.14
CA GLY F 200 3.51 -19.91 26.69
C GLY F 200 2.89 -21.03 25.88
N LEU F 201 1.62 -20.86 25.49
CA LEU F 201 0.94 -21.90 24.73
C LEU F 201 1.55 -22.06 23.35
N VAL F 202 1.90 -20.95 22.70
CA VAL F 202 2.48 -21.06 21.37
C VAL F 202 3.92 -21.54 21.44
N LYS F 203 4.58 -21.38 22.59
CA LYS F 203 5.89 -21.99 22.77
C LYS F 203 5.79 -23.51 22.68
N MET F 204 4.72 -24.09 23.24
CA MET F 204 4.48 -25.51 23.06
C MET F 204 4.25 -25.84 21.60
N GLY F 205 3.48 -25.01 20.89
CA GLY F 205 3.15 -25.31 19.51
C GLY F 205 4.37 -25.34 18.61
N ILE F 206 5.27 -24.36 18.76
CA ILE F 206 6.47 -24.33 17.93
C ILE F 206 7.36 -25.52 18.25
N THR F 207 7.49 -25.86 19.53
CA THR F 207 8.21 -27.09 19.90
C THR F 207 7.50 -28.31 19.35
N LEU F 208 6.16 -28.31 19.42
CA LEU F 208 5.39 -29.40 18.83
C LEU F 208 5.61 -29.47 17.33
N ASN F 209 5.66 -28.31 16.67
CA ASN F 209 5.87 -28.29 15.24
C ASN F 209 7.28 -28.72 14.86
N ASP F 210 8.24 -28.52 15.77
CA ASP F 210 9.62 -28.89 15.48
C ASP F 210 9.76 -30.39 15.27
N ASN F 211 9.03 -31.18 16.06
CA ASN F 211 9.24 -32.65 15.98
C ASN F 211 7.99 -33.39 15.51
N LEU F 212 6.82 -33.03 16.03
CA LEU F 212 5.57 -33.79 15.74
C LEU F 212 5.37 -34.01 14.24
N CYS F 213 4.66 -35.09 13.89
CA CYS F 213 3.20 -35.32 14.00
C CYS F 213 2.42 -34.14 13.45
N PRO F 214 1.32 -34.38 12.70
CA PRO F 214 0.62 -33.29 12.06
C PRO F 214 -0.40 -32.56 12.90
N MET F 215 -0.98 -31.53 12.30
CA MET F 215 -2.07 -30.81 13.01
C MET F 215 -3.34 -31.63 12.81
N GLN F 216 -4.03 -31.94 13.91
CA GLN F 216 -5.24 -32.78 13.80
C GLN F 216 -6.24 -32.12 12.85
N THR F 217 -6.20 -30.79 12.71
CA THR F 217 -7.23 -30.15 11.92
C THR F 217 -6.61 -29.14 10.96
N LYS F 218 -7.30 -28.95 9.84
CA LYS F 218 -6.78 -28.09 8.78
C LYS F 218 -7.28 -26.67 9.06
N LEU F 219 -6.73 -25.68 8.35
CA LEU F 219 -6.97 -24.27 8.63
C LEU F 219 -8.38 -23.87 8.23
N ILE F 220 -9.07 -23.16 9.12
CA ILE F 220 -10.44 -22.74 8.90
C ILE F 220 -10.42 -21.42 8.15
N ALA F 221 -10.79 -21.46 6.86
CA ALA F 221 -10.77 -20.25 6.05
C ALA F 221 -11.81 -19.24 6.53
N GLY F 222 -13.03 -19.68 6.77
CA GLY F 222 -14.06 -18.82 7.32
C GLY F 222 -14.65 -17.87 6.30
N SER F 223 -15.97 -17.71 6.31
CA SER F 223 -16.62 -16.78 5.38
C SER F 223 -18.06 -16.57 5.83
N LEU F 224 -18.61 -15.43 5.40
CA LEU F 224 -20.01 -15.06 5.62
C LEU F 224 -20.37 -14.98 7.10
N MET F 225 -21.65 -14.80 7.38
CA MET F 225 -22.16 -14.38 8.69
C MET F 225 -21.47 -13.05 9.05
N THR F 226 -21.56 -12.62 10.30
CA THR F 226 -20.89 -11.38 10.70
C THR F 226 -19.85 -11.63 11.79
N ASP F 227 -20.29 -12.23 12.90
CA ASP F 227 -19.40 -12.49 14.03
C ASP F 227 -18.70 -13.83 13.84
N THR F 228 -17.87 -13.89 12.81
CA THR F 228 -17.11 -15.09 12.49
C THR F 228 -15.63 -14.76 12.38
N ARG F 229 -14.80 -15.73 12.72
CA ARG F 229 -13.35 -15.53 12.71
C ARG F 229 -12.67 -16.68 11.99
N THR F 230 -11.34 -16.74 12.07
CA THR F 230 -10.56 -17.76 11.38
C THR F 230 -9.66 -18.45 12.39
N ILE F 231 -9.52 -19.76 12.26
CA ILE F 231 -8.63 -20.52 13.12
C ILE F 231 -7.39 -20.92 12.35
N GLN F 232 -6.26 -20.93 13.06
CA GLN F 232 -5.03 -21.48 12.52
C GLN F 232 -5.11 -23.00 12.47
N GLY F 233 -4.23 -23.60 11.68
CA GLY F 233 -4.09 -25.05 11.72
C GLY F 233 -3.72 -25.47 13.13
N ALA F 234 -4.45 -26.44 13.69
CA ALA F 234 -4.35 -26.72 15.11
C ALA F 234 -4.31 -28.22 15.35
N ARG F 235 -3.77 -28.59 16.50
CA ARG F 235 -3.83 -29.95 17.02
C ARG F 235 -4.59 -29.92 18.33
N ALA F 236 -5.40 -30.95 18.58
CA ALA F 236 -6.30 -30.95 19.73
C ALA F 236 -5.52 -30.91 21.03
N LEU F 237 -6.09 -30.20 22.00
CA LEU F 237 -5.50 -30.05 23.34
C LEU F 237 -6.58 -30.30 24.37
N TYR F 238 -6.48 -31.44 25.07
CA TYR F 238 -7.53 -31.84 25.99
C TYR F 238 -7.35 -31.16 27.34
N ILE F 239 -8.45 -30.65 27.88
CA ILE F 239 -8.43 -29.90 29.13
C ILE F 239 -9.71 -30.20 29.90
N GLY F 240 -9.57 -30.39 31.21
CA GLY F 240 -10.70 -30.61 32.08
C GLY F 240 -11.62 -29.40 32.14
N SER F 241 -12.87 -29.65 32.52
CA SER F 241 -13.89 -28.61 32.48
C SER F 241 -13.59 -27.47 33.44
N GLU F 242 -12.83 -27.73 34.50
CA GLU F 242 -12.61 -26.71 35.53
C GLU F 242 -11.84 -25.51 35.02
N LEU F 243 -11.10 -25.64 33.92
CA LEU F 243 -10.26 -24.55 33.46
C LEU F 243 -10.90 -23.74 32.34
N GLU F 244 -12.18 -23.93 32.07
CA GLU F 244 -12.84 -23.15 31.03
C GLU F 244 -12.79 -21.67 31.35
N LEU F 245 -13.03 -21.32 32.62
CA LEU F 245 -13.02 -19.92 33.03
C LEU F 245 -11.65 -19.28 32.82
N GLN F 246 -10.59 -20.01 33.17
CA GLN F 246 -9.25 -19.45 33.08
C GLN F 246 -8.90 -19.09 31.64
N LEU F 247 -9.25 -19.96 30.69
CA LEU F 247 -8.98 -19.67 29.29
C LEU F 247 -9.76 -18.46 28.82
N ARG F 248 -11.00 -18.31 29.28
CA ARG F 248 -11.83 -17.19 28.82
C ARG F 248 -11.20 -15.85 29.19
N LYS F 249 -10.58 -15.77 30.35
CA LYS F 249 -9.89 -14.55 30.77
C LYS F 249 -8.41 -14.60 30.41
N MET F 250 -8.11 -14.62 29.12
CA MET F 250 -6.76 -14.80 28.62
C MET F 250 -6.48 -13.78 27.53
N LYS F 251 -5.30 -13.17 27.55
CA LYS F 251 -4.96 -12.06 26.68
C LYS F 251 -3.81 -12.42 25.76
N ASP F 252 -3.98 -12.13 24.47
CA ASP F 252 -2.90 -12.22 23.51
C ASP F 252 -2.02 -10.97 23.61
N PRO F 253 -0.81 -11.01 23.02
CA PRO F 253 0.09 -9.86 23.17
C PRO F 253 -0.49 -8.54 22.69
N PHE F 254 -1.39 -8.55 21.71
CA PHE F 254 -2.00 -7.32 21.24
C PHE F 254 -3.15 -6.85 22.12
N ASP F 255 -3.26 -7.41 23.32
CA ASP F 255 -4.20 -6.98 24.35
C ASP F 255 -5.65 -7.17 23.87
N ASN F 256 -5.90 -8.13 23.00
CA ASN F 256 -7.25 -8.50 22.62
C ASN F 256 -7.60 -9.83 23.30
N ALA F 257 -8.75 -10.41 22.97
CA ALA F 257 -9.12 -11.72 23.49
C ALA F 257 -8.19 -12.78 22.90
N ALA F 258 -7.89 -13.80 23.70
CA ALA F 258 -7.04 -14.88 23.24
C ALA F 258 -7.86 -16.15 23.02
N PHE F 259 -8.60 -16.57 24.04
CA PHE F 259 -9.55 -17.66 23.85
C PHE F 259 -10.72 -17.16 23.01
N ILE F 260 -11.06 -17.93 21.99
CA ILE F 260 -12.06 -17.50 21.01
C ILE F 260 -13.12 -18.58 20.85
N PRO F 261 -14.38 -18.26 21.12
CA PRO F 261 -15.40 -19.30 21.30
C PRO F 261 -15.64 -20.10 20.03
N VAL F 262 -16.19 -21.31 20.22
CA VAL F 262 -16.43 -22.22 19.11
C VAL F 262 -17.50 -21.72 18.16
N GLN F 263 -18.54 -21.05 18.67
CA GLN F 263 -19.66 -20.65 17.83
C GLN F 263 -19.25 -19.68 16.73
N GLN F 264 -18.09 -19.07 16.84
CA GLN F 264 -17.58 -18.21 15.77
C GLN F 264 -16.96 -19.00 14.63
N TYR F 265 -17.01 -20.33 14.69
CA TYR F 265 -16.56 -21.16 13.58
C TYR F 265 -17.64 -22.09 13.04
N ALA F 266 -18.79 -22.18 13.69
CA ALA F 266 -19.76 -23.23 13.40
C ALA F 266 -20.19 -23.20 11.93
N ASP F 267 -20.45 -22.00 11.41
CA ASP F 267 -20.83 -21.89 10.01
C ASP F 267 -19.67 -22.15 9.07
N ALA F 268 -18.43 -21.99 9.54
CA ALA F 268 -17.27 -22.05 8.68
C ALA F 268 -16.85 -23.48 8.36
N GLY F 269 -16.47 -24.25 9.38
CA GLY F 269 -15.91 -25.57 9.18
C GLY F 269 -16.49 -26.61 10.13
N ASN F 270 -16.05 -27.85 9.91
CA ASN F 270 -16.52 -28.97 10.71
C ASN F 270 -15.99 -28.87 12.14
N LEU F 271 -16.74 -29.43 13.08
CA LEU F 271 -16.44 -29.32 14.49
C LEU F 271 -15.87 -30.62 15.04
N LEU F 272 -15.02 -30.48 16.05
CA LEU F 272 -14.54 -31.63 16.80
C LEU F 272 -15.50 -31.91 17.97
N LYS F 273 -15.63 -33.18 18.30
CA LYS F 273 -16.62 -33.59 19.29
C LYS F 273 -16.20 -33.15 20.68
N GLY F 274 -17.08 -32.41 21.35
CA GLY F 274 -16.74 -31.82 22.64
C GLY F 274 -15.68 -30.74 22.56
N GLU F 275 -15.78 -29.86 21.56
CA GLU F 275 -14.83 -28.77 21.38
C GLU F 275 -15.44 -27.48 21.91
N ILE F 276 -14.72 -26.80 22.81
CA ILE F 276 -15.17 -25.54 23.39
C ILE F 276 -14.15 -24.49 22.99
N GLY F 277 -14.39 -23.83 21.87
CA GLY F 277 -13.50 -22.78 21.41
C GLY F 277 -12.17 -23.31 20.90
N SER F 278 -11.25 -22.37 20.71
CA SER F 278 -9.90 -22.67 20.26
C SER F 278 -8.95 -21.58 20.73
N ILE F 279 -7.66 -21.90 20.72
CA ILE F 279 -6.62 -20.94 21.11
C ILE F 279 -5.40 -21.18 20.23
N ALA F 280 -4.99 -20.16 19.48
CA ALA F 280 -3.79 -20.21 18.66
C ALA F 280 -3.78 -21.43 17.75
N SER F 281 -2.93 -22.40 18.06
CA SER F 281 -2.84 -23.64 17.31
C SER F 281 -3.34 -24.82 18.13
N PHE F 282 -4.40 -24.62 18.91
CA PHE F 282 -4.95 -25.65 19.78
C PHE F 282 -6.46 -25.51 19.82
N ARG F 283 -7.17 -26.50 19.30
CA ARG F 283 -8.62 -26.57 19.52
C ARG F 283 -8.88 -27.18 20.88
N VAL F 284 -9.72 -26.53 21.67
CA VAL F 284 -9.92 -26.89 23.07
C VAL F 284 -10.97 -27.98 23.17
N ILE F 285 -10.61 -29.11 23.76
CA ILE F 285 -11.51 -30.23 23.97
C ILE F 285 -11.72 -30.37 25.47
N VAL F 286 -12.98 -30.42 25.90
CA VAL F 286 -13.32 -30.57 27.31
C VAL F 286 -13.72 -32.02 27.56
N VAL F 287 -12.99 -32.68 28.44
CA VAL F 287 -13.27 -34.07 28.81
C VAL F 287 -13.90 -34.06 30.20
N PRO F 288 -15.07 -34.65 30.38
CA PRO F 288 -15.70 -34.63 31.71
C PRO F 288 -14.85 -35.27 32.79
N LYS F 289 -14.07 -36.30 32.45
CA LYS F 289 -13.33 -37.08 33.46
C LYS F 289 -11.82 -36.97 33.28
N MET F 290 -11.29 -35.77 33.01
CA MET F 290 -9.85 -35.60 33.13
C MET F 290 -9.45 -35.56 34.59
N LEU F 291 -8.33 -36.19 34.91
CA LEU F 291 -7.84 -36.25 36.28
C LEU F 291 -7.23 -34.91 36.66
N LYS F 292 -6.89 -34.77 37.93
CA LYS F 292 -6.31 -33.54 38.43
C LYS F 292 -5.45 -33.85 39.65
N TRP F 293 -4.45 -32.99 39.87
CA TRP F 293 -3.61 -33.14 41.08
C TRP F 293 -4.29 -32.35 42.18
N ALA F 294 -4.54 -32.96 43.33
CA ALA F 294 -5.30 -32.26 44.39
C ALA F 294 -4.41 -31.22 45.07
N GLY F 295 -4.55 -31.07 46.38
CA GLY F 295 -3.46 -31.45 47.31
C GLY F 295 -2.21 -31.77 46.48
N ALA F 296 -1.57 -30.75 45.92
CA ALA F 296 -0.35 -30.97 45.11
C ALA F 296 0.29 -29.64 44.79
N GLY F 297 -0.51 -28.56 44.80
CA GLY F 297 0.01 -27.22 44.45
C GLY F 297 0.92 -26.69 45.54
N ALA F 298 0.40 -25.77 46.34
CA ALA F 298 1.20 -25.23 47.48
C ALA F 298 0.29 -25.00 48.67
N THR F 299 0.87 -24.90 49.86
CA THR F 299 0.09 -24.69 51.06
C THR F 299 -0.73 -23.41 50.91
N VAL F 300 -2.05 -23.55 50.89
CA VAL F 300 -2.94 -22.40 50.73
C VAL F 300 -2.99 -21.66 52.06
N THR F 301 -2.40 -20.47 52.10
CA THR F 301 -2.46 -19.60 53.26
C THR F 301 -3.62 -18.62 53.21
N THR F 302 -3.89 -18.04 52.04
CA THR F 302 -5.05 -17.19 51.83
C THR F 302 -5.42 -17.28 50.34
N ASN F 303 -6.46 -18.05 50.05
CA ASN F 303 -6.84 -18.31 48.68
C ASN F 303 -7.40 -17.03 48.05
N PRO F 304 -6.82 -16.53 46.97
CA PRO F 304 -7.38 -15.38 46.26
C PRO F 304 -8.40 -15.71 45.20
N GLY F 305 -8.99 -16.90 45.24
CA GLY F 305 -9.93 -17.30 44.20
C GLY F 305 -9.35 -18.31 43.22
N TYR F 306 -8.65 -19.32 43.74
CA TYR F 306 -8.13 -20.40 42.91
C TYR F 306 -8.56 -21.74 43.49
N TYR F 307 -8.72 -22.73 42.62
CA TYR F 307 -9.11 -24.06 43.05
C TYR F 307 -8.06 -24.66 43.98
N ALA F 308 -8.52 -25.25 45.08
CA ALA F 308 -7.63 -25.84 46.06
C ALA F 308 -8.40 -26.88 46.87
N THR F 309 -7.69 -27.92 47.29
CA THR F 309 -8.25 -28.96 48.13
C THR F 309 -7.28 -29.29 49.25
N SER F 310 -7.84 -29.58 50.42
CA SER F 310 -7.06 -29.93 51.62
C SER F 310 -6.02 -28.87 51.93
N GLY F 311 -6.40 -27.60 51.75
CA GLY F 311 -5.47 -26.51 51.97
C GLY F 311 -4.30 -26.53 51.02
N LYS F 312 -4.44 -27.22 49.89
CA LYS F 312 -3.38 -27.34 48.90
C LYS F 312 -3.96 -26.95 47.54
N TYR F 313 -3.22 -26.14 46.79
CA TYR F 313 -3.70 -25.71 45.48
C TYR F 313 -3.81 -26.89 44.54
N ASP F 314 -4.74 -26.78 43.60
CA ASP F 314 -5.03 -27.86 42.66
C ASP F 314 -4.37 -27.54 41.32
N VAL F 315 -3.55 -28.48 40.83
CA VAL F 315 -2.83 -28.32 39.58
C VAL F 315 -3.52 -29.17 38.52
N PHE F 316 -3.77 -28.57 37.36
CA PHE F 316 -4.56 -29.26 36.34
C PHE F 316 -3.75 -29.45 35.07
N PRO F 317 -4.01 -30.53 34.34
CA PRO F 317 -3.22 -30.81 33.12
C PRO F 317 -3.85 -30.26 31.86
N MET F 318 -3.02 -30.04 30.84
CA MET F 318 -3.49 -29.67 29.50
C MET F 318 -2.71 -30.55 28.52
N LEU F 319 -3.40 -31.54 27.95
CA LEU F 319 -2.76 -32.61 27.21
C LEU F 319 -3.02 -32.46 25.72
N CYS F 320 -1.94 -32.55 24.93
CA CYS F 320 -2.01 -32.61 23.47
C CYS F 320 -1.28 -33.89 23.06
N VAL F 321 -2.06 -34.89 22.66
CA VAL F 321 -1.50 -36.23 22.47
C VAL F 321 -0.84 -36.36 21.10
N GLY F 322 -1.52 -35.91 20.05
CA GLY F 322 -1.02 -36.10 18.71
C GLY F 322 -1.61 -37.32 18.05
N SER F 323 -0.80 -38.05 17.29
CA SER F 323 -1.29 -39.25 16.60
C SER F 323 -0.07 -40.13 16.28
N GLY F 324 0.01 -41.28 16.92
CA GLY F 324 1.09 -42.21 16.68
C GLY F 324 2.20 -42.09 17.71
N SER F 325 1.83 -41.72 18.93
CA SER F 325 2.81 -41.55 20.00
C SER F 325 2.67 -42.59 21.11
N PHE F 326 1.48 -43.17 21.28
CA PHE F 326 1.25 -44.15 22.32
C PHE F 326 0.39 -45.27 21.77
N THR F 327 0.56 -46.47 22.32
CA THR F 327 -0.24 -47.62 21.91
C THR F 327 -0.52 -48.50 23.12
N THR F 328 -1.75 -48.99 23.22
CA THR F 328 -2.04 -50.10 24.10
C THR F 328 -1.52 -51.40 23.50
N ILE F 329 -1.33 -52.40 24.34
CA ILE F 329 -0.85 -53.68 23.83
C ILE F 329 -1.91 -54.77 23.99
N GLY F 330 -2.21 -55.14 25.23
CA GLY F 330 -3.21 -56.16 25.46
C GLY F 330 -2.61 -57.55 25.55
N PHE F 331 -2.52 -58.10 26.76
CA PHE F 331 -1.99 -59.44 26.93
C PHE F 331 -2.98 -60.52 26.56
N GLN F 332 -4.25 -60.18 26.40
CA GLN F 332 -5.29 -61.12 26.01
C GLN F 332 -5.37 -61.32 24.52
N THR F 333 -4.45 -60.70 23.78
CA THR F 333 -4.37 -60.82 22.32
C THR F 333 -5.69 -60.44 21.66
N ASP F 334 -6.27 -59.34 22.13
CA ASP F 334 -7.51 -58.82 21.57
C ASP F 334 -7.18 -57.85 20.44
N GLY F 335 -7.73 -58.11 19.25
CA GLY F 335 -7.41 -57.30 18.10
C GLY F 335 -7.93 -55.87 18.18
N LYS F 336 -9.14 -55.69 18.71
CA LYS F 336 -9.80 -54.38 18.67
C LYS F 336 -9.28 -53.45 19.76
N THR F 337 -9.48 -53.83 21.02
CA THR F 337 -9.19 -52.96 22.15
C THR F 337 -8.99 -53.78 23.43
N VAL F 338 -8.98 -53.09 24.58
CA VAL F 338 -8.87 -53.79 25.86
C VAL F 338 -9.97 -54.84 25.94
N LYS F 339 -9.58 -56.07 26.26
CA LYS F 339 -10.50 -57.21 26.26
C LYS F 339 -11.10 -57.35 27.65
N PHE F 340 -12.41 -57.14 27.75
CA PHE F 340 -13.13 -57.34 29.01
C PHE F 340 -13.57 -58.80 29.06
N THR F 341 -12.79 -59.61 29.76
CA THR F 341 -13.15 -61.02 29.94
C THR F 341 -14.21 -61.13 31.03
N THR F 342 -15.42 -61.51 30.65
CA THR F 342 -16.55 -61.57 31.57
C THR F 342 -16.95 -63.03 31.78
N TYR F 343 -16.98 -63.45 33.04
CA TYR F 343 -17.46 -64.77 33.42
C TYR F 343 -18.66 -64.58 34.34
N THR F 344 -19.76 -65.25 34.02
CA THR F 344 -21.01 -65.11 34.78
C THR F 344 -21.51 -66.51 35.12
N LYS F 345 -21.49 -66.85 36.41
CA LYS F 345 -22.02 -68.11 36.90
C LYS F 345 -23.40 -67.85 37.48
N LYS F 346 -24.43 -68.17 36.72
CA LYS F 346 -25.80 -67.94 37.15
C LYS F 346 -26.18 -68.89 38.29
N PRO F 347 -27.05 -68.46 39.19
CA PRO F 347 -27.53 -69.36 40.24
C PRO F 347 -28.22 -70.57 39.64
N GLY F 348 -28.02 -71.72 40.28
CA GLY F 348 -28.58 -72.96 39.78
C GLY F 348 -27.51 -74.04 39.78
N ILE F 349 -27.57 -74.88 38.75
CA ILE F 349 -26.64 -75.99 38.64
C ILE F 349 -25.22 -75.49 38.42
N GLU F 350 -25.06 -74.38 37.69
CA GLU F 350 -23.73 -73.87 37.38
C GLU F 350 -22.92 -73.54 38.62
N THR F 351 -23.58 -73.26 39.75
CA THR F 351 -22.88 -72.96 40.99
C THR F 351 -23.09 -74.02 42.06
N VAL F 352 -23.59 -75.20 41.69
CA VAL F 352 -23.76 -76.27 42.67
C VAL F 352 -22.42 -76.89 43.00
N SER F 353 -22.10 -76.95 44.29
CA SER F 353 -20.83 -77.50 44.75
C SER F 353 -21.03 -78.07 46.14
N TYR F 354 -19.95 -78.65 46.68
CA TYR F 354 -20.00 -79.15 48.06
C TYR F 354 -20.23 -78.02 49.05
N ALA F 355 -19.71 -76.84 48.77
CA ALA F 355 -19.92 -75.70 49.66
C ALA F 355 -21.39 -75.29 49.69
N ASP F 356 -22.03 -75.25 48.52
CA ASP F 356 -23.44 -74.87 48.39
C ASP F 356 -24.17 -75.91 47.56
N PRO F 357 -24.55 -77.04 48.15
CA PRO F 357 -25.34 -78.03 47.40
C PRO F 357 -26.62 -77.45 46.82
N TYR F 358 -27.31 -76.59 47.57
CA TYR F 358 -28.45 -75.86 47.04
C TYR F 358 -27.93 -74.58 46.40
N GLY F 359 -27.43 -74.71 45.17
CA GLY F 359 -26.86 -73.60 44.45
C GLY F 359 -27.75 -72.38 44.37
N GLU F 360 -27.36 -71.31 45.05
CA GLU F 360 -28.19 -70.13 45.14
C GLU F 360 -27.42 -68.87 44.75
N MET F 361 -26.11 -68.86 44.97
CA MET F 361 -25.32 -67.68 44.73
C MET F 361 -25.09 -67.47 43.23
N GLY F 362 -24.64 -66.25 42.89
CA GLY F 362 -24.31 -65.91 41.53
C GLY F 362 -22.93 -65.27 41.46
N LEU F 363 -22.52 -64.96 40.24
CA LEU F 363 -21.19 -64.39 40.07
C LEU F 363 -21.09 -63.70 38.72
N THR F 364 -20.27 -62.65 38.68
CA THR F 364 -19.97 -61.95 37.43
C THR F 364 -18.65 -61.21 37.65
N SER F 365 -17.61 -61.63 36.93
CA SER F 365 -16.27 -61.08 37.10
C SER F 365 -15.79 -60.51 35.78
N ILE F 366 -15.22 -59.31 35.83
CA ILE F 366 -14.67 -58.65 34.66
C ILE F 366 -13.17 -58.46 34.89
N LYS F 367 -12.36 -59.02 34.00
CA LYS F 367 -10.91 -58.92 34.08
C LYS F 367 -10.34 -58.47 32.74
N TRP F 368 -9.24 -57.73 32.79
CA TRP F 368 -8.58 -57.25 31.59
C TRP F 368 -7.12 -56.98 31.90
N TYR F 369 -6.33 -56.85 30.83
CA TYR F 369 -4.92 -56.48 30.91
C TYR F 369 -4.76 -55.12 30.25
N TYR F 370 -4.19 -54.16 30.98
CA TYR F 370 -4.24 -52.78 30.51
C TYR F 370 -3.15 -52.46 29.49
N GLY F 371 -1.89 -52.47 29.91
CA GLY F 371 -0.81 -52.15 28.99
C GLY F 371 -0.77 -50.69 28.58
N SER F 372 0.43 -50.16 28.34
CA SER F 372 0.58 -48.85 27.73
C SER F 372 2.03 -48.67 27.29
N LEU F 373 2.24 -48.27 26.04
CA LEU F 373 3.57 -48.05 25.50
C LEU F 373 3.59 -46.67 24.83
N ILE F 374 4.57 -45.85 25.21
CA ILE F 374 4.72 -44.51 24.63
C ILE F 374 5.82 -44.54 23.58
N LEU F 375 5.43 -44.68 22.31
CA LEU F 375 6.42 -44.76 21.24
C LEU F 375 7.24 -43.49 21.13
N ARG F 376 6.55 -42.35 21.05
CA ARG F 376 7.21 -41.06 20.82
C ARG F 376 6.74 -40.09 21.91
N PRO F 377 7.38 -40.09 23.08
CA PRO F 377 6.97 -39.16 24.14
C PRO F 377 7.10 -37.70 23.75
N GLU F 378 8.00 -37.37 22.82
CA GLU F 378 8.13 -36.00 22.36
C GLU F 378 6.87 -35.47 21.70
N TRP F 379 5.99 -36.36 21.24
CA TRP F 379 4.73 -35.94 20.65
C TRP F 379 3.65 -35.70 21.69
N ILE F 380 3.89 -36.07 22.94
CA ILE F 380 2.97 -35.80 24.04
C ILE F 380 3.39 -34.50 24.72
N ALA F 381 2.43 -33.58 24.88
CA ALA F 381 2.71 -32.29 25.50
C ALA F 381 1.76 -32.07 26.66
N LEU F 382 2.31 -31.53 27.76
CA LEU F 382 1.54 -31.32 28.97
C LEU F 382 1.81 -29.92 29.51
N PHE F 383 0.75 -29.22 29.90
CA PHE F 383 0.87 -27.90 30.51
C PHE F 383 0.07 -27.90 31.82
N LYS F 384 0.74 -27.55 32.91
CA LYS F 384 0.10 -27.49 34.22
C LYS F 384 -0.45 -26.09 34.47
N THR F 385 -1.47 -26.01 35.32
CA THR F 385 -2.16 -24.75 35.54
C THR F 385 -2.92 -24.80 36.85
N VAL F 386 -2.90 -23.67 37.58
CA VAL F 386 -3.74 -23.49 38.76
C VAL F 386 -5.04 -22.83 38.31
N ALA F 387 -6.16 -23.52 38.53
CA ALA F 387 -7.44 -23.03 38.06
C ALA F 387 -7.95 -21.88 38.91
N ALA F 388 -8.81 -21.05 38.31
CA ALA F 388 -9.44 -19.96 39.03
C ALA F 388 -10.63 -20.47 39.83
N MET F 389 -10.81 -19.91 41.02
CA MET F 389 -11.94 -20.22 41.93
C MET F 389 -12.28 -21.71 42.02
N ARG G 18 -79.39 13.05 38.77
CA ARG G 18 -78.24 12.54 38.02
C ARG G 18 -77.12 13.60 37.99
N LEU G 19 -75.88 13.15 38.20
CA LEU G 19 -74.76 14.06 38.31
C LEU G 19 -73.58 13.64 37.43
N ASP G 20 -73.66 12.45 36.83
CA ASP G 20 -72.54 11.95 36.04
C ASP G 20 -73.04 10.92 35.04
N TYR G 21 -72.20 10.66 34.05
CA TYR G 21 -72.50 9.68 33.00
C TYR G 21 -71.75 8.38 33.30
N TYR G 22 -72.47 7.27 33.23
CA TYR G 22 -71.90 5.97 33.55
C TYR G 22 -71.42 5.33 32.26
N TYR G 23 -70.10 5.22 32.12
CA TYR G 23 -69.52 4.51 30.98
C TYR G 23 -69.58 3.01 31.22
N LYS G 24 -70.03 2.27 30.21
CA LYS G 24 -70.31 0.84 30.41
C LYS G 24 -69.03 0.01 30.44
N LYS G 25 -68.18 0.17 29.42
CA LYS G 25 -66.98 -0.63 29.29
C LYS G 25 -66.07 -0.46 30.50
N ALA G 26 -65.64 -1.58 31.06
CA ALA G 26 -64.87 -1.59 32.29
C ALA G 26 -63.39 -1.82 32.01
N LEU G 27 -62.56 -1.40 32.96
CA LEU G 27 -61.12 -1.61 32.88
C LEU G 27 -60.78 -2.90 33.62
N VAL G 28 -60.37 -3.91 32.87
CA VAL G 28 -60.06 -5.23 33.41
C VAL G 28 -58.58 -5.49 33.24
N ASP G 29 -57.93 -5.90 34.32
CA ASP G 29 -56.50 -6.22 34.27
C ASP G 29 -56.26 -7.49 33.45
N ALA G 30 -55.18 -7.49 32.68
CA ALA G 30 -54.85 -8.65 31.88
C ALA G 30 -54.31 -9.78 32.76
N ALA G 31 -54.32 -10.99 32.22
CA ALA G 31 -53.83 -12.16 32.92
C ALA G 31 -52.33 -12.31 32.69
N LYS G 32 -51.58 -12.54 33.77
CA LYS G 32 -50.15 -12.73 33.66
C LYS G 32 -49.85 -13.95 32.80
N GLU G 33 -48.98 -13.78 31.80
CA GLU G 33 -48.67 -14.85 30.88
C GLU G 33 -47.94 -15.99 31.58
N MET G 34 -48.29 -17.22 31.21
CA MET G 34 -47.72 -18.40 31.83
C MET G 34 -46.30 -18.64 31.34
N TYR G 35 -45.44 -19.10 32.25
CA TYR G 35 -44.04 -19.31 31.88
C TYR G 35 -43.48 -20.64 32.38
N PHE G 36 -44.09 -21.24 33.40
CA PHE G 36 -43.53 -22.46 33.98
C PHE G 36 -44.37 -23.70 33.71
N GLY G 37 -45.70 -23.56 33.60
CA GLY G 37 -46.54 -24.72 33.43
C GLY G 37 -46.31 -25.45 32.13
N GLN G 38 -45.75 -24.77 31.13
CA GLN G 38 -45.56 -25.36 29.82
C GLN G 38 -44.38 -26.32 29.76
N LEU G 39 -43.45 -26.25 30.71
CA LEU G 39 -42.22 -27.03 30.65
C LEU G 39 -42.33 -28.35 31.42
N ALA G 40 -43.45 -28.61 32.08
CA ALA G 40 -43.61 -29.81 32.88
C ALA G 40 -44.26 -30.92 32.08
N GLU G 41 -43.91 -32.16 32.42
CA GLU G 41 -44.52 -33.34 31.84
C GLU G 41 -45.23 -34.12 32.94
N VAL G 42 -46.34 -34.75 32.58
CA VAL G 42 -47.24 -35.36 33.56
C VAL G 42 -47.00 -36.86 33.62
N THR G 43 -47.35 -37.44 34.77
CA THR G 43 -47.31 -38.89 34.99
C THR G 43 -48.65 -39.27 35.62
N ASN G 44 -49.41 -40.11 34.94
CA ASN G 44 -50.76 -40.45 35.38
C ASN G 44 -50.68 -41.27 36.66
N MET G 45 -51.59 -40.98 37.59
CA MET G 45 -51.66 -41.71 38.85
C MET G 45 -52.98 -42.47 38.92
N PRO G 46 -52.96 -43.78 39.14
CA PRO G 46 -54.22 -44.54 39.18
C PRO G 46 -55.13 -44.09 40.30
N LYS G 47 -56.44 -44.26 40.09
CA LYS G 47 -57.44 -43.80 41.03
C LYS G 47 -57.52 -44.69 42.27
N ASN G 48 -57.78 -45.98 42.07
CA ASN G 48 -58.15 -46.86 43.18
C ASN G 48 -57.05 -46.99 44.23
N MET G 49 -55.81 -46.64 43.89
CA MET G 49 -54.70 -46.85 44.80
C MET G 49 -54.32 -45.53 45.47
N GLY G 50 -53.29 -45.59 46.32
CA GLY G 50 -53.00 -44.51 47.25
C GLY G 50 -52.54 -43.22 46.61
N LYS G 51 -52.04 -42.31 47.47
CA LYS G 51 -51.74 -40.94 47.07
C LYS G 51 -50.25 -40.67 47.01
N GLN G 52 -49.47 -41.65 46.55
CA GLN G 52 -48.03 -41.45 46.46
C GLN G 52 -47.47 -42.24 45.29
N ILE G 53 -46.39 -41.72 44.71
CA ILE G 53 -45.73 -42.34 43.57
C ILE G 53 -44.26 -42.49 43.93
N LYS G 54 -43.69 -43.66 43.66
CA LYS G 54 -42.31 -43.96 44.02
C LYS G 54 -41.50 -44.35 42.80
N LEU G 55 -40.20 -44.04 42.88
CA LEU G 55 -39.26 -44.28 41.79
C LEU G 55 -38.02 -44.92 42.38
N TYR G 56 -37.29 -45.66 41.54
CA TYR G 56 -36.02 -46.29 41.91
C TYR G 56 -34.96 -45.74 40.96
N HIS G 57 -34.29 -44.67 41.39
CA HIS G 57 -33.21 -44.10 40.59
C HIS G 57 -31.93 -44.88 40.83
N TYR G 58 -31.24 -45.24 39.75
CA TYR G 58 -30.02 -46.02 39.83
C TYR G 58 -28.80 -45.11 39.69
N VAL G 59 -27.75 -45.40 40.45
CA VAL G 59 -26.56 -44.58 40.46
C VAL G 59 -25.39 -45.36 39.83
N PRO G 60 -24.41 -44.68 39.24
CA PRO G 60 -23.25 -45.38 38.72
C PRO G 60 -22.41 -45.97 39.83
N LEU G 61 -21.69 -47.04 39.50
CA LEU G 61 -20.86 -47.72 40.48
C LEU G 61 -19.75 -46.80 40.97
N LEU G 62 -19.12 -46.05 40.06
CA LEU G 62 -18.01 -45.18 40.45
C LEU G 62 -18.49 -43.93 41.18
N ASP G 63 -19.75 -43.56 41.06
CA ASP G 63 -20.24 -42.35 41.73
C ASP G 63 -20.15 -42.51 43.24
N ASP G 64 -19.78 -41.42 43.91
CA ASP G 64 -19.63 -41.46 45.36
C ASP G 64 -20.95 -41.69 46.08
N ARG G 65 -22.08 -41.53 45.39
CA ARG G 65 -23.36 -41.87 45.98
C ARG G 65 -23.47 -43.36 46.27
N ASN G 66 -22.73 -44.18 45.53
CA ASN G 66 -22.76 -45.63 45.72
C ASN G 66 -22.13 -46.01 47.06
N VAL G 67 -22.97 -46.42 48.02
CA VAL G 67 -22.51 -46.91 49.31
C VAL G 67 -23.14 -48.28 49.51
N ASN G 68 -22.34 -49.25 49.96
CA ASN G 68 -22.78 -50.63 50.07
C ASN G 68 -21.85 -51.41 50.97
N ASP G 69 -22.39 -52.45 51.61
CA ASP G 69 -21.59 -53.25 52.54
C ASP G 69 -20.60 -54.15 51.80
N GLN G 70 -20.96 -54.59 50.59
CA GLN G 70 -20.07 -55.45 49.83
C GLN G 70 -18.83 -54.67 49.40
N GLY G 71 -17.73 -54.83 50.13
CA GLY G 71 -16.55 -54.05 49.87
C GLY G 71 -15.21 -54.73 50.10
N ILE G 72 -15.14 -56.06 49.96
CA ILE G 72 -13.90 -56.75 50.33
C ILE G 72 -12.77 -56.25 49.43
N ASP G 73 -11.65 -55.92 50.04
CA ASP G 73 -10.50 -55.42 49.29
C ASP G 73 -9.97 -56.50 48.36
N ALA G 74 -9.45 -56.08 47.20
CA ALA G 74 -8.95 -57.02 46.22
C ALA G 74 -7.88 -57.92 46.84
N ALA G 75 -6.87 -57.31 47.45
CA ALA G 75 -5.89 -58.07 48.21
C ALA G 75 -6.15 -57.98 49.71
N GLY G 76 -7.29 -58.50 50.18
CA GLY G 76 -7.57 -58.46 51.60
C GLY G 76 -9.01 -58.67 52.01
N ALA G 77 -9.44 -57.91 53.03
CA ALA G 77 -10.75 -58.07 53.65
C ALA G 77 -11.62 -56.86 53.35
N THR G 78 -12.79 -56.82 53.97
CA THR G 78 -13.74 -55.73 53.72
C THR G 78 -13.18 -54.40 54.18
N ILE G 79 -13.42 -53.36 53.37
CA ILE G 79 -12.94 -52.02 53.66
C ILE G 79 -14.07 -51.00 53.66
N ALA G 80 -15.32 -51.45 53.58
CA ALA G 80 -16.50 -50.59 53.64
C ALA G 80 -16.47 -49.52 52.56
N ASN G 81 -16.01 -49.92 51.38
CA ASN G 81 -16.01 -49.04 50.22
C ASN G 81 -16.12 -49.84 48.93
N GLY G 82 -17.32 -49.93 48.37
CA GLY G 82 -17.53 -50.73 47.19
C GLY G 82 -17.54 -49.93 45.90
N ASN G 83 -17.00 -48.71 45.95
CA ASN G 83 -16.99 -47.82 44.80
C ASN G 83 -15.59 -47.60 44.24
N LEU G 84 -14.65 -48.50 44.58
CA LEU G 84 -13.24 -48.37 44.17
C LEU G 84 -12.74 -47.00 44.63
N TYR G 85 -12.24 -46.16 43.74
CA TYR G 85 -11.77 -44.83 44.09
C TYR G 85 -12.89 -43.80 44.15
N GLY G 86 -14.13 -44.23 43.97
CA GLY G 86 -15.24 -43.28 43.97
C GLY G 86 -15.10 -42.27 42.85
N SER G 87 -15.41 -41.02 43.16
CA SER G 87 -15.30 -39.92 42.21
C SER G 87 -14.17 -38.97 42.58
N SER G 88 -13.04 -39.52 43.04
CA SER G 88 -11.95 -38.69 43.54
C SER G 88 -11.39 -37.81 42.43
N LYS G 89 -11.20 -38.36 41.24
CA LYS G 89 -10.64 -37.65 40.09
C LYS G 89 -9.25 -37.11 40.38
N ASP G 90 -8.56 -37.66 41.37
CA ASP G 90 -7.25 -37.18 41.77
C ASP G 90 -6.19 -38.21 41.39
N ILE G 91 -5.20 -37.78 40.61
CA ILE G 91 -4.15 -38.69 40.15
C ILE G 91 -3.31 -39.26 41.28
N GLY G 92 -3.33 -38.62 42.45
CA GLY G 92 -2.66 -39.17 43.60
C GLY G 92 -3.44 -40.24 44.34
N THR G 93 -4.66 -40.53 43.89
CA THR G 93 -5.53 -41.48 44.57
C THR G 93 -5.90 -42.66 43.69
N ILE G 94 -6.28 -42.42 42.44
CA ILE G 94 -6.79 -43.45 41.54
C ILE G 94 -5.84 -44.64 41.41
N PRO G 95 -4.53 -44.44 41.18
CA PRO G 95 -3.65 -45.61 41.06
C PRO G 95 -3.69 -46.52 42.28
N SER G 96 -3.77 -45.95 43.48
CA SER G 96 -3.82 -46.78 44.69
C SER G 96 -5.09 -47.61 44.74
N LYS G 97 -6.22 -47.03 44.35
CA LYS G 97 -7.51 -47.71 44.42
C LYS G 97 -7.86 -48.46 43.14
N LEU G 98 -6.96 -48.49 42.16
CA LEU G 98 -7.24 -49.23 40.95
C LEU G 98 -7.39 -50.72 41.27
N PRO G 99 -8.30 -51.43 40.60
CA PRO G 99 -8.51 -52.84 40.92
C PRO G 99 -7.37 -53.73 40.47
N ALA G 100 -6.18 -53.49 41.01
CA ALA G 100 -5.03 -54.33 40.68
C ALA G 100 -5.28 -55.76 41.14
N LEU G 101 -4.93 -56.73 40.30
CA LEU G 101 -5.17 -58.13 40.58
C LEU G 101 -3.88 -58.92 40.38
N THR G 102 -3.57 -59.80 41.32
CA THR G 102 -2.41 -60.66 41.19
C THR G 102 -2.73 -61.85 40.27
N GLU G 103 -1.75 -62.72 40.11
CA GLU G 103 -1.95 -63.92 39.30
C GLU G 103 -3.01 -64.82 39.92
N ASN G 104 -2.98 -64.97 41.24
CA ASN G 104 -3.95 -65.81 41.95
C ASN G 104 -5.25 -65.04 42.11
N GLY G 105 -6.27 -65.41 41.33
CA GLY G 105 -7.55 -64.75 41.40
C GLY G 105 -8.47 -65.31 42.47
N GLY G 106 -8.15 -65.03 43.73
CA GLY G 106 -8.97 -65.51 44.82
C GLY G 106 -10.14 -64.60 45.14
N ARG G 107 -9.84 -63.34 45.41
CA ARG G 107 -10.85 -62.33 45.72
C ARG G 107 -10.47 -61.01 45.06
N VAL G 108 -11.45 -60.12 44.93
CA VAL G 108 -11.26 -58.87 44.22
C VAL G 108 -12.15 -57.81 44.88
N ASN G 109 -12.38 -56.71 44.18
CA ASN G 109 -13.02 -55.52 44.74
C ASN G 109 -14.37 -55.81 45.38
N ARG G 110 -15.12 -56.77 44.85
CA ARG G 110 -16.47 -57.08 45.33
C ARG G 110 -17.35 -55.83 45.28
N VAL G 111 -17.56 -55.33 44.06
CA VAL G 111 -18.34 -54.11 43.89
C VAL G 111 -19.78 -54.33 44.33
N GLY G 112 -20.41 -53.26 44.81
CA GLY G 112 -21.81 -53.25 45.12
C GLY G 112 -22.53 -52.21 44.27
N PHE G 113 -23.86 -52.23 44.36
CA PHE G 113 -24.68 -51.30 43.60
C PHE G 113 -25.86 -50.86 44.47
N THR G 114 -26.31 -49.63 44.24
CA THR G 114 -27.35 -49.03 45.07
C THR G 114 -28.38 -48.36 44.18
N ARG G 115 -29.63 -48.34 44.67
CA ARG G 115 -30.71 -47.64 44.01
C ARG G 115 -31.34 -46.65 44.98
N ILE G 116 -31.83 -45.54 44.45
CA ILE G 116 -32.34 -44.44 45.24
C ILE G 116 -33.85 -44.41 45.12
N GLN G 117 -34.53 -44.29 46.26
CA GLN G 117 -35.98 -44.23 46.31
C GLN G 117 -36.44 -42.78 46.24
N LEU G 118 -37.28 -42.47 45.27
CA LEU G 118 -37.87 -41.15 45.11
C LEU G 118 -39.34 -41.22 45.45
N ILE G 119 -39.82 -40.27 46.25
CA ILE G 119 -41.19 -40.28 46.74
C ILE G 119 -41.86 -38.98 46.30
N GLY G 120 -43.06 -39.11 45.73
CA GLY G 120 -43.82 -37.94 45.30
C GLY G 120 -45.22 -37.93 45.87
N SER G 121 -45.65 -36.80 46.41
CA SER G 121 -46.94 -36.67 47.07
C SER G 121 -47.89 -35.80 46.25
N ILE G 122 -49.18 -36.05 46.42
CA ILE G 122 -50.23 -35.30 45.74
C ILE G 122 -51.13 -34.70 46.81
N LYS G 123 -51.33 -33.39 46.74
CA LYS G 123 -52.15 -32.67 47.71
C LYS G 123 -53.39 -32.09 47.04
N LYS G 124 -54.30 -31.59 47.87
CA LYS G 124 -55.59 -31.08 47.41
C LYS G 124 -55.71 -29.61 47.75
N PHE G 125 -56.27 -28.84 46.82
CA PHE G 125 -56.48 -27.40 46.99
C PHE G 125 -57.77 -27.01 46.27
N GLY G 126 -58.39 -25.94 46.75
CA GLY G 126 -59.65 -25.52 46.17
C GLY G 126 -60.10 -24.14 46.60
N PHE G 127 -61.17 -23.68 45.97
CA PHE G 127 -61.75 -22.35 46.19
C PHE G 127 -63.23 -22.48 46.51
N PHE G 128 -63.83 -21.36 46.88
CA PHE G 128 -65.27 -21.16 46.84
C PHE G 128 -65.58 -19.70 47.17
N TYR G 129 -66.64 -19.19 46.56
CA TYR G 129 -67.15 -17.88 46.89
C TYR G 129 -68.65 -17.87 46.66
N GLU G 130 -69.34 -16.94 47.33
CA GLU G 130 -70.79 -16.90 47.36
C GLU G 130 -71.28 -15.49 47.08
N TRP G 131 -72.51 -15.40 46.57
CA TRP G 131 -73.13 -14.12 46.26
C TRP G 131 -74.63 -14.23 46.47
N THR G 132 -75.24 -13.13 46.90
CA THR G 132 -76.68 -13.11 47.11
C THR G 132 -77.39 -12.59 45.86
N GLN G 133 -78.68 -12.91 45.76
CA GLN G 133 -79.45 -12.47 44.60
C GLN G 133 -79.57 -10.95 44.57
N GLU G 134 -79.62 -10.31 45.74
CA GLU G 134 -79.71 -8.86 45.79
C GLU G 134 -78.50 -8.20 45.15
N ALA G 135 -77.31 -8.76 45.39
CA ALA G 135 -76.10 -8.20 44.84
C ALA G 135 -76.13 -8.20 43.31
N MET G 136 -76.60 -9.30 42.72
CA MET G 136 -76.66 -9.38 41.26
C MET G 136 -77.76 -8.49 40.69
N ASP G 137 -78.88 -8.36 41.39
CA ASP G 137 -80.03 -7.67 40.85
C ASP G 137 -79.86 -6.15 40.88
N PHE G 138 -79.74 -5.59 42.08
CA PHE G 138 -79.65 -4.14 42.24
C PHE G 138 -78.20 -3.69 42.36
N ASP G 139 -77.47 -3.88 41.26
CA ASP G 139 -76.09 -3.42 41.15
C ASP G 139 -75.98 -2.43 40.00
N THR G 140 -75.02 -1.51 40.12
CA THR G 140 -74.82 -0.52 39.08
C THR G 140 -74.43 -1.16 37.76
N ASP G 141 -73.56 -2.16 37.80
CA ASP G 141 -73.12 -2.88 36.61
C ASP G 141 -73.93 -4.17 36.48
N GLU G 142 -74.40 -4.44 35.27
CA GLU G 142 -75.19 -5.64 34.99
C GLU G 142 -74.33 -6.78 34.47
N GLU G 143 -73.01 -6.61 34.42
CA GLU G 143 -72.09 -7.66 33.99
C GLU G 143 -71.26 -8.19 35.14
N LEU G 144 -71.82 -8.14 36.36
CA LEU G 144 -71.05 -8.53 37.55
C LEU G 144 -70.66 -10.00 37.49
N ASP G 145 -71.57 -10.86 37.02
CA ASP G 145 -71.31 -12.29 36.96
C ASP G 145 -70.12 -12.61 36.06
N SER G 146 -70.07 -11.97 34.89
CA SER G 146 -68.99 -12.22 33.94
C SER G 146 -67.65 -11.83 34.53
N HIS G 147 -67.61 -10.68 35.21
CA HIS G 147 -66.35 -10.20 35.78
C HIS G 147 -65.87 -11.12 36.90
N LEU G 148 -66.80 -11.65 37.70
CA LEU G 148 -66.39 -12.50 38.82
C LEU G 148 -65.78 -13.81 38.32
N ILE G 149 -66.44 -14.48 37.38
CA ILE G 149 -65.95 -15.77 36.90
C ILE G 149 -64.63 -15.59 36.15
N GLN G 150 -64.49 -14.48 35.43
CA GLN G 150 -63.23 -14.21 34.73
C GLN G 150 -62.10 -14.00 35.73
N GLU G 151 -62.37 -13.23 36.78
CA GLU G 151 -61.36 -13.00 37.80
C GLU G 151 -61.08 -14.27 38.60
N ALA G 152 -62.11 -15.07 38.85
CA ALA G 152 -61.93 -16.29 39.63
C ALA G 152 -61.06 -17.30 38.90
N VAL G 153 -61.41 -17.61 37.65
CA VAL G 153 -60.68 -18.64 36.91
C VAL G 153 -59.26 -18.19 36.62
N LYS G 154 -59.07 -16.91 36.34
CA LYS G 154 -57.73 -16.38 36.08
C LYS G 154 -56.83 -16.55 37.30
N GLY G 155 -57.38 -16.29 38.48
CA GLY G 155 -56.60 -16.47 39.69
C GLY G 155 -56.24 -17.93 39.94
N ALA G 156 -57.16 -18.84 39.62
CA ALA G 156 -56.84 -20.26 39.72
C ALA G 156 -55.69 -20.62 38.80
N ASN G 157 -55.66 -20.04 37.60
CA ASN G 157 -54.50 -20.19 36.73
C ASN G 157 -53.26 -19.61 37.37
N GLU G 158 -53.39 -18.44 38.00
CA GLU G 158 -52.24 -17.84 38.66
C GLU G 158 -51.74 -18.71 39.80
N ILE G 159 -52.64 -19.13 40.69
CA ILE G 159 -52.22 -19.87 41.88
C ILE G 159 -51.51 -21.15 41.48
N THR G 160 -52.01 -21.83 40.46
CA THR G 160 -51.37 -23.07 39.99
C THR G 160 -49.92 -22.83 39.63
N GLU G 161 -49.60 -21.66 39.09
CA GLU G 161 -48.24 -21.37 38.68
C GLU G 161 -47.28 -21.35 39.85
N ASP G 162 -47.68 -20.71 40.96
CA ASP G 162 -46.80 -20.66 42.13
C ASP G 162 -46.62 -22.04 42.73
N GLN G 163 -47.66 -22.88 42.70
CA GLN G 163 -47.55 -24.25 43.15
C GLN G 163 -46.36 -24.95 42.47
N LEU G 164 -46.26 -24.79 41.16
CA LEU G 164 -45.14 -25.35 40.42
C LEU G 164 -43.84 -24.66 40.79
N GLN G 165 -43.84 -23.33 40.76
CA GLN G 165 -42.60 -22.57 40.92
C GLN G 165 -42.02 -22.72 42.31
N ILE G 166 -42.88 -22.78 43.33
CA ILE G 166 -42.40 -22.90 44.71
C ILE G 166 -41.60 -24.18 44.87
N ASP G 167 -42.12 -25.29 44.32
CA ASP G 167 -41.41 -26.56 44.43
C ASP G 167 -40.09 -26.54 43.66
N LEU G 168 -40.11 -26.01 42.44
CA LEU G 168 -38.91 -25.98 41.62
C LEU G 168 -37.82 -25.16 42.29
N LEU G 169 -38.18 -24.01 42.85
CA LEU G 169 -37.21 -23.21 43.59
C LEU G 169 -36.69 -23.97 44.81
N ASN G 170 -37.58 -24.64 45.53
CA ASN G 170 -37.16 -25.37 46.73
C ASN G 170 -36.23 -26.53 46.37
N GLY G 171 -36.54 -27.25 45.30
CA GLY G 171 -35.73 -28.39 44.91
C GLY G 171 -34.79 -28.10 43.77
N ALA G 172 -33.51 -27.92 44.08
CA ALA G 172 -32.49 -27.65 43.07
C ALA G 172 -31.14 -28.03 43.65
N GLY G 173 -30.52 -29.08 43.10
CA GLY G 173 -29.23 -29.51 43.61
C GLY G 173 -28.15 -28.47 43.41
N VAL G 174 -28.18 -27.78 42.27
CA VAL G 174 -27.18 -26.78 41.93
C VAL G 174 -27.62 -25.45 42.54
N VAL G 175 -27.02 -25.09 43.67
CA VAL G 175 -27.32 -23.81 44.32
C VAL G 175 -26.02 -23.07 44.61
N ARG G 176 -25.65 -22.18 43.69
CA ARG G 176 -24.41 -21.43 43.86
C ARG G 176 -24.71 -20.10 44.55
N TYR G 177 -23.81 -19.69 45.45
CA TYR G 177 -23.97 -18.46 46.21
C TYR G 177 -22.91 -17.46 45.81
N PRO G 178 -23.28 -16.22 45.52
CA PRO G 178 -22.26 -15.22 45.13
C PRO G 178 -21.25 -14.97 46.24
N GLY G 179 -20.03 -14.67 45.82
CA GLY G 179 -18.99 -14.37 46.79
C GLY G 179 -18.69 -15.57 47.67
N ALA G 180 -18.47 -15.31 48.95
CA ALA G 180 -18.15 -16.35 49.93
C ALA G 180 -19.37 -16.78 50.73
N ALA G 181 -20.56 -16.32 50.35
CA ALA G 181 -21.77 -16.68 51.07
C ALA G 181 -22.08 -18.16 50.91
N THR G 182 -22.83 -18.71 51.87
CA THR G 182 -23.26 -20.10 51.83
C THR G 182 -24.73 -20.29 52.13
N SER G 183 -25.39 -19.36 52.81
CA SER G 183 -26.80 -19.47 53.14
C SER G 183 -27.51 -18.18 52.79
N ASN G 184 -28.84 -18.20 52.88
CA ASN G 184 -29.64 -17.02 52.58
C ASN G 184 -29.32 -15.88 53.55
N ALA G 185 -29.10 -16.21 54.82
CA ALA G 185 -28.82 -15.17 55.83
C ALA G 185 -27.50 -14.48 55.55
N ASP G 186 -26.56 -15.18 54.90
CA ASP G 186 -25.24 -14.62 54.66
C ASP G 186 -25.30 -13.40 53.75
N MET G 187 -26.24 -13.40 52.80
CA MET G 187 -26.30 -12.36 51.79
C MET G 187 -26.64 -11.00 52.39
N THR G 188 -25.92 -9.96 51.95
CA THR G 188 -26.15 -8.60 52.43
C THR G 188 -25.69 -7.61 51.37
N GLY G 189 -26.22 -6.40 51.47
CA GLY G 189 -25.78 -5.32 50.60
C GLY G 189 -25.02 -4.27 51.38
N GLU G 190 -24.82 -4.51 52.67
CA GLU G 190 -24.16 -3.55 53.54
C GLU G 190 -22.72 -3.29 53.09
N GLY G 191 -21.88 -4.31 53.13
CA GLY G 191 -20.52 -4.18 52.66
C GLY G 191 -20.41 -4.43 51.18
N THR G 192 -19.50 -5.29 50.76
CA THR G 192 -19.44 -5.70 49.37
C THR G 192 -20.67 -6.52 49.04
N ALA G 193 -21.62 -5.92 48.33
CA ALA G 193 -22.89 -6.58 48.06
C ALA G 193 -22.69 -7.87 47.30
N THR G 194 -23.23 -8.96 47.84
CA THR G 194 -23.10 -10.26 47.20
C THR G 194 -24.03 -10.33 45.99
N VAL G 195 -23.49 -10.01 44.81
CA VAL G 195 -24.28 -9.91 43.60
C VAL G 195 -23.75 -10.91 42.58
N VAL G 196 -24.52 -11.07 41.50
CA VAL G 196 -24.13 -11.98 40.43
C VAL G 196 -22.94 -11.39 39.67
N THR G 197 -21.91 -12.21 39.47
CA THR G 197 -20.77 -11.84 38.65
C THR G 197 -20.76 -12.70 37.40
N TYR G 198 -20.08 -12.19 36.37
CA TYR G 198 -19.92 -12.97 35.14
C TYR G 198 -19.19 -14.27 35.42
N GLU G 199 -18.25 -14.24 36.36
CA GLU G 199 -17.54 -15.45 36.76
C GLU G 199 -18.50 -16.47 37.35
N GLY G 200 -19.44 -16.00 38.18
CA GLY G 200 -20.37 -16.92 38.81
C GLY G 200 -21.28 -17.62 37.82
N LEU G 201 -21.78 -16.88 36.84
CA LEU G 201 -22.74 -17.45 35.89
C LEU G 201 -22.13 -18.57 35.07
N VAL G 202 -20.88 -18.39 34.61
CA VAL G 202 -20.27 -19.41 33.78
C VAL G 202 -20.01 -20.68 34.57
N LYS G 203 -19.69 -20.58 35.85
CA LYS G 203 -19.46 -21.77 36.65
C LYS G 203 -20.74 -22.57 36.83
N MET G 204 -21.88 -21.89 36.97
CA MET G 204 -23.14 -22.60 37.06
C MET G 204 -23.38 -23.43 35.80
N GLY G 205 -23.07 -22.85 34.64
CA GLY G 205 -23.14 -23.63 33.41
C GLY G 205 -22.15 -24.79 33.40
N ILE G 206 -20.93 -24.54 33.89
CA ILE G 206 -19.93 -25.60 33.96
C ILE G 206 -20.41 -26.73 34.87
N THR G 207 -20.95 -26.38 36.02
CA THR G 207 -21.54 -27.37 36.91
C THR G 207 -22.71 -28.07 36.21
N LEU G 208 -23.49 -27.30 35.46
CA LEU G 208 -24.56 -27.91 34.67
C LEU G 208 -24.02 -28.66 33.47
N ASN G 209 -22.75 -28.41 33.10
CA ASN G 209 -22.19 -29.05 31.92
C ASN G 209 -21.78 -30.49 32.19
N ASP G 210 -21.69 -30.90 33.45
CA ASP G 210 -21.35 -32.28 33.75
C ASP G 210 -22.40 -33.23 33.20
N ASN G 211 -23.68 -32.96 33.50
CA ASN G 211 -24.75 -33.81 32.88
C ASN G 211 -26.15 -33.24 33.07
N LEU G 212 -27.13 -34.12 33.36
CA LEU G 212 -28.56 -33.72 33.47
C LEU G 212 -28.87 -32.63 32.43
N CYS G 213 -29.33 -31.47 32.89
CA CYS G 213 -29.77 -30.43 31.94
C CYS G 213 -29.01 -30.54 30.62
N PRO G 214 -29.69 -30.91 29.52
CA PRO G 214 -29.04 -30.96 28.23
C PRO G 214 -28.99 -29.55 27.66
N MET G 215 -28.58 -29.42 26.41
CA MET G 215 -28.44 -28.07 25.80
C MET G 215 -29.79 -27.67 25.18
N GLN G 216 -30.60 -26.96 25.95
CA GLN G 216 -31.91 -26.53 25.49
C GLN G 216 -31.91 -26.12 24.02
N THR G 217 -30.95 -25.29 23.62
CA THR G 217 -30.92 -24.73 22.28
C THR G 217 -29.57 -24.97 21.64
N LYS G 218 -29.59 -25.03 20.31
CA LYS G 218 -28.37 -25.16 19.53
C LYS G 218 -27.64 -23.83 19.47
N LEU G 219 -26.35 -23.89 19.14
CA LEU G 219 -25.54 -22.69 19.02
C LEU G 219 -25.91 -21.93 17.76
N ILE G 220 -25.80 -20.61 17.80
CA ILE G 220 -26.19 -19.78 16.67
C ILE G 220 -24.98 -19.58 15.76
N ALA G 221 -25.12 -20.00 14.49
CA ALA G 221 -24.00 -19.92 13.56
C ALA G 221 -23.68 -18.47 13.19
N GLY G 222 -24.71 -17.70 12.84
CA GLY G 222 -24.52 -16.32 12.43
C GLY G 222 -25.18 -16.02 11.10
N SER G 223 -25.95 -14.94 11.06
CA SER G 223 -26.70 -14.55 9.86
C SER G 223 -26.07 -13.32 9.24
N LEU G 224 -26.24 -13.18 7.92
CA LEU G 224 -25.71 -12.04 7.21
C LEU G 224 -26.42 -10.76 7.60
N MET G 225 -25.76 -9.93 8.41
CA MET G 225 -26.29 -8.64 8.83
C MET G 225 -25.14 -7.69 9.11
N THR G 226 -25.40 -6.62 9.85
CA THR G 226 -24.34 -5.68 10.16
C THR G 226 -23.95 -5.74 11.64
N ASP G 227 -24.95 -5.82 12.52
CA ASP G 227 -24.67 -5.76 13.95
C ASP G 227 -24.77 -7.13 14.63
N THR G 228 -25.27 -8.14 13.93
CA THR G 228 -25.55 -9.42 14.57
C THR G 228 -24.29 -10.08 15.11
N ARG G 229 -24.42 -10.69 16.29
CA ARG G 229 -23.36 -11.47 16.91
C ARG G 229 -23.78 -12.93 17.00
N THR G 230 -22.81 -13.79 17.26
CA THR G 230 -23.03 -15.23 17.35
C THR G 230 -22.95 -15.67 18.80
N ILE G 231 -23.93 -16.43 19.25
CA ILE G 231 -23.99 -16.92 20.62
C ILE G 231 -23.90 -18.44 20.62
N GLN G 232 -23.45 -18.99 21.73
CA GLN G 232 -23.26 -20.41 21.91
C GLN G 232 -24.54 -21.07 22.39
N GLY G 233 -24.57 -22.40 22.30
CA GLY G 233 -25.70 -23.13 22.84
C GLY G 233 -25.86 -22.87 24.33
N ALA G 234 -27.10 -22.65 24.74
CA ALA G 234 -27.36 -22.19 26.09
C ALA G 234 -28.60 -22.90 26.63
N ARG G 235 -28.88 -22.63 27.91
CA ARG G 235 -30.04 -23.18 28.60
C ARG G 235 -30.81 -22.03 29.24
N ALA G 236 -32.14 -22.07 29.14
CA ALA G 236 -32.96 -20.97 29.61
C ALA G 236 -32.78 -20.75 31.11
N LEU G 237 -32.54 -19.49 31.48
CA LEU G 237 -32.39 -19.09 32.87
C LEU G 237 -33.49 -18.08 33.20
N TYR G 238 -34.40 -18.47 34.08
CA TYR G 238 -35.54 -17.63 34.41
C TYR G 238 -35.14 -16.64 35.50
N ILE G 239 -35.42 -15.35 35.26
CA ILE G 239 -34.95 -14.28 36.12
C ILE G 239 -36.09 -13.29 36.37
N GLY G 240 -36.10 -12.73 37.57
CA GLY G 240 -37.02 -11.65 37.88
C GLY G 240 -36.62 -10.37 37.18
N SER G 241 -37.60 -9.47 37.03
CA SER G 241 -37.38 -8.25 36.26
C SER G 241 -36.35 -7.34 36.93
N GLU G 242 -36.29 -7.36 38.26
CA GLU G 242 -35.41 -6.44 38.98
C GLU G 242 -33.95 -6.69 38.65
N LEU G 243 -33.54 -7.95 38.58
CA LEU G 243 -32.14 -8.28 38.38
C LEU G 243 -31.68 -8.05 36.95
N GLU G 244 -32.59 -7.72 36.03
CA GLU G 244 -32.22 -7.60 34.62
C GLU G 244 -31.17 -6.52 34.40
N LEU G 245 -31.28 -5.41 35.13
CA LEU G 245 -30.34 -4.31 34.94
C LEU G 245 -28.91 -4.75 35.26
N GLN G 246 -28.73 -5.51 36.33
CA GLN G 246 -27.40 -5.97 36.70
C GLN G 246 -26.80 -6.84 35.60
N LEU G 247 -27.61 -7.71 35.00
CA LEU G 247 -27.13 -8.52 33.89
C LEU G 247 -26.76 -7.64 32.70
N ARG G 248 -27.50 -6.56 32.47
CA ARG G 248 -27.22 -5.65 31.37
C ARG G 248 -25.83 -5.04 31.51
N LYS G 249 -25.63 -4.24 32.56
CA LYS G 249 -24.33 -3.61 32.79
C LYS G 249 -23.44 -4.61 33.54
N MET G 250 -22.94 -5.58 32.78
CA MET G 250 -22.09 -6.65 33.32
C MET G 250 -20.85 -6.73 32.45
N LYS G 251 -19.71 -6.34 33.01
CA LYS G 251 -18.47 -6.34 32.25
C LYS G 251 -17.91 -7.75 32.11
N ASP G 252 -17.52 -8.11 30.89
CA ASP G 252 -16.83 -9.36 30.64
C ASP G 252 -15.38 -9.23 31.12
N PRO G 253 -14.59 -10.32 31.04
CA PRO G 253 -13.17 -10.22 31.39
C PRO G 253 -12.43 -9.17 30.56
N PHE G 254 -12.88 -8.93 29.33
CA PHE G 254 -12.25 -7.97 28.44
C PHE G 254 -12.91 -6.59 28.49
N ASP G 255 -13.61 -6.29 29.59
CA ASP G 255 -14.23 -4.99 29.84
C ASP G 255 -15.30 -4.63 28.83
N ASN G 256 -15.67 -5.54 27.95
CA ASN G 256 -16.74 -5.29 27.00
C ASN G 256 -18.07 -5.75 27.61
N ALA G 257 -19.13 -5.80 26.80
CA ALA G 257 -20.42 -6.23 27.28
C ALA G 257 -20.44 -7.75 27.46
N ALA G 258 -21.36 -8.23 28.29
CA ALA G 258 -21.55 -9.66 28.48
C ALA G 258 -22.99 -10.02 28.12
N PHE G 259 -23.91 -9.11 28.41
CA PHE G 259 -25.31 -9.26 28.03
C PHE G 259 -25.46 -8.96 26.54
N ILE G 260 -25.46 -10.02 25.74
CA ILE G 260 -25.72 -9.87 24.31
C ILE G 260 -27.21 -9.57 24.17
N PRO G 261 -27.58 -8.43 23.60
CA PRO G 261 -29.02 -8.13 23.44
C PRO G 261 -29.68 -9.12 22.49
N VAL G 262 -30.97 -9.34 22.71
CA VAL G 262 -31.73 -10.29 21.92
C VAL G 262 -31.74 -9.89 20.45
N GLN G 263 -31.81 -8.59 20.17
CA GLN G 263 -31.89 -8.11 18.79
C GLN G 263 -30.68 -8.53 17.96
N GLN G 264 -29.53 -8.75 18.61
CA GLN G 264 -28.32 -9.04 17.86
C GLN G 264 -28.25 -10.48 17.38
N TYR G 265 -29.24 -11.32 17.70
CA TYR G 265 -29.31 -12.64 17.07
C TYR G 265 -30.74 -13.02 16.73
N ALA G 266 -31.63 -12.04 16.63
CA ALA G 266 -33.02 -12.32 16.27
C ALA G 266 -33.13 -12.84 14.84
N ASP G 267 -32.34 -12.26 13.93
CA ASP G 267 -32.38 -12.70 12.54
C ASP G 267 -31.89 -14.13 12.37
N ALA G 268 -30.84 -14.52 13.09
CA ALA G 268 -30.19 -15.80 12.86
C ALA G 268 -31.00 -16.96 13.42
N GLY G 269 -31.21 -16.98 14.74
CA GLY G 269 -31.83 -18.11 15.40
C GLY G 269 -33.28 -17.85 15.79
N ASN G 270 -33.94 -18.93 16.19
CA ASN G 270 -35.31 -18.82 16.69
C ASN G 270 -35.31 -18.22 18.09
N LEU G 271 -36.49 -17.76 18.51
CA LEU G 271 -36.62 -17.01 19.74
C LEU G 271 -37.56 -17.71 20.72
N LEU G 272 -37.16 -17.75 21.98
CA LEU G 272 -38.03 -18.21 23.03
C LEU G 272 -38.84 -17.05 23.60
N LYS G 273 -40.03 -17.38 24.10
CA LYS G 273 -40.99 -16.36 24.50
C LYS G 273 -40.46 -15.54 25.67
N GLY G 274 -40.64 -14.23 25.59
CA GLY G 274 -40.19 -13.34 26.66
C GLY G 274 -38.70 -13.33 26.88
N GLU G 275 -37.92 -13.29 25.80
CA GLU G 275 -36.48 -13.32 25.91
C GLU G 275 -35.91 -11.91 26.00
N ILE G 276 -34.86 -11.75 26.80
CA ILE G 276 -34.19 -10.46 26.91
C ILE G 276 -32.79 -10.53 26.31
N GLY G 277 -32.08 -11.63 26.55
CA GLY G 277 -30.73 -11.76 26.02
C GLY G 277 -30.11 -13.07 26.44
N SER G 278 -28.78 -13.11 26.38
CA SER G 278 -28.05 -14.32 26.71
C SER G 278 -26.73 -13.97 27.39
N ILE G 279 -26.32 -14.79 28.36
CA ILE G 279 -25.01 -14.70 28.98
C ILE G 279 -24.37 -16.07 28.90
N ALA G 280 -23.18 -16.14 28.29
CA ALA G 280 -22.41 -17.38 28.21
C ALA G 280 -23.27 -18.54 27.74
N SER G 281 -23.56 -19.48 28.64
CA SER G 281 -24.40 -20.64 28.35
C SER G 281 -25.79 -20.49 28.94
N PHE G 282 -26.36 -19.29 28.92
CA PHE G 282 -27.69 -19.06 29.46
C PHE G 282 -28.40 -18.02 28.60
N ARG G 283 -29.64 -18.31 28.23
CA ARG G 283 -30.52 -17.31 27.63
C ARG G 283 -31.44 -16.76 28.70
N VAL G 284 -31.43 -15.44 28.87
CA VAL G 284 -32.17 -14.80 29.95
C VAL G 284 -33.65 -14.78 29.60
N ILE G 285 -34.48 -15.28 30.51
CA ILE G 285 -35.94 -15.25 30.39
C ILE G 285 -36.49 -14.50 31.58
N VAL G 286 -37.26 -13.46 31.31
CA VAL G 286 -37.88 -12.66 32.38
C VAL G 286 -39.31 -13.14 32.57
N VAL G 287 -39.68 -13.40 33.82
CA VAL G 287 -41.03 -13.83 34.19
C VAL G 287 -41.62 -12.75 35.08
N PRO G 288 -42.76 -12.16 34.70
CA PRO G 288 -43.35 -11.09 35.52
C PRO G 288 -43.62 -11.51 36.94
N LYS G 289 -44.10 -12.74 37.13
CA LYS G 289 -44.45 -13.25 38.45
C LYS G 289 -43.35 -14.20 38.88
N MET G 290 -42.27 -13.66 39.43
CA MET G 290 -41.13 -14.43 39.90
C MET G 290 -41.03 -14.26 41.41
N LEU G 291 -41.27 -15.36 42.14
CA LEU G 291 -41.20 -15.30 43.59
C LEU G 291 -39.77 -15.04 44.05
N LYS G 292 -39.64 -14.39 45.20
CA LYS G 292 -38.35 -14.01 45.73
C LYS G 292 -38.30 -14.23 47.23
N TRP G 293 -37.08 -14.41 47.76
CA TRP G 293 -36.86 -14.56 49.19
C TRP G 293 -36.83 -13.18 49.82
N ALA G 294 -38.02 -12.60 50.00
CA ALA G 294 -38.12 -11.26 50.54
C ALA G 294 -37.78 -11.24 52.02
N GLY G 295 -36.93 -10.29 52.41
CA GLY G 295 -36.57 -10.09 53.79
C GLY G 295 -35.93 -11.29 54.44
N ALA G 296 -35.06 -11.99 53.71
CA ALA G 296 -34.38 -13.17 54.23
C ALA G 296 -32.86 -13.01 54.25
N GLY G 297 -32.34 -11.81 54.00
CA GLY G 297 -30.91 -11.60 54.01
C GLY G 297 -30.39 -11.19 55.37
N ALA G 298 -29.69 -10.07 55.43
CA ALA G 298 -29.16 -9.53 56.67
C ALA G 298 -29.91 -8.26 57.03
N THR G 299 -29.81 -7.87 58.30
CA THR G 299 -30.46 -6.66 58.78
C THR G 299 -29.91 -5.44 58.03
N VAL G 300 -30.82 -4.58 57.56
CA VAL G 300 -30.44 -3.43 56.76
C VAL G 300 -30.14 -2.24 57.66
N THR G 301 -28.91 -2.18 58.19
CA THR G 301 -28.55 -1.07 59.05
C THR G 301 -28.39 0.22 58.26
N THR G 302 -27.63 0.17 57.17
CA THR G 302 -27.34 1.36 56.35
C THR G 302 -27.47 0.98 54.88
N ASN G 303 -28.60 0.36 54.53
CA ASN G 303 -28.88 -0.14 53.18
C ASN G 303 -28.52 0.89 52.12
N PRO G 304 -27.51 0.62 51.30
CA PRO G 304 -27.04 1.59 50.30
C PRO G 304 -27.94 1.64 49.07
N GLY G 305 -29.20 1.99 49.29
CA GLY G 305 -30.15 2.18 48.22
C GLY G 305 -30.43 0.94 47.40
N TYR G 306 -30.58 -0.21 48.06
CA TYR G 306 -30.94 -1.45 47.40
C TYR G 306 -32.44 -1.68 47.53
N TYR G 307 -33.07 -1.97 46.40
CA TYR G 307 -34.51 -2.27 46.39
C TYR G 307 -34.82 -3.48 47.26
N ALA G 308 -33.84 -4.34 47.49
CA ALA G 308 -34.03 -5.51 48.34
C ALA G 308 -34.08 -5.12 49.80
N THR G 309 -35.25 -4.70 50.28
CA THR G 309 -35.37 -4.25 51.67
C THR G 309 -36.80 -4.49 52.14
N SER G 310 -37.00 -5.54 52.93
CA SER G 310 -38.25 -5.78 53.65
C SER G 310 -37.87 -6.28 55.05
N GLY G 311 -37.67 -5.35 55.97
CA GLY G 311 -37.14 -5.69 57.28
C GLY G 311 -35.66 -6.03 57.21
N LYS G 312 -35.32 -6.94 56.31
CA LYS G 312 -33.93 -7.29 56.02
C LYS G 312 -33.76 -7.26 54.51
N TYR G 313 -32.57 -7.65 54.05
CA TYR G 313 -32.31 -7.70 52.61
C TYR G 313 -33.15 -8.78 51.94
N ASP G 314 -33.55 -8.51 50.71
CA ASP G 314 -34.40 -9.44 49.95
C ASP G 314 -33.53 -10.20 48.97
N VAL G 315 -33.68 -11.52 48.94
CA VAL G 315 -32.86 -12.38 48.10
C VAL G 315 -33.67 -12.78 46.88
N PHE G 316 -33.10 -12.57 45.69
CA PHE G 316 -33.78 -12.92 44.46
C PHE G 316 -33.13 -14.15 43.82
N PRO G 317 -33.92 -14.99 43.17
CA PRO G 317 -33.37 -16.23 42.59
C PRO G 317 -32.98 -16.09 41.13
N MET G 318 -32.23 -17.08 40.64
CA MET G 318 -31.93 -17.22 39.22
C MET G 318 -32.06 -18.70 38.88
N LEU G 319 -33.14 -19.06 38.19
CA LEU G 319 -33.52 -20.44 37.99
C LEU G 319 -33.22 -20.89 36.57
N CYS G 320 -32.65 -22.10 36.45
CA CYS G 320 -32.36 -22.74 35.16
C CYS G 320 -32.87 -24.17 35.24
N VAL G 321 -34.05 -24.42 34.69
CA VAL G 321 -34.65 -25.75 34.74
C VAL G 321 -34.17 -26.57 33.54
N GLY G 322 -33.81 -27.82 33.79
CA GLY G 322 -33.43 -28.71 32.72
C GLY G 322 -34.62 -29.28 31.98
N SER G 323 -34.55 -30.54 31.57
CA SER G 323 -35.64 -31.20 30.89
C SER G 323 -36.02 -32.51 31.58
N GLY G 324 -35.43 -32.76 32.74
CA GLY G 324 -35.72 -33.99 33.47
C GLY G 324 -35.84 -33.78 34.96
N SER G 325 -36.33 -32.61 35.38
CA SER G 325 -36.34 -32.29 36.80
C SER G 325 -37.70 -31.79 37.28
N PHE G 326 -38.76 -32.05 36.51
CA PHE G 326 -40.09 -31.63 36.94
C PHE G 326 -41.15 -32.60 36.46
N THR G 327 -41.51 -33.58 37.28
CA THR G 327 -42.55 -34.55 36.96
C THR G 327 -43.77 -34.21 37.79
N THR G 328 -44.70 -33.46 37.19
CA THR G 328 -45.94 -33.11 37.86
C THR G 328 -46.90 -34.29 37.80
N ILE G 329 -47.38 -34.74 38.96
CA ILE G 329 -48.29 -35.88 39.02
C ILE G 329 -49.72 -35.36 38.99
N GLY G 330 -50.50 -35.83 38.02
CA GLY G 330 -51.91 -35.51 37.93
C GLY G 330 -52.74 -36.71 38.34
N PHE G 331 -53.60 -36.51 39.33
CA PHE G 331 -54.40 -37.59 39.88
C PHE G 331 -55.30 -38.19 38.82
N GLN G 332 -56.26 -37.41 38.34
CA GLN G 332 -57.11 -37.79 37.24
C GLN G 332 -56.98 -36.86 36.04
N THR G 333 -56.03 -35.92 36.09
CA THR G 333 -55.86 -34.95 35.02
C THR G 333 -55.48 -35.62 33.72
N ASP G 334 -56.28 -35.42 32.69
CA ASP G 334 -56.06 -36.08 31.40
C ASP G 334 -54.92 -35.39 30.67
N GLY G 335 -53.69 -35.83 30.92
CA GLY G 335 -52.54 -35.26 30.28
C GLY G 335 -52.36 -33.78 30.52
N LYS G 336 -52.61 -33.34 31.75
CA LYS G 336 -52.46 -31.94 32.10
C LYS G 336 -51.88 -31.84 33.50
N THR G 337 -51.22 -30.71 33.78
CA THR G 337 -50.68 -30.48 35.12
C THR G 337 -51.78 -30.48 36.16
N VAL G 338 -52.97 -30.02 35.79
CA VAL G 338 -54.10 -29.93 36.70
C VAL G 338 -55.38 -29.77 35.89
N LYS G 339 -56.50 -30.10 36.51
CA LYS G 339 -57.83 -29.75 35.98
C LYS G 339 -58.52 -28.97 37.08
N PHE G 340 -59.28 -27.94 36.69
CA PHE G 340 -60.14 -27.28 37.66
C PHE G 340 -61.56 -27.83 37.58
N THR G 341 -62.10 -28.18 38.73
CA THR G 341 -63.46 -28.73 38.83
C THR G 341 -64.34 -27.66 39.47
N THR G 342 -65.23 -27.09 38.68
CA THR G 342 -66.11 -26.02 39.14
C THR G 342 -67.49 -26.56 39.45
N TYR G 343 -68.21 -25.82 40.30
CA TYR G 343 -69.56 -26.20 40.70
C TYR G 343 -70.34 -24.92 40.97
N THR G 344 -71.30 -24.62 40.10
CA THR G 344 -72.10 -23.41 40.21
C THR G 344 -73.50 -23.78 40.68
N LYS G 345 -73.94 -23.18 41.78
CA LYS G 345 -75.31 -23.32 42.26
C LYS G 345 -75.94 -21.93 42.22
N LYS G 346 -76.66 -21.65 41.14
CA LYS G 346 -77.26 -20.34 40.96
C LYS G 346 -78.38 -20.13 41.97
N PRO G 347 -78.55 -18.93 42.49
CA PRO G 347 -79.66 -18.67 43.41
C PRO G 347 -81.01 -18.97 42.78
N GLY G 348 -81.92 -19.50 43.57
CA GLY G 348 -83.22 -19.92 43.08
C GLY G 348 -83.61 -21.25 43.71
N ILE G 349 -84.30 -22.06 42.91
CA ILE G 349 -84.75 -23.36 43.39
C ILE G 349 -83.55 -24.27 43.68
N GLU G 350 -82.47 -24.11 42.91
CA GLU G 350 -81.29 -24.96 43.07
C GLU G 350 -80.74 -24.93 44.49
N THR G 351 -80.87 -23.81 45.19
CA THR G 351 -80.35 -23.66 46.53
C THR G 351 -81.46 -23.45 47.56
N VAL G 352 -82.54 -24.21 47.43
CA VAL G 352 -83.65 -24.16 48.38
C VAL G 352 -83.52 -25.34 49.33
N SER G 353 -83.50 -25.06 50.62
CA SER G 353 -83.33 -26.11 51.63
C SER G 353 -83.83 -25.57 52.96
N TYR G 354 -83.64 -26.39 54.00
CA TYR G 354 -84.05 -26.00 55.35
C TYR G 354 -83.29 -24.76 55.81
N ALA G 355 -82.03 -24.61 55.39
CA ALA G 355 -81.24 -23.45 55.76
C ALA G 355 -81.87 -22.18 55.20
N ASP G 356 -81.97 -22.08 53.88
CA ASP G 356 -82.62 -20.96 53.22
C ASP G 356 -83.82 -21.48 52.44
N PRO G 357 -85.04 -21.32 52.95
CA PRO G 357 -86.21 -21.79 52.20
C PRO G 357 -86.65 -20.79 51.14
N TYR G 358 -85.81 -19.82 50.86
CA TYR G 358 -86.11 -18.83 49.83
C TYR G 358 -85.16 -18.89 48.64
N GLY G 359 -83.94 -19.38 48.84
CA GLY G 359 -83.02 -19.56 47.75
C GLY G 359 -82.24 -18.33 47.34
N GLU G 360 -82.07 -17.40 48.27
CA GLU G 360 -81.36 -16.15 47.99
C GLU G 360 -79.88 -16.27 48.30
N MET G 361 -79.25 -17.28 47.71
CA MET G 361 -77.81 -17.50 47.88
C MET G 361 -77.28 -18.24 46.67
N GLY G 362 -76.01 -17.97 46.34
CA GLY G 362 -75.34 -18.65 45.26
C GLY G 362 -73.99 -19.17 45.71
N LEU G 363 -73.40 -20.03 44.88
CA LEU G 363 -72.15 -20.67 45.25
C LEU G 363 -71.39 -21.11 44.01
N THR G 364 -70.08 -20.94 44.05
CA THR G 364 -69.17 -21.45 43.03
C THR G 364 -67.89 -21.86 43.71
N SER G 365 -67.42 -23.08 43.42
CA SER G 365 -66.23 -23.64 44.05
C SER G 365 -65.36 -24.28 42.99
N ILE G 366 -64.05 -24.03 43.07
CA ILE G 366 -63.08 -24.59 42.13
C ILE G 366 -62.15 -25.49 42.94
N LYS G 367 -62.08 -26.76 42.57
CA LYS G 367 -61.21 -27.73 43.23
C LYS G 367 -60.20 -28.28 42.23
N TRP G 368 -59.01 -28.59 42.71
CA TRP G 368 -57.95 -29.11 41.84
C TRP G 368 -56.93 -29.90 42.68
N TYR G 369 -56.10 -30.67 41.97
CA TYR G 369 -55.12 -31.55 42.59
C TYR G 369 -53.75 -31.31 41.94
N TYR G 370 -52.75 -30.98 42.74
CA TYR G 370 -51.42 -30.67 42.23
C TYR G 370 -50.35 -31.43 43.00
N GLY G 371 -49.32 -31.88 42.28
CA GLY G 371 -48.18 -32.51 42.91
C GLY G 371 -47.01 -32.55 41.96
N SER G 372 -45.81 -32.55 42.52
CA SER G 372 -44.57 -32.54 41.74
C SER G 372 -43.60 -33.57 42.31
N LEU G 373 -42.57 -33.90 41.52
CA LEU G 373 -41.61 -34.93 41.90
C LEU G 373 -40.19 -34.41 42.03
N ILE G 374 -39.73 -33.59 41.09
CA ILE G 374 -38.35 -33.12 41.04
C ILE G 374 -37.43 -34.33 41.00
N LEU G 375 -37.57 -35.13 39.95
CA LEU G 375 -36.64 -36.23 39.72
C LEU G 375 -35.33 -35.69 39.17
N ARG G 376 -34.23 -36.39 39.48
CA ARG G 376 -32.90 -35.99 39.06
C ARG G 376 -32.65 -34.52 39.43
N PRO G 377 -32.57 -34.20 40.72
CA PRO G 377 -32.54 -32.79 41.12
C PRO G 377 -31.25 -32.08 40.78
N GLU G 378 -31.05 -31.76 39.51
CA GLU G 378 -29.90 -30.97 39.08
C GLU G 378 -30.32 -29.64 38.46
N TRP G 379 -31.47 -29.10 38.86
CA TRP G 379 -31.83 -27.75 38.48
C TRP G 379 -30.91 -26.75 39.18
N ILE G 380 -30.73 -25.59 38.55
CA ILE G 380 -29.81 -24.58 39.04
C ILE G 380 -30.61 -23.41 39.60
N ALA G 381 -30.34 -23.07 40.86
CA ALA G 381 -31.01 -21.95 41.54
C ALA G 381 -29.94 -21.15 42.26
N LEU G 382 -29.49 -20.07 41.64
CA LEU G 382 -28.51 -19.17 42.23
C LEU G 382 -29.18 -17.88 42.69
N PHE G 383 -28.77 -17.41 43.86
CA PHE G 383 -29.39 -16.26 44.51
C PHE G 383 -28.67 -14.98 44.11
N LYS G 384 -29.31 -13.84 44.40
CA LYS G 384 -28.74 -12.54 44.12
C LYS G 384 -29.47 -11.44 44.88
N THR G 385 -28.74 -10.48 45.43
CA THR G 385 -29.31 -9.34 46.14
C THR G 385 -28.81 -8.07 45.46
N VAL G 386 -29.66 -7.48 44.62
CA VAL G 386 -29.25 -6.36 43.78
C VAL G 386 -30.32 -5.28 43.83
N ALA G 387 -30.21 -4.33 42.91
CA ALA G 387 -31.11 -3.18 42.80
C ALA G 387 -31.13 -2.36 44.08
N THR H 8 11.08 -62.49 35.92
CA THR H 8 12.43 -62.18 36.39
C THR H 8 12.61 -62.67 37.82
N THR H 9 11.67 -62.33 38.68
CA THR H 9 11.62 -62.89 40.02
C THR H 9 11.46 -64.41 39.91
N PRO H 10 12.10 -65.20 40.78
CA PRO H 10 12.10 -66.66 40.58
C PRO H 10 10.71 -67.25 40.48
N SER H 11 10.38 -67.77 39.30
CA SER H 11 9.10 -68.42 39.09
C SER H 11 9.12 -69.83 39.68
N SER H 12 7.93 -70.40 39.85
CA SER H 12 7.81 -71.72 40.46
C SER H 12 8.55 -72.78 39.67
N ILE H 13 8.35 -72.81 38.36
CA ILE H 13 8.94 -73.84 37.50
C ILE H 13 10.45 -73.66 37.44
N GLY H 14 10.91 -72.44 37.20
CA GLY H 14 12.32 -72.16 37.10
C GLY H 14 12.61 -70.90 36.32
N PRO H 15 13.83 -70.79 35.80
CA PRO H 15 14.19 -69.61 35.01
C PRO H 15 13.39 -69.53 33.72
N GLN H 16 13.14 -68.29 33.29
CA GLN H 16 12.43 -68.02 32.05
C GLN H 16 13.41 -67.35 31.09
N ILE H 17 13.62 -67.96 29.92
CA ILE H 17 14.56 -67.43 28.94
C ILE H 17 14.02 -66.15 28.33
N ARG H 18 12.88 -66.25 27.66
CA ARG H 18 12.30 -65.09 27.01
C ARG H 18 11.52 -64.25 28.02
N LEU H 19 11.82 -62.95 28.04
CA LEU H 19 11.16 -62.04 28.97
C LEU H 19 10.59 -60.83 28.25
N ASP H 20 10.91 -60.69 26.96
CA ASP H 20 10.47 -59.55 26.19
C ASP H 20 9.99 -59.99 24.81
N TYR H 21 9.07 -59.24 24.24
CA TYR H 21 8.60 -59.47 22.88
C TYR H 21 9.27 -58.44 21.97
N TYR H 22 10.03 -58.92 20.99
CA TYR H 22 10.72 -58.04 20.05
C TYR H 22 9.75 -57.69 18.92
N TYR H 23 9.13 -56.52 19.03
CA TYR H 23 8.23 -56.06 17.97
C TYR H 23 9.03 -55.75 16.72
N LYS H 24 8.58 -56.27 15.59
CA LYS H 24 9.37 -56.20 14.36
C LYS H 24 9.44 -54.78 13.82
N LYS H 25 8.30 -54.09 13.74
CA LYS H 25 8.26 -52.75 13.18
C LYS H 25 9.11 -51.79 13.99
N ALA H 26 9.92 -50.99 13.30
CA ALA H 26 10.87 -50.09 13.93
C ALA H 26 10.48 -48.64 13.67
N LEU H 27 10.64 -47.81 14.69
CA LEU H 27 10.37 -46.38 14.56
C LEU H 27 11.50 -45.70 13.81
N VAL H 28 11.15 -44.90 12.81
CA VAL H 28 12.13 -44.18 12.00
C VAL H 28 11.61 -42.77 11.76
N ASP H 29 12.48 -41.78 11.89
CA ASP H 29 12.09 -40.39 11.67
C ASP H 29 11.89 -40.12 10.19
N ALA H 30 10.88 -39.30 9.89
CA ALA H 30 10.64 -38.90 8.51
C ALA H 30 11.72 -37.91 8.06
N ALA H 31 11.94 -37.86 6.76
CA ALA H 31 12.94 -36.97 6.19
C ALA H 31 12.48 -35.53 6.30
N LYS H 32 13.42 -34.64 6.62
CA LYS H 32 13.12 -33.22 6.69
C LYS H 32 12.70 -32.71 5.32
N GLU H 33 11.63 -31.94 5.28
CA GLU H 33 11.10 -31.45 4.01
C GLU H 33 12.07 -30.44 3.41
N MET H 34 12.66 -30.80 2.28
CA MET H 34 13.62 -29.92 1.63
C MET H 34 12.91 -28.76 0.94
N TYR H 35 13.43 -27.56 1.15
CA TYR H 35 12.79 -26.37 0.62
C TYR H 35 13.62 -25.69 -0.46
N PHE H 36 14.93 -25.65 -0.28
CA PHE H 36 15.77 -24.85 -1.18
C PHE H 36 16.06 -25.59 -2.49
N GLY H 37 15.86 -26.90 -2.50
CA GLY H 37 16.23 -27.69 -3.67
C GLY H 37 15.46 -27.33 -4.92
N GLN H 38 14.18 -26.98 -4.78
CA GLN H 38 13.30 -26.85 -5.95
C GLN H 38 13.39 -25.49 -6.64
N LEU H 39 14.05 -24.50 -6.05
CA LEU H 39 14.19 -23.20 -6.70
C LEU H 39 15.46 -23.09 -7.53
N ALA H 40 16.11 -24.21 -7.83
CA ALA H 40 17.39 -24.19 -8.52
C ALA H 40 17.19 -24.46 -10.00
N GLU H 41 17.65 -23.54 -10.83
CA GLU H 41 17.75 -23.76 -12.26
C GLU H 41 19.05 -24.47 -12.56
N VAL H 42 18.99 -25.47 -13.45
CA VAL H 42 20.10 -26.38 -13.69
C VAL H 42 20.68 -26.11 -15.06
N THR H 43 21.98 -25.86 -15.11
CA THR H 43 22.71 -25.82 -16.36
C THR H 43 23.63 -27.03 -16.46
N ASN H 44 23.76 -27.58 -17.65
CA ASN H 44 24.37 -28.89 -17.87
C ASN H 44 25.82 -28.72 -18.30
N MET H 45 26.73 -29.30 -17.52
CA MET H 45 28.12 -29.40 -17.94
C MET H 45 28.26 -30.56 -18.92
N PRO H 46 28.80 -30.32 -20.12
CA PRO H 46 28.65 -31.30 -21.20
C PRO H 46 29.70 -32.40 -21.25
N LYS H 47 30.49 -32.56 -20.18
CA LYS H 47 31.51 -33.61 -20.10
C LYS H 47 32.59 -33.47 -21.16
N ASN H 48 33.61 -34.33 -21.10
CA ASN H 48 34.80 -34.21 -21.94
C ASN H 48 35.34 -32.80 -21.83
N MET H 49 35.32 -32.25 -20.62
CA MET H 49 35.43 -30.83 -20.37
C MET H 49 35.97 -30.60 -18.98
N GLY H 50 36.63 -29.45 -18.79
CA GLY H 50 37.08 -29.04 -17.49
C GLY H 50 35.93 -28.69 -16.56
N LYS H 51 36.24 -28.59 -15.28
CA LYS H 51 35.22 -28.41 -14.24
C LYS H 51 34.98 -26.94 -13.94
N GLN H 52 34.73 -26.13 -14.98
CA GLN H 52 34.46 -24.70 -14.79
C GLN H 52 33.43 -24.26 -15.82
N ILE H 53 32.52 -23.39 -15.40
CA ILE H 53 31.51 -22.81 -16.29
C ILE H 53 31.74 -21.31 -16.38
N LYS H 54 31.75 -20.81 -17.61
CA LYS H 54 31.99 -19.39 -17.86
C LYS H 54 30.72 -18.73 -18.37
N LEU H 55 30.62 -17.43 -18.11
CA LEU H 55 29.45 -16.66 -18.49
C LEU H 55 29.86 -15.23 -18.77
N TYR H 56 29.00 -14.52 -19.50
CA TYR H 56 29.18 -13.11 -19.79
C TYR H 56 27.93 -12.37 -19.37
N HIS H 57 28.10 -11.29 -18.61
CA HIS H 57 27.00 -10.47 -18.13
C HIS H 57 27.19 -9.06 -18.63
N TYR H 58 26.41 -8.69 -19.65
CA TYR H 58 26.52 -7.37 -20.26
C TYR H 58 25.97 -6.30 -19.32
N VAL H 59 26.65 -5.16 -19.27
CA VAL H 59 26.31 -4.10 -18.33
C VAL H 59 25.79 -2.90 -19.11
N PRO H 60 24.73 -2.24 -18.64
CA PRO H 60 24.25 -1.04 -19.33
C PRO H 60 25.29 0.06 -19.31
N LEU H 61 25.31 0.86 -20.38
CA LEU H 61 26.31 1.90 -20.53
C LEU H 61 26.19 3.01 -19.49
N LEU H 62 25.05 3.09 -18.79
CA LEU H 62 24.84 4.12 -17.78
C LEU H 62 24.97 3.57 -16.37
N ASP H 63 25.69 2.46 -16.22
CA ASP H 63 25.90 1.83 -14.94
C ASP H 63 27.31 2.12 -14.44
N ASP H 64 27.52 1.90 -13.14
CA ASP H 64 28.84 2.13 -12.55
C ASP H 64 29.86 1.09 -12.96
N ARG H 65 29.43 -0.04 -13.54
CA ARG H 65 30.33 -1.07 -14.01
C ARG H 65 30.62 -0.94 -15.51
N ASN H 66 30.57 0.28 -16.03
CA ASN H 66 30.84 0.51 -17.45
C ASN H 66 32.13 1.30 -17.63
N VAL H 67 33.13 1.03 -16.79
CA VAL H 67 34.42 1.70 -16.92
C VAL H 67 35.12 1.21 -18.17
N ASN H 68 35.66 2.14 -18.95
CA ASN H 68 36.33 1.79 -20.20
C ASN H 68 37.18 2.97 -20.67
N ASP H 69 38.20 2.68 -21.47
CA ASP H 69 39.02 3.76 -22.00
C ASP H 69 38.33 4.49 -23.14
N GLN H 70 37.33 3.87 -23.76
CA GLN H 70 36.59 4.51 -24.84
C GLN H 70 35.70 5.61 -24.28
N GLY H 71 36.18 6.85 -24.35
CA GLY H 71 35.40 7.97 -23.86
C GLY H 71 36.02 9.30 -24.26
N ILE H 72 35.20 10.18 -24.83
CA ILE H 72 35.67 11.48 -25.29
C ILE H 72 34.59 12.51 -24.95
N ASP H 73 34.99 13.59 -24.28
CA ASP H 73 34.05 14.61 -23.86
C ASP H 73 33.65 15.50 -25.03
N ALA H 74 32.87 16.54 -24.73
CA ALA H 74 32.45 17.47 -25.77
C ALA H 74 33.64 18.20 -26.38
N ALA H 75 34.59 18.60 -25.54
CA ALA H 75 35.77 19.30 -26.03
C ALA H 75 36.61 18.42 -26.95
N GLY H 76 36.49 17.11 -26.81
CA GLY H 76 37.24 16.17 -27.63
C GLY H 76 38.40 15.49 -26.94
N ALA H 77 38.82 15.98 -25.77
CA ALA H 77 39.91 15.33 -25.04
C ALA H 77 39.47 13.96 -24.56
N THR H 78 40.41 13.01 -24.57
CA THR H 78 40.14 11.66 -24.10
C THR H 78 39.95 11.64 -22.60
N ILE H 79 38.72 11.55 -22.14
CA ILE H 79 38.38 11.62 -20.73
C ILE H 79 38.00 10.23 -20.24
N ALA H 80 38.48 9.86 -19.05
CA ALA H 80 38.10 8.59 -18.45
C ALA H 80 36.61 8.60 -18.09
N ASN H 81 36.14 7.48 -17.58
CA ASN H 81 34.72 7.29 -17.26
C ASN H 81 33.85 7.52 -18.50
N GLY H 82 34.04 6.66 -19.49
CA GLY H 82 33.34 6.77 -20.75
C GLY H 82 31.91 6.25 -20.68
N ASN H 83 31.29 6.38 -19.51
CA ASN H 83 29.91 5.95 -19.29
C ASN H 83 28.98 7.14 -19.06
N LEU H 84 29.34 8.31 -19.59
CA LEU H 84 28.62 9.56 -19.36
C LEU H 84 28.61 9.79 -17.85
N TYR H 85 27.49 10.18 -17.25
CA TYR H 85 27.44 10.36 -15.81
C TYR H 85 27.40 9.03 -15.06
N GLY H 86 27.19 7.93 -15.77
CA GLY H 86 27.14 6.64 -15.12
C GLY H 86 25.92 6.52 -14.22
N SER H 87 26.14 6.03 -13.00
CA SER H 87 25.08 5.86 -12.03
C SER H 87 25.06 6.96 -10.97
N SER H 88 25.37 8.19 -11.37
CA SER H 88 25.44 9.29 -10.42
C SER H 88 24.09 9.52 -9.74
N LYS H 89 23.04 9.69 -10.54
CA LYS H 89 21.68 9.90 -10.04
C LYS H 89 21.63 11.05 -9.03
N ASP H 90 22.21 12.18 -9.44
CA ASP H 90 22.28 13.34 -8.56
C ASP H 90 22.22 14.60 -9.40
N ILE H 91 21.15 15.39 -9.24
CA ILE H 91 21.02 16.65 -9.96
C ILE H 91 22.22 17.54 -9.66
N GLY H 92 22.70 18.24 -10.67
CA GLY H 92 23.90 19.05 -10.59
C GLY H 92 25.13 18.35 -11.15
N THR H 93 25.02 17.05 -11.41
CA THR H 93 26.08 16.28 -12.03
C THR H 93 25.71 15.82 -13.43
N ILE H 94 24.52 15.27 -13.61
CA ILE H 94 24.03 14.85 -14.93
C ILE H 94 23.98 16.03 -15.90
N PRO H 95 23.39 17.19 -15.55
CA PRO H 95 23.39 18.30 -16.51
C PRO H 95 24.79 18.70 -16.96
N SER H 96 25.76 18.69 -16.05
CA SER H 96 27.13 19.00 -16.43
C SER H 96 27.71 17.91 -17.33
N LYS H 97 27.55 16.65 -16.92
CA LYS H 97 28.07 15.54 -17.69
C LYS H 97 27.08 15.01 -18.71
N LEU H 98 26.05 15.78 -19.03
CA LEU H 98 25.20 15.47 -20.18
C LEU H 98 26.02 15.57 -21.46
N PRO H 99 25.66 14.82 -22.49
CA PRO H 99 26.29 15.05 -23.80
C PRO H 99 25.93 16.42 -24.32
N ALA H 100 26.74 16.97 -25.22
CA ALA H 100 26.44 18.30 -25.75
C ALA H 100 26.89 18.38 -27.21
N LEU H 101 25.96 18.16 -28.12
CA LEU H 101 26.28 18.19 -29.55
C LEU H 101 26.26 19.62 -30.04
N THR H 102 27.43 20.22 -30.18
CA THR H 102 27.51 21.53 -30.80
C THR H 102 27.14 21.44 -32.27
N GLU H 103 26.84 22.59 -32.87
CA GLU H 103 26.44 22.59 -34.27
C GLU H 103 27.57 22.12 -35.18
N ASN H 104 28.80 22.14 -34.69
CA ASN H 104 29.92 21.61 -35.46
C ASN H 104 29.92 20.09 -35.46
N GLY H 105 30.08 19.48 -34.29
CA GLY H 105 30.19 18.05 -34.18
C GLY H 105 31.59 17.55 -34.51
N GLY H 106 31.76 16.25 -34.38
CA GLY H 106 33.01 15.62 -34.76
C GLY H 106 33.62 14.67 -33.75
N ARG H 107 33.52 15.01 -32.46
CA ARG H 107 34.01 14.12 -31.41
C ARG H 107 33.14 14.23 -30.17
N ARG H 110 32.12 10.52 -26.86
CA ARG H 110 32.29 9.11 -27.22
C ARG H 110 32.00 8.21 -26.02
N VAL H 111 31.41 7.05 -26.29
CA VAL H 111 30.98 6.12 -25.25
C VAL H 111 31.50 4.73 -25.59
N GLY H 112 31.58 3.89 -24.55
CA GLY H 112 32.01 2.51 -24.72
C GLY H 112 31.05 1.56 -24.01
N PHE H 113 31.37 0.27 -24.11
CA PHE H 113 30.57 -0.78 -23.50
C PHE H 113 31.49 -1.89 -23.00
N THR H 114 31.08 -2.52 -21.89
CA THR H 114 31.87 -3.56 -21.25
C THR H 114 30.98 -4.74 -20.90
N ARG H 115 31.60 -5.91 -20.76
CA ARG H 115 30.94 -7.12 -20.28
C ARG H 115 31.82 -7.79 -19.25
N ILE H 116 31.20 -8.43 -18.26
CA ILE H 116 31.92 -9.07 -17.17
C ILE H 116 31.71 -10.58 -17.25
N GLN H 117 32.56 -11.30 -16.53
CA GLN H 117 32.62 -12.76 -16.61
C GLN H 117 32.21 -13.37 -15.28
N LEU H 118 31.38 -14.42 -15.35
CA LEU H 118 30.98 -15.19 -14.18
C LEU H 118 31.53 -16.60 -14.29
N ILE H 119 32.08 -17.11 -13.19
CA ILE H 119 32.75 -18.40 -13.15
C ILE H 119 32.16 -19.24 -12.03
N GLY H 120 31.80 -20.48 -12.35
CA GLY H 120 31.36 -21.44 -11.36
C GLY H 120 32.40 -22.49 -11.09
N SER H 121 31.97 -23.58 -10.45
CA SER H 121 32.88 -24.66 -10.10
C SER H 121 32.09 -25.90 -9.72
N ILE H 122 32.62 -27.06 -10.09
CA ILE H 122 32.04 -28.36 -9.73
C ILE H 122 32.95 -29.00 -8.69
N LYS H 123 32.39 -29.35 -7.54
CA LYS H 123 33.14 -29.97 -6.46
C LYS H 123 32.59 -31.37 -6.19
N LYS H 124 33.49 -32.32 -5.96
CA LYS H 124 33.10 -33.69 -5.68
C LYS H 124 32.75 -33.86 -4.22
N PHE H 125 31.75 -34.70 -3.95
CA PHE H 125 31.32 -34.99 -2.59
C PHE H 125 30.83 -36.43 -2.49
N GLY H 126 30.98 -37.02 -1.32
CA GLY H 126 30.51 -38.37 -1.10
C GLY H 126 31.06 -38.93 0.19
N PHE H 127 30.53 -40.10 0.56
CA PHE H 127 30.93 -40.80 1.77
C PHE H 127 30.61 -42.28 1.61
N PHE H 128 30.79 -43.03 2.68
CA PHE H 128 30.58 -44.47 2.65
C PHE H 128 30.52 -44.99 4.07
N TYR H 129 30.18 -46.27 4.20
CA TYR H 129 30.15 -46.96 5.48
C TYR H 129 30.40 -48.44 5.24
N GLU H 130 30.75 -49.14 6.32
CA GLU H 130 31.11 -50.56 6.23
C GLU H 130 30.35 -51.34 7.28
N TRP H 131 30.25 -52.65 7.04
CA TRP H 131 29.64 -53.56 7.99
C TRP H 131 30.24 -54.94 7.80
N THR H 132 30.31 -55.70 8.90
CA THR H 132 30.79 -57.07 8.84
C THR H 132 29.62 -58.01 8.59
N GLN H 133 29.96 -59.24 8.18
CA GLN H 133 28.92 -60.26 8.05
C GLN H 133 28.28 -60.56 9.39
N GLU H 134 29.09 -60.70 10.44
CA GLU H 134 28.58 -61.05 11.76
C GLU H 134 27.59 -60.02 12.26
N ALA H 135 27.76 -58.77 11.85
CA ALA H 135 26.82 -57.72 12.22
C ALA H 135 25.43 -58.05 11.70
N MET H 136 25.35 -58.51 10.45
CA MET H 136 24.05 -58.87 9.88
C MET H 136 23.49 -60.15 10.45
N ASP H 137 24.33 -61.18 10.65
CA ASP H 137 23.80 -62.45 11.13
C ASP H 137 23.33 -62.38 12.57
N PHE H 138 24.08 -61.72 13.44
CA PHE H 138 23.81 -61.76 14.87
C PHE H 138 23.22 -60.44 15.36
N ASP H 139 22.36 -59.83 14.57
CA ASP H 139 21.71 -58.58 14.94
C ASP H 139 20.32 -58.85 15.48
N THR H 140 19.89 -58.03 16.44
CA THR H 140 18.54 -58.13 16.96
C THR H 140 17.50 -57.92 15.87
N ASP H 141 17.75 -56.98 14.96
CA ASP H 141 16.84 -56.74 13.84
C ASP H 141 17.29 -57.51 12.62
N GLU H 142 16.33 -57.95 11.82
CA GLU H 142 16.60 -58.66 10.58
C GLU H 142 16.38 -57.79 9.35
N GLU H 143 16.08 -56.51 9.53
CA GLU H 143 15.94 -55.57 8.43
C GLU H 143 16.90 -54.40 8.56
N LEU H 144 18.03 -54.61 9.25
CA LEU H 144 18.99 -53.53 9.47
C LEU H 144 19.56 -53.03 8.15
N ASP H 145 19.84 -53.95 7.22
CA ASP H 145 20.39 -53.55 5.93
C ASP H 145 19.45 -52.60 5.20
N SER H 146 18.15 -52.92 5.20
CA SER H 146 17.17 -52.03 4.60
C SER H 146 17.12 -50.70 5.34
N HIS H 147 17.20 -50.75 6.67
CA HIS H 147 17.15 -49.52 7.45
C HIS H 147 18.34 -48.62 7.15
N LEU H 148 19.54 -49.19 7.07
CA LEU H 148 20.74 -48.38 6.93
C LEU H 148 20.78 -47.66 5.60
N ILE H 149 20.53 -48.38 4.51
CA ILE H 149 20.62 -47.77 3.18
C ILE H 149 19.57 -46.66 3.03
N GLN H 150 18.35 -46.91 3.48
CA GLN H 150 17.32 -45.88 3.46
C GLN H 150 17.71 -44.73 4.36
N GLU H 151 18.27 -45.03 5.53
CA GLU H 151 18.78 -44.00 6.42
C GLU H 151 19.90 -43.21 5.76
N ALA H 152 20.84 -43.90 5.12
CA ALA H 152 21.95 -43.23 4.46
C ALA H 152 21.45 -42.38 3.30
N VAL H 153 20.48 -42.89 2.54
CA VAL H 153 19.98 -42.17 1.37
C VAL H 153 19.36 -40.84 1.80
N LYS H 154 18.51 -40.87 2.82
CA LYS H 154 17.83 -39.66 3.25
C LYS H 154 18.83 -38.64 3.80
N GLY H 155 19.89 -39.11 4.46
CA GLY H 155 20.93 -38.21 4.93
C GLY H 155 21.63 -37.52 3.78
N ALA H 156 21.86 -38.23 2.69
CA ALA H 156 22.47 -37.62 1.51
C ALA H 156 21.58 -36.52 0.95
N ASN H 157 20.26 -36.70 1.03
CA ASN H 157 19.34 -35.65 0.64
C ASN H 157 19.51 -34.43 1.53
N GLU H 158 19.65 -34.66 2.84
CA GLU H 158 19.85 -33.56 3.78
C GLU H 158 21.14 -32.81 3.49
N ILE H 159 22.25 -33.55 3.35
CA ILE H 159 23.55 -32.92 3.19
C ILE H 159 23.63 -32.14 1.88
N THR H 160 22.90 -32.62 0.86
CA THR H 160 22.83 -31.89 -0.40
C THR H 160 22.16 -30.53 -0.20
N GLU H 161 21.08 -30.50 0.59
CA GLU H 161 20.35 -29.26 0.80
C GLU H 161 21.20 -28.22 1.51
N ASP H 162 21.98 -28.65 2.50
CA ASP H 162 22.80 -27.72 3.26
C ASP H 162 23.86 -27.07 2.38
N GLN H 163 24.46 -27.84 1.48
CA GLN H 163 25.47 -27.29 0.57
C GLN H 163 24.90 -26.13 -0.23
N LEU H 164 23.67 -26.30 -0.74
CA LEU H 164 23.01 -25.23 -1.47
C LEU H 164 22.75 -24.03 -0.57
N GLN H 165 22.28 -24.29 0.66
CA GLN H 165 21.96 -23.20 1.57
C GLN H 165 23.20 -22.41 1.96
N ILE H 166 24.31 -23.12 2.23
CA ILE H 166 25.55 -22.45 2.61
C ILE H 166 26.00 -21.51 1.51
N ASP H 167 25.92 -21.96 0.26
CA ASP H 167 26.27 -21.11 -0.86
C ASP H 167 25.36 -19.89 -0.94
N LEU H 168 24.05 -20.10 -0.80
CA LEU H 168 23.11 -19.00 -0.89
C LEU H 168 23.30 -18.01 0.24
N LEU H 169 23.48 -18.51 1.46
CA LEU H 169 23.66 -17.63 2.61
C LEU H 169 24.93 -16.78 2.46
N ASN H 170 26.03 -17.41 2.04
CA ASN H 170 27.26 -16.66 1.82
C ASN H 170 27.12 -15.70 0.65
N GLY H 171 26.46 -16.10 -0.42
CA GLY H 171 26.32 -15.26 -1.60
C GLY H 171 25.06 -14.42 -1.60
N ALA H 172 24.95 -13.51 -0.65
CA ALA H 172 23.82 -12.59 -0.56
C ALA H 172 24.34 -11.18 -0.74
N GLY H 173 24.04 -10.56 -1.89
CA GLY H 173 24.51 -9.22 -2.15
C GLY H 173 23.93 -8.21 -1.19
N VAL H 174 22.63 -8.31 -0.91
CA VAL H 174 21.94 -7.40 -0.01
C VAL H 174 21.93 -8.04 1.37
N VAL H 175 22.89 -7.66 2.20
CA VAL H 175 22.91 -8.13 3.58
C VAL H 175 22.70 -6.95 4.51
N ARG H 176 21.50 -6.85 5.09
CA ARG H 176 21.14 -5.70 5.91
C ARG H 176 21.16 -6.10 7.37
N TYR H 177 21.96 -5.38 8.17
CA TYR H 177 22.03 -5.63 9.58
C TYR H 177 21.03 -4.77 10.34
N PRO H 178 20.50 -5.26 11.44
CA PRO H 178 19.55 -4.47 12.23
C PRO H 178 20.24 -3.37 13.02
N GLY H 179 19.50 -2.30 13.28
CA GLY H 179 20.00 -1.18 14.04
C GLY H 179 21.25 -0.55 13.46
N ALA H 180 22.23 -0.27 14.31
CA ALA H 180 23.48 0.35 13.89
C ALA H 180 24.60 -0.66 13.64
N ALA H 181 24.32 -1.95 13.80
CA ALA H 181 25.34 -2.96 13.59
C ALA H 181 25.80 -2.98 12.14
N THR H 182 27.11 -3.13 11.94
CA THR H 182 27.70 -3.25 10.62
C THR H 182 28.56 -4.50 10.47
N SER H 183 28.80 -5.22 11.57
CA SER H 183 29.55 -6.45 11.51
C SER H 183 28.76 -7.53 12.24
N ASN H 184 29.01 -8.79 11.85
CA ASN H 184 28.30 -9.90 12.46
C ASN H 184 28.62 -10.01 13.95
N ALA H 185 29.78 -9.49 14.36
CA ALA H 185 30.17 -9.56 15.77
C ALA H 185 29.46 -8.48 16.59
N ASP H 186 29.03 -7.40 15.95
CA ASP H 186 28.40 -6.30 16.69
C ASP H 186 27.13 -6.77 17.38
N MET H 187 26.48 -7.79 16.83
CA MET H 187 25.18 -8.24 17.29
C MET H 187 25.21 -8.77 18.71
N THR H 188 24.25 -8.35 19.54
CA THR H 188 24.19 -8.81 20.92
C THR H 188 22.78 -8.60 21.47
N GLY H 189 22.36 -9.48 22.36
CA GLY H 189 21.11 -9.30 23.08
C GLY H 189 21.34 -8.72 24.45
N GLU H 190 22.61 -8.56 24.82
CA GLU H 190 22.95 -8.05 26.15
C GLU H 190 22.45 -6.62 26.34
N GLY H 191 22.62 -5.79 25.32
CA GLY H 191 22.24 -4.39 25.43
C GLY H 191 20.85 -4.11 24.90
N THR H 192 20.77 -3.41 23.78
CA THR H 192 19.49 -3.05 23.19
C THR H 192 18.82 -4.20 22.44
N ALA H 193 19.40 -5.40 22.48
CA ALA H 193 18.79 -6.59 21.91
C ALA H 193 18.52 -6.44 20.42
N THR H 194 19.58 -6.34 19.62
CA THR H 194 19.43 -6.19 18.17
C THR H 194 18.61 -7.31 17.58
N VAL H 195 17.40 -6.98 17.11
CA VAL H 195 16.48 -7.98 16.56
C VAL H 195 15.85 -7.42 15.29
N VAL H 196 14.91 -8.17 14.71
CA VAL H 196 14.20 -7.69 13.54
C VAL H 196 13.30 -6.54 13.93
N THR H 197 13.12 -5.59 13.00
CA THR H 197 12.18 -4.50 13.16
C THR H 197 11.40 -4.35 11.87
N TYR H 198 10.19 -3.80 11.97
CA TYR H 198 9.32 -3.69 10.82
C TYR H 198 9.97 -2.88 9.71
N GLU H 199 10.45 -1.68 10.05
CA GLU H 199 11.14 -0.86 9.07
C GLU H 199 12.40 -1.55 8.56
N GLY H 200 13.00 -2.41 9.39
CA GLY H 200 14.14 -3.19 8.96
C GLY H 200 13.78 -4.14 7.84
N LEU H 201 12.66 -4.85 7.99
CA LEU H 201 12.18 -5.72 6.92
C LEU H 201 11.74 -4.92 5.71
N VAL H 202 11.09 -3.77 5.94
CA VAL H 202 10.60 -2.96 4.83
C VAL H 202 11.77 -2.43 4.01
N LYS H 203 12.83 -1.99 4.68
CA LYS H 203 13.97 -1.42 3.97
C LYS H 203 14.60 -2.45 3.02
N MET H 204 14.56 -3.72 3.39
CA MET H 204 14.99 -4.76 2.47
C MET H 204 14.05 -4.87 1.28
N GLY H 205 12.74 -4.77 1.54
CA GLY H 205 11.77 -4.95 0.48
C GLY H 205 11.90 -3.89 -0.61
N ILE H 206 12.06 -2.64 -0.21
CA ILE H 206 12.19 -1.56 -1.19
C ILE H 206 13.49 -1.69 -1.96
N THR H 207 14.57 -2.07 -1.28
CA THR H 207 15.85 -2.27 -1.95
C THR H 207 15.75 -3.39 -2.99
N LEU H 208 15.10 -4.49 -2.62
CA LEU H 208 14.92 -5.59 -3.57
C LEU H 208 14.06 -5.16 -4.74
N ASN H 209 13.09 -4.26 -4.49
CA ASN H 209 12.24 -3.78 -5.56
C ASN H 209 13.05 -3.02 -6.60
N ASP H 210 14.07 -2.28 -6.16
CA ASP H 210 14.92 -1.55 -7.09
C ASP H 210 15.66 -2.49 -8.04
N ASN H 211 16.03 -3.66 -7.50
CA ASN H 211 16.69 -4.67 -8.36
C ASN H 211 16.35 -6.09 -7.89
N LEU H 212 15.30 -6.73 -8.45
CA LEU H 212 15.01 -8.15 -8.11
C LEU H 212 13.91 -8.69 -9.02
N CYS H 213 14.10 -9.94 -9.47
CA CYS H 213 13.01 -10.83 -9.92
C CYS H 213 11.68 -10.38 -9.32
N PRO H 214 10.60 -10.37 -10.13
CA PRO H 214 9.31 -9.89 -9.67
C PRO H 214 8.80 -10.51 -8.39
N MET H 215 7.82 -9.86 -7.80
CA MET H 215 7.22 -10.39 -6.56
C MET H 215 6.73 -11.81 -6.81
N GLN H 216 7.56 -12.81 -6.56
CA GLN H 216 7.13 -14.21 -6.62
C GLN H 216 5.61 -14.31 -6.75
N THR H 217 4.88 -13.83 -5.77
CA THR H 217 3.43 -13.95 -5.77
C THR H 217 2.78 -12.61 -6.08
N LYS H 218 1.52 -12.69 -6.52
CA LYS H 218 0.75 -11.52 -6.87
C LYS H 218 0.14 -10.92 -5.60
N LEU H 219 -0.32 -9.68 -5.71
CA LEU H 219 -1.00 -9.00 -4.59
C LEU H 219 -2.33 -9.70 -4.35
N ILE H 220 -2.56 -10.10 -3.10
CA ILE H 220 -3.80 -10.80 -2.76
C ILE H 220 -4.87 -9.77 -2.44
N ALA H 221 -5.97 -9.80 -3.21
CA ALA H 221 -7.08 -8.88 -2.98
C ALA H 221 -7.94 -9.39 -1.85
N GLY H 222 -9.12 -8.81 -1.66
CA GLY H 222 -10.01 -9.16 -0.57
C GLY H 222 -10.99 -10.24 -0.99
N SER H 223 -11.34 -11.09 -0.04
CA SER H 223 -12.38 -12.09 -0.22
C SER H 223 -13.64 -11.67 0.55
N LEU H 224 -14.73 -12.36 0.27
CA LEU H 224 -16.00 -12.08 0.95
C LEU H 224 -16.15 -12.94 2.20
N MET H 225 -15.11 -12.95 3.03
CA MET H 225 -15.16 -13.56 4.34
C MET H 225 -15.50 -12.49 5.37
N THR H 226 -15.30 -12.80 6.66
CA THR H 226 -15.47 -11.74 7.67
C THR H 226 -14.24 -11.57 8.55
N ASP H 227 -13.13 -12.24 8.26
CA ASP H 227 -11.92 -12.08 9.05
C ASP H 227 -10.69 -11.96 8.16
N THR H 228 -10.88 -12.17 6.85
CA THR H 228 -9.77 -12.12 5.93
C THR H 228 -9.17 -10.72 5.84
N ARG H 229 -7.90 -10.67 5.46
CA ARG H 229 -7.18 -9.41 5.31
C ARG H 229 -6.42 -9.43 3.99
N THR H 230 -6.26 -8.25 3.39
CA THR H 230 -5.54 -8.14 2.14
C THR H 230 -4.06 -7.89 2.39
N ILE H 231 -3.23 -8.30 1.42
CA ILE H 231 -1.79 -8.07 1.47
C ILE H 231 -1.30 -7.65 0.09
N GLN H 232 -0.15 -6.97 0.08
CA GLN H 232 0.51 -6.65 -1.18
C GLN H 232 1.35 -7.83 -1.66
N GLY H 233 1.86 -7.72 -2.88
CA GLY H 233 2.72 -8.73 -3.44
C GLY H 233 3.99 -8.93 -2.64
N ALA H 234 4.31 -10.19 -2.33
CA ALA H 234 5.47 -10.54 -1.53
C ALA H 234 6.34 -11.52 -2.31
N ARG H 235 7.61 -11.61 -1.95
CA ARG H 235 8.47 -12.56 -2.63
C ARG H 235 8.57 -13.88 -1.87
N ALA H 236 9.27 -13.85 -0.73
CA ALA H 236 9.50 -15.00 0.12
C ALA H 236 10.35 -14.58 1.31
N LEU H 237 10.28 -15.30 2.41
CA LEU H 237 11.23 -15.13 3.51
C LEU H 237 11.40 -16.48 4.21
N TYR H 238 12.57 -17.08 4.03
CA TYR H 238 12.84 -18.38 4.64
C TYR H 238 13.38 -18.17 6.05
N ILE H 239 12.72 -18.77 7.03
CA ILE H 239 12.94 -18.44 8.43
C ILE H 239 13.22 -19.73 9.20
N GLY H 240 14.04 -19.59 10.24
CA GLY H 240 14.23 -20.64 11.22
C GLY H 240 13.05 -20.68 12.18
N SER H 241 12.70 -21.88 12.63
CA SER H 241 11.55 -22.02 13.51
C SER H 241 11.75 -21.29 14.83
N GLU H 242 13.01 -21.04 15.21
CA GLU H 242 13.28 -20.33 16.46
C GLU H 242 12.72 -18.92 16.44
N LEU H 243 12.88 -18.22 15.31
CA LEU H 243 12.49 -16.83 15.21
C LEU H 243 11.00 -16.62 15.04
N GLU H 244 10.23 -17.69 14.84
CA GLU H 244 8.81 -17.57 14.58
C GLU H 244 8.10 -16.79 15.68
N LEU H 245 8.44 -17.09 16.93
CA LEU H 245 7.80 -16.42 18.07
C LEU H 245 8.02 -14.92 18.04
N GLN H 246 9.26 -14.50 17.73
CA GLN H 246 9.59 -13.09 17.68
C GLN H 246 8.75 -12.35 16.64
N LEU H 247 8.58 -12.96 15.48
CA LEU H 247 7.80 -12.32 14.42
C LEU H 247 6.32 -12.23 14.79
N ARG H 248 5.83 -13.18 15.58
CA ARG H 248 4.39 -13.22 15.86
C ARG H 248 3.95 -12.03 16.70
N LYS H 249 4.66 -11.76 17.80
CA LYS H 249 4.32 -10.64 18.67
C LYS H 249 5.11 -9.39 18.27
N MET H 250 5.12 -9.13 16.97
CA MET H 250 5.88 -8.03 16.39
C MET H 250 4.95 -6.85 16.19
N LYS H 251 5.30 -5.71 16.80
CA LYS H 251 4.46 -4.54 16.80
C LYS H 251 4.73 -3.73 15.53
N ASP H 252 3.71 -3.55 14.71
CA ASP H 252 3.84 -2.85 13.45
C ASP H 252 3.84 -1.34 13.67
N PRO H 253 4.00 -0.56 12.58
CA PRO H 253 3.67 0.86 12.66
C PRO H 253 2.26 1.08 13.16
N PHE H 254 2.04 2.21 13.85
CA PHE H 254 0.76 2.55 14.46
C PHE H 254 0.33 1.55 15.52
N ASP H 255 1.22 0.61 15.86
CA ASP H 255 1.06 -0.29 17.00
C ASP H 255 -0.21 -1.12 16.94
N ASN H 256 -0.45 -1.85 15.85
CA ASN H 256 -1.59 -2.75 15.85
C ASN H 256 -1.17 -4.21 15.73
N ALA H 257 -0.53 -4.57 14.63
CA ALA H 257 -0.08 -5.94 14.40
C ALA H 257 0.78 -5.97 13.13
N ALA H 258 1.95 -6.58 13.22
CA ALA H 258 2.81 -6.71 12.04
C ALA H 258 2.57 -8.05 11.35
N PHE H 259 2.80 -9.14 12.06
CA PHE H 259 2.59 -10.47 11.49
C PHE H 259 1.10 -10.76 11.36
N ILE H 260 0.71 -11.24 10.20
CA ILE H 260 -0.68 -11.58 9.90
C ILE H 260 -0.76 -13.10 9.74
N PRO H 261 -1.63 -13.78 10.48
CA PRO H 261 -1.74 -15.23 10.32
C PRO H 261 -2.18 -15.59 8.91
N VAL H 262 -1.68 -16.74 8.44
CA VAL H 262 -1.91 -17.16 7.07
C VAL H 262 -3.40 -17.42 6.82
N GLN H 263 -4.15 -17.75 7.87
CA GLN H 263 -5.58 -18.05 7.70
C GLN H 263 -6.35 -16.88 7.12
N GLN H 264 -5.83 -15.66 7.24
CA GLN H 264 -6.54 -14.50 6.72
C GLN H 264 -6.40 -14.35 5.21
N TYR H 265 -5.69 -15.27 4.54
CA TYR H 265 -5.59 -15.24 3.09
C TYR H 265 -6.18 -16.46 2.41
N ALA H 266 -6.37 -17.57 3.13
CA ALA H 266 -6.61 -18.86 2.51
C ALA H 266 -7.81 -18.83 1.58
N ASP H 267 -8.87 -18.10 1.96
CA ASP H 267 -10.03 -18.00 1.11
C ASP H 267 -9.73 -17.24 -0.17
N ALA H 268 -8.93 -16.17 -0.09
CA ALA H 268 -8.71 -15.29 -1.23
C ALA H 268 -7.66 -15.83 -2.20
N GLY H 269 -6.43 -15.99 -1.72
CA GLY H 269 -5.34 -16.37 -2.58
C GLY H 269 -4.81 -17.77 -2.30
N ASN H 270 -3.82 -18.17 -3.10
CA ASN H 270 -3.18 -19.47 -2.94
C ASN H 270 -2.07 -19.39 -1.91
N LEU H 271 -1.84 -20.51 -1.24
CA LEU H 271 -0.83 -20.61 -0.18
C LEU H 271 0.46 -21.20 -0.72
N LEU H 272 1.53 -20.99 0.04
CA LEU H 272 2.83 -21.59 -0.24
C LEU H 272 3.13 -22.66 0.79
N LYS H 273 3.92 -23.65 0.37
CA LYS H 273 4.24 -24.78 1.23
C LYS H 273 4.98 -24.29 2.46
N GLY H 274 4.46 -24.61 3.64
CA GLY H 274 5.08 -24.19 4.88
C GLY H 274 5.02 -22.70 5.12
N GLU H 275 3.92 -22.07 4.73
CA GLU H 275 3.73 -20.63 4.93
C GLU H 275 3.01 -20.39 6.24
N ILE H 276 3.56 -19.50 7.07
CA ILE H 276 2.90 -19.17 8.33
C ILE H 276 2.25 -17.78 8.28
N GLY H 277 2.71 -16.90 7.39
CA GLY H 277 2.09 -15.60 7.27
C GLY H 277 2.89 -14.67 6.39
N SER H 278 2.67 -13.37 6.59
CA SER H 278 3.40 -12.33 5.87
C SER H 278 3.48 -11.10 6.76
N ILE H 279 4.46 -10.23 6.50
CA ILE H 279 4.63 -9.06 7.35
C ILE H 279 4.43 -7.77 6.56
N ALA H 280 5.34 -7.46 5.65
CA ALA H 280 5.16 -6.29 4.81
C ALA H 280 5.14 -6.66 3.33
N SER H 281 6.22 -7.29 2.87
CA SER H 281 6.36 -7.74 1.50
C SER H 281 7.09 -9.08 1.42
N PHE H 282 6.98 -9.89 2.47
CA PHE H 282 7.63 -11.19 2.52
C PHE H 282 6.66 -12.19 3.11
N ARG H 283 6.34 -13.23 2.36
CA ARG H 283 5.56 -14.36 2.87
C ARG H 283 6.51 -15.26 3.64
N VAL H 284 6.51 -15.15 4.96
CA VAL H 284 7.48 -15.85 5.78
C VAL H 284 7.21 -17.35 5.76
N ILE H 285 8.27 -18.12 5.51
CA ILE H 285 8.18 -19.57 5.32
C ILE H 285 9.11 -20.24 6.33
N VAL H 286 8.56 -21.13 7.14
CA VAL H 286 9.35 -21.82 8.16
C VAL H 286 10.01 -23.04 7.54
N VAL H 287 11.34 -23.09 7.64
CA VAL H 287 12.13 -24.21 7.15
C VAL H 287 12.62 -25.00 8.36
N PRO H 288 12.32 -26.30 8.46
CA PRO H 288 12.71 -27.08 9.65
C PRO H 288 14.21 -27.03 9.93
N LYS H 289 15.02 -27.09 8.88
CA LYS H 289 16.47 -27.08 9.01
C LYS H 289 16.99 -25.77 8.42
N MET H 290 17.02 -24.72 9.24
CA MET H 290 17.58 -23.44 8.86
C MET H 290 18.91 -23.25 9.58
N LEU H 291 19.96 -22.99 8.82
CA LEU H 291 21.28 -22.82 9.40
C LEU H 291 21.39 -21.47 10.08
N LYS H 292 22.44 -21.30 10.88
CA LYS H 292 22.65 -20.07 11.62
C LYS H 292 24.12 -19.94 12.01
N TRP H 293 24.53 -18.71 12.33
CA TRP H 293 25.85 -18.44 12.89
C TRP H 293 25.76 -18.64 14.40
N ALA H 294 26.09 -19.86 14.84
CA ALA H 294 25.96 -20.24 16.24
C ALA H 294 26.85 -19.41 17.15
N GLY H 295 28.16 -19.48 16.96
CA GLY H 295 29.08 -18.81 17.86
C GLY H 295 29.65 -17.52 17.32
N ALA H 296 28.87 -16.79 16.52
CA ALA H 296 29.33 -15.57 15.87
C ALA H 296 28.72 -14.31 16.49
N GLY H 297 28.22 -14.39 17.71
CA GLY H 297 27.65 -13.23 18.38
C GLY H 297 28.70 -12.39 19.05
N ALA H 298 28.47 -12.03 20.32
CA ALA H 298 29.40 -11.18 21.05
C ALA H 298 29.34 -11.54 22.53
N THR H 299 30.38 -12.22 23.02
CA THR H 299 30.54 -12.57 24.43
C THR H 299 29.42 -13.45 24.96
N VAL H 300 29.60 -13.99 26.16
CA VAL H 300 28.54 -14.77 26.81
C VAL H 300 27.41 -13.87 27.31
N THR H 301 27.65 -12.57 27.43
CA THR H 301 26.66 -11.61 27.91
C THR H 301 26.13 -12.01 29.28
N THR H 302 25.00 -11.42 29.68
CA THR H 302 24.27 -11.84 30.86
C THR H 302 23.08 -12.72 30.52
N ASN H 303 22.89 -13.04 29.24
CA ASN H 303 21.81 -13.88 28.74
C ASN H 303 20.45 -13.38 29.22
N PRO H 304 19.93 -12.31 28.64
CA PRO H 304 18.60 -11.82 29.05
C PRO H 304 17.48 -12.63 28.41
N GLY H 305 17.80 -13.84 27.96
CA GLY H 305 16.84 -14.67 27.27
C GLY H 305 17.04 -14.72 25.77
N TYR H 306 18.28 -14.95 25.35
CA TYR H 306 18.63 -15.09 23.95
C TYR H 306 19.45 -16.35 23.76
N TYR H 307 19.57 -16.78 22.51
CA TYR H 307 20.05 -18.12 22.21
C TYR H 307 21.57 -18.24 22.16
N ALA H 308 22.27 -17.34 22.86
CA ALA H 308 23.72 -17.37 22.93
C ALA H 308 24.24 -18.79 23.15
N THR H 309 25.05 -19.26 22.20
CA THR H 309 25.60 -20.61 22.23
C THR H 309 27.11 -20.53 22.44
N SER H 310 27.59 -21.16 23.51
CA SER H 310 29.00 -21.08 23.89
C SER H 310 29.48 -19.65 23.85
N GLY H 311 28.88 -18.79 24.67
CA GLY H 311 29.07 -17.36 24.50
C GLY H 311 28.29 -16.87 23.30
N LYS H 312 28.82 -15.84 22.66
CA LYS H 312 28.25 -15.29 21.41
C LYS H 312 26.79 -14.92 21.64
N TYR H 313 26.01 -14.82 20.56
CA TYR H 313 24.60 -14.49 20.67
C TYR H 313 23.74 -15.27 19.69
N ASP H 314 24.35 -16.17 18.93
CA ASP H 314 23.62 -17.03 17.98
C ASP H 314 22.85 -16.22 16.95
N VAL H 315 23.57 -15.55 16.05
CA VAL H 315 22.96 -14.82 14.94
C VAL H 315 22.13 -15.77 14.09
N PHE H 316 20.92 -15.32 13.71
CA PHE H 316 20.01 -16.05 12.83
C PHE H 316 19.78 -15.29 11.52
N PRO H 317 19.64 -16.01 10.40
CA PRO H 317 19.43 -15.34 9.11
C PRO H 317 17.98 -15.22 8.68
N MET H 318 17.76 -14.50 7.58
CA MET H 318 16.46 -14.48 6.89
C MET H 318 16.74 -14.24 5.41
N LEU H 319 16.36 -15.20 4.57
CA LEU H 319 16.79 -15.22 3.17
C LEU H 319 15.60 -15.00 2.25
N CYS H 320 15.84 -14.28 1.15
CA CYS H 320 14.88 -14.07 0.07
C CYS H 320 15.64 -14.26 -1.24
N VAL H 321 15.45 -15.42 -1.87
CA VAL H 321 16.27 -15.85 -2.99
C VAL H 321 16.01 -15.03 -4.26
N GLY H 322 14.74 -14.82 -4.59
CA GLY H 322 14.42 -14.29 -5.90
C GLY H 322 14.23 -15.40 -6.90
N SER H 323 14.24 -15.08 -8.20
CA SER H 323 14.02 -16.13 -9.19
C SER H 323 15.25 -16.39 -10.06
N GLY H 324 15.75 -15.37 -10.75
CA GLY H 324 16.88 -15.54 -11.63
C GLY H 324 18.20 -15.14 -10.99
N SER H 325 18.44 -15.58 -9.76
CA SER H 325 19.61 -15.15 -9.02
C SER H 325 20.70 -16.19 -8.91
N PHE H 326 20.35 -17.48 -8.89
CA PHE H 326 21.35 -18.52 -8.74
C PHE H 326 20.98 -19.71 -9.62
N THR H 327 21.99 -20.48 -9.98
CA THR H 327 21.79 -21.69 -10.77
C THR H 327 22.72 -22.79 -10.25
N THR H 328 22.26 -24.02 -10.32
CA THR H 328 23.07 -25.16 -9.90
C THR H 328 23.65 -25.84 -11.12
N ILE H 329 24.97 -25.87 -11.23
CA ILE H 329 25.65 -26.50 -12.35
C ILE H 329 25.77 -28.00 -12.07
N GLY H 330 25.02 -28.80 -12.83
CA GLY H 330 24.99 -30.23 -12.62
C GLY H 330 25.81 -31.00 -13.63
N PHE H 331 26.70 -31.86 -13.15
CA PHE H 331 27.60 -32.60 -14.02
C PHE H 331 27.05 -34.00 -14.27
N GLN H 332 26.81 -34.31 -15.55
CA GLN H 332 26.29 -35.62 -15.95
C GLN H 332 24.99 -35.96 -15.24
N THR H 333 24.22 -34.94 -14.90
CA THR H 333 22.89 -35.14 -14.32
C THR H 333 21.84 -35.16 -15.42
N ASP H 334 20.77 -35.91 -15.18
CA ASP H 334 19.69 -35.98 -16.15
C ASP H 334 18.91 -34.67 -16.23
N GLY H 335 19.15 -33.77 -15.29
CA GLY H 335 18.41 -32.52 -15.24
C GLY H 335 18.08 -32.11 -13.83
N LYS H 336 18.47 -32.94 -12.86
CA LYS H 336 18.27 -32.63 -11.46
C LYS H 336 19.48 -31.86 -10.92
N THR H 337 19.30 -31.27 -9.75
CA THR H 337 20.39 -30.51 -9.14
C THR H 337 21.52 -31.42 -8.69
N VAL H 338 21.25 -32.71 -8.58
CA VAL H 338 22.26 -33.68 -8.14
C VAL H 338 21.78 -35.08 -8.49
N LYS H 339 22.69 -35.93 -8.94
CA LYS H 339 22.45 -37.35 -9.08
C LYS H 339 23.49 -38.11 -8.27
N PHE H 340 23.04 -38.83 -7.25
CA PHE H 340 23.94 -39.67 -6.48
C PHE H 340 24.27 -40.94 -7.24
N THR H 341 25.43 -41.52 -6.92
CA THR H 341 25.85 -42.80 -7.47
C THR H 341 26.11 -43.74 -6.29
N THR H 342 25.31 -44.80 -6.19
CA THR H 342 25.38 -45.72 -5.07
C THR H 342 25.91 -47.06 -5.54
N TYR H 343 26.94 -47.56 -4.83
CA TYR H 343 27.46 -48.90 -5.03
C TYR H 343 27.36 -49.67 -3.73
N THR H 344 27.26 -50.99 -3.85
CA THR H 344 27.15 -51.86 -2.68
C THR H 344 27.87 -53.16 -2.97
N LYS H 345 28.88 -53.46 -2.17
CA LYS H 345 29.62 -54.72 -2.25
C LYS H 345 29.19 -55.55 -1.04
N LYS H 346 28.13 -56.34 -1.22
CA LYS H 346 27.60 -57.13 -0.13
C LYS H 346 28.62 -58.17 0.31
N PRO H 347 28.71 -58.49 1.60
CA PRO H 347 29.68 -59.48 2.06
C PRO H 347 29.40 -60.85 1.46
N GLY H 348 30.46 -61.61 1.26
CA GLY H 348 30.34 -62.93 0.67
C GLY H 348 31.46 -63.21 -0.32
N ILE H 349 31.12 -63.90 -1.42
CA ILE H 349 32.13 -64.19 -2.43
C ILE H 349 32.59 -62.92 -3.13
N GLU H 350 31.69 -61.95 -3.34
CA GLU H 350 32.03 -60.77 -4.10
C GLU H 350 33.10 -59.93 -3.43
N THR H 351 33.18 -59.98 -2.10
CA THR H 351 34.19 -59.24 -1.35
C THR H 351 35.36 -60.12 -0.95
N VAL H 352 35.68 -61.13 -1.75
CA VAL H 352 36.80 -62.03 -1.48
C VAL H 352 38.04 -61.48 -2.15
N SER H 353 39.11 -61.29 -1.39
CA SER H 353 40.35 -60.76 -1.91
C SER H 353 41.46 -61.12 -0.93
N TYR H 354 42.69 -60.71 -1.27
CA TYR H 354 43.82 -60.97 -0.39
C TYR H 354 43.67 -60.26 0.95
N ALA H 355 42.99 -59.11 0.96
CA ALA H 355 42.77 -58.39 2.20
C ALA H 355 41.87 -59.18 3.15
N ASP H 356 40.78 -59.73 2.63
CA ASP H 356 39.85 -60.54 3.41
C ASP H 356 39.57 -61.82 2.63
N PRO H 357 40.48 -62.81 2.71
CA PRO H 357 40.23 -64.07 2.00
C PRO H 357 38.95 -64.75 2.45
N TYR H 358 38.58 -64.60 3.71
CA TYR H 358 37.35 -65.20 4.20
C TYR H 358 36.13 -64.42 3.73
N GLY H 359 36.32 -63.19 3.27
CA GLY H 359 35.24 -62.42 2.69
C GLY H 359 34.13 -62.08 3.66
N GLU H 360 34.42 -61.26 4.66
CA GLU H 360 33.44 -60.92 5.68
C GLU H 360 33.04 -59.45 5.69
N MET H 361 33.77 -58.57 5.02
CA MET H 361 33.47 -57.16 5.05
C MET H 361 32.37 -56.79 4.07
N GLY H 362 31.71 -55.67 4.35
CA GLY H 362 30.71 -55.13 3.45
C GLY H 362 30.98 -53.67 3.18
N LEU H 363 30.38 -53.17 2.11
CA LEU H 363 30.67 -51.81 1.67
C LEU H 363 29.46 -51.21 0.97
N THR H 364 29.32 -49.90 1.11
CA THR H 364 28.30 -49.13 0.41
C THR H 364 28.73 -47.68 0.39
N SER H 365 28.78 -47.09 -0.80
CA SER H 365 29.26 -45.73 -0.97
C SER H 365 28.30 -44.93 -1.83
N ILE H 366 28.22 -43.62 -1.54
CA ILE H 366 27.40 -42.68 -2.30
C ILE H 366 28.30 -41.55 -2.75
N LYS H 367 28.27 -41.23 -4.04
CA LYS H 367 29.08 -40.16 -4.62
C LYS H 367 28.22 -39.28 -5.52
N TRP H 368 28.53 -37.99 -5.52
CA TRP H 368 27.79 -37.04 -6.35
C TRP H 368 28.63 -35.79 -6.56
N TYR H 369 28.24 -35.00 -7.55
CA TYR H 369 28.90 -33.74 -7.88
C TYR H 369 27.95 -32.59 -7.60
N TYR H 370 28.46 -31.53 -6.99
CA TYR H 370 27.66 -30.35 -6.68
C TYR H 370 28.37 -29.09 -7.11
N GLY H 371 27.58 -28.11 -7.55
CA GLY H 371 28.09 -26.80 -7.90
C GLY H 371 26.96 -25.80 -7.96
N SER H 372 27.32 -24.52 -7.83
CA SER H 372 26.33 -23.46 -7.84
C SER H 372 26.99 -22.17 -8.28
N LEU H 373 26.18 -21.28 -8.87
CA LEU H 373 26.65 -19.98 -9.34
C LEU H 373 25.57 -18.95 -9.07
N ILE H 374 25.92 -17.89 -8.33
CA ILE H 374 24.99 -16.82 -8.03
C ILE H 374 25.04 -15.80 -9.16
N LEU H 375 24.08 -15.88 -10.09
CA LEU H 375 24.08 -15.00 -11.25
C LEU H 375 23.90 -13.54 -10.83
N ARG H 376 22.96 -13.29 -9.93
CA ARG H 376 22.61 -11.94 -9.49
C ARG H 376 22.63 -11.89 -7.98
N PRO H 377 23.80 -11.69 -7.37
CA PRO H 377 23.85 -11.61 -5.90
C PRO H 377 23.02 -10.48 -5.33
N GLU H 378 22.80 -9.40 -6.10
CA GLU H 378 21.95 -8.32 -5.65
C GLU H 378 20.51 -8.74 -5.40
N TRP H 379 20.07 -9.86 -5.97
CA TRP H 379 18.73 -10.35 -5.75
C TRP H 379 18.65 -11.17 -4.46
N ILE H 380 19.71 -11.92 -4.14
CA ILE H 380 19.77 -12.61 -2.86
C ILE H 380 19.87 -11.58 -1.75
N ALA H 381 18.96 -11.68 -0.78
CA ALA H 381 18.93 -10.75 0.35
C ALA H 381 18.92 -11.55 1.65
N LEU H 382 19.57 -10.99 2.66
CA LEU H 382 19.71 -11.68 3.92
C LEU H 382 19.66 -10.67 5.06
N PHE H 383 18.90 -10.99 6.10
CA PHE H 383 18.80 -10.18 7.30
C PHE H 383 19.23 -11.01 8.50
N LYS H 384 20.00 -10.40 9.40
CA LYS H 384 20.50 -11.08 10.58
C LYS H 384 19.77 -10.55 11.82
N THR H 385 19.61 -11.43 12.80
CA THR H 385 18.90 -11.07 14.03
C THR H 385 19.22 -12.08 15.12
N VAL H 386 18.85 -11.71 16.34
CA VAL H 386 19.00 -12.56 17.52
C VAL H 386 17.62 -13.06 17.94
N ALA H 387 17.56 -14.29 18.41
CA ALA H 387 16.31 -14.93 18.78
C ALA H 387 16.13 -14.91 20.29
N ALA H 388 14.95 -15.33 20.74
CA ALA H 388 14.64 -15.39 22.16
C ALA H 388 15.43 -16.50 22.83
N SER I 11 73.66 -95.89 -21.36
CA SER I 11 73.09 -95.14 -22.47
C SER I 11 72.44 -96.07 -23.49
N SER I 12 72.07 -95.50 -24.64
CA SER I 12 71.39 -96.26 -25.69
C SER I 12 71.73 -95.71 -27.07
N ILE I 13 70.93 -96.07 -28.07
CA ILE I 13 71.16 -95.57 -29.43
C ILE I 13 71.12 -94.04 -29.46
N GLY I 14 70.12 -93.45 -28.82
CA GLY I 14 70.01 -92.01 -28.76
C GLY I 14 69.41 -91.55 -27.45
N PRO I 15 69.66 -90.28 -27.09
CA PRO I 15 69.09 -89.74 -25.86
C PRO I 15 67.57 -89.77 -25.89
N GLN I 16 66.99 -90.44 -24.90
CA GLN I 16 65.54 -90.50 -24.75
C GLN I 16 65.12 -89.46 -23.73
N ILE I 17 64.04 -88.74 -24.03
CA ILE I 17 63.63 -87.60 -23.22
C ILE I 17 62.93 -88.07 -21.95
N ARG I 18 61.81 -88.78 -22.10
CA ARG I 18 61.03 -89.22 -20.96
C ARG I 18 61.55 -90.57 -20.48
N LEU I 19 62.04 -90.62 -19.23
CA LEU I 19 62.61 -91.82 -18.66
C LEU I 19 61.84 -92.32 -17.45
N ASP I 20 60.64 -91.79 -17.21
CA ASP I 20 59.86 -92.19 -16.05
C ASP I 20 58.39 -91.96 -16.34
N TYR I 21 57.59 -93.02 -16.23
CA TYR I 21 56.14 -92.92 -16.43
C TYR I 21 55.51 -92.31 -15.19
N TYR I 22 54.82 -91.20 -15.37
CA TYR I 22 54.15 -90.50 -14.28
C TYR I 22 52.75 -91.08 -14.12
N TYR I 23 52.51 -91.77 -13.01
CA TYR I 23 51.20 -92.35 -12.73
C TYR I 23 50.25 -91.22 -12.32
N LYS I 24 49.21 -91.00 -13.11
CA LYS I 24 48.30 -89.88 -12.87
C LYS I 24 47.57 -90.04 -11.53
N LYS I 25 47.10 -91.25 -11.23
CA LYS I 25 46.38 -91.48 -9.98
C LYS I 25 47.33 -91.38 -8.80
N ALA I 26 47.06 -90.42 -7.92
CA ALA I 26 47.93 -90.14 -6.79
C ALA I 26 47.51 -90.95 -5.56
N LEU I 27 48.39 -90.97 -4.57
CA LEU I 27 48.16 -91.67 -3.30
C LEU I 27 47.82 -90.61 -2.25
N VAL I 28 46.54 -90.39 -2.03
CA VAL I 28 46.07 -89.47 -1.01
C VAL I 28 45.68 -90.27 0.22
N ASP I 29 45.89 -89.68 1.39
CA ASP I 29 45.54 -90.34 2.64
C ASP I 29 44.02 -90.41 2.78
N ALA I 30 43.57 -91.33 3.62
CA ALA I 30 42.15 -91.52 3.86
C ALA I 30 41.65 -90.42 4.81
N ALA I 31 40.39 -90.53 5.23
CA ALA I 31 39.79 -89.56 6.15
C ALA I 31 39.71 -90.21 7.52
N LYS I 32 40.25 -89.54 8.53
CA LYS I 32 40.19 -90.04 9.89
C LYS I 32 38.75 -90.25 10.31
N GLU I 33 38.47 -91.40 10.92
CA GLU I 33 37.11 -91.75 11.29
C GLU I 33 36.52 -90.74 12.26
N MET I 34 35.30 -90.30 11.98
CA MET I 34 34.62 -89.30 12.79
C MET I 34 34.12 -89.93 14.09
N TYR I 35 35.07 -90.33 14.93
CA TYR I 35 34.74 -91.06 16.15
C TYR I 35 33.86 -90.23 17.08
N PHE I 36 34.39 -89.12 17.57
CA PHE I 36 33.67 -88.32 18.55
C PHE I 36 32.47 -87.62 17.91
N GLY I 37 32.60 -87.19 16.65
CA GLY I 37 31.53 -86.51 15.97
C GLY I 37 30.45 -87.44 15.47
N GLN I 38 29.95 -88.33 16.35
CA GLN I 38 28.90 -89.26 15.97
C GLN I 38 27.64 -89.00 16.79
N LEU I 39 27.34 -87.73 17.05
CA LEU I 39 26.18 -87.39 17.87
C LEU I 39 25.30 -86.36 17.15
N ALA I 40 24.33 -85.81 17.87
CA ALA I 40 23.31 -84.96 17.29
C ALA I 40 23.90 -83.65 16.78
N GLU I 41 23.18 -83.03 15.85
CA GLU I 41 23.59 -81.78 15.22
C GLU I 41 22.42 -80.80 15.30
N VAL I 42 22.39 -80.00 16.36
CA VAL I 42 21.36 -78.97 16.50
C VAL I 42 21.83 -77.70 15.82
N THR I 43 20.92 -77.02 15.14
CA THR I 43 21.28 -75.82 14.39
C THR I 43 20.92 -74.57 15.17
N ASN I 44 21.66 -73.49 14.92
CA ASN I 44 21.39 -72.19 15.52
C ASN I 44 20.73 -71.30 14.48
N MET I 45 19.64 -70.65 14.84
CA MET I 45 18.90 -69.83 13.88
C MET I 45 19.79 -68.71 13.36
N PRO I 46 19.99 -68.62 12.02
CA PRO I 46 20.80 -67.53 11.45
C PRO I 46 20.37 -66.15 11.91
N LYS I 47 19.09 -65.82 11.70
CA LYS I 47 18.55 -64.54 12.12
C LYS I 47 18.63 -64.38 13.63
N ASN I 48 19.05 -63.20 14.07
CA ASN I 48 19.16 -62.87 15.49
C ASN I 48 19.94 -63.95 16.24
N MET I 49 19.58 -64.18 17.50
CA MET I 49 20.19 -65.23 18.31
C MET I 49 21.70 -65.17 18.22
N GLY I 50 22.30 -64.09 18.73
CA GLY I 50 23.68 -63.76 18.42
C GLY I 50 24.70 -64.86 18.54
N LYS I 51 25.03 -65.30 19.75
CA LYS I 51 25.99 -66.39 19.91
C LYS I 51 25.57 -67.36 21.00
N GLN I 52 24.46 -67.08 21.68
CA GLN I 52 24.06 -67.84 22.84
C GLN I 52 22.87 -68.74 22.50
N ILE I 53 22.97 -70.01 22.84
CA ILE I 53 21.88 -70.97 22.67
C ILE I 53 21.48 -71.45 24.06
N LYS I 54 20.20 -71.33 24.39
CA LYS I 54 19.68 -71.68 25.70
C LYS I 54 18.50 -72.63 25.55
N LEU I 55 18.55 -73.73 26.30
CA LEU I 55 17.50 -74.75 26.23
C LEU I 55 16.93 -75.03 27.61
N TYR I 56 16.08 -76.05 27.70
CA TYR I 56 15.49 -76.45 28.97
C TYR I 56 15.59 -77.96 29.12
N HIS I 57 16.14 -78.41 30.24
CA HIS I 57 16.27 -79.83 30.55
C HIS I 57 15.37 -80.12 31.74
N TYR I 58 14.16 -80.59 31.46
CA TYR I 58 13.22 -80.91 32.52
C TYR I 58 13.71 -82.10 33.33
N VAL I 59 13.69 -81.98 34.65
CA VAL I 59 14.22 -83.00 35.55
C VAL I 59 13.10 -84.00 35.84
N PRO I 60 13.41 -85.28 35.99
CA PRO I 60 12.38 -86.25 36.38
C PRO I 60 11.75 -85.89 37.71
N LEU I 61 10.47 -86.22 37.86
CA LEU I 61 9.73 -85.88 39.07
C LEU I 61 10.34 -86.50 40.32
N LEU I 62 10.72 -87.78 40.23
CA LEU I 62 11.22 -88.52 41.38
C LEU I 62 12.68 -88.20 41.68
N ASP I 63 13.38 -87.50 40.80
CA ASP I 63 14.76 -87.12 41.05
C ASP I 63 14.85 -86.12 42.19
N ASP I 64 15.98 -86.16 42.89
CA ASP I 64 16.19 -85.28 44.04
C ASP I 64 16.55 -83.85 43.63
N ARG I 65 16.49 -83.53 42.34
CA ARG I 65 16.71 -82.18 41.86
C ARG I 65 15.43 -81.40 41.68
N ASN I 66 14.28 -82.00 42.00
CA ASN I 66 12.98 -81.32 41.90
C ASN I 66 12.70 -80.51 43.17
N VAL I 67 13.60 -79.57 43.45
CA VAL I 67 13.50 -78.73 44.65
C VAL I 67 12.44 -77.67 44.37
N ASN I 68 11.24 -77.87 44.91
CA ASN I 68 10.14 -76.92 44.76
C ASN I 68 9.39 -76.83 46.09
N ASP I 69 8.68 -75.71 46.25
CA ASP I 69 7.90 -75.49 47.46
C ASP I 69 6.47 -76.00 47.36
N GLN I 70 5.98 -76.29 46.15
CA GLN I 70 4.61 -76.74 45.96
C GLN I 70 4.53 -78.22 46.35
N GLY I 71 4.45 -78.46 47.65
CA GLY I 71 4.32 -79.81 48.16
C GLY I 71 3.40 -79.90 49.36
N ILE I 72 2.36 -80.72 49.26
CA ILE I 72 1.40 -80.92 50.32
C ILE I 72 1.19 -82.42 50.52
N ASP I 73 1.18 -82.86 51.76
CA ASP I 73 1.12 -84.29 52.05
C ASP I 73 -0.34 -84.77 52.12
N ALA I 74 -0.49 -86.04 52.51
CA ALA I 74 -1.81 -86.62 52.67
C ALA I 74 -2.59 -85.92 53.79
N ALA I 75 -1.92 -85.62 54.89
CA ALA I 75 -2.58 -84.93 56.00
C ALA I 75 -3.03 -83.53 55.59
N GLY I 76 -2.19 -82.84 54.84
CA GLY I 76 -2.49 -81.48 54.42
C GLY I 76 -1.36 -80.52 54.71
N ALA I 77 -0.39 -80.97 55.50
CA ALA I 77 0.75 -80.14 55.83
C ALA I 77 1.64 -79.95 54.60
N THR I 78 2.26 -78.77 54.52
CA THR I 78 3.18 -78.48 53.42
C THR I 78 4.60 -78.94 53.76
N ILE I 79 5.13 -79.87 52.97
CA ILE I 79 6.48 -80.38 53.19
C ILE I 79 7.47 -79.43 52.52
N ALA I 80 8.69 -79.38 53.06
CA ALA I 80 9.75 -78.64 52.39
C ALA I 80 10.21 -79.38 51.13
N ASN I 81 10.08 -80.71 51.13
CA ASN I 81 10.53 -81.55 50.03
C ASN I 81 9.88 -81.15 48.71
N GLY I 82 8.57 -81.30 48.61
CA GLY I 82 7.83 -80.91 47.42
C GLY I 82 8.01 -81.81 46.22
N ASN I 83 9.04 -82.65 46.20
CA ASN I 83 9.29 -83.58 45.11
C ASN I 83 8.65 -84.93 45.36
N LEU I 84 7.68 -84.98 46.27
CA LEU I 84 7.11 -86.24 46.74
C LEU I 84 8.27 -87.09 47.23
N TYR I 85 8.45 -88.29 46.68
CA TYR I 85 9.64 -89.08 46.98
C TYR I 85 10.89 -88.40 46.42
N GLY I 86 11.95 -88.40 47.22
CA GLY I 86 13.26 -88.03 46.71
C GLY I 86 13.89 -89.19 45.96
N SER I 87 15.16 -89.01 45.58
CA SER I 87 15.87 -90.14 44.93
C SER I 87 16.10 -91.22 45.99
N SER I 88 15.70 -90.94 47.24
CA SER I 88 15.89 -91.92 48.34
C SER I 88 15.48 -93.32 47.88
N LYS I 89 16.39 -94.28 47.99
CA LYS I 89 16.09 -95.67 47.59
C LYS I 89 16.03 -96.54 48.85
N ASP I 90 15.62 -95.97 49.98
CA ASP I 90 15.60 -96.74 51.25
C ASP I 90 14.23 -97.40 51.45
N ILE I 91 14.23 -98.71 51.72
CA ILE I 91 12.95 -99.40 51.85
C ILE I 91 12.22 -98.96 53.11
N GLY I 92 12.93 -98.43 54.10
CA GLY I 92 12.29 -97.96 55.31
C GLY I 92 11.59 -96.63 55.18
N THR I 93 11.68 -95.98 54.02
CA THR I 93 11.06 -94.70 53.77
C THR I 93 10.01 -94.73 52.68
N ILE I 94 9.89 -95.84 51.96
CA ILE I 94 8.96 -95.94 50.84
C ILE I 94 7.53 -95.78 51.33
N PRO I 95 7.02 -96.63 52.27
CA PRO I 95 5.59 -96.56 52.60
C PRO I 95 5.14 -95.19 53.12
N SER I 96 6.01 -94.54 53.91
CA SER I 96 5.62 -93.28 54.53
C SER I 96 5.41 -92.19 53.49
N LYS I 97 6.25 -92.16 52.46
CA LYS I 97 6.22 -91.10 51.46
C LYS I 97 5.44 -91.48 50.20
N LEU I 98 4.63 -92.53 50.27
CA LEU I 98 3.83 -92.70 49.06
C LEU I 98 2.57 -91.83 49.13
N PRO I 99 2.06 -91.37 47.99
CA PRO I 99 0.83 -90.59 48.00
C PRO I 99 -0.40 -91.45 48.23
N ALA I 100 -0.60 -91.88 49.48
CA ALA I 100 -1.75 -92.72 49.80
C ALA I 100 -3.03 -91.91 49.79
N LEU I 101 -3.73 -91.89 48.67
CA LEU I 101 -4.99 -91.15 48.57
C LEU I 101 -6.10 -91.93 49.26
N THR I 102 -6.74 -91.30 50.23
CA THR I 102 -7.84 -91.92 50.94
C THR I 102 -9.10 -91.90 50.07
N GLU I 103 -10.17 -92.52 50.59
CA GLU I 103 -11.43 -92.55 49.87
C GLU I 103 -12.10 -91.18 49.82
N ASN I 104 -11.67 -90.25 50.66
CA ASN I 104 -12.23 -88.90 50.62
C ASN I 104 -11.63 -88.09 49.48
N GLY I 105 -10.30 -87.96 49.45
CA GLY I 105 -9.63 -87.28 48.37
C GLY I 105 -9.77 -85.78 48.36
N GLY I 106 -9.22 -85.12 49.37
CA GLY I 106 -9.22 -83.66 49.41
C GLY I 106 -7.95 -83.07 48.83
N ARG I 107 -7.58 -81.87 49.27
CA ARG I 107 -6.35 -81.22 48.82
C ARG I 107 -5.18 -81.91 49.52
N VAL I 108 -4.77 -83.05 48.96
CA VAL I 108 -3.69 -83.84 49.53
C VAL I 108 -2.81 -84.38 48.41
N ASN I 109 -1.55 -84.65 48.76
CA ASN I 109 -0.56 -85.21 47.84
C ASN I 109 -0.38 -84.32 46.61
N ARG I 110 0.09 -83.11 46.86
CA ARG I 110 0.39 -82.17 45.79
C ARG I 110 1.90 -82.09 45.57
N VAL I 111 2.30 -81.98 44.30
CA VAL I 111 3.70 -82.04 43.91
C VAL I 111 4.03 -80.86 43.01
N GLY I 112 5.32 -80.59 42.84
CA GLY I 112 5.77 -79.52 41.99
C GLY I 112 6.77 -80.03 40.96
N PHE I 113 7.11 -79.14 40.02
CA PHE I 113 8.00 -79.47 38.92
C PHE I 113 9.03 -78.37 38.75
N THR I 114 10.19 -78.72 38.21
CA THR I 114 11.28 -77.78 37.99
C THR I 114 11.94 -78.04 36.65
N ARG I 115 12.62 -77.00 36.15
CA ARG I 115 13.33 -77.04 34.89
C ARG I 115 14.67 -76.33 35.07
N ILE I 116 15.62 -76.64 34.20
CA ILE I 116 16.96 -76.06 34.29
C ILE I 116 17.36 -75.51 32.93
N GLN I 117 18.27 -74.53 32.95
CA GLN I 117 18.71 -73.84 31.75
C GLN I 117 20.12 -74.29 31.38
N LEU I 118 20.31 -74.66 30.11
CA LEU I 118 21.60 -75.04 29.58
C LEU I 118 22.01 -74.00 28.54
N ILE I 119 23.24 -73.50 28.65
CA ILE I 119 23.72 -72.38 27.84
C ILE I 119 24.95 -72.81 27.06
N GLY I 120 25.03 -72.35 25.81
CA GLY I 120 26.17 -72.61 24.98
C GLY I 120 26.59 -71.38 24.21
N SER I 121 27.81 -71.43 23.66
CA SER I 121 28.38 -70.32 22.92
C SER I 121 28.93 -70.81 21.59
N ILE I 122 29.21 -69.86 20.71
CA ILE I 122 29.73 -70.14 19.36
C ILE I 122 31.00 -69.33 19.17
N LYS I 123 32.02 -69.96 18.58
CA LYS I 123 33.26 -69.29 18.20
C LYS I 123 33.53 -69.54 16.73
N LYS I 124 34.27 -68.61 16.12
CA LYS I 124 34.56 -68.66 14.69
C LYS I 124 35.98 -69.12 14.45
N PHE I 125 36.16 -69.94 13.42
CA PHE I 125 37.48 -70.45 13.04
C PHE I 125 37.55 -70.54 11.53
N GLY I 126 38.74 -70.28 10.98
CA GLY I 126 38.92 -70.30 9.54
C GLY I 126 40.34 -70.59 9.15
N PHE I 127 40.51 -71.09 7.93
CA PHE I 127 41.81 -71.35 7.34
C PHE I 127 41.77 -70.96 5.87
N PHE I 128 42.95 -70.75 5.28
CA PHE I 128 43.03 -70.25 3.92
C PHE I 128 44.37 -70.61 3.32
N TYR I 129 44.45 -70.50 1.99
CA TYR I 129 45.70 -70.65 1.27
C TYR I 129 45.58 -69.94 -0.07
N GLU I 130 46.74 -69.64 -0.67
CA GLU I 130 46.81 -68.92 -1.92
C GLU I 130 47.72 -69.66 -2.90
N TRP I 131 47.50 -69.41 -4.19
CA TRP I 131 48.33 -69.99 -5.22
C TRP I 131 48.35 -69.07 -6.43
N THR I 132 49.42 -69.15 -7.20
CA THR I 132 49.56 -68.40 -8.43
C THR I 132 49.17 -69.27 -9.62
N GLN I 133 48.80 -68.62 -10.72
CA GLN I 133 48.36 -69.35 -11.91
C GLN I 133 49.48 -70.23 -12.45
N GLU I 134 50.72 -69.72 -12.43
CA GLU I 134 51.84 -70.51 -12.92
C GLU I 134 52.06 -71.76 -12.08
N ALA I 135 51.60 -71.75 -10.83
CA ALA I 135 51.73 -72.93 -9.98
C ALA I 135 50.82 -74.07 -10.42
N MET I 136 49.84 -73.81 -11.27
CA MET I 136 48.94 -74.84 -11.77
C MET I 136 49.14 -75.15 -13.24
N ASP I 137 49.49 -74.15 -14.05
CA ASP I 137 49.65 -74.37 -15.48
C ASP I 137 50.86 -75.26 -15.78
N PHE I 138 52.00 -74.93 -15.17
CA PHE I 138 53.24 -75.66 -15.40
C PHE I 138 53.51 -76.69 -14.31
N ASP I 139 52.51 -77.07 -13.53
CA ASP I 139 52.66 -78.12 -12.53
C ASP I 139 52.55 -79.48 -13.20
N THR I 140 53.30 -80.45 -12.67
CA THR I 140 53.29 -81.79 -13.25
C THR I 140 51.90 -82.40 -13.18
N ASP I 141 51.23 -82.26 -12.04
CA ASP I 141 49.89 -82.81 -11.89
C ASP I 141 48.86 -81.89 -12.53
N GLU I 142 47.85 -82.47 -13.16
CA GLU I 142 46.76 -81.73 -13.76
C GLU I 142 45.56 -81.62 -12.84
N GLU I 143 45.52 -82.37 -11.75
CA GLU I 143 44.42 -82.33 -10.79
C GLU I 143 44.86 -81.79 -9.44
N LEU I 144 45.85 -80.89 -9.42
CA LEU I 144 46.35 -80.34 -8.17
C LEU I 144 45.26 -79.58 -7.42
N ASP I 145 44.44 -78.81 -8.14
CA ASP I 145 43.40 -78.01 -7.54
C ASP I 145 42.41 -78.88 -6.76
N SER I 146 41.98 -79.99 -7.34
CA SER I 146 41.05 -80.89 -6.66
C SER I 146 41.67 -81.47 -5.39
N HIS I 147 42.92 -81.91 -5.50
CA HIS I 147 43.59 -82.52 -4.35
C HIS I 147 43.72 -81.53 -3.19
N LEU I 148 44.10 -80.29 -3.50
CA LEU I 148 44.28 -79.29 -2.45
C LEU I 148 42.95 -78.98 -1.79
N ILE I 149 41.87 -78.92 -2.56
CA ILE I 149 40.54 -78.71 -1.98
C ILE I 149 40.15 -79.89 -1.11
N GLN I 150 40.42 -81.10 -1.59
CA GLN I 150 40.05 -82.30 -0.85
C GLN I 150 40.76 -82.35 0.50
N GLU I 151 42.08 -82.14 0.50
CA GLU I 151 42.83 -82.22 1.75
C GLU I 151 42.41 -81.11 2.71
N ALA I 152 42.07 -79.93 2.18
CA ALA I 152 41.62 -78.84 3.03
C ALA I 152 40.32 -79.21 3.73
N VAL I 153 39.40 -79.85 3.00
CA VAL I 153 38.14 -80.29 3.61
C VAL I 153 38.41 -81.35 4.67
N LYS I 154 39.29 -82.30 4.34
CA LYS I 154 39.60 -83.36 5.29
C LYS I 154 40.22 -82.79 6.56
N GLY I 155 41.14 -81.83 6.41
CA GLY I 155 41.69 -81.16 7.57
C GLY I 155 40.63 -80.40 8.35
N ALA I 156 39.67 -79.80 7.64
CA ALA I 156 38.58 -79.09 8.31
C ALA I 156 37.78 -80.05 9.19
N ASN I 157 37.48 -81.24 8.68
CA ASN I 157 36.86 -82.26 9.51
C ASN I 157 37.80 -82.70 10.61
N GLU I 158 39.08 -82.84 10.29
CA GLU I 158 40.07 -83.22 11.30
C GLU I 158 40.13 -82.19 12.42
N ILE I 159 40.23 -80.91 12.04
CA ILE I 159 40.30 -79.86 13.06
C ILE I 159 38.94 -79.68 13.73
N THR I 160 37.88 -80.20 13.13
CA THR I 160 36.57 -80.16 13.78
C THR I 160 36.53 -81.08 14.99
N GLU I 161 37.09 -82.29 14.84
CA GLU I 161 36.99 -83.29 15.91
C GLU I 161 37.77 -82.89 17.16
N ASP I 162 39.02 -82.48 17.00
CA ASP I 162 39.85 -82.20 18.17
C ASP I 162 39.30 -81.00 18.95
N GLN I 163 38.64 -80.07 18.25
CA GLN I 163 37.90 -79.02 18.96
C GLN I 163 36.83 -79.64 19.83
N LEU I 164 36.06 -80.58 19.27
CA LEU I 164 35.06 -81.30 20.06
C LEU I 164 35.72 -82.12 21.15
N GLN I 165 36.86 -82.73 20.84
CA GLN I 165 37.57 -83.56 21.81
C GLN I 165 38.04 -82.72 23.01
N ILE I 166 38.60 -81.55 22.74
CA ILE I 166 39.13 -80.72 23.82
C ILE I 166 38.01 -80.34 24.79
N ASP I 167 36.86 -79.93 24.26
CA ASP I 167 35.73 -79.61 25.12
C ASP I 167 35.24 -80.84 25.86
N LEU I 168 35.19 -81.99 25.18
CA LEU I 168 34.68 -83.21 25.81
C LEU I 168 35.54 -83.62 27.00
N LEU I 169 36.87 -83.61 26.83
CA LEU I 169 37.75 -83.92 27.94
C LEU I 169 37.65 -82.86 29.03
N ASN I 170 37.56 -81.59 28.64
CA ASN I 170 37.40 -80.53 29.63
C ASN I 170 36.07 -80.65 30.36
N GLY I 171 34.99 -80.96 29.65
CA GLY I 171 33.69 -81.09 30.27
C GLY I 171 33.32 -82.51 30.61
N ALA I 172 33.49 -82.89 31.87
CA ALA I 172 33.19 -84.23 32.33
C ALA I 172 32.71 -84.17 33.78
N GLY I 173 31.69 -84.96 34.09
CA GLY I 173 31.19 -85.03 35.45
C GLY I 173 32.02 -85.93 36.34
N VAL I 174 32.16 -87.18 35.95
CA VAL I 174 32.91 -88.16 36.76
C VAL I 174 34.36 -88.08 36.31
N VAL I 175 35.09 -87.14 36.92
CA VAL I 175 36.52 -87.03 36.67
C VAL I 175 37.25 -87.77 37.78
N ARG I 176 37.51 -89.05 37.56
CA ARG I 176 38.12 -89.89 38.60
C ARG I 176 39.62 -89.97 38.39
N TYR I 177 40.37 -89.71 39.46
CA TYR I 177 41.82 -89.76 39.45
C TYR I 177 42.30 -91.08 40.03
N PRO I 178 43.40 -91.62 39.51
CA PRO I 178 43.96 -92.85 40.07
C PRO I 178 44.63 -92.60 41.41
N GLY I 179 44.65 -93.64 42.23
CA GLY I 179 45.26 -93.56 43.54
C GLY I 179 44.67 -92.47 44.42
N ALA I 180 45.52 -91.66 45.03
CA ALA I 180 45.09 -90.56 45.88
C ALA I 180 45.34 -89.20 45.23
N ALA I 181 45.70 -89.17 43.96
CA ALA I 181 45.98 -87.92 43.28
C ALA I 181 44.70 -87.13 43.06
N THR I 182 44.87 -85.82 42.86
CA THR I 182 43.74 -84.94 42.55
C THR I 182 43.98 -84.00 41.40
N SER I 183 45.23 -83.74 41.01
CA SER I 183 45.55 -82.86 39.90
C SER I 183 46.59 -83.51 39.01
N ASN I 184 46.75 -82.95 37.81
CA ASN I 184 47.73 -83.50 36.87
C ASN I 184 49.14 -83.43 37.44
N ALA I 185 49.42 -82.42 38.26
CA ALA I 185 50.74 -82.30 38.88
C ALA I 185 51.01 -83.47 39.82
N ASP I 186 49.99 -83.92 40.55
CA ASP I 186 50.18 -85.03 41.48
C ASP I 186 50.55 -86.31 40.76
N MET I 187 50.24 -86.39 39.47
CA MET I 187 50.45 -87.62 38.70
C MET I 187 51.93 -87.79 38.39
N THR I 188 52.50 -88.91 38.81
CA THR I 188 53.91 -89.20 38.62
C THR I 188 54.11 -90.64 38.21
N GLY I 189 55.16 -90.87 37.42
CA GLY I 189 55.54 -92.23 37.09
C GLY I 189 56.54 -92.83 38.06
N GLU I 190 57.35 -91.99 38.71
CA GLU I 190 58.30 -92.47 39.70
C GLU I 190 57.56 -92.95 40.95
N GLY I 191 58.17 -93.89 41.65
CA GLY I 191 57.52 -94.47 42.81
C GLY I 191 56.23 -95.17 42.42
N THR I 192 55.16 -94.84 43.13
CA THR I 192 53.83 -95.34 42.76
C THR I 192 53.46 -94.82 41.38
N ALA I 193 53.02 -95.74 40.52
CA ALA I 193 52.77 -95.41 39.13
C ALA I 193 51.55 -94.52 38.93
N THR I 194 50.62 -94.48 39.88
CA THR I 194 49.37 -93.72 39.75
C THR I 194 48.69 -94.08 38.44
N VAL I 195 48.32 -95.34 38.28
CA VAL I 195 47.82 -95.84 37.00
C VAL I 195 46.43 -96.42 37.16
N VAL I 196 45.87 -96.94 36.07
CA VAL I 196 44.54 -97.53 36.04
C VAL I 196 44.55 -98.85 36.79
N THR I 197 43.54 -99.08 37.63
CA THR I 197 43.38 -100.34 38.32
C THR I 197 42.03 -100.93 37.95
N TYR I 198 41.94 -102.26 37.97
CA TYR I 198 40.67 -102.93 37.74
C TYR I 198 39.61 -102.43 38.70
N GLU I 199 39.95 -102.34 39.98
CA GLU I 199 39.01 -101.83 40.97
C GLU I 199 38.67 -100.37 40.69
N GLY I 200 39.66 -99.58 40.31
CA GLY I 200 39.44 -98.18 40.00
C GLY I 200 38.53 -97.96 38.80
N LEU I 201 38.78 -98.71 37.73
CA LEU I 201 37.93 -98.57 36.54
C LEU I 201 36.50 -99.02 36.83
N VAL I 202 36.35 -100.05 37.67
CA VAL I 202 35.02 -100.53 38.01
C VAL I 202 34.23 -99.47 38.76
N LYS I 203 34.92 -98.70 39.62
CA LYS I 203 34.26 -97.67 40.41
C LYS I 203 33.56 -96.66 39.52
N MET I 204 34.21 -96.27 38.41
CA MET I 204 33.59 -95.35 37.47
C MET I 204 32.33 -95.95 36.86
N GLY I 205 32.39 -97.23 36.50
CA GLY I 205 31.22 -97.88 35.92
C GLY I 205 30.04 -97.90 36.87
N ILE I 206 30.32 -98.05 38.17
CA ILE I 206 29.27 -98.02 39.17
C ILE I 206 28.57 -96.67 39.17
N THR I 207 29.35 -95.60 38.96
CA THR I 207 28.78 -94.26 38.94
C THR I 207 27.73 -94.12 37.84
N LEU I 208 28.02 -94.67 36.67
CA LEU I 208 27.05 -94.67 35.58
C LEU I 208 25.97 -95.72 35.80
N ILE I 231 23.91 -101.42 19.96
CA ILE I 231 24.72 -102.25 20.85
C ILE I 231 24.30 -102.00 22.29
N GLN I 232 23.95 -103.08 22.99
CA GLN I 232 23.49 -103.00 24.38
C GLN I 232 24.42 -103.73 25.34
N GLY I 233 25.64 -104.03 24.92
CA GLY I 233 26.57 -104.77 25.76
C GLY I 233 27.07 -104.00 26.95
N ALA I 234 27.87 -102.96 26.71
CA ALA I 234 28.46 -102.17 27.78
C ALA I 234 28.86 -100.81 27.25
N ARG I 235 29.14 -99.90 28.19
CA ARG I 235 29.56 -98.56 27.82
C ARG I 235 30.88 -98.59 27.06
N ALA I 236 31.02 -97.67 26.11
CA ALA I 236 32.19 -97.64 25.23
C ALA I 236 33.25 -96.72 25.82
N LEU I 237 34.48 -97.20 25.91
CA LEU I 237 35.60 -96.42 26.42
C LEU I 237 36.58 -96.13 25.29
N TYR I 238 36.98 -94.86 25.20
CA TYR I 238 37.88 -94.39 24.16
C TYR I 238 39.26 -94.20 24.78
N ILE I 239 40.26 -94.85 24.20
CA ILE I 239 41.57 -94.95 24.82
C ILE I 239 42.63 -94.67 23.76
N GLY I 240 43.66 -93.91 24.15
CA GLY I 240 44.76 -93.65 23.24
C GLY I 240 45.61 -94.89 23.01
N SER I 241 46.32 -94.88 21.87
CA SER I 241 47.15 -96.02 21.49
C SER I 241 48.52 -95.89 22.16
N GLU I 242 48.48 -95.68 23.47
CA GLU I 242 49.71 -95.64 24.26
C GLU I 242 49.56 -96.45 25.53
N LEU I 243 48.32 -96.66 25.96
CA LEU I 243 48.05 -97.33 27.22
C LEU I 243 47.63 -98.79 27.06
N GLU I 244 47.72 -99.35 25.87
CA GLU I 244 47.38 -100.76 25.68
C GLU I 244 48.30 -101.64 26.53
N LEU I 245 49.57 -101.30 26.59
CA LEU I 245 50.53 -102.04 27.41
C LEU I 245 50.08 -102.06 28.87
N GLN I 246 49.54 -100.95 29.35
CA GLN I 246 49.01 -100.90 30.70
C GLN I 246 47.84 -101.86 30.86
N LEU I 247 46.85 -101.76 29.98
CA LEU I 247 45.66 -102.60 30.10
C LEU I 247 45.99 -104.07 29.87
N ARG I 248 46.85 -104.35 28.90
CA ARG I 248 47.23 -105.74 28.62
C ARG I 248 47.92 -106.36 29.82
N LYS I 249 48.75 -105.58 30.52
CA LYS I 249 49.41 -106.03 31.74
C LYS I 249 48.73 -105.48 32.98
N MET I 250 47.43 -105.21 32.92
CA MET I 250 46.65 -104.80 34.09
C MET I 250 46.00 -106.02 34.72
N LYS I 251 45.98 -106.04 36.05
CA LYS I 251 45.71 -107.26 36.79
C LYS I 251 44.23 -107.29 37.18
N ASP I 252 43.83 -108.27 37.98
CA ASP I 252 42.44 -108.37 38.42
C ASP I 252 42.42 -109.03 39.79
N PRO I 253 41.27 -109.00 40.48
CA PRO I 253 41.20 -109.65 41.80
C PRO I 253 41.56 -111.13 41.78
N PHE I 254 41.15 -111.87 40.75
CA PHE I 254 41.58 -113.26 40.61
C PHE I 254 43.04 -113.38 40.22
N ASP I 255 43.71 -112.28 39.91
CA ASP I 255 45.13 -112.24 39.60
C ASP I 255 45.45 -113.05 38.34
N ASN I 256 44.47 -113.23 37.46
CA ASN I 256 44.72 -113.91 36.20
C ASN I 256 45.00 -112.92 35.08
N ALA I 257 44.02 -112.07 34.77
CA ALA I 257 44.13 -111.06 33.73
C ALA I 257 42.94 -110.11 33.77
N ALA I 258 42.99 -109.02 33.01
CA ALA I 258 41.89 -108.07 33.00
C ALA I 258 41.49 -107.68 31.59
N PHE I 259 42.41 -107.79 30.63
CA PHE I 259 42.15 -107.38 29.26
C PHE I 259 41.60 -108.58 28.48
N ILE I 260 40.28 -108.60 28.36
CA ILE I 260 39.59 -109.63 27.58
C ILE I 260 39.88 -109.41 26.11
N PRO I 261 40.63 -110.31 25.45
CA PRO I 261 40.97 -110.09 24.04
C PRO I 261 39.74 -110.07 23.15
N VAL I 262 39.81 -109.26 22.09
CA VAL I 262 38.66 -109.01 21.23
C VAL I 262 38.18 -110.30 20.57
N GLN I 263 39.14 -111.10 20.07
CA GLN I 263 38.78 -112.30 19.32
C GLN I 263 37.99 -113.28 20.17
N GLN I 264 38.37 -113.44 21.44
CA GLN I 264 37.81 -114.46 22.30
C GLN I 264 36.36 -114.18 22.70
N TYR I 265 35.97 -112.90 22.74
CA TYR I 265 34.61 -112.56 23.24
C TYR I 265 33.81 -111.87 22.16
N ALA I 266 34.42 -110.88 21.49
CA ALA I 266 33.65 -110.08 20.51
C ALA I 266 33.50 -110.84 19.21
N ASP I 267 33.74 -112.15 19.23
CA ASP I 267 33.55 -112.98 18.02
C ASP I 267 32.22 -112.57 17.36
N ALA I 268 32.26 -111.63 16.43
CA ALA I 268 31.03 -111.17 15.75
C ALA I 268 31.40 -110.22 14.61
N GLY I 269 30.39 -109.59 14.00
CA GLY I 269 30.56 -108.24 13.44
C GLY I 269 30.47 -107.19 14.52
N ASN I 270 29.85 -107.53 15.65
CA ASN I 270 29.69 -106.57 16.77
C ASN I 270 30.81 -105.51 16.74
N LEU I 271 32.07 -105.95 16.90
CA LEU I 271 33.21 -105.01 16.91
C LEU I 271 32.84 -103.72 16.17
N LEU I 272 32.64 -102.61 16.90
CA LEU I 272 32.18 -101.40 16.24
C LEU I 272 33.22 -100.81 15.30
N LYS I 273 34.29 -100.22 15.83
CA LYS I 273 35.37 -99.80 14.93
C LYS I 273 36.74 -100.31 15.36
N GLY I 274 37.15 -99.98 16.59
CA GLY I 274 38.53 -100.13 17.01
C GLY I 274 38.72 -100.92 18.27
N GLU I 275 37.99 -102.02 18.40
CA GLU I 275 37.95 -102.78 19.65
C GLU I 275 39.15 -103.70 19.74
N ILE I 276 40.10 -103.37 20.60
CA ILE I 276 41.22 -104.25 20.91
C ILE I 276 40.90 -105.20 22.05
N GLY I 277 39.79 -104.99 22.75
CA GLY I 277 39.41 -105.82 23.87
C GLY I 277 38.30 -105.15 24.67
N SER I 278 38.18 -105.57 25.93
CA SER I 278 37.15 -105.00 26.79
C SER I 278 37.50 -105.30 28.24
N ILE I 279 37.22 -104.33 29.10
CA ILE I 279 37.31 -104.48 30.56
C ILE I 279 35.89 -104.54 31.09
N ALA I 280 35.72 -105.03 32.31
CA ALA I 280 34.39 -105.22 32.90
C ALA I 280 33.51 -104.01 32.70
N SER I 281 32.39 -104.21 32.00
CA SER I 281 31.42 -103.16 31.69
C SER I 281 32.02 -102.00 30.91
N PHE I 282 33.07 -102.24 30.14
CA PHE I 282 33.68 -101.19 29.33
C PHE I 282 34.28 -101.81 28.08
N ARG I 283 33.82 -101.36 26.92
CA ARG I 283 34.38 -101.79 25.64
C ARG I 283 35.48 -100.82 25.24
N VAL I 284 36.62 -101.38 24.84
CA VAL I 284 37.83 -100.61 24.60
C VAL I 284 37.94 -100.28 23.11
N ILE I 285 37.94 -98.99 22.78
CA ILE I 285 38.10 -98.51 21.41
C ILE I 285 39.29 -97.55 21.38
N VAL I 286 40.18 -97.74 20.42
CA VAL I 286 41.37 -96.91 20.28
C VAL I 286 41.14 -95.90 19.18
N VAL I 287 41.01 -94.64 19.56
CA VAL I 287 40.95 -93.52 18.61
C VAL I 287 42.38 -93.06 18.34
N PRO I 288 42.84 -93.10 17.10
CA PRO I 288 44.25 -92.73 16.83
C PRO I 288 44.60 -91.32 17.26
N LYS I 289 43.77 -90.34 16.91
CA LYS I 289 44.05 -88.94 17.22
C LYS I 289 43.21 -88.50 18.41
N MET I 290 43.65 -88.85 19.62
CA MET I 290 43.15 -88.24 20.84
C MET I 290 44.35 -87.69 21.63
N LEU I 291 44.42 -86.37 21.73
CA LEU I 291 45.54 -85.72 22.37
C LEU I 291 45.53 -85.94 23.88
N LYS I 292 46.67 -85.73 24.50
CA LYS I 292 46.86 -85.93 25.93
C LYS I 292 47.59 -84.72 26.53
N TRP I 293 47.51 -84.59 27.85
CA TRP I 293 48.18 -83.50 28.55
C TRP I 293 49.68 -83.80 28.57
N ALA I 294 50.35 -83.40 27.49
CA ALA I 294 51.78 -83.66 27.38
C ALA I 294 52.56 -82.86 28.42
N GLY I 295 53.45 -83.54 29.13
CA GLY I 295 54.28 -82.90 30.13
C GLY I 295 53.51 -82.23 31.24
N ALA I 296 52.50 -82.91 31.78
CA ALA I 296 51.69 -82.37 32.85
C ALA I 296 52.00 -82.98 34.21
N GLY I 297 52.92 -83.95 34.28
CA GLY I 297 53.31 -84.56 35.53
C GLY I 297 54.30 -83.71 36.30
N ALA I 298 55.11 -84.37 37.12
CA ALA I 298 56.15 -83.73 37.88
C ALA I 298 57.51 -83.96 37.23
N THR I 299 58.54 -83.38 37.84
CA THR I 299 59.89 -83.50 37.31
C THR I 299 60.33 -84.96 37.24
N VAL I 300 60.87 -85.35 36.10
CA VAL I 300 61.31 -86.72 35.90
C VAL I 300 62.71 -86.90 36.47
N THR I 301 62.78 -87.49 37.67
CA THR I 301 64.09 -87.74 38.29
C THR I 301 64.84 -88.82 37.53
N THR I 302 64.31 -90.05 37.53
CA THR I 302 64.84 -91.18 36.75
C THR I 302 63.60 -91.91 36.20
N ASN I 303 63.37 -91.73 34.90
CA ASN I 303 62.21 -92.33 34.25
C ASN I 303 62.29 -93.85 34.34
N PRO I 304 61.32 -94.51 34.98
CA PRO I 304 61.36 -95.96 35.08
C PRO I 304 60.77 -96.63 33.85
N GLY I 305 60.59 -95.86 32.78
CA GLY I 305 59.97 -96.37 31.57
C GLY I 305 58.52 -95.93 31.45
N TYR I 306 58.26 -94.66 31.78
CA TYR I 306 56.91 -94.10 31.70
C TYR I 306 56.97 -92.91 30.74
N TYR I 307 55.95 -92.78 29.89
CA TYR I 307 55.93 -91.73 28.88
C TYR I 307 56.00 -90.36 29.52
N ALA I 308 56.98 -89.56 29.11
CA ALA I 308 57.22 -88.24 29.67
C ALA I 308 57.54 -87.25 28.56
N THR I 309 57.40 -85.97 28.89
CA THR I 309 57.66 -84.90 27.93
C THR I 309 58.11 -83.67 28.68
N SER I 310 59.19 -83.04 28.21
CA SER I 310 59.73 -81.82 28.80
C SER I 310 60.02 -82.03 30.29
N GLY I 311 60.61 -83.18 30.60
CA GLY I 311 60.91 -83.50 31.99
C GLY I 311 59.68 -83.60 32.86
N LYS I 312 58.59 -84.12 32.30
CA LYS I 312 57.35 -84.28 33.06
C LYS I 312 56.60 -85.47 32.48
N TYR I 313 56.14 -86.37 33.34
CA TYR I 313 55.42 -87.55 32.90
C TYR I 313 54.16 -87.16 32.14
N ASP I 314 53.95 -87.80 30.99
CA ASP I 314 52.79 -87.49 30.16
C ASP I 314 51.55 -88.13 30.75
N VAL I 315 50.47 -87.35 30.86
CA VAL I 315 49.21 -87.82 31.41
C VAL I 315 48.28 -88.16 30.26
N PHE I 316 47.72 -89.38 30.30
CA PHE I 316 46.89 -89.82 29.19
C PHE I 316 45.45 -90.03 29.63
N PRO I 317 44.48 -89.69 28.78
CA PRO I 317 43.07 -89.87 29.14
C PRO I 317 42.47 -91.17 28.64
N MET I 318 41.47 -91.66 29.36
CA MET I 318 40.52 -92.63 28.84
C MET I 318 39.13 -92.07 29.06
N LEU I 319 38.36 -91.95 27.98
CA LEU I 319 37.10 -91.22 28.00
C LEU I 319 35.97 -92.12 27.55
N CYS I 320 34.85 -92.05 28.27
CA CYS I 320 33.64 -92.79 27.95
C CYS I 320 32.51 -91.77 27.79
N VAL I 321 32.09 -91.55 26.55
CA VAL I 321 31.04 -90.59 26.23
C VAL I 321 29.78 -91.36 25.91
N GLY I 322 28.74 -91.16 26.71
CA GLY I 322 27.46 -91.80 26.45
C GLY I 322 26.65 -91.01 25.43
N SER I 323 25.89 -91.73 24.61
CA SER I 323 25.04 -91.11 23.62
C SER I 323 23.96 -90.26 24.29
N GLY I 324 23.65 -89.13 23.67
CA GLY I 324 22.66 -88.22 24.22
C GLY I 324 23.17 -87.46 25.42
N SER I 325 24.40 -86.95 25.34
CA SER I 325 25.00 -86.17 26.41
C SER I 325 25.55 -84.84 25.96
N PHE I 326 25.77 -84.61 24.67
CA PHE I 326 26.25 -83.33 24.18
C PHE I 326 25.80 -83.16 22.74
N THR I 327 25.81 -81.92 22.27
CA THR I 327 25.41 -81.61 20.92
C THR I 327 26.21 -80.42 20.40
N THR I 328 26.35 -80.36 19.08
CA THR I 328 27.10 -79.31 18.39
C THR I 328 26.11 -78.33 17.81
N ILE I 329 26.43 -77.04 17.91
CA ILE I 329 25.52 -75.98 17.47
C ILE I 329 26.09 -75.41 16.17
N GLY I 330 25.51 -75.83 15.05
CA GLY I 330 25.88 -75.27 13.77
C GLY I 330 25.14 -73.98 13.46
N PHE I 331 25.78 -73.12 12.67
CA PHE I 331 25.19 -71.82 12.36
C PHE I 331 24.19 -71.90 11.21
N GLN I 332 24.67 -72.25 10.01
CA GLN I 332 23.81 -72.32 8.84
C GLN I 332 23.81 -73.77 8.33
N THR I 333 23.64 -74.68 9.27
CA THR I 333 23.74 -76.11 9.02
C THR I 333 22.36 -76.71 8.76
N ASP I 334 22.27 -77.49 7.68
CA ASP I 334 21.09 -78.27 7.37
C ASP I 334 21.29 -79.70 7.86
N GLY I 335 21.41 -79.82 9.19
CA GLY I 335 21.70 -81.13 9.77
C GLY I 335 23.11 -81.57 9.43
N LYS I 336 23.30 -82.88 9.35
CA LYS I 336 24.59 -83.49 9.02
C LYS I 336 25.70 -83.00 9.96
N THR I 337 26.63 -82.23 9.43
CA THR I 337 27.74 -81.71 10.22
C THR I 337 27.83 -80.19 10.09
N VAL I 338 28.91 -79.61 10.60
CA VAL I 338 29.09 -78.16 10.53
C VAL I 338 29.34 -77.75 9.08
N LYS I 339 28.55 -76.80 8.59
CA LYS I 339 28.63 -76.39 7.20
C LYS I 339 29.81 -75.47 6.96
N PHE I 340 30.94 -76.04 6.52
CA PHE I 340 32.07 -75.23 6.11
C PHE I 340 31.70 -74.40 4.89
N THR I 341 32.16 -73.14 4.87
CA THR I 341 31.91 -72.23 3.77
C THR I 341 33.18 -72.12 2.93
N THR I 342 33.10 -72.61 1.70
CA THR I 342 34.25 -72.63 0.80
C THR I 342 34.13 -71.49 -0.20
N TYR I 343 35.09 -70.58 -0.17
CA TYR I 343 35.18 -69.47 -1.12
C TYR I 343 36.44 -69.66 -1.95
N THR I 344 36.29 -69.69 -3.27
CA THR I 344 37.40 -69.90 -4.17
C THR I 344 37.35 -68.85 -5.29
N LYS I 345 38.48 -68.20 -5.53
CA LYS I 345 38.59 -67.17 -6.56
C LYS I 345 39.72 -67.59 -7.50
N LYS I 346 39.35 -68.06 -8.69
CA LYS I 346 40.34 -68.54 -9.64
C LYS I 346 41.21 -67.37 -10.12
N PRO I 347 42.49 -67.61 -10.38
CA PRO I 347 43.35 -66.52 -10.87
C PRO I 347 42.96 -66.08 -12.28
N GLY I 348 42.43 -64.88 -12.41
CA GLY I 348 42.02 -64.36 -13.69
C GLY I 348 41.56 -62.92 -13.60
N ILE I 349 40.66 -62.52 -14.50
CA ILE I 349 40.11 -61.16 -14.48
C ILE I 349 39.30 -60.89 -13.24
N GLU I 350 38.71 -61.92 -12.62
CA GLU I 350 37.89 -61.76 -11.43
C GLU I 350 38.68 -61.34 -10.21
N THR I 351 40.02 -61.40 -10.27
CA THR I 351 40.85 -61.09 -9.12
C THR I 351 42.01 -60.18 -9.51
N VAL I 352 41.71 -59.10 -10.22
CA VAL I 352 42.78 -58.21 -10.68
C VAL I 352 43.06 -57.12 -9.66
N SER I 353 42.10 -56.23 -9.43
CA SER I 353 42.26 -55.13 -8.46
C SER I 353 43.47 -54.26 -8.80
N TYR I 354 43.70 -53.24 -7.97
CA TYR I 354 44.93 -52.45 -8.12
C TYR I 354 46.15 -53.25 -7.70
N ALA I 355 45.99 -54.15 -6.73
CA ALA I 355 47.14 -54.86 -6.16
C ALA I 355 47.83 -55.72 -7.20
N ASP I 356 47.05 -56.46 -7.99
CA ASP I 356 47.58 -57.36 -9.01
C ASP I 356 46.91 -57.08 -10.34
N PRO I 357 47.34 -56.04 -11.06
CA PRO I 357 46.67 -55.69 -12.32
C PRO I 357 46.89 -56.72 -13.41
N TYR I 358 47.52 -57.84 -13.07
CA TYR I 358 47.70 -58.95 -13.98
C TYR I 358 46.91 -60.19 -13.61
N GLY I 359 46.34 -60.26 -12.41
CA GLY I 359 45.47 -61.36 -12.03
C GLY I 359 46.16 -62.71 -11.97
N GLU I 360 47.33 -62.76 -11.34
CA GLU I 360 48.12 -63.97 -11.27
C GLU I 360 47.96 -64.72 -9.96
N MET I 361 46.99 -64.34 -9.12
CA MET I 361 46.85 -64.91 -7.78
C MET I 361 45.46 -65.49 -7.58
N GLY I 362 45.37 -66.46 -6.68
CA GLY I 362 44.11 -67.11 -6.38
C GLY I 362 44.04 -67.63 -4.95
N LEU I 363 42.93 -67.39 -4.27
CA LEU I 363 42.78 -67.70 -2.86
C LEU I 363 41.73 -68.78 -2.65
N THR I 364 41.66 -69.27 -1.40
CA THR I 364 40.64 -70.21 -0.96
C THR I 364 40.38 -69.96 0.52
N SER I 365 39.16 -70.23 0.95
CA SER I 365 38.78 -70.00 2.34
C SER I 365 37.85 -71.12 2.80
N ILE I 366 37.92 -71.42 4.09
CA ILE I 366 37.05 -72.38 4.75
C ILE I 366 36.64 -71.81 6.09
N LYS I 367 35.34 -71.57 6.27
CA LYS I 367 34.82 -70.96 7.49
C LYS I 367 33.79 -71.90 8.11
N TRP I 368 33.85 -72.07 9.43
CA TRP I 368 32.94 -72.91 10.19
C TRP I 368 32.73 -72.28 11.56
N TYR I 369 32.07 -73.02 12.44
CA TYR I 369 31.76 -72.50 13.77
C TYR I 369 31.93 -73.61 14.81
N TYR I 370 31.65 -73.25 16.07
CA TYR I 370 32.04 -74.07 17.21
C TYR I 370 30.77 -74.87 17.54
N GLY I 371 30.75 -75.59 18.65
CA GLY I 371 29.60 -76.40 19.03
C GLY I 371 29.73 -76.94 20.44
N SER I 372 29.43 -78.23 20.62
CA SER I 372 29.71 -78.94 21.86
C SER I 372 28.93 -78.36 23.04
N LEU I 373 27.61 -78.27 22.90
CA LEU I 373 26.76 -77.96 24.03
C LEU I 373 26.63 -79.21 24.90
N ILE I 374 27.40 -79.28 25.98
CA ILE I 374 27.42 -80.46 26.84
C ILE I 374 26.11 -80.54 27.59
N LEU I 375 25.21 -81.41 27.15
CA LEU I 375 23.86 -81.46 27.71
C LEU I 375 23.89 -81.96 29.15
N ARG I 376 24.56 -83.09 29.38
CA ARG I 376 24.65 -83.70 30.71
C ARG I 376 26.12 -83.99 31.02
N PRO I 377 26.81 -83.06 31.67
CA PRO I 377 28.22 -83.32 32.04
C PRO I 377 28.38 -84.54 32.92
N GLU I 378 27.39 -84.86 33.74
CA GLU I 378 27.51 -85.99 34.67
C GLU I 378 27.70 -87.30 33.94
N TRP I 379 27.05 -87.47 32.79
CA TRP I 379 27.20 -88.71 32.03
C TRP I 379 28.62 -88.88 31.52
N ILE I 380 29.25 -87.78 31.09
CA ILE I 380 30.62 -87.86 30.59
C ILE I 380 31.56 -88.16 31.75
N ALA I 381 32.39 -89.20 31.58
CA ALA I 381 33.31 -89.64 32.61
C ALA I 381 34.71 -89.80 32.02
N LEU I 382 35.72 -89.41 32.79
CA LEU I 382 37.10 -89.41 32.32
C LEU I 382 38.01 -89.96 33.39
N PHE I 383 38.99 -90.76 32.98
CA PHE I 383 40.02 -91.31 33.87
C PHE I 383 41.38 -90.95 33.30
N LYS I 384 42.33 -90.65 34.18
CA LYS I 384 43.68 -90.31 33.77
C LYS I 384 44.67 -91.35 34.28
N THR I 385 45.75 -91.55 33.52
CA THR I 385 46.79 -92.49 33.92
C THR I 385 48.08 -92.16 33.16
N VAL I 386 49.13 -92.89 33.50
CA VAL I 386 50.46 -92.68 32.93
C VAL I 386 50.85 -93.88 32.08
N ALA I 387 51.46 -93.62 30.94
CA ALA I 387 51.79 -94.67 29.98
C ALA I 387 53.14 -95.31 30.29
N ALA I 388 53.57 -96.24 29.44
CA ALA I 388 54.84 -96.91 29.61
C ALA I 388 55.79 -96.59 28.47
N ALA J 2 67.03 -51.72 -5.62
CA ALA J 2 68.05 -52.51 -6.31
C ALA J 2 67.48 -53.84 -6.76
N TYR J 3 66.36 -54.24 -6.16
CA TYR J 3 65.72 -55.50 -6.49
C TYR J 3 65.14 -55.44 -7.90
N SER J 4 65.69 -56.25 -8.81
CA SER J 4 65.27 -56.18 -10.20
C SER J 4 63.84 -56.68 -10.38
N ASP J 5 63.52 -57.82 -9.79
CA ASP J 5 62.20 -58.43 -9.95
C ASP J 5 61.56 -58.65 -8.58
N VAL J 6 60.26 -58.91 -8.60
CA VAL J 6 59.51 -59.08 -7.36
C VAL J 6 60.03 -60.27 -6.56
N ASP J 7 60.46 -61.33 -7.25
CA ASP J 7 60.96 -62.52 -6.56
C ASP J 7 62.18 -62.19 -5.70
N ALA J 8 62.96 -61.19 -6.12
CA ALA J 8 64.16 -60.82 -5.36
C ALA J 8 63.80 -60.36 -3.96
N ILE J 9 62.74 -59.57 -3.83
CA ILE J 9 62.29 -59.11 -2.51
C ILE J 9 61.87 -60.30 -1.66
N LEU J 10 61.09 -61.22 -2.25
CA LEU J 10 60.64 -62.38 -1.51
C LEU J 10 61.79 -63.34 -1.19
N ALA J 11 62.69 -63.55 -2.15
CA ALA J 11 63.83 -64.44 -1.90
C ALA J 11 64.71 -63.89 -0.79
N ASP J 12 64.95 -62.58 -0.79
CA ASP J 12 65.72 -61.95 0.26
C ASP J 12 64.99 -61.97 1.61
N GLY J 13 63.68 -62.18 1.60
CA GLY J 13 62.90 -62.20 2.81
C GLY J 13 62.14 -60.94 3.12
N LYS J 14 62.43 -59.84 2.43
CA LYS J 14 61.69 -58.60 2.64
C LYS J 14 60.25 -58.77 2.19
N GLN J 15 59.34 -58.06 2.85
CA GLN J 15 57.94 -58.11 2.46
C GLN J 15 57.63 -56.92 1.55
N ALA J 16 56.56 -57.04 0.75
CA ALA J 16 56.23 -55.99 -0.21
C ALA J 16 54.74 -55.68 -0.11
N VAL J 17 54.42 -54.47 0.32
CA VAL J 17 53.04 -54.06 0.53
C VAL J 17 52.53 -53.39 -0.74
N ALA J 18 51.36 -53.83 -1.22
CA ALA J 18 50.73 -53.19 -2.37
C ALA J 18 50.38 -51.75 -2.05
N VAL J 19 50.50 -50.88 -3.04
CA VAL J 19 50.44 -49.44 -2.84
C VAL J 19 49.26 -48.86 -3.61
N LYS J 20 48.47 -48.03 -2.93
CA LYS J 20 47.29 -47.40 -3.50
C LYS J 20 47.65 -45.96 -3.91
N HIS J 21 46.77 -45.28 -4.64
CA HIS J 21 46.95 -43.90 -5.09
C HIS J 21 48.20 -43.75 -5.94
N GLY J 22 49.17 -42.98 -5.47
CA GLY J 22 50.42 -42.76 -6.17
C GLY J 22 51.36 -43.93 -5.99
N GLY J 23 52.55 -43.82 -6.58
CA GLY J 23 53.56 -44.86 -6.45
C GLY J 23 53.13 -46.21 -6.98
N GLY J 24 54.00 -47.21 -6.85
CA GLY J 24 53.65 -48.54 -7.30
C GLY J 24 53.76 -49.65 -6.28
N LEU J 25 54.65 -49.49 -5.29
CA LEU J 25 54.93 -50.56 -4.35
C LEU J 25 55.87 -50.04 -3.26
N VAL J 26 55.77 -50.64 -2.07
CA VAL J 26 56.71 -50.37 -0.99
C VAL J 26 57.21 -51.70 -0.44
N VAL J 27 58.48 -51.75 -0.07
CA VAL J 27 59.12 -52.98 0.40
C VAL J 27 59.27 -52.89 1.91
N VAL J 28 58.82 -53.93 2.60
CA VAL J 28 58.83 -53.97 4.06
C VAL J 28 60.02 -54.79 4.53
N GLY J 29 60.83 -54.19 5.40
CA GLY J 29 61.85 -54.91 6.14
C GLY J 29 61.35 -55.17 7.56
N GLU J 30 61.74 -56.31 8.11
CA GLU J 30 61.22 -56.72 9.41
C GLU J 30 61.65 -55.75 10.50
N LEU J 31 62.82 -55.12 10.34
CA LEU J 31 63.16 -54.01 11.23
C LEU J 31 62.21 -52.85 11.05
N GLY J 32 61.89 -52.51 9.80
CA GLY J 32 60.89 -51.49 9.54
C GLY J 32 59.54 -51.85 10.13
N ALA J 33 59.18 -53.14 10.05
CA ALA J 33 57.96 -53.61 10.68
C ALA J 33 58.02 -53.41 12.19
N GLN J 34 59.16 -53.73 12.80
CA GLN J 34 59.33 -53.48 14.22
C GLN J 34 59.27 -52.00 14.53
N VAL J 35 59.92 -51.18 13.71
CA VAL J 35 59.79 -49.73 13.84
C VAL J 35 58.35 -49.31 13.62
N LEU J 36 57.69 -49.92 12.64
CA LEU J 36 56.30 -49.59 12.37
C LEU J 36 55.41 -49.94 13.55
N ALA J 37 55.69 -51.07 14.19
CA ALA J 37 54.90 -51.54 15.33
C ALA J 37 55.47 -51.05 16.66
N ALA J 38 55.21 -49.78 16.96
CA ALA J 38 55.73 -49.20 18.20
C ALA J 38 54.77 -48.11 18.67
N LYS J 39 54.34 -48.21 19.93
CA LYS J 39 53.41 -47.21 20.49
C LYS J 39 54.22 -46.14 21.23
N ASP J 40 55.24 -46.54 21.96
CA ASP J 40 56.02 -45.55 22.76
C ASP J 40 57.50 -45.70 22.44
N VAL J 41 58.27 -44.64 22.68
CA VAL J 41 59.69 -44.71 22.35
C VAL J 41 60.37 -45.90 23.01
N SER J 42 59.75 -46.49 24.03
CA SER J 42 60.28 -47.72 24.61
C SER J 42 60.18 -48.89 23.63
N GLU J 43 59.11 -48.93 22.83
CA GLU J 43 58.88 -50.08 21.96
C GLU J 43 59.68 -50.05 20.67
N LEU J 44 60.42 -48.97 20.40
CA LEU J 44 61.25 -48.94 19.21
C LEU J 44 62.35 -50.00 19.32
N PRO J 45 62.83 -50.53 18.19
CA PRO J 45 63.91 -51.52 18.25
C PRO J 45 65.18 -50.93 18.83
N ASP J 46 66.18 -51.80 18.99
CA ASP J 46 67.44 -51.39 19.62
C ASP J 46 68.14 -50.31 18.82
N GLY J 47 68.03 -50.37 17.49
CA GLY J 47 68.66 -49.39 16.62
C GLY J 47 68.25 -47.97 16.94
N VAL J 48 66.95 -47.68 16.84
CA VAL J 48 66.43 -46.38 17.22
C VAL J 48 65.75 -46.45 18.57
N TYR K 3 50.82 -60.40 19.72
CA TYR K 3 49.41 -60.34 19.35
C TYR K 3 48.88 -61.69 18.87
N SER K 4 47.89 -62.21 19.58
CA SER K 4 47.29 -63.49 19.24
C SER K 4 46.26 -63.35 18.13
N ASP K 5 45.22 -62.56 18.38
CA ASP K 5 44.16 -62.38 17.41
C ASP K 5 44.13 -60.95 16.88
N VAL K 6 43.36 -60.75 15.81
CA VAL K 6 43.36 -59.48 15.10
C VAL K 6 42.79 -58.37 15.98
N ASP K 7 41.74 -58.68 16.76
CA ASP K 7 41.07 -57.65 17.55
C ASP K 7 42.01 -57.03 18.56
N ALA K 8 43.00 -57.79 19.02
CA ALA K 8 44.00 -57.26 19.94
C ALA K 8 44.75 -56.08 19.32
N ILE K 9 44.99 -56.15 18.00
CA ILE K 9 45.58 -55.02 17.28
C ILE K 9 44.67 -53.80 17.38
N LEU K 10 43.39 -53.98 17.07
CA LEU K 10 42.45 -52.86 17.11
C LEU K 10 42.23 -52.37 18.53
N ALA K 11 42.12 -53.30 19.48
CA ALA K 11 41.87 -52.91 20.87
C ALA K 11 43.01 -52.07 21.43
N ASP K 12 44.24 -52.46 21.11
CA ASP K 12 45.42 -51.73 21.60
C ASP K 12 45.56 -50.37 20.91
N GLY K 13 44.78 -50.12 19.86
CA GLY K 13 44.93 -48.92 19.07
C GLY K 13 45.83 -49.07 17.86
N LYS K 14 46.48 -50.22 17.70
CA LYS K 14 47.27 -50.52 16.53
C LYS K 14 46.37 -50.66 15.30
N GLN K 15 46.93 -50.33 14.14
CA GLN K 15 46.25 -50.51 12.88
C GLN K 15 47.07 -51.45 11.98
N ALA K 16 46.38 -52.29 11.22
CA ALA K 16 47.05 -53.35 10.47
C ALA K 16 46.65 -53.28 9.02
N VAL K 17 47.64 -53.28 8.12
CA VAL K 17 47.42 -53.24 6.67
C VAL K 17 47.50 -54.65 6.12
N ALA K 18 46.96 -54.82 4.91
CA ALA K 18 47.01 -56.10 4.20
C ALA K 18 48.12 -56.05 3.16
N VAL K 19 48.75 -57.20 2.91
CA VAL K 19 49.94 -57.26 2.07
C VAL K 19 49.68 -58.17 0.88
N LYS K 20 49.94 -57.66 -0.34
CA LYS K 20 49.81 -58.45 -1.56
C LYS K 20 51.04 -59.30 -1.88
N HIS K 21 52.17 -58.64 -2.14
CA HIS K 21 53.33 -59.36 -2.65
C HIS K 21 54.07 -60.07 -1.54
N GLY K 22 53.72 -61.32 -1.31
CA GLY K 22 54.26 -62.10 -0.22
C GLY K 22 53.32 -62.10 0.98
N GLY K 23 53.37 -63.19 1.75
CA GLY K 23 52.48 -63.33 2.88
C GLY K 23 52.88 -62.42 4.03
N GLY K 24 51.88 -62.01 4.80
CA GLY K 24 52.12 -61.17 5.96
C GLY K 24 50.98 -60.22 6.20
N LEU K 25 50.98 -59.63 7.40
CA LEU K 25 50.02 -58.60 7.79
C LEU K 25 50.78 -57.58 8.66
N VAL K 26 51.29 -56.53 8.01
CA VAL K 26 52.06 -55.53 8.73
C VAL K 26 51.14 -54.67 9.57
N VAL K 27 51.53 -54.45 10.83
CA VAL K 27 50.77 -53.64 11.76
C VAL K 27 51.44 -52.28 11.91
N VAL K 28 50.63 -51.23 11.99
CA VAL K 28 51.11 -49.86 12.04
C VAL K 28 50.72 -49.26 13.39
N GLY K 29 51.65 -48.49 13.98
CA GLY K 29 51.41 -47.81 15.23
C GLY K 29 51.47 -46.29 15.05
N GLU K 30 51.05 -45.58 16.09
CA GLU K 30 51.00 -44.12 16.02
C GLU K 30 52.40 -43.54 15.88
N LEU K 31 53.39 -44.09 16.60
CA LEU K 31 54.76 -43.72 16.33
C LEU K 31 55.20 -44.17 14.94
N GLY K 32 54.76 -45.37 14.55
CA GLY K 32 55.07 -45.83 13.20
C GLY K 32 54.53 -44.91 12.13
N ALA K 33 53.51 -44.12 12.47
CA ALA K 33 52.89 -43.24 11.48
C ALA K 33 53.85 -42.14 11.03
N GLN K 34 54.30 -41.30 11.96
CA GLN K 34 55.05 -40.11 11.55
C GLN K 34 56.41 -40.46 10.97
N VAL K 35 57.03 -41.54 11.46
CA VAL K 35 58.30 -41.95 10.87
C VAL K 35 58.08 -42.38 9.42
N LEU K 36 56.97 -43.06 9.15
CA LEU K 36 56.62 -43.42 7.79
C LEU K 36 56.38 -42.17 6.95
N ALA K 37 55.68 -41.19 7.51
CA ALA K 37 55.41 -39.93 6.82
C ALA K 37 56.54 -38.95 7.12
N ALA K 38 57.66 -39.16 6.44
CA ALA K 38 58.85 -38.33 6.63
C ALA K 38 59.49 -38.05 5.28
N LYS K 39 59.61 -36.76 4.94
CA LYS K 39 60.35 -36.37 3.76
C LYS K 39 61.86 -36.42 4.01
N ASP K 40 62.31 -35.84 5.12
CA ASP K 40 63.71 -35.76 5.44
C ASP K 40 63.89 -35.78 6.96
N VAL K 41 65.08 -35.38 7.41
CA VAL K 41 65.45 -35.56 8.81
C VAL K 41 64.67 -34.62 9.72
N SER K 42 63.98 -33.63 9.13
CA SER K 42 63.29 -32.64 9.95
C SER K 42 62.11 -33.26 10.70
N GLU K 43 61.26 -33.99 9.99
CA GLU K 43 59.98 -34.43 10.54
C GLU K 43 60.02 -35.92 10.89
N LEU K 44 60.49 -36.22 12.08
CA LEU K 44 60.32 -37.51 12.74
C LEU K 44 60.08 -37.22 14.22
N PRO K 45 59.43 -38.13 14.96
CA PRO K 45 59.24 -37.90 16.39
C PRO K 45 60.57 -37.73 17.11
N ASP K 46 60.55 -36.91 18.16
CA ASP K 46 61.78 -36.53 18.85
C ASP K 46 62.53 -37.75 19.41
N GLY K 47 61.81 -38.84 19.65
CA GLY K 47 62.43 -40.06 20.15
C GLY K 47 63.36 -40.68 19.14
N VAL K 48 63.22 -40.30 17.87
CA VAL K 48 64.07 -40.82 16.82
C VAL K 48 65.35 -39.99 16.70
N TYR L 3 47.48 -32.97 7.02
CA TYR L 3 46.92 -32.82 5.68
C TYR L 3 45.40 -32.80 5.73
N SER L 4 44.79 -32.13 4.75
CA SER L 4 43.34 -32.01 4.72
C SER L 4 42.72 -33.08 3.83
N ASP L 5 43.14 -33.13 2.57
CA ASP L 5 42.54 -34.02 1.60
C ASP L 5 43.61 -34.89 0.93
N VAL L 6 43.18 -36.03 0.38
CA VAL L 6 44.11 -37.01 -0.16
C VAL L 6 44.93 -36.43 -1.31
N ASP L 7 44.38 -35.46 -2.05
CA ASP L 7 45.15 -34.84 -3.12
C ASP L 7 46.40 -34.16 -2.58
N ALA L 8 46.31 -33.60 -1.36
CA ALA L 8 47.46 -32.95 -0.75
C ALA L 8 48.57 -33.94 -0.47
N ILE L 9 48.22 -35.22 -0.29
CA ILE L 9 49.24 -36.25 -0.08
C ILE L 9 50.15 -36.35 -1.29
N LEU L 10 49.54 -36.48 -2.48
CA LEU L 10 50.34 -36.66 -3.69
C LEU L 10 50.98 -35.36 -4.13
N ALA L 11 50.30 -34.24 -3.89
CA ALA L 11 50.87 -32.94 -4.28
C ALA L 11 52.17 -32.68 -3.54
N ASP L 12 52.22 -32.98 -2.25
CA ASP L 12 53.45 -32.91 -1.47
C ASP L 12 54.51 -33.86 -2.02
N GLY L 13 54.09 -34.99 -2.61
CA GLY L 13 55.00 -36.05 -2.97
C GLY L 13 54.95 -37.25 -2.06
N LYS L 14 54.31 -37.13 -0.91
CA LYS L 14 54.09 -38.26 -0.03
C LYS L 14 53.20 -39.28 -0.72
N GLN L 15 53.42 -40.55 -0.43
CA GLN L 15 52.55 -41.59 -0.94
C GLN L 15 51.60 -42.07 0.17
N ALA L 16 50.42 -42.52 -0.25
CA ALA L 16 49.39 -42.97 0.69
C ALA L 16 48.99 -44.39 0.32
N VAL L 17 48.89 -45.25 1.32
CA VAL L 17 48.49 -46.62 1.13
C VAL L 17 47.14 -46.85 1.81
N ALA L 18 46.48 -47.95 1.44
CA ALA L 18 45.12 -48.24 1.90
C ALA L 18 45.18 -49.28 3.00
N VAL L 19 44.50 -49.02 4.11
CA VAL L 19 44.43 -49.97 5.22
C VAL L 19 43.08 -50.66 5.21
N LYS L 20 43.09 -51.99 5.18
CA LYS L 20 41.87 -52.77 5.01
C LYS L 20 41.56 -53.65 6.21
N HIS L 21 42.56 -54.31 6.79
CA HIS L 21 42.33 -55.28 7.85
C HIS L 21 41.65 -54.63 9.07
N GLY L 22 42.17 -53.49 9.50
CA GLY L 22 41.55 -52.77 10.60
C GLY L 22 40.67 -51.63 10.14
N GLY L 23 41.20 -50.81 9.24
CA GLY L 23 40.46 -49.66 8.73
C GLY L 23 41.18 -48.34 8.92
N GLY L 24 41.36 -47.60 7.83
CA GLY L 24 42.01 -46.31 7.90
C GLY L 24 42.82 -46.04 6.64
N LEU L 25 43.78 -45.15 6.76
CA LEU L 25 44.64 -44.76 5.64
C LEU L 25 45.89 -44.12 6.20
N VAL L 26 47.04 -44.74 5.98
CA VAL L 26 48.31 -44.22 6.46
C VAL L 26 49.10 -43.70 5.26
N VAL L 27 49.86 -42.63 5.49
CA VAL L 27 50.63 -41.97 4.44
C VAL L 27 52.10 -42.30 4.65
N VAL L 28 52.77 -42.72 3.58
CA VAL L 28 54.18 -43.07 3.60
C VAL L 28 54.99 -41.98 2.92
N GLY L 29 56.04 -41.53 3.59
CA GLY L 29 56.95 -40.55 3.02
C GLY L 29 58.22 -41.20 2.51
N GLU L 30 59.07 -40.43 1.84
CA GLU L 30 60.29 -40.99 1.25
C GLU L 30 61.21 -41.53 2.34
N LEU L 31 61.52 -40.71 3.35
CA LEU L 31 62.39 -41.19 4.42
C LEU L 31 61.76 -42.35 5.17
N GLY L 32 60.43 -42.37 5.25
CA GLY L 32 59.75 -43.52 5.82
C GLY L 32 59.98 -44.79 5.04
N ALA L 33 60.09 -44.68 3.72
CA ALA L 33 60.31 -45.86 2.88
C ALA L 33 61.65 -46.52 3.21
N GLN L 34 62.71 -45.72 3.37
CA GLN L 34 64.02 -46.27 3.70
C GLN L 34 63.99 -46.99 5.04
N VAL L 35 63.40 -46.37 6.06
CA VAL L 35 63.35 -47.01 7.37
C VAL L 35 62.48 -48.27 7.31
N LEU L 36 61.49 -48.28 6.41
CA LEU L 36 60.65 -49.46 6.26
C LEU L 36 61.45 -50.64 5.72
N ALA L 37 62.32 -50.38 4.73
CA ALA L 37 63.14 -51.43 4.13
C ALA L 37 64.52 -51.41 4.79
N ALA L 38 64.65 -52.20 5.86
CA ALA L 38 65.90 -52.30 6.60
C ALA L 38 66.00 -53.70 7.19
N LYS L 39 67.03 -54.45 6.79
CA LYS L 39 67.25 -55.76 7.36
C LYS L 39 67.85 -55.67 8.76
N ASP L 40 68.84 -54.81 8.95
CA ASP L 40 69.44 -54.63 10.26
C ASP L 40 69.84 -53.15 10.40
N VAL L 41 70.70 -52.87 11.38
CA VAL L 41 71.02 -51.49 11.71
C VAL L 41 71.72 -50.78 10.54
N SER L 42 72.39 -51.53 9.67
CA SER L 42 73.23 -50.91 8.65
C SER L 42 72.40 -50.24 7.56
N GLU L 43 71.25 -50.81 7.18
CA GLU L 43 70.47 -50.30 6.06
C GLU L 43 69.32 -49.39 6.50
N LEU L 44 69.43 -48.73 7.65
CA LEU L 44 68.55 -47.58 7.78
C LEU L 44 69.19 -46.37 7.15
N PRO L 45 68.41 -45.34 6.80
CA PRO L 45 69.01 -44.13 6.24
C PRO L 45 69.90 -43.43 7.24
N ASP L 46 70.81 -42.60 6.73
CA ASP L 46 71.83 -41.95 7.54
C ASP L 46 71.24 -41.11 8.67
N GLY L 47 70.09 -40.49 8.42
CA GLY L 47 69.47 -39.64 9.42
C GLY L 47 69.13 -40.37 10.70
N VAL L 48 68.69 -41.62 10.55
CA VAL L 48 68.35 -42.45 11.70
C VAL L 48 69.40 -43.53 11.92
N ASP M 5 -56.17 -26.44 60.06
CA ASP M 5 -56.76 -27.33 59.06
C ASP M 5 -57.92 -28.11 59.66
N VAL M 6 -58.90 -28.48 58.82
CA VAL M 6 -60.12 -29.11 59.31
C VAL M 6 -59.82 -30.51 59.85
N ASP M 7 -58.89 -31.23 59.22
CA ASP M 7 -58.55 -32.57 59.69
C ASP M 7 -57.97 -32.52 61.10
N ALA M 8 -57.16 -31.51 61.39
CA ALA M 8 -56.64 -31.33 62.75
C ALA M 8 -57.78 -31.19 63.74
N ILE M 9 -58.87 -30.53 63.33
CA ILE M 9 -60.04 -30.41 64.19
C ILE M 9 -60.66 -31.78 64.44
N LEU M 10 -60.89 -32.54 63.36
CA LEU M 10 -61.47 -33.87 63.51
C LEU M 10 -60.53 -34.82 64.24
N ALA M 11 -59.23 -34.79 63.89
CA ALA M 11 -58.28 -35.68 64.55
C ALA M 11 -58.20 -35.41 66.03
N ASP M 12 -58.30 -34.13 66.42
CA ASP M 12 -58.36 -33.80 67.84
C ASP M 12 -59.58 -34.42 68.51
N GLY M 13 -60.67 -34.62 67.78
CA GLY M 13 -61.89 -35.15 68.30
C GLY M 13 -63.06 -34.19 68.23
N LYS M 14 -62.78 -32.90 68.17
CA LYS M 14 -63.82 -31.88 68.07
C LYS M 14 -64.56 -32.01 66.75
N GLN M 15 -65.90 -31.96 66.82
CA GLN M 15 -66.70 -31.90 65.62
C GLN M 15 -66.82 -30.50 65.08
N ALA M 16 -67.54 -30.36 63.98
CA ALA M 16 -67.73 -29.06 63.35
C ALA M 16 -69.05 -29.02 62.62
N VAL M 17 -69.68 -27.84 62.62
CA VAL M 17 -70.93 -27.62 61.90
C VAL M 17 -70.70 -26.49 60.89
N ALA M 18 -71.75 -26.15 60.13
CA ALA M 18 -71.61 -25.16 59.06
C ALA M 18 -72.45 -23.94 59.41
N VAL M 19 -71.83 -22.77 59.38
CA VAL M 19 -72.52 -21.51 59.64
C VAL M 19 -73.05 -20.96 58.32
N LYS M 20 -74.36 -21.01 58.14
CA LYS M 20 -74.98 -20.64 56.86
C LYS M 20 -75.13 -19.14 56.72
N HIS M 21 -75.87 -18.53 57.65
CA HIS M 21 -76.20 -17.10 57.56
C HIS M 21 -75.01 -16.28 58.04
N GLY M 22 -73.96 -16.26 57.22
CA GLY M 22 -72.81 -15.43 57.50
C GLY M 22 -71.82 -16.11 58.41
N GLY M 23 -70.57 -16.25 57.97
CA GLY M 23 -69.53 -16.88 58.75
C GLY M 23 -69.05 -18.16 58.12
N GLY M 24 -68.09 -18.78 58.78
CA GLY M 24 -67.48 -19.99 58.27
C GLY M 24 -67.87 -21.24 59.05
N LEU M 25 -66.99 -21.70 59.92
CA LEU M 25 -67.22 -22.89 60.73
C LEU M 25 -67.04 -22.55 62.20
N VAL M 26 -67.94 -23.03 63.04
CA VAL M 26 -67.70 -23.08 64.48
C VAL M 26 -67.47 -24.53 64.86
N VAL M 27 -66.55 -24.76 65.78
CA VAL M 27 -66.07 -26.10 66.13
C VAL M 27 -66.62 -26.46 67.50
N VAL M 28 -67.28 -27.61 67.59
CA VAL M 28 -67.92 -28.02 68.83
C VAL M 28 -66.92 -28.80 69.69
N GLY M 29 -66.72 -28.34 70.92
CA GLY M 29 -65.93 -29.06 71.88
C GLY M 29 -66.77 -29.92 72.80
N GLU M 30 -66.10 -30.82 73.50
CA GLU M 30 -66.79 -31.76 74.39
C GLU M 30 -67.47 -31.02 75.53
N LEU M 31 -66.73 -30.17 76.24
CA LEU M 31 -67.34 -29.39 77.31
C LEU M 31 -68.40 -28.44 76.77
N GLY M 32 -68.11 -27.80 75.63
CA GLY M 32 -69.06 -26.88 75.05
C GLY M 32 -70.38 -27.55 74.71
N ALA M 33 -70.32 -28.75 74.14
CA ALA M 33 -71.55 -29.48 73.83
C ALA M 33 -72.35 -29.75 75.09
N GLN M 34 -71.69 -30.20 76.16
CA GLN M 34 -72.36 -30.34 77.44
C GLN M 34 -72.85 -29.00 77.95
N VAL M 35 -72.02 -27.96 77.81
CA VAL M 35 -72.46 -26.61 78.19
C VAL M 35 -73.65 -26.20 77.33
N LEU M 36 -73.56 -26.46 76.03
CA LEU M 36 -74.62 -26.04 75.11
C LEU M 36 -75.92 -26.79 75.42
N ALA M 37 -75.82 -28.06 75.78
CA ALA M 37 -76.99 -28.87 76.11
C ALA M 37 -77.38 -28.79 77.57
N ALA M 38 -77.68 -27.59 78.07
CA ALA M 38 -78.08 -27.40 79.46
C ALA M 38 -79.37 -26.61 79.52
N LYS M 39 -80.35 -27.12 80.26
CA LYS M 39 -81.60 -26.40 80.44
C LYS M 39 -81.48 -25.34 81.53
N ASP M 40 -81.19 -25.75 82.75
CA ASP M 40 -81.12 -24.87 83.91
C ASP M 40 -79.72 -24.91 84.52
N VAL M 41 -79.58 -24.20 85.64
CA VAL M 41 -78.28 -24.06 86.29
C VAL M 41 -77.77 -25.36 86.88
N SER M 42 -78.55 -26.43 86.82
CA SER M 42 -78.12 -27.75 87.33
C SER M 42 -78.02 -28.78 86.21
N GLU M 43 -77.79 -28.34 84.98
CA GLU M 43 -77.64 -29.28 83.88
C GLU M 43 -76.39 -29.04 83.05
N LEU M 44 -75.59 -28.04 83.37
CA LEU M 44 -74.32 -27.80 82.71
C LEU M 44 -73.19 -28.47 83.50
N PRO M 45 -72.06 -28.75 82.84
CA PRO M 45 -70.97 -29.45 83.53
C PRO M 45 -70.47 -28.70 84.76
N ASP M 46 -69.75 -29.41 85.62
CA ASP M 46 -69.34 -28.90 86.92
C ASP M 46 -68.44 -27.67 86.80
N GLY M 47 -67.52 -27.68 85.84
CA GLY M 47 -66.54 -26.62 85.72
C GLY M 47 -67.12 -25.24 85.57
N VAL M 48 -68.21 -25.14 84.83
CA VAL M 48 -68.87 -23.85 84.61
C VAL M 48 -70.05 -23.69 85.57
N TYR N 3 -80.78 -39.37 75.89
CA TYR N 3 -82.17 -39.39 75.44
C TYR N 3 -82.48 -40.69 74.72
N SER N 4 -83.68 -40.77 74.13
CA SER N 4 -84.12 -41.96 73.43
C SER N 4 -84.30 -41.70 71.94
N ASP N 5 -85.09 -40.70 71.56
CA ASP N 5 -85.40 -40.42 70.18
C ASP N 5 -85.30 -38.93 69.90
N VAL N 6 -85.35 -38.59 68.61
CA VAL N 6 -85.32 -37.19 68.20
C VAL N 6 -86.58 -36.46 68.66
N ASP N 7 -87.63 -37.21 69.00
CA ASP N 7 -88.84 -36.59 69.54
C ASP N 7 -88.61 -36.13 70.98
N ALA N 8 -87.79 -36.86 71.73
CA ALA N 8 -87.58 -36.55 73.14
C ALA N 8 -86.95 -35.18 73.32
N ILE N 9 -85.93 -34.86 72.53
CA ILE N 9 -85.28 -33.56 72.62
C ILE N 9 -86.26 -32.45 72.27
N LEU N 10 -87.01 -32.63 71.18
CA LEU N 10 -88.01 -31.65 70.80
C LEU N 10 -89.10 -31.55 71.86
N ALA N 11 -89.56 -32.68 72.39
CA ALA N 11 -90.54 -32.65 73.48
C ALA N 11 -89.96 -31.95 74.70
N ASP N 12 -88.69 -32.19 75.00
CA ASP N 12 -88.03 -31.48 76.08
C ASP N 12 -87.90 -29.99 75.83
N GLY N 13 -88.09 -29.55 74.59
CA GLY N 13 -87.96 -28.14 74.26
C GLY N 13 -86.63 -27.83 73.62
N LYS N 14 -85.60 -28.59 73.99
CA LYS N 14 -84.28 -28.40 73.41
C LYS N 14 -84.30 -28.66 71.91
N GLN N 15 -83.81 -27.70 71.14
CA GLN N 15 -83.67 -27.88 69.71
C GLN N 15 -82.39 -28.66 69.40
N ALA N 16 -82.27 -29.12 68.15
CA ALA N 16 -81.19 -30.02 67.77
C ALA N 16 -80.65 -29.60 66.41
N VAL N 17 -79.35 -29.35 66.34
CA VAL N 17 -78.68 -28.91 65.12
C VAL N 17 -77.90 -30.08 64.54
N ALA N 18 -77.87 -30.18 63.22
CA ALA N 18 -77.19 -31.27 62.54
C ALA N 18 -75.70 -30.94 62.41
N VAL N 19 -74.86 -31.89 62.82
CA VAL N 19 -73.41 -31.73 62.68
C VAL N 19 -73.00 -32.20 61.29
N LYS N 20 -72.39 -31.30 60.52
CA LYS N 20 -72.01 -31.63 59.16
C LYS N 20 -70.61 -32.23 59.10
N HIS N 21 -69.67 -31.66 59.84
CA HIS N 21 -68.29 -32.12 59.82
C HIS N 21 -67.99 -32.82 61.14
N GLY N 22 -68.04 -34.15 61.11
CA GLY N 22 -67.78 -34.94 62.30
C GLY N 22 -68.86 -35.98 62.54
N GLY N 23 -70.09 -35.67 62.16
CA GLY N 23 -71.19 -36.59 62.32
C GLY N 23 -71.80 -36.54 63.70
N GLY N 24 -73.11 -36.45 63.79
CA GLY N 24 -73.80 -36.42 65.05
C GLY N 24 -74.88 -35.36 65.04
N LEU N 25 -75.46 -35.14 66.22
CA LEU N 25 -76.57 -34.20 66.39
C LEU N 25 -76.33 -33.45 67.71
N VAL N 26 -75.78 -32.24 67.59
CA VAL N 26 -75.58 -31.41 68.78
C VAL N 26 -76.93 -30.88 69.23
N VAL N 27 -77.22 -31.03 70.51
CA VAL N 27 -78.49 -30.60 71.08
C VAL N 27 -78.28 -29.31 71.85
N VAL N 28 -79.12 -28.32 71.59
CA VAL N 28 -78.99 -26.97 72.13
C VAL N 28 -80.15 -26.66 73.06
N GLY N 29 -79.82 -26.21 74.27
CA GLY N 29 -80.81 -25.77 75.23
C GLY N 29 -80.85 -24.25 75.35
N GLU N 30 -81.80 -23.79 76.17
CA GLU N 30 -82.05 -22.36 76.28
C GLU N 30 -80.85 -21.61 76.86
N LEU N 31 -80.33 -22.05 78.01
CA LEU N 31 -79.11 -21.42 78.51
C LEU N 31 -77.95 -21.66 77.56
N GLY N 32 -77.83 -22.88 77.04
CA GLY N 32 -76.73 -23.17 76.13
C GLY N 32 -76.70 -22.22 74.95
N ALA N 33 -77.87 -21.95 74.36
CA ALA N 33 -77.95 -20.91 73.34
C ALA N 33 -77.71 -19.53 73.94
N GLN N 34 -78.34 -19.25 75.09
CA GLN N 34 -78.16 -17.95 75.72
C GLN N 34 -76.73 -17.75 76.19
N VAL N 35 -76.09 -18.81 76.67
CA VAL N 35 -74.66 -18.75 76.95
C VAL N 35 -73.90 -18.48 75.66
N LEU N 36 -74.25 -19.21 74.61
CA LEU N 36 -73.46 -19.21 73.39
C LEU N 36 -73.50 -17.83 72.75
N ALA N 37 -74.69 -17.23 72.69
CA ALA N 37 -74.84 -15.88 72.19
C ALA N 37 -74.34 -14.87 73.22
N ALA N 38 -73.04 -14.56 73.14
CA ALA N 38 -72.43 -13.63 74.11
C ALA N 38 -71.23 -12.97 73.45
N LYS N 39 -71.28 -11.65 73.29
CA LYS N 39 -70.10 -10.94 72.75
C LYS N 39 -69.01 -11.00 73.81
N ASP N 40 -69.33 -10.61 75.05
CA ASP N 40 -68.26 -10.56 76.09
C ASP N 40 -68.80 -11.05 77.43
N VAL N 41 -67.97 -10.95 78.47
CA VAL N 41 -68.35 -11.48 79.79
C VAL N 41 -69.67 -10.92 80.25
N SER N 42 -70.02 -9.71 79.81
CA SER N 42 -71.19 -9.02 80.34
C SER N 42 -72.48 -9.80 80.10
N GLU N 43 -72.65 -10.35 78.90
CA GLU N 43 -73.91 -11.01 78.53
C GLU N 43 -73.78 -12.52 78.64
N LEU N 44 -73.66 -12.98 79.88
CA LEU N 44 -73.72 -14.39 80.24
C LEU N 44 -74.82 -14.54 81.28
N PRO N 45 -75.37 -15.74 81.46
CA PRO N 45 -76.43 -15.92 82.45
C PRO N 45 -75.93 -15.64 83.86
N ASP N 46 -76.87 -15.32 84.75
CA ASP N 46 -76.52 -15.07 86.14
C ASP N 46 -75.90 -16.31 86.78
N GLY N 47 -76.15 -17.49 86.20
CA GLY N 47 -75.61 -18.73 86.74
C GLY N 47 -74.13 -18.91 86.49
N VAL N 48 -73.58 -18.16 85.53
CA VAL N 48 -72.16 -18.28 85.22
C VAL N 48 -71.41 -17.05 85.71
N ASP O 5 -84.27 -8.51 63.24
CA ASP O 5 -84.00 -8.91 61.88
C ASP O 5 -82.64 -9.59 61.76
N VAL O 6 -82.49 -10.45 60.76
CA VAL O 6 -81.25 -11.21 60.61
C VAL O 6 -80.08 -10.29 60.25
N ASP O 7 -80.33 -9.23 59.48
CA ASP O 7 -79.25 -8.31 59.11
C ASP O 7 -78.65 -7.66 60.35
N ALA O 8 -79.47 -7.41 61.38
CA ALA O 8 -78.95 -6.83 62.60
C ALA O 8 -77.95 -7.75 63.29
N ILE O 9 -78.09 -9.06 63.10
CA ILE O 9 -77.13 -9.99 63.67
C ILE O 9 -75.76 -9.79 63.05
N LEU O 10 -75.69 -9.78 61.71
CA LEU O 10 -74.40 -9.59 61.05
C LEU O 10 -73.81 -8.22 61.33
N ALA O 11 -74.65 -7.18 61.39
CA ALA O 11 -74.16 -5.85 61.71
C ALA O 11 -73.48 -5.81 63.06
N ASP O 12 -73.93 -6.64 64.00
CA ASP O 12 -73.30 -6.77 65.30
C ASP O 12 -72.03 -7.61 65.24
N GLY O 13 -71.49 -7.87 64.05
CA GLY O 13 -70.37 -8.77 63.91
C GLY O 13 -70.66 -10.18 64.39
N LYS O 14 -71.86 -10.67 64.13
CA LYS O 14 -72.34 -11.92 64.70
C LYS O 14 -72.74 -12.87 63.60
N GLN O 15 -72.27 -14.11 63.69
CA GLN O 15 -72.65 -15.17 62.77
C GLN O 15 -73.75 -16.02 63.38
N ALA O 16 -74.46 -16.75 62.51
CA ALA O 16 -75.66 -17.46 62.93
C ALA O 16 -75.75 -18.81 62.22
N VAL O 17 -76.16 -19.84 62.96
CA VAL O 17 -76.20 -21.21 62.48
C VAL O 17 -77.65 -21.66 62.41
N ALA O 18 -78.04 -22.27 61.29
CA ALA O 18 -79.39 -22.77 61.11
C ALA O 18 -79.58 -24.08 61.86
N VAL O 19 -80.84 -24.37 62.17
CA VAL O 19 -81.22 -25.57 62.93
C VAL O 19 -82.16 -26.41 62.07
N LYS O 20 -81.83 -27.68 61.90
CA LYS O 20 -82.60 -28.54 61.01
C LYS O 20 -83.92 -28.95 61.62
N HIS O 21 -83.93 -29.28 62.91
CA HIS O 21 -85.07 -29.99 63.48
C HIS O 21 -86.15 -29.05 64.01
N GLY O 22 -85.83 -28.22 64.98
CA GLY O 22 -86.88 -27.44 65.62
C GLY O 22 -86.50 -26.04 66.07
N GLY O 23 -85.33 -25.56 65.67
CA GLY O 23 -84.88 -24.25 66.09
C GLY O 23 -85.07 -23.17 65.05
N GLY O 24 -84.76 -23.48 63.80
CA GLY O 24 -84.85 -22.49 62.74
C GLY O 24 -83.59 -21.67 62.62
N LEU O 25 -83.21 -20.99 63.70
CA LEU O 25 -82.00 -20.17 63.70
C LEU O 25 -81.47 -20.10 65.13
N VAL O 26 -80.17 -20.37 65.29
CA VAL O 26 -79.48 -20.19 66.56
C VAL O 26 -78.31 -19.25 66.31
N VAL O 27 -78.25 -18.16 67.08
CA VAL O 27 -77.19 -17.18 66.94
C VAL O 27 -75.97 -17.64 67.73
N VAL O 28 -74.81 -17.59 67.10
CA VAL O 28 -73.58 -18.14 67.65
C VAL O 28 -72.58 -17.01 67.89
N GLY O 29 -72.10 -16.90 69.13
CA GLY O 29 -71.22 -15.83 69.54
C GLY O 29 -69.77 -16.26 69.69
N GLU O 30 -68.87 -15.31 69.44
CA GLU O 30 -67.44 -15.62 69.45
C GLU O 30 -66.94 -15.99 70.84
N LEU O 31 -67.44 -15.32 71.88
CA LEU O 31 -67.19 -15.82 73.23
C LEU O 31 -67.87 -17.16 73.44
N GLY O 32 -69.11 -17.30 72.99
CA GLY O 32 -69.80 -18.57 73.13
C GLY O 32 -69.12 -19.67 72.35
N ALA O 33 -68.75 -19.39 71.11
CA ALA O 33 -68.08 -20.39 70.29
C ALA O 33 -66.75 -20.80 70.91
N GLN O 34 -65.99 -19.82 71.40
CA GLN O 34 -64.73 -20.13 72.09
C GLN O 34 -65.01 -20.92 73.36
N VAL O 35 -66.09 -20.58 74.07
CA VAL O 35 -66.56 -21.42 75.17
C VAL O 35 -66.99 -22.77 74.62
N LEU O 36 -67.74 -22.75 73.53
CA LEU O 36 -68.32 -23.97 72.97
C LEU O 36 -67.23 -24.90 72.46
N ALA O 37 -66.14 -24.33 71.95
CA ALA O 37 -64.98 -25.12 71.56
C ALA O 37 -64.08 -25.36 72.77
N ALA O 38 -64.27 -26.50 73.45
CA ALA O 38 -63.51 -26.77 74.67
C ALA O 38 -63.56 -28.25 74.97
N LYS O 39 -62.38 -28.87 75.12
CA LYS O 39 -62.34 -30.25 75.58
C LYS O 39 -62.64 -30.34 77.08
N ASP O 40 -61.84 -29.67 77.90
CA ASP O 40 -61.93 -29.80 79.35
C ASP O 40 -61.86 -28.41 79.97
N VAL O 41 -61.66 -28.39 81.29
CA VAL O 41 -61.67 -27.15 82.07
C VAL O 41 -60.57 -26.20 81.59
N SER O 42 -59.56 -26.71 80.90
CA SER O 42 -58.44 -25.86 80.50
C SER O 42 -58.87 -24.80 79.49
N GLU O 43 -59.63 -25.17 78.45
CA GLU O 43 -59.91 -24.24 77.37
C GLU O 43 -61.25 -23.51 77.51
N LEU O 44 -61.45 -22.76 78.59
CA LEU O 44 -62.53 -21.79 78.63
C LEU O 44 -61.98 -20.43 79.07
N PRO O 45 -62.65 -19.34 78.70
CA PRO O 45 -62.06 -18.02 78.93
C PRO O 45 -61.96 -17.69 80.40
N ASP O 46 -61.16 -16.67 80.70
CA ASP O 46 -60.98 -16.22 82.09
C ASP O 46 -62.30 -15.80 82.71
N GLY O 47 -63.25 -15.37 81.88
CA GLY O 47 -64.54 -14.94 82.38
C GLY O 47 -65.37 -16.07 82.97
N VAL O 48 -65.09 -17.30 82.55
CA VAL O 48 -65.82 -18.45 83.06
C VAL O 48 -65.03 -19.13 84.18
N TYR P 3 8.91 70.34 -24.08
CA TYR P 3 8.09 69.14 -24.25
C TYR P 3 7.61 69.06 -25.70
N SER P 4 7.96 67.96 -26.37
CA SER P 4 7.74 67.83 -27.80
C SER P 4 6.40 67.15 -28.02
N ASP P 5 6.19 65.94 -27.52
CA ASP P 5 4.97 65.21 -27.87
C ASP P 5 4.15 64.89 -26.63
N VAL P 6 2.91 64.45 -26.87
CA VAL P 6 2.00 64.08 -25.78
C VAL P 6 2.53 62.88 -25.01
N ASP P 7 3.46 62.13 -25.60
CA ASP P 7 4.12 61.07 -24.85
C ASP P 7 5.07 61.66 -23.82
N ALA P 8 5.69 62.80 -24.13
CA ALA P 8 6.66 63.40 -23.22
C ALA P 8 6.05 63.75 -21.88
N ILE P 9 4.86 64.37 -21.90
CA ILE P 9 4.15 64.63 -20.66
C ILE P 9 3.79 63.31 -19.97
N LEU P 10 3.23 62.36 -20.75
CA LEU P 10 2.79 61.10 -20.18
C LEU P 10 3.96 60.30 -19.62
N ALA P 11 5.07 60.22 -20.37
CA ALA P 11 6.23 59.48 -19.88
C ALA P 11 6.80 60.12 -18.62
N ASP P 12 6.85 61.45 -18.59
CA ASP P 12 7.32 62.17 -17.42
C ASP P 12 6.43 61.96 -16.20
N GLY P 13 5.18 61.54 -16.39
CA GLY P 13 4.22 61.41 -15.31
C GLY P 13 3.34 62.63 -15.18
N LYS P 14 3.78 63.75 -15.74
CA LYS P 14 2.94 64.94 -15.83
C LYS P 14 1.68 64.63 -16.62
N GLN P 15 0.57 65.21 -16.20
CA GLN P 15 -0.71 64.93 -16.84
C GLN P 15 -1.16 66.17 -17.60
N ALA P 16 -2.07 66.00 -18.55
CA ALA P 16 -2.51 67.11 -19.40
C ALA P 16 -4.03 67.09 -19.53
N VAL P 17 -4.64 68.27 -19.48
CA VAL P 17 -6.08 68.43 -19.60
C VAL P 17 -6.40 69.15 -20.90
N ALA P 18 -7.44 68.67 -21.57
CA ALA P 18 -7.92 69.26 -22.83
C ALA P 18 -8.63 70.57 -22.52
N VAL P 19 -8.28 71.62 -23.27
CA VAL P 19 -8.89 72.93 -23.06
C VAL P 19 -10.04 73.12 -24.05
N LYS P 20 -11.12 73.76 -23.59
CA LYS P 20 -12.30 73.92 -24.40
C LYS P 20 -12.32 75.27 -25.11
N HIS P 21 -12.29 76.36 -24.34
CA HIS P 21 -12.59 77.68 -24.88
C HIS P 21 -11.69 78.06 -26.04
N GLY P 22 -10.37 77.95 -25.85
CA GLY P 22 -9.45 78.18 -26.95
C GLY P 22 -8.02 77.80 -26.62
N GLY P 23 -7.40 77.02 -27.48
CA GLY P 23 -6.04 76.59 -27.22
C GLY P 23 -5.89 75.08 -27.21
N GLY P 24 -4.73 74.61 -26.75
CA GLY P 24 -4.43 73.19 -26.80
C GLY P 24 -4.66 72.46 -25.49
N LEU P 25 -3.58 72.16 -24.76
CA LEU P 25 -3.64 71.34 -23.57
C LEU P 25 -2.97 72.08 -22.42
N VAL P 26 -3.46 71.84 -21.20
CA VAL P 26 -2.82 72.36 -19.99
C VAL P 26 -2.23 71.19 -19.21
N VAL P 27 -0.94 71.25 -18.95
CA VAL P 27 -0.20 70.17 -18.31
C VAL P 27 -0.23 70.36 -16.80
N VAL P 28 -0.44 69.27 -16.06
CA VAL P 28 -0.58 69.33 -14.61
C VAL P 28 0.46 68.43 -13.96
N GLY P 29 1.26 69.00 -13.05
CA GLY P 29 2.13 68.21 -12.19
C GLY P 29 1.45 67.91 -10.88
N GLU P 30 2.10 67.05 -10.07
CA GLU P 30 1.41 66.52 -8.91
C GLU P 30 1.27 67.54 -7.79
N LEU P 31 2.28 68.38 -7.54
CA LEU P 31 2.03 69.53 -6.67
C LEU P 31 1.03 70.47 -7.32
N GLY P 32 1.27 70.80 -8.60
CA GLY P 32 0.36 71.68 -9.30
C GLY P 32 -1.08 71.22 -9.24
N ALA P 33 -1.28 69.90 -9.20
CA ALA P 33 -2.60 69.35 -8.88
C ALA P 33 -2.91 69.49 -7.40
N GLN P 34 -1.93 69.25 -6.52
CA GLN P 34 -2.22 69.24 -5.09
C GLN P 34 -2.41 70.65 -4.56
N VAL P 35 -1.60 71.62 -5.04
CA VAL P 35 -1.89 73.03 -4.79
C VAL P 35 -3.26 73.38 -5.36
N LEU P 36 -3.57 72.82 -6.51
CA LEU P 36 -4.84 73.06 -7.18
C LEU P 36 -6.01 72.60 -6.31
N ALA P 37 -5.80 71.54 -5.55
CA ALA P 37 -6.82 71.00 -4.65
C ALA P 37 -6.57 71.47 -3.22
N ALA P 38 -6.69 72.78 -3.01
CA ALA P 38 -6.50 73.37 -1.69
C ALA P 38 -7.66 74.31 -1.41
N LYS P 39 -8.31 74.14 -0.26
CA LYS P 39 -9.42 75.01 0.12
C LYS P 39 -8.92 76.32 0.73
N ASP P 40 -8.18 76.22 1.83
CA ASP P 40 -7.62 77.38 2.51
C ASP P 40 -6.10 77.21 2.60
N VAL P 41 -5.46 78.10 3.37
CA VAL P 41 -4.01 78.14 3.43
C VAL P 41 -3.40 76.86 3.97
N SER P 42 -4.18 76.02 4.64
CA SER P 42 -3.62 74.87 5.33
C SER P 42 -3.17 73.77 4.37
N GLU P 43 -3.90 73.56 3.28
CA GLU P 43 -3.68 72.41 2.41
C GLU P 43 -2.73 72.69 1.25
N LEU P 44 -2.09 73.85 1.20
CA LEU P 44 -1.01 74.05 0.25
C LEU P 44 0.21 73.24 0.69
N PRO P 45 1.15 72.94 -0.21
CA PRO P 45 2.34 72.16 0.16
C PRO P 45 3.17 72.84 1.22
N ASP P 46 4.19 72.12 1.69
CA ASP P 46 5.27 72.74 2.44
C ASP P 46 6.01 73.77 1.61
N GLY P 47 6.07 73.54 0.30
CA GLY P 47 6.78 74.43 -0.61
C GLY P 47 6.22 75.83 -0.73
N VAL P 48 4.90 75.95 -0.87
CA VAL P 48 4.25 77.25 -0.99
C VAL P 48 4.10 77.93 0.37
N TYR Q 3 -10.45 61.49 -0.31
CA TYR Q 3 -11.80 61.37 -0.83
C TYR Q 3 -12.08 59.95 -1.31
N SER Q 4 -13.23 59.41 -0.90
CA SER Q 4 -13.61 58.05 -1.28
C SER Q 4 -14.46 58.06 -2.53
N ASP Q 5 -15.60 58.73 -2.49
CA ASP Q 5 -16.53 58.74 -3.61
C ASP Q 5 -16.56 60.11 -4.28
N VAL Q 6 -17.13 60.15 -5.49
CA VAL Q 6 -17.18 61.40 -6.24
C VAL Q 6 -18.05 62.43 -5.54
N ASP Q 7 -19.01 61.97 -4.73
CA ASP Q 7 -19.87 62.90 -4.01
C ASP Q 7 -19.10 63.63 -2.91
N ALA Q 8 -18.02 63.02 -2.42
CA ALA Q 8 -17.25 63.63 -1.35
C ALA Q 8 -16.67 64.97 -1.79
N ILE Q 9 -16.12 65.03 -3.00
CA ILE Q 9 -15.62 66.29 -3.53
C ILE Q 9 -16.74 67.30 -3.67
N LEU Q 10 -17.89 66.87 -4.19
CA LEU Q 10 -19.03 67.77 -4.31
C LEU Q 10 -19.54 68.21 -2.95
N ALA Q 11 -19.68 67.27 -2.01
CA ALA Q 11 -20.14 67.61 -0.67
C ALA Q 11 -19.13 68.51 0.04
N ASP Q 12 -17.83 68.22 -0.14
CA ASP Q 12 -16.81 69.06 0.47
C ASP Q 12 -16.89 70.48 -0.06
N GLY Q 13 -17.25 70.63 -1.33
CA GLY Q 13 -17.29 71.92 -1.99
C GLY Q 13 -16.27 72.08 -3.09
N LYS Q 14 -15.27 71.21 -3.17
CA LYS Q 14 -14.31 71.27 -4.26
C LYS Q 14 -14.98 70.88 -5.57
N GLN Q 15 -14.45 71.41 -6.67
CA GLN Q 15 -14.94 71.11 -8.00
C GLN Q 15 -14.02 70.07 -8.64
N ALA Q 16 -14.51 69.40 -9.68
CA ALA Q 16 -13.82 68.23 -10.23
C ALA Q 16 -13.76 68.32 -11.75
N VAL Q 17 -12.55 68.33 -12.29
CA VAL Q 17 -12.35 68.36 -13.73
C VAL Q 17 -11.85 67.00 -14.22
N ALA Q 18 -12.48 66.50 -15.29
CA ALA Q 18 -12.13 65.23 -15.90
C ALA Q 18 -10.89 65.42 -16.77
N VAL Q 19 -9.95 64.48 -16.68
CA VAL Q 19 -8.71 64.60 -17.44
C VAL Q 19 -8.74 63.58 -18.58
N LYS Q 20 -8.35 64.02 -19.77
CA LYS Q 20 -8.54 63.22 -20.97
C LYS Q 20 -7.37 62.29 -21.29
N HIS Q 21 -6.18 62.84 -21.51
CA HIS Q 21 -5.11 62.06 -22.11
C HIS Q 21 -4.63 60.94 -21.20
N GLY Q 22 -4.47 61.21 -19.91
CA GLY Q 22 -3.88 60.23 -19.01
C GLY Q 22 -4.89 59.53 -18.12
N GLY Q 23 -4.99 59.98 -16.88
CA GLY Q 23 -5.92 59.39 -15.93
C GLY Q 23 -7.24 60.12 -15.90
N GLY Q 24 -7.53 60.81 -14.81
CA GLY Q 24 -8.74 61.59 -14.74
C GLY Q 24 -9.06 62.17 -13.38
N LEU Q 25 -10.05 63.06 -13.34
CA LEU Q 25 -10.62 63.57 -12.11
C LEU Q 25 -9.61 64.29 -11.23
N VAL Q 26 -9.07 65.41 -11.71
CA VAL Q 26 -8.29 66.32 -10.88
C VAL Q 26 -9.27 67.17 -10.08
N VAL Q 27 -8.92 67.46 -8.84
CA VAL Q 27 -9.82 68.15 -7.94
C VAL Q 27 -9.36 69.60 -7.78
N VAL Q 28 -10.29 70.54 -7.86
CA VAL Q 28 -9.99 71.96 -7.74
C VAL Q 28 -10.71 72.53 -6.54
N GLY Q 29 -9.96 73.23 -5.68
CA GLY Q 29 -10.54 74.03 -4.63
C GLY Q 29 -10.55 75.50 -4.99
N GLU Q 30 -11.33 76.27 -4.21
CA GLU Q 30 -11.49 77.69 -4.53
C GLU Q 30 -10.16 78.43 -4.45
N LEU Q 31 -9.33 78.11 -3.45
CA LEU Q 31 -8.01 78.72 -3.38
C LEU Q 31 -7.16 78.27 -4.55
N GLY Q 32 -7.09 76.95 -4.80
CA GLY Q 32 -6.28 76.46 -5.89
C GLY Q 32 -6.69 77.05 -7.22
N ALA Q 33 -8.00 77.18 -7.44
CA ALA Q 33 -8.48 77.82 -8.66
C ALA Q 33 -8.01 79.26 -8.75
N GLN Q 34 -8.07 79.98 -7.63
CA GLN Q 34 -7.73 81.40 -7.64
C GLN Q 34 -6.23 81.59 -7.92
N VAL Q 35 -5.40 80.72 -7.36
CA VAL Q 35 -4.00 80.69 -7.79
C VAL Q 35 -3.90 80.29 -9.25
N LEU Q 36 -4.68 79.28 -9.64
CA LEU Q 36 -4.65 78.79 -11.02
C LEU Q 36 -5.15 79.86 -11.98
N ALA Q 37 -5.98 80.77 -11.50
CA ALA Q 37 -6.54 81.85 -12.32
C ALA Q 37 -5.68 83.10 -12.31
N ALA Q 38 -4.41 83.00 -11.93
CA ALA Q 38 -3.55 84.16 -11.80
C ALA Q 38 -2.75 84.39 -13.08
N LYS Q 39 -2.60 85.67 -13.43
CA LYS Q 39 -1.83 86.08 -14.60
C LYS Q 39 -0.42 86.55 -14.23
N ASP Q 40 -0.32 87.45 -13.26
CA ASP Q 40 0.95 88.02 -12.82
C ASP Q 40 1.00 87.89 -11.30
N VAL Q 41 2.17 88.17 -10.72
CA VAL Q 41 2.37 88.02 -9.28
C VAL Q 41 1.33 88.78 -8.45
N SER Q 42 0.64 89.75 -9.06
CA SER Q 42 -0.36 90.50 -8.31
C SER Q 42 -1.65 89.72 -8.11
N GLU Q 43 -2.01 88.85 -9.05
CA GLU Q 43 -3.30 88.16 -9.03
C GLU Q 43 -3.27 86.83 -8.27
N LEU Q 44 -2.15 86.48 -7.66
CA LEU Q 44 -2.19 85.32 -6.77
C LEU Q 44 -2.75 85.73 -5.40
N PRO Q 45 -3.29 84.77 -4.65
CA PRO Q 45 -3.87 85.09 -3.34
C PRO Q 45 -2.84 85.61 -2.36
N ASP Q 46 -3.34 86.04 -1.20
CA ASP Q 46 -2.48 86.56 -0.14
C ASP Q 46 -1.57 85.48 0.41
N GLY Q 47 -2.09 84.27 0.59
CA GLY Q 47 -1.37 83.19 1.24
C GLY Q 47 -0.07 82.79 0.56
N VAL Q 48 -0.10 82.66 -0.76
CA VAL Q 48 1.08 82.24 -1.50
C VAL Q 48 2.12 83.36 -1.53
N TYR R 3 -15.36 88.60 -14.03
CA TYR R 3 -15.53 88.44 -15.47
C TYR R 3 -16.97 88.08 -15.79
N SER R 4 -17.50 88.65 -16.87
CA SER R 4 -18.90 88.47 -17.21
C SER R 4 -19.11 87.32 -18.19
N ASP R 5 -18.51 87.41 -19.37
CA ASP R 5 -18.74 86.41 -20.39
C ASP R 5 -17.45 85.69 -20.76
N VAL R 6 -17.60 84.58 -21.50
CA VAL R 6 -16.46 83.80 -21.93
C VAL R 6 -15.56 84.61 -22.86
N ASP R 7 -16.13 85.55 -23.60
CA ASP R 7 -15.33 86.40 -24.47
C ASP R 7 -14.37 87.27 -23.67
N ALA R 8 -14.84 87.77 -22.52
CA ALA R 8 -13.98 88.59 -21.67
C ALA R 8 -12.75 87.80 -21.22
N ILE R 9 -12.90 86.49 -21.07
CA ILE R 9 -11.76 85.64 -20.72
C ILE R 9 -10.72 85.65 -21.83
N LEU R 10 -11.16 85.31 -23.04
CA LEU R 10 -10.22 85.18 -24.15
C LEU R 10 -9.56 86.51 -24.48
N ALA R 11 -10.32 87.61 -24.37
CA ALA R 11 -9.76 88.93 -24.60
C ALA R 11 -8.66 89.23 -23.59
N ASP R 12 -8.87 88.85 -22.34
CA ASP R 12 -7.85 89.06 -21.32
C ASP R 12 -6.62 88.19 -21.56
N GLY R 13 -6.76 87.15 -22.36
CA GLY R 13 -5.72 86.15 -22.55
C GLY R 13 -5.81 84.99 -21.59
N LYS R 14 -6.59 85.11 -20.52
CA LYS R 14 -6.85 83.99 -19.64
C LYS R 14 -7.59 82.91 -20.40
N GLN R 15 -7.28 81.65 -20.12
CA GLN R 15 -7.88 80.54 -20.82
C GLN R 15 -8.73 79.73 -19.83
N ALA R 16 -9.72 79.00 -20.32
CA ALA R 16 -10.65 78.31 -19.44
C ALA R 16 -10.95 76.91 -19.97
N VAL R 17 -11.21 75.99 -19.04
CA VAL R 17 -11.52 74.62 -19.39
C VAL R 17 -12.90 74.27 -18.81
N ALA R 18 -13.47 73.19 -19.32
CA ALA R 18 -14.77 72.74 -18.87
C ALA R 18 -14.65 71.93 -17.58
N VAL R 19 -15.78 71.71 -16.93
CA VAL R 19 -15.86 70.96 -15.69
C VAL R 19 -16.94 69.89 -15.85
N LYS R 20 -16.59 68.63 -15.62
CA LYS R 20 -17.54 67.54 -15.81
C LYS R 20 -18.39 67.31 -14.57
N HIS R 21 -17.77 66.98 -13.45
CA HIS R 21 -18.50 66.53 -12.26
C HIS R 21 -18.68 67.68 -11.28
N GLY R 22 -19.72 68.48 -11.51
CA GLY R 22 -20.04 69.56 -10.59
C GLY R 22 -20.46 70.84 -11.28
N GLY R 23 -20.03 71.01 -12.53
CA GLY R 23 -20.41 72.18 -13.29
C GLY R 23 -19.47 73.35 -13.10
N GLY R 24 -19.42 74.24 -14.08
CA GLY R 24 -18.57 75.42 -14.03
C GLY R 24 -17.57 75.44 -15.15
N LEU R 25 -16.93 76.60 -15.29
CA LEU R 25 -15.87 76.81 -16.26
C LEU R 25 -14.64 77.27 -15.48
N VAL R 26 -13.78 76.31 -15.12
CA VAL R 26 -12.56 76.65 -14.42
C VAL R 26 -11.64 77.40 -15.36
N VAL R 27 -11.18 78.57 -14.93
CA VAL R 27 -10.38 79.45 -15.76
C VAL R 27 -8.91 79.33 -15.38
N VAL R 28 -8.05 79.19 -16.38
CA VAL R 28 -6.61 79.08 -16.18
C VAL R 28 -5.99 80.45 -16.46
N GLY R 29 -5.11 80.87 -15.56
CA GLY R 29 -4.39 82.12 -15.73
C GLY R 29 -3.08 81.91 -16.46
N GLU R 30 -2.24 82.94 -16.42
CA GLU R 30 -0.91 82.86 -17.04
C GLU R 30 0.05 82.24 -16.04
N LEU R 31 0.22 82.88 -14.88
CA LEU R 31 1.13 82.36 -13.87
C LEU R 31 0.61 81.07 -13.26
N GLY R 32 -0.70 80.82 -13.40
CA GLY R 32 -1.26 79.60 -12.85
C GLY R 32 -0.72 78.35 -13.52
N ALA R 33 -0.52 78.41 -14.83
CA ALA R 33 -0.21 77.21 -15.61
C ALA R 33 1.10 76.57 -15.15
N GLN R 34 2.17 77.35 -15.10
CA GLN R 34 3.46 76.79 -14.68
C GLN R 34 3.41 76.34 -13.22
N VAL R 35 2.70 77.10 -12.38
CA VAL R 35 2.43 76.65 -11.03
C VAL R 35 1.66 75.32 -11.08
N LEU R 36 0.68 75.24 -11.98
CA LEU R 36 -0.13 74.04 -12.09
C LEU R 36 0.66 72.89 -12.70
N ALA R 37 1.72 73.21 -13.45
CA ALA R 37 2.43 72.16 -14.17
C ALA R 37 3.67 71.67 -13.42
N ALA R 38 3.96 72.25 -12.26
CA ALA R 38 5.23 71.96 -11.58
C ALA R 38 5.30 70.51 -11.10
N LYS R 39 6.46 69.90 -11.28
CA LYS R 39 6.75 68.56 -10.77
C LYS R 39 7.50 68.58 -9.45
N ASP R 40 8.17 69.66 -9.13
CA ASP R 40 8.94 69.75 -7.89
C ASP R 40 9.00 71.19 -7.39
N VAL R 41 9.52 71.35 -6.17
CA VAL R 41 9.53 72.65 -5.53
C VAL R 41 10.36 73.66 -6.33
N SER R 42 11.34 73.17 -7.08
CA SER R 42 12.16 74.08 -7.89
C SER R 42 11.46 74.48 -9.17
N GLU R 43 10.35 73.81 -9.52
CA GLU R 43 9.66 74.05 -10.77
C GLU R 43 8.58 75.12 -10.67
N LEU R 44 8.41 75.75 -9.51
CA LEU R 44 7.43 76.82 -9.46
C LEU R 44 8.00 78.08 -10.12
N PRO R 45 7.18 78.84 -10.83
CA PRO R 45 7.64 80.10 -11.43
C PRO R 45 7.62 81.26 -10.43
N ASP R 46 8.53 81.21 -9.46
CA ASP R 46 8.67 82.24 -8.43
C ASP R 46 7.40 82.38 -7.60
N GLY R 47 6.67 81.28 -7.40
CA GLY R 47 5.49 81.29 -6.57
C GLY R 47 5.82 81.62 -5.13
N VAL R 48 6.58 80.74 -4.48
CA VAL R 48 7.04 80.98 -3.11
C VAL R 48 8.49 80.52 -2.97
#